data_4H1Z
#
_entry.id   4H1Z
#
_cell.length_a   102.723
_cell.length_b   121.702
_cell.length_c   137.691
_cell.angle_alpha   90.00
_cell.angle_beta   99.79
_cell.angle_gamma   90.00
#
_symmetry.space_group_name_H-M   'P 1 21 1'
#
loop_
_entity.id
_entity.type
_entity.pdbx_description
1 polymer 'Enolase Q92Zs5'
2 non-polymer 'MAGNESIUM ION'
3 non-polymer 'FORMIC ACID'
4 non-polymer 'CHLORIDE ION'
5 non-polymer GLYCEROL
6 water water
#
_entity_poly.entity_id   1
_entity_poly.type   'polypeptide(L)'
_entity_poly.pdbx_seq_one_letter_code
;MHHHHHHSSGVDLGTENLYFQSMMSDRVKKIESFTLTLPRETPYLGKPRPGEEPNGRGYLVRKANRTVYPTFDRSVLVRI
ETENGAVGWGETYGLVAPRATMEIIDDLLADFTIGRDPFDAAAIHDDLYDLMRVRGYTGGFYVDALAAIDIALWDLAGKL
AGLPVCKLLGGQRRDRIAAYISGLPEDTRAKRAELAAAWQAKGFSSFKFASPVADDGVAKEMEILRERLGPAVRIACDMH
WAHTASEAVALIKAMEPHGLWFAEAPVRTEDIDGLARVAASVSTAIAVGEEWRTVHDMVPRVARRALAIVQPEMGHKGIT
QFMRIGAYAHVHHIKVIPHATIGAGIFLAASLQASAALANVDCHEFQHSIFEPNRRLLVGDMDCLNGEYVVPTGPGLGVE
PSKEAQGLLKKH
;
_entity_poly.pdbx_strand_id   A,B,C,D,E,F,G,H
#
loop_
_chem_comp.id
_chem_comp.type
_chem_comp.name
_chem_comp.formula
CL non-polymer 'CHLORIDE ION' 'Cl -1'
FMT non-polymer 'FORMIC ACID' 'C H2 O2'
GOL non-polymer GLYCEROL 'C3 H8 O3'
MG non-polymer 'MAGNESIUM ION' 'Mg 2'
#
# COMPACT_ATOMS: atom_id res chain seq x y z
N SER A 25 7.91 52.10 -13.70
CA SER A 25 8.63 50.93 -14.27
C SER A 25 8.19 50.64 -15.70
N ASP A 26 9.08 50.03 -16.47
CA ASP A 26 8.81 49.73 -17.87
C ASP A 26 7.75 48.62 -18.04
N ARG A 27 7.01 48.65 -19.15
CA ARG A 27 5.88 47.75 -19.40
C ARG A 27 5.91 47.18 -20.81
N VAL A 28 5.39 45.98 -20.96
CA VAL A 28 5.31 45.36 -22.29
C VAL A 28 4.46 46.21 -23.21
N LYS A 29 5.03 46.60 -24.36
CA LYS A 29 4.31 47.44 -25.31
C LYS A 29 3.74 46.65 -26.47
N LYS A 30 4.54 45.76 -27.05
CA LYS A 30 4.06 44.95 -28.16
C LYS A 30 4.77 43.60 -28.26
N ILE A 31 4.19 42.69 -29.05
CA ILE A 31 4.71 41.34 -29.16
C ILE A 31 4.53 40.87 -30.59
N GLU A 32 5.57 40.31 -31.18
CA GLU A 32 5.42 39.79 -32.52
C GLU A 32 6.01 38.39 -32.58
N SER A 33 5.52 37.57 -33.51
CA SER A 33 6.02 36.21 -33.59
C SER A 33 6.38 35.82 -35.01
N PHE A 34 7.38 34.95 -35.14
CA PHE A 34 7.93 34.61 -36.45
C PHE A 34 8.37 33.17 -36.48
N THR A 35 8.45 32.63 -37.69
CA THR A 35 9.19 31.38 -37.89
C THR A 35 10.59 31.64 -38.47
N LEU A 36 11.50 30.71 -38.19
CA LEU A 36 12.81 30.75 -38.80
C LEU A 36 13.14 29.36 -39.35
N THR A 37 13.41 29.28 -40.64
CA THR A 37 13.63 28.00 -41.26
C THR A 37 15.10 27.77 -41.54
N LEU A 38 15.52 26.51 -41.53
CA LEU A 38 16.91 26.16 -41.77
C LEU A 38 17.03 24.97 -42.72
N PRO A 39 18.25 24.58 -43.02
CA PRO A 39 18.52 23.44 -43.90
C PRO A 39 19.40 22.43 -43.21
N GLU A 52 8.35 7.07 -47.63
CA GLU A 52 8.86 8.07 -46.69
C GLU A 52 9.19 9.38 -47.39
N GLU A 53 8.71 9.53 -48.62
CA GLU A 53 8.91 10.78 -49.35
C GLU A 53 8.08 11.88 -48.72
N PRO A 54 8.67 13.07 -48.54
CA PRO A 54 7.91 14.20 -48.02
C PRO A 54 6.63 14.45 -48.81
N ASN A 55 5.55 14.80 -48.12
CA ASN A 55 4.29 15.15 -48.77
C ASN A 55 4.31 16.60 -49.27
N GLY A 56 3.28 16.98 -50.00
CA GLY A 56 3.21 18.31 -50.59
C GLY A 56 3.36 19.45 -49.62
N ARG A 57 3.68 19.15 -48.36
CA ARG A 57 3.82 20.21 -47.35
C ARG A 57 5.13 20.17 -46.59
N GLY A 58 5.99 19.20 -46.91
CA GLY A 58 7.29 19.09 -46.26
C GLY A 58 7.38 18.03 -45.17
N TYR A 59 6.29 17.31 -44.93
CA TYR A 59 6.24 16.34 -43.84
C TYR A 59 6.35 14.93 -44.34
N LEU A 60 7.19 14.14 -43.67
CA LEU A 60 7.28 12.72 -43.94
C LEU A 60 7.06 11.94 -42.64
N VAL A 61 6.62 10.70 -42.77
CA VAL A 61 6.48 9.81 -41.62
C VAL A 61 7.47 8.67 -41.69
N ARG A 62 8.22 8.46 -40.61
CA ARG A 62 9.14 7.34 -40.54
C ARG A 62 8.41 6.07 -40.03
N LYS A 63 8.30 5.08 -40.92
CA LYS A 63 7.71 3.80 -40.55
C LYS A 63 8.22 3.34 -39.19
N ALA A 64 9.51 3.55 -38.95
CA ALA A 64 10.16 3.16 -37.70
C ALA A 64 9.36 3.53 -36.44
N ASN A 65 9.07 4.81 -36.28
CA ASN A 65 8.48 5.30 -35.03
C ASN A 65 7.14 6.05 -35.20
N ARG A 66 6.60 6.05 -36.40
CA ARG A 66 5.27 6.55 -36.63
C ARG A 66 5.16 8.03 -36.40
N THR A 67 6.31 8.65 -36.25
CA THR A 67 6.41 10.05 -35.97
C THR A 67 6.59 10.86 -37.25
N VAL A 68 6.04 12.07 -37.26
CA VAL A 68 6.13 12.94 -38.42
C VAL A 68 7.34 13.85 -38.27
N TYR A 69 8.00 14.10 -39.40
CA TYR A 69 9.17 15.00 -39.47
C TYR A 69 9.09 15.98 -40.64
N PRO A 70 9.36 17.26 -40.36
CA PRO A 70 9.51 18.20 -41.46
C PRO A 70 10.84 17.93 -42.18
N THR A 71 11.05 18.50 -43.35
CA THR A 71 12.31 18.29 -44.04
C THR A 71 13.29 19.43 -43.71
N PHE A 72 12.75 20.60 -43.43
CA PHE A 72 13.56 21.74 -43.05
C PHE A 72 13.31 22.12 -41.59
N ASP A 73 14.39 22.21 -40.82
CA ASP A 73 14.34 22.63 -39.42
C ASP A 73 13.71 24.01 -39.28
N ARG A 74 12.96 24.21 -38.20
CA ARG A 74 12.12 25.39 -38.13
C ARG A 74 11.73 25.61 -36.69
N SER A 75 11.83 26.84 -36.22
CA SER A 75 11.33 27.13 -34.89
C SER A 75 10.51 28.41 -34.91
N VAL A 76 9.88 28.71 -33.78
CA VAL A 76 9.05 29.89 -33.64
C VAL A 76 9.72 30.88 -32.70
N LEU A 77 9.78 32.14 -33.09
CA LEU A 77 10.39 33.14 -32.20
C LEU A 77 9.40 34.23 -31.84
N VAL A 78 9.60 34.82 -30.67
CA VAL A 78 8.76 35.91 -30.24
C VAL A 78 9.67 37.06 -29.85
N ARG A 79 9.26 38.27 -30.19
CA ARG A 79 10.00 39.47 -29.88
C ARG A 79 9.11 40.38 -29.08
N ILE A 80 9.56 40.76 -27.89
CA ILE A 80 8.75 41.58 -27.01
C ILE A 80 9.47 42.90 -26.76
N GLU A 81 8.73 44.00 -26.90
CA GLU A 81 9.32 45.33 -26.72
C GLU A 81 8.57 46.14 -25.67
N THR A 82 9.34 46.79 -24.80
CA THR A 82 8.73 47.58 -23.73
C THR A 82 8.32 48.96 -24.21
N GLU A 83 7.62 49.68 -23.35
CA GLU A 83 7.26 51.05 -23.61
C GLU A 83 8.54 51.83 -23.93
N ASN A 84 9.53 51.68 -23.06
CA ASN A 84 10.81 52.40 -23.17
C ASN A 84 11.76 51.79 -24.17
N GLY A 85 11.30 50.81 -24.94
CA GLY A 85 12.10 50.31 -26.05
C GLY A 85 13.05 49.16 -25.76
N ALA A 86 13.03 48.60 -24.55
CA ALA A 86 13.85 47.41 -24.33
C ALA A 86 13.24 46.24 -25.11
N VAL A 87 14.07 45.27 -25.47
CA VAL A 87 13.63 44.18 -26.32
C VAL A 87 14.10 42.84 -25.77
N GLY A 88 13.15 41.91 -25.62
CA GLY A 88 13.48 40.55 -25.23
C GLY A 88 13.10 39.58 -26.33
N TRP A 89 13.89 38.52 -26.46
CA TRP A 89 13.63 37.47 -27.45
C TRP A 89 13.33 36.12 -26.75
N GLY A 90 12.47 35.32 -27.37
CA GLY A 90 12.16 34.00 -26.84
C GLY A 90 11.90 33.10 -28.02
N GLU A 91 11.80 31.80 -27.79
CA GLU A 91 11.69 30.85 -28.90
C GLU A 91 11.04 29.59 -28.34
N THR A 92 10.41 28.82 -29.22
CA THR A 92 9.83 27.52 -28.88
C THR A 92 9.80 26.70 -30.16
N TYR A 93 9.25 25.49 -30.08
CA TYR A 93 9.15 24.60 -31.22
C TYR A 93 8.35 25.20 -32.37
N GLY A 94 8.79 24.90 -33.60
CA GLY A 94 8.06 25.29 -34.81
C GLY A 94 8.11 24.16 -35.82
N LEU A 95 8.52 22.99 -35.36
CA LEU A 95 8.66 21.85 -36.28
C LEU A 95 7.42 21.56 -37.11
N VAL A 96 6.25 21.61 -36.47
CA VAL A 96 5.01 21.21 -37.14
C VAL A 96 3.86 22.19 -36.84
N ALA A 97 3.15 22.64 -37.89
CA ALA A 97 2.06 23.62 -37.75
C ALA A 97 2.41 24.85 -36.90
N PRO A 98 3.60 25.43 -37.11
CA PRO A 98 4.07 26.60 -36.35
C PRO A 98 3.06 27.74 -36.31
N ARG A 99 2.22 27.82 -37.31
CA ARG A 99 1.21 28.85 -37.35
C ARG A 99 0.17 28.70 -36.23
N ALA A 100 -0.07 27.47 -35.80
CA ALA A 100 -0.97 27.22 -34.68
C ALA A 100 -0.43 27.89 -33.43
N THR A 101 0.84 27.64 -33.14
CA THR A 101 1.50 28.25 -32.00
C THR A 101 1.46 29.78 -32.09
N MET A 102 1.76 30.32 -33.26
CA MET A 102 1.85 31.78 -33.41
C MET A 102 0.48 32.38 -33.28
N GLU A 103 -0.50 31.65 -33.80
CA GLU A 103 -1.90 32.04 -33.64
C GLU A 103 -2.31 32.17 -32.18
N ILE A 104 -1.87 31.24 -31.34
CA ILE A 104 -2.21 31.33 -29.91
C ILE A 104 -1.52 32.55 -29.29
N ILE A 105 -0.25 32.73 -29.61
CA ILE A 105 0.46 33.93 -29.17
C ILE A 105 -0.31 35.16 -29.64
N ASP A 106 -0.47 35.28 -30.95
CA ASP A 106 -1.08 36.47 -31.54
C ASP A 106 -2.55 36.72 -31.20
N ASP A 107 -3.36 35.68 -31.26
CA ASP A 107 -4.80 35.83 -31.05
C ASP A 107 -5.21 35.98 -29.58
N LEU A 108 -4.51 35.27 -28.69
CA LEU A 108 -4.92 35.20 -27.28
C LEU A 108 -3.96 35.85 -26.32
N LEU A 109 -2.71 35.37 -26.32
CA LEU A 109 -1.79 35.64 -25.21
C LEU A 109 -1.24 37.07 -25.22
N ALA A 110 -0.91 37.56 -26.41
CA ALA A 110 -0.27 38.86 -26.56
C ALA A 110 -1.02 39.98 -25.83
N ASP A 111 -2.33 40.05 -26.05
CA ASP A 111 -3.15 41.12 -25.46
C ASP A 111 -3.25 41.01 -23.94
N PHE A 112 -3.07 39.81 -23.40
CA PHE A 112 -3.14 39.68 -21.97
C PHE A 112 -1.75 39.83 -21.34
N THR A 113 -0.75 40.02 -22.20
CA THR A 113 0.62 40.24 -21.73
C THR A 113 1.03 41.72 -21.85
N ILE A 114 0.60 42.36 -22.92
CA ILE A 114 0.85 43.77 -23.09
C ILE A 114 0.35 44.52 -21.87
N GLY A 115 1.19 45.35 -21.27
CA GLY A 115 0.78 46.16 -20.11
C GLY A 115 1.39 45.68 -18.81
N ARG A 116 1.88 44.44 -18.79
CA ARG A 116 2.44 43.86 -17.57
C ARG A 116 3.92 44.20 -17.38
N ASP A 117 4.38 44.07 -16.15
CA ASP A 117 5.78 44.26 -15.81
C ASP A 117 6.56 42.95 -15.96
N PRO A 118 7.66 42.96 -16.74
CA PRO A 118 8.48 41.78 -17.01
C PRO A 118 9.09 41.15 -15.75
N PHE A 119 9.27 41.96 -14.71
CA PHE A 119 9.73 41.40 -13.45
C PHE A 119 8.66 40.49 -12.82
N ASP A 120 7.46 40.50 -13.40
CA ASP A 120 6.37 39.66 -12.93
C ASP A 120 6.28 38.40 -13.79
N ALA A 121 7.35 38.14 -14.53
CA ALA A 121 7.36 37.08 -15.52
C ALA A 121 6.68 35.76 -15.07
N ALA A 122 6.98 35.30 -13.86
CA ALA A 122 6.45 34.03 -13.37
C ALA A 122 4.96 34.16 -13.03
N ALA A 123 4.59 35.30 -12.47
CA ALA A 123 3.19 35.56 -12.18
C ALA A 123 2.36 35.63 -13.47
N ILE A 124 2.95 36.21 -14.51
CA ILE A 124 2.30 36.33 -15.79
C ILE A 124 2.13 34.95 -16.37
N HIS A 125 3.18 34.13 -16.36
CA HIS A 125 3.02 32.74 -16.78
C HIS A 125 1.75 32.10 -16.16
N ASP A 126 1.62 32.14 -14.83
CA ASP A 126 0.45 31.51 -14.20
C ASP A 126 -0.84 32.15 -14.68
N ASP A 127 -0.83 33.47 -14.85
CA ASP A 127 -2.06 34.14 -15.28
C ASP A 127 -2.50 33.66 -16.66
N LEU A 128 -1.51 33.45 -17.52
CA LEU A 128 -1.76 33.03 -18.88
C LEU A 128 -2.19 31.56 -18.95
N TYR A 129 -1.55 30.73 -18.14
CA TYR A 129 -1.86 29.31 -18.06
C TYR A 129 -3.32 29.18 -17.62
N ASP A 130 -3.74 30.05 -16.72
CA ASP A 130 -5.09 30.05 -16.17
C ASP A 130 -6.20 30.46 -17.13
N LEU A 131 -5.86 31.06 -18.25
CA LEU A 131 -6.90 31.53 -19.16
C LEU A 131 -7.64 30.34 -19.70
N MET A 132 -6.92 29.23 -19.86
CA MET A 132 -7.48 28.13 -20.63
C MET A 132 -7.49 26.78 -19.90
N ARG A 133 -6.91 26.76 -18.70
CA ARG A 133 -6.69 25.50 -17.99
C ARG A 133 -7.96 24.69 -17.77
N VAL A 134 -9.07 25.34 -17.41
CA VAL A 134 -10.30 24.63 -17.09
C VAL A 134 -10.86 23.90 -18.32
N ARG A 135 -10.36 24.24 -19.50
CA ARG A 135 -10.82 23.60 -20.74
C ARG A 135 -9.81 22.53 -21.19
N GLY A 136 -8.79 22.33 -20.37
CA GLY A 136 -7.80 21.28 -20.62
C GLY A 136 -6.68 21.62 -21.59
N TYR A 137 -6.41 22.92 -21.80
CA TYR A 137 -5.29 23.31 -22.67
C TYR A 137 -4.11 23.57 -21.77
N THR A 138 -3.53 22.48 -21.28
CA THR A 138 -2.53 22.57 -20.23
C THR A 138 -1.16 22.03 -20.66
N GLY A 139 -1.01 21.72 -21.95
CA GLY A 139 0.26 21.29 -22.52
C GLY A 139 0.37 21.63 -24.00
N GLY A 140 0.89 20.69 -24.78
CA GLY A 140 0.97 20.84 -26.24
C GLY A 140 1.39 22.22 -26.73
N PHE A 141 0.66 22.73 -27.72
CA PHE A 141 0.98 23.99 -28.38
C PHE A 141 0.73 25.15 -27.43
N TYR A 142 -0.24 25.00 -26.54
CA TYR A 142 -0.57 26.08 -25.65
C TYR A 142 0.64 26.42 -24.80
N VAL A 143 1.25 25.40 -24.21
CA VAL A 143 2.38 25.65 -23.34
C VAL A 143 3.63 26.00 -24.15
N ASP A 144 3.79 25.41 -25.33
CA ASP A 144 4.81 25.85 -26.27
C ASP A 144 4.72 27.36 -26.39
N ALA A 145 3.52 27.86 -26.62
CA ALA A 145 3.29 29.28 -26.84
C ALA A 145 3.60 30.12 -25.60
N LEU A 146 3.25 29.60 -24.43
CA LEU A 146 3.56 30.27 -23.18
C LEU A 146 5.05 30.31 -22.98
N ALA A 147 5.74 29.27 -23.44
CA ALA A 147 7.18 29.14 -23.20
C ALA A 147 7.97 30.24 -23.93
N ALA A 148 7.60 30.50 -25.18
CA ALA A 148 8.23 31.53 -25.98
C ALA A 148 8.05 32.90 -25.33
N ILE A 149 6.83 33.20 -24.88
CA ILE A 149 6.58 34.45 -24.17
C ILE A 149 7.32 34.53 -22.84
N ASP A 150 7.29 33.44 -22.07
CA ASP A 150 8.00 33.39 -20.79
C ASP A 150 9.49 33.72 -20.95
N ILE A 151 10.12 33.10 -21.93
CA ILE A 151 11.55 33.27 -22.19
C ILE A 151 11.88 34.73 -22.52
N ALA A 152 11.06 35.34 -23.39
CA ALA A 152 11.24 36.75 -23.76
C ALA A 152 11.13 37.68 -22.57
N LEU A 153 10.22 37.38 -21.65
CA LEU A 153 9.99 38.27 -20.50
C LEU A 153 11.14 38.18 -19.49
N TRP A 154 11.69 36.98 -19.33
CA TRP A 154 12.85 36.80 -18.47
C TRP A 154 14.06 37.57 -19.03
N ASP A 155 14.29 37.47 -20.35
CA ASP A 155 15.29 38.25 -21.07
C ASP A 155 15.14 39.74 -20.72
N LEU A 156 13.96 40.29 -20.98
CA LEU A 156 13.64 41.68 -20.65
C LEU A 156 13.99 41.97 -19.20
N ALA A 157 13.61 41.06 -18.32
CA ALA A 157 13.85 41.26 -16.90
C ALA A 157 15.34 41.43 -16.60
N GLY A 158 16.16 40.50 -17.07
CA GLY A 158 17.61 40.58 -16.88
C GLY A 158 18.15 41.88 -17.43
N LYS A 159 17.84 42.14 -18.70
CA LYS A 159 18.25 43.37 -19.37
C LYS A 159 17.86 44.59 -18.54
N LEU A 160 16.60 44.68 -18.18
CA LEU A 160 16.13 45.80 -17.37
C LEU A 160 16.85 45.96 -16.03
N ALA A 161 17.32 44.87 -15.43
CA ALA A 161 18.07 44.99 -14.18
C ALA A 161 19.60 44.99 -14.40
N GLY A 162 20.02 44.83 -15.65
CA GLY A 162 21.43 44.65 -15.96
C GLY A 162 22.00 43.40 -15.34
N LEU A 163 21.26 42.28 -15.43
CA LEU A 163 21.69 40.99 -14.84
C LEU A 163 21.46 39.82 -15.78
N PRO A 164 22.37 38.83 -15.74
CA PRO A 164 22.08 37.58 -16.46
C PRO A 164 20.84 36.95 -15.81
N VAL A 165 20.08 36.17 -16.58
CA VAL A 165 18.84 35.57 -16.05
C VAL A 165 19.08 34.77 -14.77
N CYS A 166 20.24 34.14 -14.66
CA CYS A 166 20.50 33.27 -13.51
C CYS A 166 20.61 34.03 -12.19
N LYS A 167 20.96 35.32 -12.26
CA LYS A 167 21.03 36.20 -11.07
C LYS A 167 19.64 36.69 -10.67
N LEU A 168 18.66 36.42 -11.51
CA LEU A 168 17.28 36.68 -11.12
C LEU A 168 16.59 35.38 -10.71
N LEU A 169 17.32 34.28 -10.77
CA LEU A 169 16.78 32.97 -10.40
C LEU A 169 17.35 32.45 -9.07
N GLY A 170 18.05 33.31 -8.32
CA GLY A 170 18.52 32.94 -6.99
C GLY A 170 20.02 32.76 -6.90
N GLY A 171 20.70 32.96 -8.02
CA GLY A 171 22.15 33.00 -8.02
C GLY A 171 22.75 32.16 -9.11
N GLN A 172 23.97 32.49 -9.49
CA GLN A 172 24.72 31.67 -10.43
C GLN A 172 25.58 30.69 -9.66
N ARG A 173 25.46 29.41 -10.00
CA ARG A 173 26.18 28.37 -9.30
C ARG A 173 27.35 27.89 -10.15
N ARG A 174 27.31 28.20 -11.44
CA ARG A 174 28.36 27.74 -12.34
C ARG A 174 28.34 28.58 -13.61
N ASP A 175 29.46 28.60 -14.33
CA ASP A 175 29.53 29.35 -15.57
C ASP A 175 29.75 28.41 -16.74
N ARG A 176 30.17 27.17 -16.44
CA ARG A 176 30.31 26.14 -17.47
C ARG A 176 29.38 24.96 -17.13
N ILE A 177 28.90 24.25 -18.13
CA ILE A 177 28.01 23.13 -17.86
C ILE A 177 28.43 21.92 -18.67
N ALA A 178 28.89 20.87 -17.98
CA ALA A 178 29.25 19.64 -18.66
C ALA A 178 28.22 19.36 -19.75
N ALA A 179 28.70 18.91 -20.91
CA ALA A 179 27.82 18.61 -22.03
C ALA A 179 28.05 17.18 -22.45
N TYR A 180 27.02 16.53 -22.99
CA TYR A 180 27.18 15.16 -23.48
C TYR A 180 26.71 15.08 -24.92
N ILE A 181 27.30 14.16 -25.67
CA ILE A 181 26.99 14.02 -27.09
C ILE A 181 25.64 13.34 -27.28
N SER A 182 24.71 14.08 -27.89
CA SER A 182 23.32 13.63 -28.06
C SER A 182 23.17 12.30 -28.80
N GLY A 183 23.84 12.17 -29.94
CA GLY A 183 23.70 10.97 -30.75
C GLY A 183 24.89 10.70 -31.66
N LEU A 184 24.85 9.55 -32.33
CA LEU A 184 25.91 9.14 -33.24
C LEU A 184 25.31 8.77 -34.59
N PRO A 185 24.98 9.78 -35.39
CA PRO A 185 24.32 9.58 -36.69
C PRO A 185 25.22 8.89 -37.72
N GLU A 186 25.40 7.57 -37.56
CA GLU A 186 26.21 6.77 -38.48
C GLU A 186 25.43 5.54 -38.89
N ASP A 187 25.67 5.09 -40.12
CA ASP A 187 24.97 3.94 -40.68
C ASP A 187 25.53 2.59 -40.21
N THR A 188 26.73 2.60 -39.63
CA THR A 188 27.30 1.35 -39.12
C THR A 188 27.84 1.51 -37.70
N ARG A 189 27.85 0.39 -36.98
CA ARG A 189 28.33 0.37 -35.61
C ARG A 189 29.77 0.86 -35.53
N ALA A 190 30.61 0.35 -36.43
CA ALA A 190 32.02 0.73 -36.47
C ALA A 190 32.18 2.23 -36.66
N LYS A 191 31.40 2.80 -37.59
CA LYS A 191 31.46 4.23 -37.88
C LYS A 191 31.01 5.09 -36.69
N ARG A 192 29.94 4.66 -36.04
CA ARG A 192 29.43 5.40 -34.90
C ARG A 192 30.51 5.42 -33.82
N ALA A 193 31.09 4.27 -33.55
CA ALA A 193 32.15 4.17 -32.55
C ALA A 193 33.23 5.20 -32.85
N GLU A 194 33.57 5.36 -34.12
CA GLU A 194 34.61 6.29 -34.52
C GLU A 194 34.19 7.74 -34.27
N LEU A 195 33.02 8.10 -34.77
CA LEU A 195 32.48 9.44 -34.57
C LEU A 195 32.53 9.84 -33.09
N ALA A 196 32.24 8.89 -32.22
CA ALA A 196 32.34 9.10 -30.78
C ALA A 196 33.80 9.32 -30.42
N ALA A 197 34.67 8.57 -31.09
CA ALA A 197 36.10 8.67 -30.85
C ALA A 197 36.58 10.09 -31.12
N ALA A 198 36.24 10.62 -32.28
CA ALA A 198 36.57 11.99 -32.63
C ALA A 198 36.14 12.95 -31.54
N TRP A 199 34.92 12.76 -31.04
CA TRP A 199 34.39 13.63 -30.01
C TRP A 199 35.14 13.50 -28.70
N GLN A 200 35.51 12.28 -28.35
CA GLN A 200 36.27 12.06 -27.14
C GLN A 200 37.55 12.87 -27.21
N ALA A 201 38.18 12.81 -28.37
CA ALA A 201 39.45 13.50 -28.60
C ALA A 201 39.29 15.02 -28.55
N LYS A 202 38.06 15.53 -28.72
CA LYS A 202 37.82 16.96 -28.56
C LYS A 202 37.32 17.32 -27.17
N GLY A 203 37.42 16.40 -26.22
CA GLY A 203 37.17 16.70 -24.80
C GLY A 203 35.88 16.15 -24.18
N PHE A 204 35.05 15.50 -24.98
CA PHE A 204 33.79 14.96 -24.49
C PHE A 204 33.98 13.56 -23.87
N SER A 205 33.40 13.35 -22.70
CA SER A 205 33.51 12.06 -22.03
C SER A 205 32.14 11.46 -21.71
N SER A 206 31.08 12.09 -22.20
CA SER A 206 29.72 11.56 -22.03
C SER A 206 28.96 11.43 -23.35
N PHE A 207 28.35 10.28 -23.57
CA PHE A 207 27.74 9.98 -24.85
C PHE A 207 26.36 9.33 -24.71
N LYS A 208 25.54 9.48 -25.75
CA LYS A 208 24.25 8.80 -25.82
C LYS A 208 23.99 8.35 -27.25
N PHE A 209 23.47 7.13 -27.41
CA PHE A 209 23.01 6.68 -28.72
C PHE A 209 21.53 6.32 -28.65
N ALA A 210 20.87 6.33 -29.80
CA ALA A 210 19.46 5.98 -29.90
C ALA A 210 19.34 4.49 -30.20
N SER A 211 18.53 3.78 -29.41
CA SER A 211 18.41 2.33 -29.56
C SER A 211 17.95 1.88 -30.96
N PRO A 212 17.14 2.71 -31.65
CA PRO A 212 16.69 2.35 -33.00
C PRO A 212 17.83 2.30 -34.02
N VAL A 213 18.82 3.17 -33.85
CA VAL A 213 19.98 3.23 -34.74
C VAL A 213 20.87 1.98 -34.62
N ALA A 214 20.67 1.20 -33.57
CA ALA A 214 21.54 0.06 -33.26
C ALA A 214 21.15 -1.19 -34.04
N ASP A 215 21.74 -1.35 -35.22
CA ASP A 215 21.41 -2.42 -36.16
C ASP A 215 21.69 -3.82 -35.64
N ASP A 216 22.68 -3.95 -34.77
CA ASP A 216 23.13 -5.27 -34.31
C ASP A 216 22.69 -5.56 -32.88
N GLY A 217 21.71 -4.80 -32.39
CA GLY A 217 21.24 -4.97 -31.02
C GLY A 217 21.92 -3.95 -30.12
N VAL A 218 21.23 -3.54 -29.08
CA VAL A 218 21.79 -2.57 -28.14
C VAL A 218 22.97 -3.16 -27.37
N ALA A 219 23.01 -4.48 -27.23
CA ALA A 219 24.11 -5.13 -26.50
C ALA A 219 25.42 -4.98 -27.27
N LYS A 220 25.41 -5.31 -28.55
CA LYS A 220 26.60 -5.16 -29.38
C LYS A 220 27.03 -3.70 -29.48
N GLU A 221 26.07 -2.77 -29.47
CA GLU A 221 26.39 -1.35 -29.54
C GLU A 221 27.17 -0.92 -28.28
N MET A 222 26.61 -1.22 -27.12
CA MET A 222 27.24 -0.86 -25.87
C MET A 222 28.64 -1.44 -25.81
N GLU A 223 28.73 -2.73 -26.09
CA GLU A 223 30.00 -3.43 -26.05
C GLU A 223 31.09 -2.74 -26.86
N ILE A 224 30.84 -2.48 -28.14
CA ILE A 224 31.86 -1.86 -28.98
C ILE A 224 32.26 -0.48 -28.45
N LEU A 225 31.27 0.37 -28.21
CA LEU A 225 31.54 1.71 -27.73
C LEU A 225 32.31 1.71 -26.41
N ARG A 226 32.07 0.71 -25.58
CA ARG A 226 32.78 0.60 -24.31
C ARG A 226 34.23 0.20 -24.54
N GLU A 227 34.48 -0.55 -25.60
CA GLU A 227 35.83 -1.00 -25.92
C GLU A 227 36.61 0.11 -26.59
N ARG A 228 35.96 0.80 -27.52
CA ARG A 228 36.59 1.89 -28.24
C ARG A 228 36.98 3.07 -27.33
N LEU A 229 36.16 3.35 -26.31
CA LEU A 229 36.32 4.60 -25.57
C LEU A 229 36.83 4.42 -24.15
N GLY A 230 36.98 3.16 -23.74
CA GLY A 230 37.54 2.88 -22.43
C GLY A 230 36.52 2.91 -21.32
N PRO A 231 36.94 2.57 -20.10
CA PRO A 231 36.08 2.41 -18.93
C PRO A 231 35.76 3.71 -18.19
N ALA A 232 36.15 4.85 -18.75
CA ALA A 232 35.95 6.13 -18.06
C ALA A 232 34.68 6.85 -18.50
N VAL A 233 34.44 6.90 -19.81
CA VAL A 233 33.31 7.63 -20.34
C VAL A 233 31.97 7.14 -19.79
N ARG A 234 30.97 7.99 -19.87
CA ARG A 234 29.59 7.60 -19.59
C ARG A 234 28.85 7.40 -20.91
N ILE A 235 28.15 6.28 -21.02
CA ILE A 235 27.36 5.98 -22.21
C ILE A 235 25.89 5.68 -21.81
N ALA A 236 24.96 6.47 -22.34
CA ALA A 236 23.54 6.27 -22.06
C ALA A 236 22.85 5.76 -23.31
N CYS A 237 21.62 5.29 -23.15
CA CYS A 237 20.82 4.88 -24.31
C CYS A 237 19.41 5.52 -24.30
N ASP A 238 19.04 6.18 -25.39
CA ASP A 238 17.68 6.70 -25.58
C ASP A 238 16.82 5.66 -26.30
N MET A 239 15.85 5.11 -25.60
CA MET A 239 15.13 3.93 -26.11
C MET A 239 13.91 4.32 -26.92
N HIS A 240 13.62 5.61 -26.98
CA HIS A 240 12.61 6.12 -27.89
C HIS A 240 11.20 5.53 -27.70
N TRP A 241 10.81 5.40 -26.43
CA TRP A 241 9.44 5.14 -26.04
C TRP A 241 8.80 3.79 -26.39
N ALA A 242 9.06 3.27 -27.59
CA ALA A 242 8.20 2.23 -28.15
C ALA A 242 8.49 0.85 -27.61
N HIS A 243 8.30 0.66 -26.31
CA HIS A 243 8.51 -0.64 -25.69
C HIS A 243 7.49 -0.84 -24.57
N THR A 244 7.03 -2.08 -24.37
CA THR A 244 6.34 -2.42 -23.14
C THR A 244 7.37 -2.40 -21.98
N ALA A 245 6.90 -2.32 -20.74
CA ALA A 245 7.83 -2.45 -19.61
C ALA A 245 8.77 -3.66 -19.71
N SER A 246 8.26 -4.86 -20.01
CA SER A 246 9.13 -6.03 -19.97
C SER A 246 10.15 -6.02 -21.12
N GLU A 247 9.72 -5.54 -22.29
CA GLU A 247 10.66 -5.36 -23.39
C GLU A 247 11.78 -4.44 -22.95
N ALA A 248 11.42 -3.35 -22.28
CA ALA A 248 12.40 -2.36 -21.90
C ALA A 248 13.40 -2.97 -20.91
N VAL A 249 12.87 -3.68 -19.91
CA VAL A 249 13.71 -4.27 -18.87
C VAL A 249 14.73 -5.25 -19.50
N ALA A 250 14.28 -6.06 -20.44
CA ALA A 250 15.19 -6.95 -21.15
C ALA A 250 16.29 -6.19 -21.89
N LEU A 251 15.92 -5.16 -22.66
CA LEU A 251 16.93 -4.38 -23.35
C LEU A 251 17.96 -3.81 -22.37
N ILE A 252 17.48 -3.23 -21.26
CA ILE A 252 18.39 -2.61 -20.28
C ILE A 252 19.29 -3.63 -19.59
N LYS A 253 18.74 -4.79 -19.27
CA LYS A 253 19.57 -5.84 -18.68
C LYS A 253 20.67 -6.32 -19.64
N ALA A 254 20.39 -6.30 -20.94
CA ALA A 254 21.40 -6.58 -21.96
C ALA A 254 22.53 -5.54 -22.00
N MET A 255 22.21 -4.30 -21.65
CA MET A 255 23.18 -3.24 -21.77
C MET A 255 24.02 -3.12 -20.50
N GLU A 256 23.42 -3.46 -19.38
CA GLU A 256 24.02 -3.15 -18.09
C GLU A 256 25.43 -3.71 -17.92
N PRO A 257 25.66 -4.94 -18.39
CA PRO A 257 26.99 -5.52 -18.17
C PRO A 257 28.08 -4.60 -18.73
N HIS A 258 27.71 -3.70 -19.64
CA HIS A 258 28.69 -2.89 -20.35
C HIS A 258 28.87 -1.48 -19.78
N GLY A 259 28.30 -1.22 -18.61
CA GLY A 259 28.38 0.10 -17.95
C GLY A 259 27.41 1.16 -18.48
N LEU A 260 26.12 0.97 -18.23
CA LEU A 260 25.08 1.88 -18.74
C LEU A 260 24.83 3.11 -17.84
N TRP A 261 25.06 4.30 -18.38
CA TRP A 261 24.85 5.58 -17.63
C TRP A 261 23.38 5.81 -17.23
N PHE A 262 22.49 5.78 -18.22
CA PHE A 262 21.05 5.85 -17.96
C PHE A 262 20.25 5.38 -19.16
N ALA A 263 18.99 5.03 -18.92
CA ALA A 263 18.11 4.60 -19.99
C ALA A 263 16.99 5.63 -20.11
N GLU A 264 16.78 6.13 -21.32
CA GLU A 264 15.90 7.26 -21.52
C GLU A 264 14.65 6.78 -22.23
N ALA A 265 13.49 7.32 -21.83
CA ALA A 265 12.21 7.06 -22.49
C ALA A 265 12.00 5.56 -22.81
N PRO A 266 12.01 4.71 -21.78
CA PRO A 266 11.97 3.27 -22.03
C PRO A 266 10.60 2.72 -22.47
N VAL A 267 9.52 3.42 -22.12
CA VAL A 267 8.15 2.99 -22.45
C VAL A 267 7.34 4.22 -22.89
N ARG A 268 6.06 4.06 -23.19
CA ARG A 268 5.24 5.22 -23.56
C ARG A 268 5.13 6.25 -22.46
N THR A 269 4.97 7.50 -22.86
CA THR A 269 4.75 8.59 -21.91
C THR A 269 3.53 8.33 -21.04
N GLU A 270 2.47 7.79 -21.62
CA GLU A 270 1.25 7.56 -20.87
C GLU A 270 1.38 6.33 -19.98
N ASP A 271 2.45 5.56 -20.16
CA ASP A 271 2.60 4.28 -19.45
C ASP A 271 3.33 4.48 -18.12
N ILE A 272 2.72 5.23 -17.19
CA ILE A 272 3.39 5.50 -15.91
C ILE A 272 3.57 4.24 -15.08
N ASP A 273 2.61 3.32 -15.15
CA ASP A 273 2.74 2.04 -14.47
C ASP A 273 3.95 1.29 -14.98
N GLY A 274 4.16 1.36 -16.30
CA GLY A 274 5.24 0.68 -16.93
C GLY A 274 6.56 1.33 -16.60
N LEU A 275 6.57 2.65 -16.58
CA LEU A 275 7.77 3.37 -16.20
C LEU A 275 8.15 2.96 -14.77
N ALA A 276 7.16 2.98 -13.87
CA ALA A 276 7.46 2.63 -12.48
C ALA A 276 8.04 1.21 -12.37
N ARG A 277 7.45 0.28 -13.11
CA ARG A 277 7.91 -1.10 -13.10
C ARG A 277 9.33 -1.20 -13.66
N VAL A 278 9.62 -0.44 -14.71
CA VAL A 278 10.98 -0.45 -15.27
C VAL A 278 12.00 0.05 -14.23
N ALA A 279 11.71 1.20 -13.61
CA ALA A 279 12.64 1.76 -12.63
C ALA A 279 12.89 0.79 -11.48
N ALA A 280 11.83 0.11 -11.04
CA ALA A 280 11.91 -0.83 -9.92
C ALA A 280 12.61 -2.13 -10.29
N SER A 281 12.72 -2.42 -11.58
CA SER A 281 13.19 -3.74 -12.04
C SER A 281 14.64 -3.78 -12.49
N VAL A 282 15.24 -2.61 -12.69
CA VAL A 282 16.63 -2.55 -13.10
C VAL A 282 17.34 -1.61 -12.16
N SER A 283 18.65 -1.78 -12.06
CA SER A 283 19.45 -0.90 -11.21
C SER A 283 19.84 0.41 -11.92
N THR A 284 19.77 0.41 -13.26
CA THR A 284 20.14 1.60 -14.04
C THR A 284 19.19 2.78 -13.81
N ALA A 285 19.74 3.99 -13.90
CA ALA A 285 18.95 5.20 -13.73
C ALA A 285 18.00 5.36 -14.90
N ILE A 286 16.75 5.73 -14.61
CA ILE A 286 15.77 6.01 -15.67
C ILE A 286 15.63 7.50 -15.89
N ALA A 287 15.70 7.91 -17.15
CA ALA A 287 15.62 9.31 -17.50
C ALA A 287 14.39 9.62 -18.37
N VAL A 288 13.68 10.69 -18.03
CA VAL A 288 12.50 11.13 -18.82
C VAL A 288 12.31 12.62 -18.69
N GLY A 289 11.50 13.22 -19.57
CA GLY A 289 11.03 14.58 -19.36
C GLY A 289 10.91 15.49 -20.58
N GLU A 290 11.62 15.14 -21.65
CA GLU A 290 11.75 16.01 -22.80
C GLU A 290 10.41 16.41 -23.39
N GLU A 291 9.40 15.55 -23.28
CA GLU A 291 8.10 15.83 -23.88
C GLU A 291 7.10 16.41 -22.91
N TRP A 292 7.46 16.53 -21.63
CA TRP A 292 6.56 17.18 -20.66
C TRP A 292 6.41 18.65 -20.97
N ARG A 293 5.49 19.31 -20.27
CA ARG A 293 5.28 20.75 -20.44
C ARG A 293 5.34 21.53 -19.14
N THR A 294 4.93 20.90 -18.04
CA THR A 294 4.91 21.64 -16.77
C THR A 294 5.38 20.77 -15.62
N VAL A 295 5.59 21.41 -14.47
CA VAL A 295 5.93 20.68 -13.26
C VAL A 295 4.80 19.68 -12.84
N HIS A 296 3.55 19.94 -13.23
CA HIS A 296 2.45 19.02 -12.88
C HIS A 296 2.62 17.69 -13.59
N ASP A 297 3.30 17.70 -14.72
CA ASP A 297 3.60 16.47 -15.43
C ASP A 297 4.56 15.60 -14.63
N MET A 298 5.39 16.24 -13.81
CA MET A 298 6.45 15.53 -13.13
C MET A 298 5.97 14.83 -11.86
N VAL A 299 4.97 15.42 -11.22
CA VAL A 299 4.51 14.94 -9.92
C VAL A 299 4.08 13.47 -9.97
N PRO A 300 3.24 13.10 -10.95
CA PRO A 300 2.79 11.70 -10.95
C PRO A 300 3.95 10.73 -11.09
N ARG A 301 5.00 11.11 -11.81
CA ARG A 301 6.12 10.19 -12.02
C ARG A 301 6.97 10.06 -10.79
N VAL A 302 7.22 11.18 -10.11
CA VAL A 302 8.00 11.12 -8.91
C VAL A 302 7.27 10.33 -7.85
N ALA A 303 5.96 10.51 -7.82
CA ALA A 303 5.10 9.86 -6.84
C ALA A 303 5.26 8.35 -6.93
N ARG A 304 5.42 7.82 -8.14
CA ARG A 304 5.63 6.38 -8.34
C ARG A 304 7.11 6.00 -8.33
N ARG A 305 7.98 6.91 -7.91
CA ARG A 305 9.44 6.68 -7.99
C ARG A 305 9.87 6.16 -9.34
N ALA A 306 9.33 6.74 -10.39
CA ALA A 306 9.52 6.15 -11.71
C ALA A 306 10.73 6.73 -12.46
N LEU A 307 11.42 7.73 -11.91
CA LEU A 307 12.60 8.31 -12.60
C LEU A 307 13.76 8.72 -11.68
N ALA A 308 15.00 8.58 -12.13
CA ALA A 308 16.15 9.07 -11.35
C ALA A 308 16.70 10.37 -11.95
N ILE A 309 16.30 10.68 -13.18
CA ILE A 309 16.81 11.85 -13.91
C ILE A 309 15.70 12.48 -14.72
N VAL A 310 15.55 13.80 -14.60
CA VAL A 310 14.57 14.53 -15.40
C VAL A 310 15.27 15.28 -16.55
N GLN A 311 14.67 15.25 -17.74
CA GLN A 311 15.27 15.80 -18.95
C GLN A 311 14.42 16.90 -19.56
N PRO A 312 14.28 18.02 -18.84
CA PRO A 312 13.44 19.14 -19.30
C PRO A 312 13.95 19.72 -20.63
N GLU A 313 13.02 20.17 -21.47
CA GLU A 313 13.38 20.82 -22.72
C GLU A 313 12.89 22.26 -22.63
N MET A 314 13.82 23.20 -22.52
CA MET A 314 13.45 24.61 -22.38
C MET A 314 12.47 25.07 -23.45
N GLY A 315 12.64 24.57 -24.68
CA GLY A 315 11.75 24.95 -25.77
C GLY A 315 10.27 24.63 -25.59
N HIS A 316 9.97 23.60 -24.81
CA HIS A 316 8.58 23.23 -24.54
C HIS A 316 8.05 23.91 -23.28
N LYS A 317 8.95 24.32 -22.39
CA LYS A 317 8.55 24.66 -21.01
C LYS A 317 8.64 26.13 -20.59
N GLY A 318 9.68 26.80 -21.05
CA GLY A 318 9.93 28.16 -20.60
C GLY A 318 10.70 28.14 -19.28
N ILE A 319 11.20 29.29 -18.87
CA ILE A 319 12.06 29.37 -17.70
C ILE A 319 11.33 29.07 -16.38
N THR A 320 10.12 29.61 -16.22
CA THR A 320 9.28 29.36 -15.05
C THR A 320 9.08 27.84 -14.76
N GLN A 321 8.53 27.13 -15.73
CA GLN A 321 8.26 25.69 -15.59
C GLN A 321 9.56 24.91 -15.46
N PHE A 322 10.52 25.22 -16.33
CA PHE A 322 11.85 24.62 -16.27
C PHE A 322 12.39 24.70 -14.84
N MET A 323 12.36 25.90 -14.26
CA MET A 323 12.88 26.07 -12.91
C MET A 323 12.06 25.36 -11.86
N ARG A 324 10.75 25.34 -12.05
CA ARG A 324 9.90 24.62 -11.09
C ARG A 324 10.22 23.13 -11.11
N ILE A 325 10.40 22.58 -12.30
CA ILE A 325 10.77 21.20 -12.44
C ILE A 325 12.12 20.97 -11.78
N GLY A 326 13.03 21.94 -11.96
CA GLY A 326 14.39 21.82 -11.42
C GLY A 326 14.40 21.80 -9.90
N ALA A 327 13.63 22.69 -9.31
CA ALA A 327 13.45 22.72 -7.86
C ALA A 327 12.73 21.46 -7.34
N TYR A 328 11.76 20.97 -8.07
CA TYR A 328 11.04 19.79 -7.58
C TYR A 328 12.04 18.64 -7.54
N ALA A 329 12.88 18.58 -8.57
CA ALA A 329 13.93 17.56 -8.65
C ALA A 329 14.86 17.62 -7.46
N HIS A 330 15.20 18.85 -7.09
CA HIS A 330 16.14 19.10 -6.02
C HIS A 330 15.62 18.51 -4.73
N VAL A 331 14.38 18.81 -4.40
CA VAL A 331 13.73 18.31 -3.21
C VAL A 331 13.67 16.79 -3.19
N HIS A 332 13.55 16.17 -4.36
CA HIS A 332 13.38 14.73 -4.40
C HIS A 332 14.64 13.99 -4.81
N HIS A 333 15.78 14.68 -4.72
CA HIS A 333 17.11 14.09 -5.01
C HIS A 333 17.13 13.35 -6.34
N ILE A 334 16.61 14.03 -7.34
CA ILE A 334 16.60 13.53 -8.70
C ILE A 334 17.54 14.43 -9.51
N LYS A 335 18.34 13.84 -10.40
CA LYS A 335 19.24 14.59 -11.26
C LYS A 335 18.54 15.33 -12.38
N VAL A 336 19.08 16.48 -12.76
CA VAL A 336 18.57 17.25 -13.88
C VAL A 336 19.57 17.21 -15.03
N ILE A 337 19.15 16.64 -16.16
CA ILE A 337 19.99 16.58 -17.36
C ILE A 337 19.20 17.11 -18.55
N PRO A 338 19.27 18.43 -18.78
CA PRO A 338 18.39 19.00 -19.79
C PRO A 338 18.62 18.50 -21.21
N HIS A 339 17.54 18.49 -21.98
CA HIS A 339 17.49 18.01 -23.35
C HIS A 339 17.86 19.17 -24.29
N ALA A 340 18.29 18.85 -25.49
CA ALA A 340 18.64 19.87 -26.51
C ALA A 340 18.09 19.44 -27.86
N THR A 341 17.71 20.40 -28.67
CA THR A 341 17.01 20.10 -29.89
C THR A 341 17.24 21.15 -30.97
N ILE A 342 16.73 20.89 -32.17
CA ILE A 342 16.85 21.79 -33.28
C ILE A 342 16.32 23.13 -32.82
N GLY A 343 17.12 24.18 -32.98
CA GLY A 343 16.68 25.51 -32.59
C GLY A 343 17.59 26.62 -33.07
N ALA A 344 17.12 27.85 -32.96
CA ALA A 344 17.94 29.07 -33.19
C ALA A 344 19.09 29.26 -32.20
N GLY A 345 18.88 28.90 -30.94
CA GLY A 345 19.84 29.14 -29.87
C GLY A 345 19.26 29.99 -28.76
N ILE A 346 18.08 30.56 -29.00
CA ILE A 346 17.40 31.38 -28.00
C ILE A 346 16.92 30.53 -26.83
N PHE A 347 16.20 29.45 -27.07
CA PHE A 347 15.77 28.65 -25.93
C PHE A 347 16.91 27.83 -25.36
N LEU A 348 17.89 27.50 -26.19
CA LEU A 348 19.14 26.91 -25.68
C LEU A 348 19.83 27.85 -24.70
N ALA A 349 19.90 29.13 -25.05
CA ALA A 349 20.46 30.14 -24.14
C ALA A 349 19.70 30.18 -22.81
N ALA A 350 18.38 30.27 -22.88
CA ALA A 350 17.54 30.15 -21.68
C ALA A 350 17.88 28.91 -20.86
N SER A 351 18.02 27.78 -21.55
CA SER A 351 18.34 26.53 -20.87
C SER A 351 19.65 26.58 -20.05
N LEU A 352 20.65 27.30 -20.57
CA LEU A 352 21.94 27.39 -19.89
C LEU A 352 21.86 28.33 -18.70
N GLN A 353 21.22 29.47 -18.90
CA GLN A 353 20.95 30.37 -17.81
C GLN A 353 20.23 29.64 -16.68
N ALA A 354 19.19 28.89 -17.05
CA ALA A 354 18.39 28.20 -16.04
C ALA A 354 19.28 27.18 -15.34
N SER A 355 20.07 26.45 -16.12
CA SER A 355 20.91 25.40 -15.57
C SER A 355 22.01 25.95 -14.69
N ALA A 356 22.41 27.19 -14.95
CA ALA A 356 23.47 27.83 -14.18
C ALA A 356 22.92 28.15 -12.80
N ALA A 357 21.61 28.28 -12.73
CA ALA A 357 20.96 28.58 -11.47
C ALA A 357 20.43 27.33 -10.76
N LEU A 358 20.39 26.19 -11.44
CA LEU A 358 19.88 24.97 -10.78
C LEU A 358 20.93 24.30 -9.89
N ALA A 359 20.50 23.82 -8.73
CA ALA A 359 21.41 23.04 -7.89
C ALA A 359 21.73 21.66 -8.48
N ASN A 360 20.76 21.03 -9.13
CA ASN A 360 20.91 19.61 -9.50
C ASN A 360 21.33 19.30 -10.91
N VAL A 361 21.89 20.29 -11.61
CA VAL A 361 22.31 20.08 -13.00
C VAL A 361 23.63 19.32 -13.16
N ASP A 362 23.55 18.04 -13.55
CA ASP A 362 24.69 17.15 -13.87
C ASP A 362 25.49 17.41 -15.18
N CYS A 363 24.78 17.47 -16.29
CA CYS A 363 25.26 18.01 -17.54
C CYS A 363 24.05 18.35 -18.42
N HIS A 364 24.32 18.60 -19.68
CA HIS A 364 23.32 19.13 -20.59
C HIS A 364 23.50 18.45 -21.95
N GLU A 365 22.41 18.15 -22.65
CA GLU A 365 22.56 17.52 -23.95
C GLU A 365 23.25 18.46 -24.93
N PHE A 366 23.97 17.88 -25.90
CA PHE A 366 24.67 18.64 -26.94
C PHE A 366 24.38 18.14 -28.37
N GLN A 367 23.65 18.96 -29.12
CA GLN A 367 23.33 18.71 -30.54
C GLN A 367 24.33 19.40 -31.47
N HIS A 368 25.42 18.74 -31.73
CA HIS A 368 26.51 19.29 -32.49
C HIS A 368 26.00 19.72 -33.87
N SER A 369 25.17 18.88 -34.45
CA SER A 369 24.65 19.09 -35.77
C SER A 369 23.85 20.37 -35.85
N ILE A 370 22.97 20.61 -34.90
CA ILE A 370 22.30 21.90 -34.84
C ILE A 370 23.17 23.08 -34.35
N PHE A 371 23.92 22.85 -33.29
CA PHE A 371 24.58 23.94 -32.63
C PHE A 371 25.61 24.65 -33.49
N GLU A 372 26.43 23.89 -34.21
CA GLU A 372 27.50 24.49 -35.01
C GLU A 372 27.04 25.31 -36.21
N PRO A 373 26.08 24.68 -37.03
CA PRO A 373 25.67 25.49 -38.18
C PRO A 373 25.00 26.78 -37.73
N ASN A 374 24.30 26.70 -36.62
CA ASN A 374 23.44 27.77 -36.15
C ASN A 374 24.14 28.99 -35.56
N ARG A 375 25.44 28.92 -35.37
CA ARG A 375 26.18 29.95 -34.65
C ARG A 375 26.00 31.31 -35.29
N ARG A 376 25.92 31.33 -36.61
CA ARG A 376 25.75 32.57 -37.37
C ARG A 376 24.42 33.29 -37.10
N LEU A 377 23.47 32.58 -36.48
CA LEU A 377 22.16 33.15 -36.19
C LEU A 377 22.15 33.97 -34.89
N LEU A 378 23.22 33.86 -34.11
CA LEU A 378 23.27 34.41 -32.76
C LEU A 378 24.39 35.42 -32.55
N VAL A 379 24.14 36.35 -31.63
CA VAL A 379 25.11 37.31 -31.19
C VAL A 379 25.31 37.20 -29.67
N GLY A 380 26.52 36.80 -29.26
CA GLY A 380 26.87 36.69 -27.85
C GLY A 380 27.95 35.64 -27.66
N ASP A 381 28.26 35.29 -26.41
CA ASP A 381 29.38 34.38 -26.15
C ASP A 381 29.00 32.94 -25.81
N MET A 382 27.72 32.58 -25.97
CA MET A 382 27.35 31.18 -25.76
C MET A 382 28.23 30.29 -26.62
N ASP A 383 28.88 29.31 -25.99
CA ASP A 383 29.75 28.40 -26.72
C ASP A 383 29.62 26.96 -26.17
N CYS A 384 30.30 26.03 -26.83
CA CYS A 384 30.43 24.67 -26.31
C CYS A 384 31.70 24.08 -26.93
N LEU A 385 32.66 23.73 -26.09
CA LEU A 385 33.92 23.19 -26.56
C LEU A 385 34.62 22.47 -25.43
N ASN A 386 35.41 21.46 -25.77
CA ASN A 386 36.13 20.72 -24.76
C ASN A 386 35.17 20.03 -23.78
N GLY A 387 33.96 19.73 -24.26
CA GLY A 387 32.97 19.01 -23.47
C GLY A 387 32.22 19.86 -22.47
N GLU A 388 32.11 21.16 -22.74
CA GLU A 388 31.43 22.04 -21.80
C GLU A 388 30.77 23.19 -22.51
N TYR A 389 29.56 23.51 -22.09
CA TYR A 389 28.88 24.71 -22.54
C TYR A 389 29.48 25.88 -21.76
N VAL A 390 29.66 27.01 -22.43
CA VAL A 390 29.95 28.24 -21.72
C VAL A 390 28.65 29.01 -21.62
N VAL A 391 28.20 29.24 -20.40
CA VAL A 391 27.02 30.05 -20.16
C VAL A 391 27.27 31.48 -20.63
N PRO A 392 26.33 32.07 -21.38
CA PRO A 392 26.41 33.47 -21.83
C PRO A 392 26.52 34.46 -20.68
N THR A 393 27.32 35.50 -20.89
CA THR A 393 27.74 36.39 -19.81
C THR A 393 26.92 37.68 -19.64
N GLY A 394 26.35 38.18 -20.74
CA GLY A 394 25.63 39.46 -20.65
C GLY A 394 24.31 39.36 -19.91
N PRO A 395 23.61 40.49 -19.79
CA PRO A 395 22.32 40.59 -19.11
C PRO A 395 21.23 39.85 -19.87
N GLY A 396 20.15 39.52 -19.17
CA GLY A 396 19.09 38.73 -19.76
C GLY A 396 19.66 37.40 -20.22
N LEU A 397 19.22 36.93 -21.38
CA LEU A 397 19.72 35.66 -21.92
C LEU A 397 21.21 35.72 -22.30
N GLY A 398 21.73 36.93 -22.56
CA GLY A 398 23.13 37.10 -22.95
C GLY A 398 23.36 36.81 -24.42
N VAL A 399 22.27 36.58 -25.14
CA VAL A 399 22.35 36.33 -26.56
C VAL A 399 21.13 36.96 -27.23
N GLU A 400 21.21 37.15 -28.54
CA GLU A 400 20.11 37.68 -29.32
C GLU A 400 20.36 37.38 -30.78
N PRO A 401 19.28 37.30 -31.58
CA PRO A 401 19.43 36.86 -32.97
C PRO A 401 20.29 37.83 -33.78
N SER A 402 21.21 37.28 -34.57
CA SER A 402 22.09 38.09 -35.41
C SER A 402 21.28 38.88 -36.42
N LYS A 403 21.95 39.83 -37.08
CA LYS A 403 21.29 40.63 -38.09
C LYS A 403 20.86 39.73 -39.24
N GLU A 404 21.69 38.74 -39.54
CA GLU A 404 21.35 37.79 -40.60
C GLU A 404 20.07 37.06 -40.26
N ALA A 405 19.99 36.57 -39.02
CA ALA A 405 18.80 35.89 -38.53
C ALA A 405 17.56 36.77 -38.72
N GLN A 406 17.56 37.94 -38.10
CA GLN A 406 16.40 38.82 -38.12
C GLN A 406 15.94 39.13 -39.52
N GLY A 407 16.89 39.11 -40.46
CA GLY A 407 16.54 39.31 -41.84
C GLY A 407 15.68 38.17 -42.36
N LEU A 408 15.99 36.97 -41.89
CA LEU A 408 15.33 35.76 -42.39
C LEU A 408 13.99 35.44 -41.70
N LEU A 409 13.64 36.21 -40.68
CA LEU A 409 12.40 35.96 -39.96
C LEU A 409 11.18 36.13 -40.85
N LYS A 410 10.24 35.21 -40.76
CA LYS A 410 8.96 35.36 -41.43
C LYS A 410 7.90 35.64 -40.40
N LYS A 411 7.29 36.80 -40.47
CA LYS A 411 6.29 37.17 -39.50
C LYS A 411 5.04 36.34 -39.65
N HIS A 412 4.24 36.33 -38.60
CA HIS A 412 2.99 35.59 -38.63
C HIS A 412 1.98 36.30 -39.52
N SER B 25 -34.63 -2.92 -41.04
CA SER B 25 -33.73 -3.84 -40.29
C SER B 25 -34.09 -5.29 -40.54
N ASP B 26 -33.08 -6.11 -40.78
CA ASP B 26 -33.25 -7.55 -40.82
C ASP B 26 -33.13 -8.06 -39.39
N ARG B 27 -33.91 -9.07 -39.03
CA ARG B 27 -33.96 -9.57 -37.66
C ARG B 27 -33.63 -11.04 -37.63
N VAL B 28 -33.06 -11.50 -36.52
CA VAL B 28 -32.77 -12.91 -36.34
C VAL B 28 -34.09 -13.70 -36.36
N LYS B 29 -34.12 -14.78 -37.14
CA LYS B 29 -35.31 -15.59 -37.29
C LYS B 29 -35.21 -16.95 -36.60
N LYS B 30 -34.13 -17.68 -36.85
CA LYS B 30 -33.95 -18.91 -36.12
C LYS B 30 -32.49 -19.21 -35.82
N ILE B 31 -32.30 -20.04 -34.81
CA ILE B 31 -30.98 -20.40 -34.32
C ILE B 31 -30.85 -21.91 -34.11
N GLU B 32 -29.77 -22.49 -34.61
CA GLU B 32 -29.59 -23.92 -34.46
C GLU B 32 -28.18 -24.17 -33.99
N SER B 33 -28.02 -25.22 -33.20
CA SER B 33 -26.71 -25.64 -32.70
C SER B 33 -26.39 -27.12 -33.01
N PHE B 34 -25.13 -27.40 -33.31
CA PHE B 34 -24.70 -28.75 -33.63
C PHE B 34 -23.32 -28.98 -33.05
N THR B 35 -22.96 -30.25 -32.95
CA THR B 35 -21.56 -30.59 -32.72
C THR B 35 -20.99 -31.09 -34.03
N LEU B 36 -19.69 -30.87 -34.19
CA LEU B 36 -18.95 -31.46 -35.28
C LEU B 36 -17.82 -32.26 -34.65
N THR B 37 -17.87 -33.59 -34.81
CA THR B 37 -16.89 -34.50 -34.22
C THR B 37 -15.96 -35.05 -35.32
N LEU B 38 -14.69 -35.24 -34.99
CA LEU B 38 -13.68 -35.70 -35.94
C LEU B 38 -12.69 -36.64 -35.27
N PRO B 39 -12.50 -37.84 -35.83
CA PRO B 39 -11.46 -38.76 -35.31
C PRO B 39 -10.05 -38.18 -35.46
N ARG B 40 -9.16 -38.56 -34.54
CA ARG B 40 -7.74 -38.21 -34.62
C ARG B 40 -6.91 -39.48 -34.58
N GLU B 41 -5.76 -39.46 -35.25
CA GLU B 41 -4.83 -40.59 -35.15
C GLU B 41 -4.04 -40.51 -33.84
N THR B 42 -3.71 -39.28 -33.44
CA THR B 42 -3.05 -39.01 -32.17
C THR B 42 -3.84 -37.95 -31.41
N PRO B 43 -3.96 -38.12 -30.11
CA PRO B 43 -4.67 -37.16 -29.29
C PRO B 43 -3.92 -35.85 -29.32
N TYR B 44 -4.62 -34.76 -29.09
CA TYR B 44 -4.02 -33.46 -29.08
C TYR B 44 -2.89 -33.41 -28.06
N LEU B 45 -1.79 -32.77 -28.45
CA LEU B 45 -0.60 -32.60 -27.63
C LEU B 45 0.36 -33.78 -27.78
N GLY B 46 -0.12 -34.83 -28.42
CA GLY B 46 0.70 -36.01 -28.61
C GLY B 46 0.17 -37.25 -27.95
N LYS B 47 0.91 -38.35 -28.09
CA LYS B 47 0.50 -39.65 -27.62
C LYS B 47 0.43 -39.70 -26.10
N PRO B 48 -0.57 -40.55 -25.58
CA PRO B 48 -0.62 -40.55 -24.12
C PRO B 48 0.66 -41.10 -23.54
N ARG B 49 1.11 -40.44 -22.49
CA ARG B 49 2.26 -40.89 -21.73
C ARG B 49 1.79 -42.01 -20.84
N PRO B 50 2.72 -42.73 -20.23
CA PRO B 50 2.31 -43.83 -19.35
C PRO B 50 1.39 -43.35 -18.23
N GLY B 51 0.29 -44.06 -18.00
CA GLY B 51 -0.65 -43.69 -16.95
C GLY B 51 -1.64 -42.62 -17.38
N GLU B 52 -1.71 -42.39 -18.69
CA GLU B 52 -2.70 -41.45 -19.25
C GLU B 52 -3.48 -42.09 -20.37
N GLU B 53 -4.06 -43.24 -20.07
CA GLU B 53 -4.74 -44.05 -21.05
C GLU B 53 -6.22 -43.66 -21.12
N PRO B 54 -6.76 -43.62 -22.40
CA PRO B 54 -8.19 -43.24 -22.44
C PRO B 54 -9.18 -44.16 -21.74
N ASN B 55 -10.26 -43.54 -21.27
CA ASN B 55 -11.37 -44.22 -20.66
C ASN B 55 -12.36 -44.66 -21.71
N GLY B 56 -13.52 -45.09 -21.26
CA GLY B 56 -14.55 -45.62 -22.13
C GLY B 56 -15.12 -44.67 -23.15
N ARG B 57 -15.32 -43.41 -22.76
CA ARG B 57 -16.00 -42.43 -23.60
C ARG B 57 -15.00 -41.67 -24.45
N GLY B 58 -13.75 -42.09 -24.42
CA GLY B 58 -12.70 -41.38 -25.13
C GLY B 58 -12.05 -40.27 -24.34
N TYR B 59 -12.27 -40.28 -23.03
CA TYR B 59 -11.65 -39.30 -22.14
C TYR B 59 -10.44 -39.87 -21.40
N LEU B 60 -9.30 -39.21 -21.49
CA LEU B 60 -8.11 -39.58 -20.74
C LEU B 60 -7.67 -38.35 -19.95
N VAL B 61 -6.76 -38.54 -18.99
CA VAL B 61 -6.27 -37.45 -18.16
C VAL B 61 -4.75 -37.31 -18.22
N ARG B 62 -4.24 -36.11 -18.48
CA ARG B 62 -2.79 -35.89 -18.44
C ARG B 62 -2.31 -35.59 -17.01
N LYS B 63 -1.37 -36.40 -16.53
CA LYS B 63 -0.93 -36.26 -15.14
C LYS B 63 -0.21 -34.94 -14.92
N ALA B 64 0.41 -34.42 -15.98
CA ALA B 64 1.12 -33.14 -15.88
C ALA B 64 0.20 -32.02 -15.40
N ASN B 65 -1.03 -31.98 -15.90
CA ASN B 65 -1.91 -30.85 -15.55
C ASN B 65 -3.26 -31.29 -14.99
N ARG B 66 -3.42 -32.60 -14.82
CA ARG B 66 -4.59 -33.23 -14.18
C ARG B 66 -5.92 -32.98 -14.95
N THR B 67 -5.76 -32.73 -16.23
CA THR B 67 -6.83 -32.23 -17.07
C THR B 67 -7.41 -33.34 -17.94
N VAL B 68 -8.71 -33.29 -18.19
CA VAL B 68 -9.36 -34.29 -19.05
C VAL B 68 -9.25 -33.88 -20.52
N TYR B 69 -9.13 -34.87 -21.41
CA TYR B 69 -9.04 -34.63 -22.86
C TYR B 69 -9.81 -35.72 -23.58
N PRO B 70 -10.51 -35.37 -24.68
CA PRO B 70 -11.10 -36.41 -25.51
C PRO B 70 -10.01 -36.94 -26.47
N THR B 71 -10.16 -38.16 -26.94
CA THR B 71 -9.21 -38.70 -27.91
C THR B 71 -9.46 -38.15 -29.32
N PHE B 72 -10.61 -37.52 -29.50
CA PHE B 72 -11.04 -36.99 -30.79
C PHE B 72 -11.13 -35.47 -30.73
N ASP B 73 -11.42 -34.85 -31.86
CA ASP B 73 -11.72 -33.41 -31.89
C ASP B 73 -13.23 -33.18 -31.95
N ARG B 74 -13.71 -32.15 -31.26
CA ARG B 74 -15.14 -31.87 -31.25
C ARG B 74 -15.34 -30.40 -30.91
N SER B 75 -16.22 -29.75 -31.67
CA SER B 75 -16.61 -28.39 -31.32
C SER B 75 -18.11 -28.19 -31.46
N VAL B 76 -18.60 -27.06 -30.96
CA VAL B 76 -20.01 -26.71 -31.05
C VAL B 76 -20.18 -25.59 -32.06
N LEU B 77 -21.13 -25.76 -32.97
CA LEU B 77 -21.37 -24.74 -33.98
C LEU B 77 -22.77 -24.19 -33.88
N VAL B 78 -22.92 -22.92 -34.21
CA VAL B 78 -24.21 -22.28 -34.18
C VAL B 78 -24.51 -21.69 -35.56
N ARG B 79 -25.74 -21.88 -36.01
CA ARG B 79 -26.19 -21.31 -37.30
C ARG B 79 -27.31 -20.30 -37.06
N ILE B 80 -27.09 -19.05 -37.46
CA ILE B 80 -28.12 -18.06 -37.26
C ILE B 80 -28.66 -17.51 -38.59
N GLU B 81 -29.98 -17.57 -38.75
CA GLU B 81 -30.59 -17.14 -40.00
C GLU B 81 -31.53 -15.97 -39.74
N THR B 82 -31.48 -14.97 -40.61
CA THR B 82 -32.35 -13.81 -40.44
C THR B 82 -33.69 -14.01 -41.18
N GLU B 83 -34.65 -13.15 -40.87
CA GLU B 83 -35.89 -13.09 -41.63
C GLU B 83 -35.63 -13.09 -43.14
N ASN B 84 -34.69 -12.24 -43.58
CA ASN B 84 -34.42 -12.12 -45.02
C ASN B 84 -33.56 -13.24 -45.59
N GLY B 85 -33.24 -14.22 -44.75
CA GLY B 85 -32.52 -15.39 -45.20
C GLY B 85 -31.00 -15.27 -45.21
N ALA B 86 -30.45 -14.20 -44.64
CA ALA B 86 -29.00 -14.18 -44.40
C ALA B 86 -28.66 -15.23 -43.35
N VAL B 87 -27.44 -15.77 -43.42
CA VAL B 87 -27.03 -16.84 -42.52
C VAL B 87 -25.68 -16.54 -41.89
N GLY B 88 -25.60 -16.65 -40.57
CA GLY B 88 -24.33 -16.43 -39.88
C GLY B 88 -23.85 -17.68 -39.14
N TRP B 89 -22.53 -17.88 -39.05
CA TRP B 89 -22.00 -19.03 -38.31
C TRP B 89 -21.14 -18.61 -37.13
N GLY B 90 -21.31 -19.31 -36.01
CA GLY B 90 -20.43 -19.17 -34.85
C GLY B 90 -19.98 -20.54 -34.35
N GLU B 91 -19.03 -20.55 -33.43
CA GLU B 91 -18.48 -21.82 -32.95
C GLU B 91 -17.94 -21.56 -31.56
N THR B 92 -17.96 -22.58 -30.72
CA THR B 92 -17.29 -22.48 -29.42
C THR B 92 -16.74 -23.86 -29.09
N TYR B 93 -16.14 -24.02 -27.90
CA TYR B 93 -15.60 -25.31 -27.46
C TYR B 93 -16.66 -26.39 -27.40
N GLY B 94 -16.28 -27.62 -27.75
CA GLY B 94 -17.20 -28.73 -27.59
C GLY B 94 -16.47 -29.98 -27.14
N LEU B 95 -15.29 -29.81 -26.54
CA LEU B 95 -14.43 -30.93 -26.17
C LEU B 95 -15.07 -31.86 -25.17
N VAL B 96 -15.72 -31.28 -24.16
CA VAL B 96 -16.35 -32.06 -23.10
C VAL B 96 -17.80 -31.65 -22.86
N ALA B 97 -18.69 -32.64 -22.72
CA ALA B 97 -20.13 -32.36 -22.51
C ALA B 97 -20.71 -31.24 -23.41
N PRO B 98 -20.47 -31.33 -24.71
CA PRO B 98 -20.96 -30.33 -25.69
C PRO B 98 -22.47 -30.13 -25.67
N ARG B 99 -23.21 -31.14 -25.29
CA ARG B 99 -24.65 -31.03 -25.21
C ARG B 99 -25.03 -29.96 -24.19
N ALA B 100 -24.21 -29.76 -23.18
CA ALA B 100 -24.51 -28.79 -22.13
C ALA B 100 -24.53 -27.39 -22.72
N THR B 101 -23.51 -27.07 -23.49
CA THR B 101 -23.47 -25.78 -24.16
C THR B 101 -24.64 -25.64 -25.15
N MET B 102 -24.96 -26.71 -25.86
CA MET B 102 -26.05 -26.66 -26.85
C MET B 102 -27.40 -26.44 -26.17
N GLU B 103 -27.53 -26.96 -24.96
CA GLU B 103 -28.76 -26.81 -24.20
C GLU B 103 -28.93 -25.38 -23.70
N ILE B 104 -27.82 -24.76 -23.28
CA ILE B 104 -27.86 -23.37 -22.84
C ILE B 104 -28.32 -22.49 -24.00
N ILE B 105 -27.76 -22.74 -25.18
CA ILE B 105 -28.16 -22.03 -26.40
C ILE B 105 -29.63 -22.24 -26.77
N ASP B 106 -30.02 -23.50 -26.89
CA ASP B 106 -31.34 -23.85 -27.37
C ASP B 106 -32.41 -23.56 -26.35
N ASP B 107 -32.15 -23.92 -25.10
CA ASP B 107 -33.15 -23.77 -24.07
C ASP B 107 -33.36 -22.32 -23.59
N LEU B 108 -32.29 -21.54 -23.54
CA LEU B 108 -32.38 -20.23 -22.90
C LEU B 108 -32.11 -19.10 -23.85
N LEU B 109 -30.93 -19.12 -24.46
CA LEU B 109 -30.43 -17.95 -25.18
C LEU B 109 -31.12 -17.70 -26.51
N ALA B 110 -31.41 -18.77 -27.24
CA ALA B 110 -32.02 -18.64 -28.56
C ALA B 110 -33.26 -17.73 -28.53
N ASP B 111 -34.20 -18.03 -27.64
CA ASP B 111 -35.43 -17.26 -27.63
C ASP B 111 -35.23 -15.81 -27.24
N PHE B 112 -34.09 -15.46 -26.67
CA PHE B 112 -33.87 -14.06 -26.32
C PHE B 112 -33.08 -13.35 -27.38
N THR B 113 -32.66 -14.11 -28.38
CA THR B 113 -31.88 -13.57 -29.47
C THR B 113 -32.76 -13.36 -30.70
N ILE B 114 -33.61 -14.34 -30.97
CA ILE B 114 -34.57 -14.24 -32.07
C ILE B 114 -35.31 -12.92 -32.03
N GLY B 115 -35.42 -12.24 -33.18
CA GLY B 115 -36.14 -10.96 -33.22
C GLY B 115 -35.24 -9.75 -33.02
N ARG B 116 -33.98 -9.98 -32.70
CA ARG B 116 -33.04 -8.85 -32.50
C ARG B 116 -32.24 -8.54 -33.77
N ASP B 117 -31.62 -7.36 -33.80
CA ASP B 117 -30.84 -6.91 -34.96
C ASP B 117 -29.35 -7.26 -34.79
N PRO B 118 -28.75 -7.96 -35.78
CA PRO B 118 -27.36 -8.41 -35.69
C PRO B 118 -26.39 -7.26 -35.50
N PHE B 119 -26.77 -6.08 -35.97
CA PHE B 119 -25.93 -4.91 -35.75
C PHE B 119 -25.88 -4.52 -34.27
N ASP B 120 -26.74 -5.14 -33.47
CA ASP B 120 -26.75 -4.91 -32.03
C ASP B 120 -25.99 -6.01 -31.29
N ALA B 121 -25.05 -6.65 -31.98
CA ALA B 121 -24.31 -7.78 -31.43
C ALA B 121 -23.75 -7.59 -30.01
N ALA B 122 -22.99 -6.52 -29.76
CA ALA B 122 -22.43 -6.25 -28.43
C ALA B 122 -23.53 -6.02 -27.41
N ALA B 123 -24.52 -5.21 -27.79
CA ALA B 123 -25.64 -4.96 -26.89
C ALA B 123 -26.40 -6.25 -26.55
N ILE B 124 -26.65 -7.07 -27.55
CA ILE B 124 -27.26 -8.38 -27.30
C ILE B 124 -26.39 -9.20 -26.36
N HIS B 125 -25.08 -9.20 -26.60
CA HIS B 125 -24.21 -9.97 -25.70
C HIS B 125 -24.38 -9.55 -24.24
N ASP B 126 -24.38 -8.24 -23.98
CA ASP B 126 -24.58 -7.78 -22.63
C ASP B 126 -25.95 -8.16 -22.04
N ASP B 127 -27.03 -8.02 -22.80
CA ASP B 127 -28.36 -8.47 -22.32
C ASP B 127 -28.38 -9.98 -21.99
N LEU B 128 -27.75 -10.80 -22.83
CA LEU B 128 -27.72 -12.23 -22.57
C LEU B 128 -26.89 -12.53 -21.32
N TYR B 129 -25.76 -11.86 -21.21
CA TYR B 129 -24.94 -12.05 -20.04
C TYR B 129 -25.75 -11.73 -18.80
N ASP B 130 -26.54 -10.65 -18.86
CA ASP B 130 -27.31 -10.20 -17.69
C ASP B 130 -28.39 -11.21 -17.26
N LEU B 131 -28.86 -12.06 -18.18
CA LEU B 131 -29.92 -13.00 -17.81
C LEU B 131 -29.55 -13.83 -16.58
N MET B 132 -28.29 -14.19 -16.44
CA MET B 132 -27.91 -15.13 -15.41
C MET B 132 -26.80 -14.67 -14.47
N ARG B 133 -26.37 -13.42 -14.62
CA ARG B 133 -25.18 -13.01 -13.90
C ARG B 133 -25.35 -13.09 -12.39
N VAL B 134 -26.52 -12.68 -11.88
CA VAL B 134 -26.69 -12.56 -10.42
C VAL B 134 -26.69 -13.91 -9.73
N ARG B 135 -26.81 -14.98 -10.52
CA ARG B 135 -26.68 -16.32 -9.98
C ARG B 135 -25.28 -16.87 -10.17
N GLY B 136 -24.39 -16.04 -10.70
CA GLY B 136 -22.99 -16.45 -10.80
C GLY B 136 -22.59 -17.26 -12.03
N TYR B 137 -23.45 -17.32 -13.04
CA TYR B 137 -23.10 -17.99 -14.29
C TYR B 137 -22.40 -17.02 -15.25
N THR B 138 -21.19 -16.61 -14.88
CA THR B 138 -20.55 -15.51 -15.56
C THR B 138 -19.31 -15.97 -16.30
N GLY B 139 -19.14 -17.29 -16.43
CA GLY B 139 -17.98 -17.80 -17.18
C GLY B 139 -18.28 -19.19 -17.74
N GLY B 140 -17.29 -20.07 -17.71
CA GLY B 140 -17.49 -21.50 -18.02
C GLY B 140 -18.32 -21.75 -19.27
N PHE B 141 -19.27 -22.67 -19.18
CA PHE B 141 -20.11 -23.04 -20.32
C PHE B 141 -21.03 -21.89 -20.76
N TYR B 142 -21.46 -21.10 -19.79
CA TYR B 142 -22.45 -20.09 -20.11
C TYR B 142 -21.84 -19.14 -21.12
N VAL B 143 -20.63 -18.68 -20.87
CA VAL B 143 -20.01 -17.73 -21.78
C VAL B 143 -19.49 -18.41 -23.05
N ASP B 144 -19.12 -19.69 -22.99
CA ASP B 144 -18.93 -20.46 -24.22
C ASP B 144 -20.18 -20.31 -25.09
N ALA B 145 -21.35 -20.59 -24.52
CA ALA B 145 -22.58 -20.46 -25.30
C ALA B 145 -22.76 -19.04 -25.84
N LEU B 146 -22.58 -18.03 -25.00
CA LEU B 146 -22.70 -16.66 -25.49
C LEU B 146 -21.77 -16.40 -26.65
N ALA B 147 -20.60 -17.02 -26.60
CA ALA B 147 -19.55 -16.72 -27.56
C ALA B 147 -19.90 -17.18 -28.97
N ALA B 148 -20.48 -18.37 -29.09
CA ALA B 148 -20.83 -18.91 -30.39
C ALA B 148 -21.89 -18.01 -31.02
N ILE B 149 -22.90 -17.65 -30.24
CA ILE B 149 -23.94 -16.70 -30.67
C ILE B 149 -23.35 -15.36 -31.11
N ASP B 150 -22.44 -14.82 -30.32
CA ASP B 150 -21.82 -13.53 -30.59
C ASP B 150 -21.11 -13.53 -31.96
N ILE B 151 -20.37 -14.61 -32.22
CA ILE B 151 -19.62 -14.71 -33.46
C ILE B 151 -20.58 -14.81 -34.66
N ALA B 152 -21.63 -15.62 -34.52
CA ALA B 152 -22.67 -15.72 -35.54
C ALA B 152 -23.33 -14.38 -35.83
N LEU B 153 -23.60 -13.59 -34.79
CA LEU B 153 -24.23 -12.28 -34.99
C LEU B 153 -23.30 -11.31 -35.71
N TRP B 154 -22.03 -11.32 -35.34
CA TRP B 154 -21.06 -10.48 -36.03
C TRP B 154 -20.86 -10.93 -37.49
N ASP B 155 -20.87 -12.22 -37.73
CA ASP B 155 -20.79 -12.72 -39.08
C ASP B 155 -21.95 -12.12 -39.90
N LEU B 156 -23.16 -12.18 -39.34
CA LEU B 156 -24.34 -11.60 -40.00
C LEU B 156 -24.19 -10.12 -40.29
N ALA B 157 -23.71 -9.39 -39.30
CA ALA B 157 -23.66 -7.94 -39.46
C ALA B 157 -22.72 -7.59 -40.62
N GLY B 158 -21.58 -8.26 -40.67
CA GLY B 158 -20.65 -8.07 -41.76
C GLY B 158 -21.20 -8.46 -43.12
N LYS B 159 -21.79 -9.65 -43.22
CA LYS B 159 -22.49 -10.04 -44.43
C LYS B 159 -23.55 -8.98 -44.80
N LEU B 160 -24.31 -8.52 -43.81
CA LEU B 160 -25.40 -7.61 -44.12
C LEU B 160 -24.88 -6.25 -44.57
N ALA B 161 -23.72 -5.83 -44.07
CA ALA B 161 -23.20 -4.56 -44.50
C ALA B 161 -22.23 -4.75 -45.67
N GLY B 162 -21.98 -5.99 -46.04
CA GLY B 162 -21.04 -6.24 -47.12
C GLY B 162 -19.59 -5.95 -46.73
N LEU B 163 -19.29 -6.10 -45.44
CA LEU B 163 -17.98 -5.76 -44.90
C LEU B 163 -17.34 -6.92 -44.16
N PRO B 164 -16.00 -7.01 -44.18
CA PRO B 164 -15.26 -7.90 -43.28
C PRO B 164 -15.53 -7.47 -41.83
N VAL B 165 -15.63 -8.42 -40.91
CA VAL B 165 -15.93 -8.03 -39.53
C VAL B 165 -15.01 -6.93 -39.01
N CYS B 166 -13.73 -7.01 -39.33
CA CYS B 166 -12.77 -6.03 -38.85
C CYS B 166 -13.13 -4.60 -39.23
N LYS B 167 -13.89 -4.43 -40.31
CA LYS B 167 -14.36 -3.11 -40.76
C LYS B 167 -15.52 -2.60 -39.91
N LEU B 168 -16.06 -3.48 -39.07
CA LEU B 168 -17.09 -3.08 -38.14
C LEU B 168 -16.48 -2.90 -36.74
N LEU B 169 -15.20 -3.25 -36.58
CA LEU B 169 -14.54 -3.16 -35.29
C LEU B 169 -13.59 -1.96 -35.08
N GLY B 170 -13.56 -1.01 -36.02
CA GLY B 170 -12.73 0.19 -35.88
C GLY B 170 -11.75 0.36 -37.03
N GLY B 171 -11.54 -0.73 -37.77
CA GLY B 171 -10.73 -0.68 -38.98
C GLY B 171 -9.81 -1.86 -39.11
N GLN B 172 -9.41 -2.16 -40.34
CA GLN B 172 -8.42 -3.20 -40.59
C GLN B 172 -7.01 -2.63 -40.55
N ARG B 173 -6.22 -3.09 -39.60
CA ARG B 173 -4.89 -2.53 -39.41
C ARG B 173 -3.85 -3.38 -40.12
N ARG B 174 -4.18 -4.62 -40.40
CA ARG B 174 -3.25 -5.50 -41.04
C ARG B 174 -4.03 -6.56 -41.80
N ASP B 175 -3.46 -7.09 -42.86
CA ASP B 175 -4.10 -8.21 -43.56
C ASP B 175 -3.33 -9.50 -43.39
N ARG B 176 -2.20 -9.41 -42.69
CA ARG B 176 -1.41 -10.61 -42.37
C ARG B 176 -1.06 -10.51 -40.90
N ILE B 177 -0.92 -11.66 -40.24
CA ILE B 177 -0.54 -11.67 -38.84
C ILE B 177 0.50 -12.76 -38.62
N ALA B 178 1.64 -12.34 -38.09
CA ALA B 178 2.71 -13.28 -37.75
C ALA B 178 2.09 -14.40 -36.94
N ALA B 179 2.58 -15.61 -37.17
CA ALA B 179 1.97 -16.82 -36.61
C ALA B 179 3.08 -17.64 -35.95
N TYR B 180 2.90 -18.05 -34.70
CA TYR B 180 3.92 -18.90 -34.07
C TYR B 180 3.50 -20.37 -34.00
N ILE B 181 4.48 -21.26 -34.20
CA ILE B 181 4.19 -22.71 -34.23
C ILE B 181 3.93 -23.16 -32.81
N SER B 182 2.83 -23.88 -32.60
CA SER B 182 2.55 -24.27 -31.23
C SER B 182 2.47 -25.77 -31.08
N GLY B 183 3.24 -26.31 -30.14
CA GLY B 183 3.18 -27.74 -29.85
C GLY B 183 4.00 -28.58 -30.79
N LEU B 184 4.73 -29.53 -30.22
CA LEU B 184 5.54 -30.48 -30.97
C LEU B 184 5.14 -31.88 -30.54
N PRO B 185 4.03 -32.39 -31.09
CA PRO B 185 3.43 -33.64 -30.62
C PRO B 185 4.21 -34.89 -31.02
N GLU B 186 5.52 -34.89 -30.79
CA GLU B 186 6.35 -36.07 -31.04
C GLU B 186 6.82 -36.67 -29.72
N ASP B 187 7.12 -37.96 -29.72
CA ASP B 187 7.29 -38.68 -28.46
C ASP B 187 8.73 -38.75 -27.92
N THR B 188 9.70 -38.31 -28.70
CA THR B 188 11.04 -38.14 -28.14
C THR B 188 11.46 -36.70 -28.31
N ARG B 189 12.51 -36.30 -27.61
CA ARG B 189 12.97 -34.93 -27.66
C ARG B 189 13.60 -34.64 -29.01
N ALA B 190 14.35 -35.60 -29.54
CA ALA B 190 14.99 -35.44 -30.83
C ALA B 190 13.94 -35.25 -31.91
N LYS B 191 12.90 -36.08 -31.86
CA LYS B 191 11.85 -36.00 -32.86
C LYS B 191 11.10 -34.67 -32.80
N ARG B 192 11.00 -34.09 -31.60
CA ARG B 192 10.33 -32.82 -31.46
C ARG B 192 11.17 -31.67 -32.03
N ALA B 193 12.48 -31.70 -31.79
CA ALA B 193 13.36 -30.67 -32.37
C ALA B 193 13.35 -30.73 -33.89
N GLU B 194 13.17 -31.93 -34.42
CA GLU B 194 13.20 -32.16 -35.85
C GLU B 194 11.89 -31.69 -36.49
N LEU B 195 10.77 -32.02 -35.86
CA LEU B 195 9.47 -31.43 -36.25
C LEU B 195 9.56 -29.90 -36.31
N ALA B 196 10.13 -29.30 -35.28
CA ALA B 196 10.26 -27.86 -35.27
C ALA B 196 11.04 -27.41 -36.49
N ALA B 197 12.15 -28.11 -36.74
CA ALA B 197 13.05 -27.76 -37.83
C ALA B 197 12.36 -27.83 -39.20
N ALA B 198 11.51 -28.82 -39.38
CA ALA B 198 10.74 -28.92 -40.61
C ALA B 198 9.80 -27.72 -40.78
N TRP B 199 9.26 -27.19 -39.69
CA TRP B 199 8.40 -26.01 -39.75
C TRP B 199 9.21 -24.74 -39.95
N GLN B 200 10.42 -24.73 -39.42
CA GLN B 200 11.34 -23.63 -39.69
C GLN B 200 11.57 -23.54 -41.19
N ALA B 201 11.71 -24.72 -41.80
CA ALA B 201 12.01 -24.82 -43.22
C ALA B 201 10.84 -24.32 -44.05
N LYS B 202 9.64 -24.32 -43.46
CA LYS B 202 8.46 -23.84 -44.16
C LYS B 202 8.23 -22.35 -43.90
N GLY B 203 9.24 -21.66 -43.39
CA GLY B 203 9.17 -20.21 -43.25
C GLY B 203 8.71 -19.71 -41.89
N PHE B 204 8.62 -20.61 -40.91
CA PHE B 204 8.26 -20.19 -39.54
C PHE B 204 9.46 -19.89 -38.64
N SER B 205 9.31 -18.89 -37.79
CA SER B 205 10.45 -18.45 -36.97
C SER B 205 10.14 -18.23 -35.49
N SER B 206 8.92 -18.60 -35.08
CA SER B 206 8.52 -18.51 -33.67
C SER B 206 7.84 -19.81 -33.28
N PHE B 207 8.14 -20.28 -32.08
CA PHE B 207 7.61 -21.59 -31.64
C PHE B 207 7.31 -21.53 -30.16
N LYS B 208 6.56 -22.54 -29.71
CA LYS B 208 6.26 -22.69 -28.30
C LYS B 208 6.14 -24.19 -28.08
N PHE B 209 6.69 -24.70 -26.99
CA PHE B 209 6.51 -26.11 -26.66
C PHE B 209 5.66 -26.20 -25.40
N ALA B 210 4.93 -27.31 -25.25
CA ALA B 210 4.15 -27.56 -24.02
C ALA B 210 4.91 -28.43 -23.04
N SER B 211 5.11 -27.94 -21.83
CA SER B 211 5.86 -28.66 -20.80
C SER B 211 5.33 -30.08 -20.48
N PRO B 212 4.00 -30.27 -20.45
CA PRO B 212 3.42 -31.59 -20.17
C PRO B 212 4.03 -32.73 -21.00
N VAL B 213 4.41 -32.45 -22.24
CA VAL B 213 4.97 -33.49 -23.11
C VAL B 213 6.48 -33.36 -23.27
N ALA B 214 7.08 -32.43 -22.51
CA ALA B 214 8.53 -32.26 -22.50
C ALA B 214 9.15 -33.29 -21.58
N ASP B 215 9.14 -34.55 -22.00
CA ASP B 215 9.55 -35.67 -21.12
C ASP B 215 10.87 -35.50 -20.32
N ASP B 216 11.83 -34.75 -20.87
CA ASP B 216 13.10 -34.54 -20.16
C ASP B 216 13.11 -33.26 -19.33
N GLY B 217 11.94 -32.63 -19.17
CA GLY B 217 11.84 -31.36 -18.44
C GLY B 217 12.04 -30.17 -19.37
N VAL B 218 11.72 -28.97 -18.90
CA VAL B 218 11.69 -27.81 -19.78
C VAL B 218 13.06 -27.24 -20.14
N ALA B 219 14.02 -27.33 -19.24
CA ALA B 219 15.36 -26.81 -19.57
C ALA B 219 16.01 -27.59 -20.72
N LYS B 220 15.83 -28.90 -20.71
CA LYS B 220 16.30 -29.76 -21.78
C LYS B 220 15.63 -29.51 -23.12
N GLU B 221 14.33 -29.30 -23.08
CA GLU B 221 13.58 -29.03 -24.30
C GLU B 221 14.07 -27.71 -24.88
N MET B 222 14.18 -26.68 -24.04
CA MET B 222 14.63 -25.38 -24.50
C MET B 222 16.00 -25.53 -25.15
N GLU B 223 16.87 -26.32 -24.54
CA GLU B 223 18.25 -26.41 -25.03
C GLU B 223 18.34 -27.03 -26.42
N ILE B 224 17.72 -28.18 -26.61
CA ILE B 224 17.79 -28.81 -27.92
C ILE B 224 17.12 -27.93 -28.99
N LEU B 225 15.97 -27.34 -28.65
CA LEU B 225 15.29 -26.50 -29.63
C LEU B 225 16.19 -25.36 -30.08
N ARG B 226 16.88 -24.72 -29.15
CA ARG B 226 17.66 -23.53 -29.48
C ARG B 226 18.90 -23.94 -30.32
N GLU B 227 19.48 -25.10 -30.01
CA GLU B 227 20.64 -25.57 -30.79
C GLU B 227 20.22 -25.98 -32.19
N ARG B 228 19.06 -26.62 -32.29
CA ARG B 228 18.59 -27.13 -33.58
C ARG B 228 18.13 -26.00 -34.51
N LEU B 229 17.48 -24.98 -33.94
CA LEU B 229 16.81 -23.97 -34.75
C LEU B 229 17.65 -22.71 -34.93
N GLY B 230 18.72 -22.60 -34.15
CA GLY B 230 19.60 -21.47 -34.30
C GLY B 230 19.19 -20.36 -33.39
N PRO B 231 19.94 -19.26 -33.42
CA PRO B 231 19.75 -18.23 -32.42
C PRO B 231 18.82 -17.11 -32.86
N ALA B 232 18.25 -17.20 -34.06
CA ALA B 232 17.38 -16.11 -34.50
C ALA B 232 15.92 -16.30 -34.07
N VAL B 233 15.48 -17.55 -33.92
CA VAL B 233 14.07 -17.82 -33.68
C VAL B 233 13.61 -17.45 -32.27
N ARG B 234 12.30 -17.26 -32.12
CA ARG B 234 11.71 -17.07 -30.81
C ARG B 234 11.17 -18.41 -30.31
N ILE B 235 11.51 -18.74 -29.07
CA ILE B 235 11.03 -19.98 -28.44
C ILE B 235 10.41 -19.67 -27.10
N ALA B 236 9.12 -19.96 -26.98
CA ALA B 236 8.36 -19.73 -25.76
C ALA B 236 7.99 -21.06 -25.12
N CYS B 237 7.68 -21.01 -23.82
CA CYS B 237 7.29 -22.22 -23.05
C CYS B 237 5.90 -22.06 -22.44
N ASP B 238 5.04 -23.05 -22.65
CA ASP B 238 3.73 -23.08 -22.00
C ASP B 238 3.85 -24.01 -20.80
N MET B 239 3.81 -23.43 -19.61
CA MET B 239 4.11 -24.16 -18.39
C MET B 239 2.94 -24.94 -17.84
N HIS B 240 1.76 -24.75 -18.45
CA HIS B 240 0.56 -25.49 -18.06
C HIS B 240 0.19 -25.46 -16.59
N TRP B 241 0.32 -24.28 -15.98
CA TRP B 241 -0.35 -23.96 -14.71
C TRP B 241 0.11 -24.59 -13.38
N ALA B 242 0.38 -25.90 -13.39
CA ALA B 242 0.54 -26.64 -12.14
C ALA B 242 1.92 -26.45 -11.49
N HIS B 243 2.18 -25.23 -11.03
CA HIS B 243 3.40 -24.94 -10.30
C HIS B 243 3.08 -23.85 -9.27
N THR B 244 3.82 -23.82 -8.18
CA THR B 244 3.77 -22.69 -7.26
C THR B 244 4.65 -21.62 -7.86
N ALA B 245 4.53 -20.41 -7.34
CA ALA B 245 5.35 -19.31 -7.85
C ALA B 245 6.85 -19.67 -7.83
N SER B 246 7.35 -20.15 -6.70
CA SER B 246 8.78 -20.36 -6.59
C SER B 246 9.23 -21.49 -7.50
N GLU B 247 8.40 -22.51 -7.63
CA GLU B 247 8.70 -23.56 -8.59
C GLU B 247 8.78 -22.99 -10.00
N ALA B 248 7.80 -22.16 -10.33
CA ALA B 248 7.74 -21.57 -11.66
C ALA B 248 8.97 -20.71 -11.94
N VAL B 249 9.35 -19.89 -10.98
CA VAL B 249 10.50 -19.01 -11.18
C VAL B 249 11.81 -19.81 -11.42
N ALA B 250 12.01 -20.89 -10.66
CA ALA B 250 13.20 -21.74 -10.86
C ALA B 250 13.20 -22.33 -12.28
N LEU B 251 12.05 -22.83 -12.71
CA LEU B 251 11.92 -23.41 -14.05
C LEU B 251 12.24 -22.37 -15.12
N ILE B 252 11.74 -21.14 -14.93
CA ILE B 252 11.96 -20.09 -15.93
C ILE B 252 13.43 -19.68 -15.96
N LYS B 253 14.06 -19.58 -14.80
CA LYS B 253 15.48 -19.26 -14.72
C LYS B 253 16.38 -20.32 -15.34
N ALA B 254 16.01 -21.60 -15.24
CA ALA B 254 16.77 -22.65 -15.95
C ALA B 254 16.62 -22.50 -17.47
N MET B 255 15.54 -21.85 -17.90
CA MET B 255 15.24 -21.75 -19.33
C MET B 255 15.84 -20.47 -19.94
N GLU B 256 15.97 -19.43 -19.14
CA GLU B 256 16.42 -18.14 -19.71
C GLU B 256 17.78 -18.16 -20.40
N PRO B 257 18.73 -18.99 -19.94
CA PRO B 257 20.02 -18.95 -20.65
C PRO B 257 19.90 -19.38 -22.12
N HIS B 258 18.82 -20.05 -22.47
CA HIS B 258 18.62 -20.49 -23.85
C HIS B 258 17.84 -19.50 -24.71
N GLY B 259 17.47 -18.36 -24.15
CA GLY B 259 16.72 -17.35 -24.92
C GLY B 259 15.22 -17.61 -24.93
N LEU B 260 14.55 -17.22 -23.85
CA LEU B 260 13.13 -17.52 -23.67
C LEU B 260 12.22 -16.36 -24.10
N TRP B 261 11.31 -16.64 -25.02
CA TRP B 261 10.47 -15.58 -25.60
C TRP B 261 9.42 -15.13 -24.59
N PHE B 262 8.65 -16.08 -24.11
CA PHE B 262 7.74 -15.80 -23.02
C PHE B 262 7.48 -17.09 -22.28
N ALA B 263 6.97 -16.93 -21.06
CA ALA B 263 6.52 -18.07 -20.25
C ALA B 263 5.02 -17.94 -20.01
N GLU B 264 4.29 -18.99 -20.38
CA GLU B 264 2.86 -18.89 -20.34
C GLU B 264 2.30 -19.78 -19.25
N ALA B 265 1.22 -19.31 -18.61
CA ALA B 265 0.51 -20.07 -17.54
C ALA B 265 1.45 -20.69 -16.47
N PRO B 266 2.28 -19.85 -15.85
CA PRO B 266 3.29 -20.37 -14.91
C PRO B 266 2.71 -20.95 -13.62
N VAL B 267 1.56 -20.43 -13.18
CA VAL B 267 0.93 -20.87 -11.91
C VAL B 267 -0.58 -21.09 -12.11
N ARG B 268 -1.28 -21.49 -11.06
CA ARG B 268 -2.73 -21.70 -11.18
C ARG B 268 -3.46 -20.40 -11.50
N THR B 269 -4.57 -20.51 -12.22
CA THR B 269 -5.39 -19.34 -12.59
C THR B 269 -5.78 -18.48 -11.38
N GLU B 270 -6.13 -19.16 -10.30
CA GLU B 270 -6.56 -18.52 -9.07
C GLU B 270 -5.40 -17.87 -8.30
N ASP B 271 -4.17 -18.25 -8.63
CA ASP B 271 -3.02 -17.90 -7.82
C ASP B 271 -2.57 -16.49 -8.27
N ILE B 272 -3.43 -15.51 -8.12
CA ILE B 272 -3.04 -14.17 -8.58
C ILE B 272 -1.78 -13.67 -7.90
N ASP B 273 -1.64 -13.92 -6.60
CA ASP B 273 -0.45 -13.47 -5.86
C ASP B 273 0.81 -14.12 -6.39
N GLY B 274 0.73 -15.39 -6.73
CA GLY B 274 1.87 -16.09 -7.30
C GLY B 274 2.23 -15.56 -8.68
N LEU B 275 1.20 -15.31 -9.50
CA LEU B 275 1.48 -14.79 -10.82
C LEU B 275 2.22 -13.44 -10.71
N ALA B 276 1.71 -12.55 -9.87
CA ALA B 276 2.38 -11.24 -9.67
C ALA B 276 3.83 -11.40 -9.23
N ARG B 277 4.07 -12.34 -8.33
CA ARG B 277 5.41 -12.63 -7.86
C ARG B 277 6.27 -13.20 -8.97
N VAL B 278 5.72 -14.13 -9.75
CA VAL B 278 6.49 -14.63 -10.88
C VAL B 278 6.90 -13.48 -11.82
N ALA B 279 5.97 -12.62 -12.19
CA ALA B 279 6.27 -11.58 -13.17
C ALA B 279 7.32 -10.61 -12.60
N ALA B 280 7.26 -10.33 -11.30
CA ALA B 280 8.20 -9.41 -10.67
C ALA B 280 9.58 -10.01 -10.43
N SER B 281 9.72 -11.33 -10.61
CA SER B 281 10.94 -12.01 -10.22
C SER B 281 11.77 -12.57 -11.38
N VAL B 282 11.27 -12.44 -12.60
CA VAL B 282 12.03 -12.86 -13.76
C VAL B 282 12.02 -11.74 -14.79
N SER B 283 12.95 -11.75 -15.73
CA SER B 283 12.93 -10.73 -16.78
C SER B 283 12.03 -11.14 -17.95
N THR B 284 11.87 -12.45 -18.14
CA THR B 284 10.97 -12.98 -19.14
C THR B 284 9.53 -12.44 -19.05
N ALA B 285 8.96 -12.07 -20.20
CA ALA B 285 7.56 -11.66 -20.26
C ALA B 285 6.65 -12.84 -19.83
N ILE B 286 5.69 -12.55 -18.96
CA ILE B 286 4.68 -13.53 -18.55
C ILE B 286 3.39 -13.40 -19.36
N ALA B 287 2.86 -14.53 -19.84
CA ALA B 287 1.68 -14.51 -20.69
C ALA B 287 0.57 -15.38 -20.09
N VAL B 288 -0.66 -14.86 -20.06
CA VAL B 288 -1.82 -15.64 -19.59
C VAL B 288 -3.05 -15.14 -20.33
N GLY B 289 -4.16 -15.84 -20.15
CA GLY B 289 -5.42 -15.36 -20.65
C GLY B 289 -6.32 -16.37 -21.33
N GLU B 290 -5.79 -17.50 -21.78
CA GLU B 290 -6.62 -18.36 -22.66
C GLU B 290 -7.86 -18.92 -21.98
N GLU B 291 -7.81 -19.08 -20.67
CA GLU B 291 -8.93 -19.70 -19.94
C GLU B 291 -9.95 -18.68 -19.41
N TRP B 292 -9.67 -17.39 -19.59
CA TRP B 292 -10.61 -16.34 -19.20
C TRP B 292 -11.90 -16.35 -20.06
N ARG B 293 -12.89 -15.56 -19.66
CA ARG B 293 -14.16 -15.48 -20.40
C ARG B 293 -14.54 -14.04 -20.72
N THR B 294 -14.18 -13.10 -19.84
CA THR B 294 -14.56 -11.70 -20.07
C THR B 294 -13.48 -10.73 -19.61
N VAL B 295 -13.61 -9.47 -20.02
CA VAL B 295 -12.65 -8.46 -19.63
C VAL B 295 -12.60 -8.30 -18.12
N HIS B 296 -13.64 -8.74 -17.41
CA HIS B 296 -13.64 -8.69 -15.95
C HIS B 296 -12.50 -9.56 -15.38
N ASP B 297 -12.22 -10.68 -16.03
CA ASP B 297 -11.14 -11.54 -15.59
C ASP B 297 -9.78 -10.84 -15.74
N MET B 298 -9.69 -9.92 -16.68
CA MET B 298 -8.39 -9.31 -16.94
C MET B 298 -8.02 -8.29 -15.86
N VAL B 299 -9.03 -7.55 -15.40
CA VAL B 299 -8.83 -6.43 -14.47
C VAL B 299 -7.90 -6.71 -13.28
N PRO B 300 -8.14 -7.82 -12.53
CA PRO B 300 -7.26 -8.02 -11.38
C PRO B 300 -5.81 -8.39 -11.73
N ARG B 301 -5.61 -9.12 -12.83
CA ARG B 301 -4.24 -9.44 -13.21
C ARG B 301 -3.48 -8.18 -13.57
N VAL B 302 -4.12 -7.29 -14.31
CA VAL B 302 -3.49 -6.03 -14.71
C VAL B 302 -3.20 -5.14 -13.49
N ALA B 303 -4.14 -5.11 -12.56
CA ALA B 303 -4.00 -4.32 -11.34
C ALA B 303 -2.74 -4.72 -10.60
N ARG B 304 -2.37 -5.99 -10.67
CA ARG B 304 -1.19 -6.49 -9.97
C ARG B 304 0.03 -6.55 -10.88
N ARG B 305 -0.09 -6.02 -12.09
CA ARG B 305 0.98 -6.08 -13.08
C ARG B 305 1.51 -7.48 -13.24
N ALA B 306 0.61 -8.44 -13.32
CA ALA B 306 1.01 -9.84 -13.31
C ALA B 306 1.24 -10.40 -14.70
N LEU B 307 1.19 -9.56 -15.72
CA LEU B 307 1.37 -10.09 -17.08
C LEU B 307 1.90 -9.07 -18.06
N ALA B 308 2.68 -9.52 -19.02
CA ALA B 308 3.14 -8.62 -20.07
C ALA B 308 2.36 -8.92 -21.35
N ILE B 309 1.78 -10.12 -21.44
CA ILE B 309 1.15 -10.53 -22.65
C ILE B 309 -0.20 -11.18 -22.30
N VAL B 310 -1.28 -10.79 -22.98
CA VAL B 310 -2.56 -11.45 -22.81
C VAL B 310 -2.93 -12.34 -24.01
N GLN B 311 -3.53 -13.49 -23.73
CA GLN B 311 -3.73 -14.47 -24.77
C GLN B 311 -5.20 -14.89 -24.83
N PRO B 312 -6.08 -13.99 -25.31
CA PRO B 312 -7.51 -14.32 -25.37
C PRO B 312 -7.78 -15.47 -26.34
N GLU B 313 -8.69 -16.36 -25.96
CA GLU B 313 -9.09 -17.45 -26.84
C GLU B 313 -10.48 -17.14 -27.37
N MET B 314 -10.60 -16.97 -28.69
CA MET B 314 -11.88 -16.52 -29.27
C MET B 314 -13.01 -17.53 -29.03
N GLY B 315 -12.69 -18.82 -29.12
CA GLY B 315 -13.73 -19.83 -28.88
C GLY B 315 -14.43 -19.70 -27.54
N HIS B 316 -13.74 -19.15 -26.54
CA HIS B 316 -14.35 -19.04 -25.21
C HIS B 316 -15.04 -17.69 -25.01
N LYS B 317 -14.58 -16.66 -25.71
CA LYS B 317 -14.93 -15.30 -25.34
C LYS B 317 -15.94 -14.64 -26.27
N GLY B 318 -15.80 -14.90 -27.56
CA GLY B 318 -16.63 -14.23 -28.56
C GLY B 318 -15.95 -12.92 -28.91
N ILE B 319 -16.43 -12.30 -29.98
CA ILE B 319 -15.82 -11.12 -30.51
C ILE B 319 -15.99 -9.91 -29.58
N THR B 320 -17.17 -9.76 -29.00
CA THR B 320 -17.44 -8.63 -28.11
C THR B 320 -16.45 -8.59 -26.95
N GLN B 321 -16.31 -9.71 -26.25
CA GLN B 321 -15.39 -9.81 -25.11
C GLN B 321 -13.92 -9.78 -25.53
N PHE B 322 -13.60 -10.48 -26.61
CA PHE B 322 -12.24 -10.53 -27.13
C PHE B 322 -11.73 -9.11 -27.41
N MET B 323 -12.58 -8.28 -28.02
CA MET B 323 -12.24 -6.92 -28.36
C MET B 323 -12.15 -6.05 -27.11
N ARG B 324 -12.99 -6.33 -26.12
CA ARG B 324 -12.95 -5.58 -24.85
C ARG B 324 -11.62 -5.84 -24.14
N ILE B 325 -11.18 -7.08 -24.19
CA ILE B 325 -9.86 -7.47 -23.65
C ILE B 325 -8.70 -6.84 -24.44
N GLY B 326 -8.82 -6.78 -25.77
CA GLY B 326 -7.79 -6.14 -26.58
C GLY B 326 -7.77 -4.62 -26.35
N ALA B 327 -8.92 -4.03 -26.11
CA ALA B 327 -8.96 -2.57 -25.86
C ALA B 327 -8.38 -2.25 -24.49
N TYR B 328 -8.63 -3.13 -23.52
CA TYR B 328 -8.08 -2.97 -22.17
C TYR B 328 -6.55 -3.12 -22.19
N ALA B 329 -6.07 -4.10 -22.96
CA ALA B 329 -4.64 -4.31 -23.17
C ALA B 329 -4.01 -3.07 -23.78
N HIS B 330 -4.73 -2.42 -24.68
CA HIS B 330 -4.26 -1.23 -25.36
C HIS B 330 -4.08 -0.10 -24.34
N VAL B 331 -5.11 0.12 -23.54
CA VAL B 331 -5.07 1.15 -22.53
C VAL B 331 -3.94 0.91 -21.53
N HIS B 332 -3.65 -0.34 -21.22
CA HIS B 332 -2.67 -0.65 -20.19
C HIS B 332 -1.32 -1.16 -20.72
N HIS B 333 -1.08 -1.00 -22.02
CA HIS B 333 0.22 -1.33 -22.62
C HIS B 333 0.61 -2.79 -22.48
N ILE B 334 -0.34 -3.65 -22.76
CA ILE B 334 -0.13 -5.08 -22.74
C ILE B 334 -0.17 -5.59 -24.19
N LYS B 335 0.77 -6.43 -24.55
CA LYS B 335 0.76 -7.06 -25.84
C LYS B 335 -0.29 -8.14 -25.92
N VAL B 336 -0.87 -8.30 -27.09
CA VAL B 336 -1.88 -9.34 -27.28
C VAL B 336 -1.34 -10.38 -28.24
N ILE B 337 -1.39 -11.65 -27.85
CA ILE B 337 -0.96 -12.72 -28.71
C ILE B 337 -2.03 -13.79 -28.51
N PRO B 338 -3.05 -13.81 -29.38
CA PRO B 338 -4.23 -14.60 -29.16
C PRO B 338 -3.91 -16.08 -29.19
N HIS B 339 -4.67 -16.83 -28.44
CA HIS B 339 -4.53 -18.27 -28.32
C HIS B 339 -5.21 -18.91 -29.55
N ALA B 340 -4.88 -20.14 -29.83
CA ALA B 340 -5.59 -20.87 -30.89
C ALA B 340 -5.67 -22.30 -30.45
N THR B 341 -6.68 -23.03 -30.91
CA THR B 341 -6.95 -24.34 -30.35
C THR B 341 -7.68 -25.28 -31.31
N ILE B 342 -8.22 -26.37 -30.75
CA ILE B 342 -9.03 -27.35 -31.47
C ILE B 342 -10.36 -26.74 -31.90
N GLY B 343 -10.67 -26.86 -33.20
CA GLY B 343 -11.95 -26.40 -33.74
C GLY B 343 -11.96 -26.36 -35.25
N ALA B 344 -13.15 -26.24 -35.83
CA ALA B 344 -13.32 -26.28 -37.29
C ALA B 344 -12.62 -25.12 -38.02
N GLY B 345 -12.64 -23.95 -37.41
CA GLY B 345 -11.96 -22.80 -37.97
C GLY B 345 -12.83 -21.57 -38.02
N ILE B 346 -14.08 -21.71 -37.55
CA ILE B 346 -15.04 -20.60 -37.52
C ILE B 346 -14.62 -19.59 -36.44
N PHE B 347 -14.41 -20.04 -35.21
CA PHE B 347 -13.90 -19.07 -34.21
C PHE B 347 -12.47 -18.61 -34.46
N LEU B 348 -11.66 -19.44 -35.11
CA LEU B 348 -10.32 -18.99 -35.52
C LEU B 348 -10.42 -17.83 -36.53
N ALA B 349 -11.29 -17.98 -37.53
CA ALA B 349 -11.56 -16.88 -38.47
C ALA B 349 -12.00 -15.61 -37.72
N ALA B 350 -12.91 -15.78 -36.78
CA ALA B 350 -13.31 -14.64 -35.93
C ALA B 350 -12.10 -14.03 -35.21
N SER B 351 -11.28 -14.89 -34.62
CA SER B 351 -10.05 -14.43 -33.96
C SER B 351 -9.20 -13.60 -34.90
N LEU B 352 -9.05 -14.08 -36.14
CA LEU B 352 -8.26 -13.35 -37.12
C LEU B 352 -8.87 -12.00 -37.48
N GLN B 353 -10.20 -11.95 -37.60
CA GLN B 353 -10.88 -10.68 -37.89
C GLN B 353 -10.66 -9.69 -36.75
N ALA B 354 -10.92 -10.13 -35.53
CA ALA B 354 -10.74 -9.26 -34.38
C ALA B 354 -9.28 -8.83 -34.31
N SER B 355 -8.39 -9.80 -34.47
CA SER B 355 -6.97 -9.50 -34.37
C SER B 355 -6.56 -8.44 -35.42
N ALA B 356 -7.18 -8.47 -36.60
CA ALA B 356 -6.86 -7.53 -37.67
C ALA B 356 -7.23 -6.09 -37.30
N ALA B 357 -8.15 -5.97 -36.35
CA ALA B 357 -8.65 -4.68 -35.89
C ALA B 357 -8.01 -4.16 -34.59
N LEU B 358 -7.23 -4.99 -33.91
CA LEU B 358 -6.62 -4.59 -32.62
C LEU B 358 -5.26 -3.96 -32.82
N ALA B 359 -5.04 -2.84 -32.16
CA ALA B 359 -3.74 -2.20 -32.23
C ALA B 359 -2.64 -3.11 -31.67
N ASN B 360 -2.91 -3.82 -30.59
CA ASN B 360 -1.80 -4.50 -29.90
C ASN B 360 -1.52 -5.95 -30.30
N VAL B 361 -2.05 -6.40 -31.44
CA VAL B 361 -1.74 -7.79 -31.85
C VAL B 361 -0.41 -7.87 -32.59
N ASP B 362 0.54 -8.58 -31.99
CA ASP B 362 1.88 -8.70 -32.53
C ASP B 362 2.02 -10.02 -33.32
N CYS B 363 1.30 -11.03 -32.85
CA CYS B 363 1.56 -12.40 -33.23
C CYS B 363 0.31 -13.16 -32.82
N HIS B 364 0.12 -14.38 -33.33
CA HIS B 364 -1.10 -15.18 -33.10
C HIS B 364 -0.67 -16.65 -33.14
N GLU B 365 -1.18 -17.46 -32.22
CA GLU B 365 -0.80 -18.85 -32.14
C GLU B 365 -1.30 -19.60 -33.37
N PHE B 366 -0.56 -20.62 -33.80
CA PHE B 366 -0.91 -21.43 -34.96
C PHE B 366 -0.86 -22.91 -34.60
N GLN B 367 -2.01 -23.53 -34.45
CA GLN B 367 -2.08 -24.96 -34.17
C GLN B 367 -1.95 -25.75 -35.48
N HIS B 368 -0.73 -25.88 -35.97
CA HIS B 368 -0.48 -26.56 -37.24
C HIS B 368 -1.16 -27.94 -37.37
N SER B 369 -1.20 -28.70 -36.28
CA SER B 369 -1.72 -30.07 -36.35
C SER B 369 -3.24 -30.10 -36.25
N ILE B 370 -3.85 -28.94 -36.20
CA ILE B 370 -5.30 -28.83 -36.28
C ILE B 370 -5.67 -28.08 -37.55
N PHE B 371 -5.06 -26.91 -37.72
CA PHE B 371 -5.35 -26.09 -38.87
C PHE B 371 -5.15 -26.86 -40.18
N GLU B 372 -4.05 -27.60 -40.24
CA GLU B 372 -3.66 -28.23 -41.50
C GLU B 372 -4.70 -29.19 -42.02
N PRO B 373 -5.01 -30.24 -41.25
CA PRO B 373 -6.00 -31.23 -41.72
C PRO B 373 -7.46 -30.73 -41.71
N ASN B 374 -7.70 -29.54 -41.15
CA ASN B 374 -9.07 -29.01 -41.07
C ASN B 374 -9.45 -28.05 -42.22
N ARG B 375 -8.53 -27.83 -43.14
CA ARG B 375 -8.79 -26.93 -44.27
C ARG B 375 -10.05 -27.32 -45.03
N ARG B 376 -10.28 -28.62 -45.13
CA ARG B 376 -11.37 -29.15 -45.90
C ARG B 376 -12.72 -28.71 -45.35
N LEU B 377 -12.73 -28.36 -44.08
CA LEU B 377 -13.98 -28.08 -43.37
C LEU B 377 -14.51 -26.66 -43.67
N LEU B 378 -13.67 -25.83 -44.27
CA LEU B 378 -14.01 -24.44 -44.48
C LEU B 378 -14.08 -24.07 -45.96
N VAL B 379 -14.96 -23.13 -46.29
CA VAL B 379 -14.88 -22.46 -47.57
C VAL B 379 -14.51 -21.03 -47.27
N GLY B 380 -13.54 -20.50 -48.00
CA GLY B 380 -13.09 -19.12 -47.79
C GLY B 380 -11.61 -19.08 -48.07
N ASP B 381 -10.97 -17.94 -47.85
CA ASP B 381 -9.54 -17.81 -48.16
C ASP B 381 -8.68 -17.56 -46.92
N MET B 382 -9.10 -18.10 -45.78
CA MET B 382 -8.24 -18.12 -44.61
C MET B 382 -7.07 -19.06 -44.90
N ASP B 383 -5.86 -18.63 -44.57
CA ASP B 383 -4.68 -19.48 -44.73
C ASP B 383 -3.60 -19.12 -43.71
N CYS B 384 -2.68 -20.05 -43.50
CA CYS B 384 -1.45 -19.78 -42.73
C CYS B 384 -0.25 -20.44 -43.40
N LEU B 385 0.71 -19.62 -43.80
CA LEU B 385 1.87 -20.13 -44.51
C LEU B 385 3.01 -19.13 -44.46
N ASN B 386 4.24 -19.64 -44.52
CA ASN B 386 5.41 -18.79 -44.52
C ASN B 386 5.38 -17.88 -43.29
N GLY B 387 4.94 -18.44 -42.17
CA GLY B 387 5.00 -17.74 -40.88
C GLY B 387 3.99 -16.64 -40.66
N GLU B 388 2.97 -16.58 -41.51
CA GLU B 388 1.92 -15.58 -41.39
C GLU B 388 0.54 -16.15 -41.64
N TYR B 389 -0.43 -15.72 -40.83
CA TYR B 389 -1.83 -15.95 -41.13
C TYR B 389 -2.25 -14.98 -42.22
N VAL B 390 -3.10 -15.46 -43.11
CA VAL B 390 -3.77 -14.62 -44.09
C VAL B 390 -5.18 -14.31 -43.56
N VAL B 391 -5.46 -13.04 -43.31
CA VAL B 391 -6.80 -12.66 -42.84
C VAL B 391 -7.83 -12.82 -43.96
N PRO B 392 -8.91 -13.59 -43.73
CA PRO B 392 -10.00 -13.80 -44.71
C PRO B 392 -10.51 -12.48 -45.30
N THR B 393 -10.94 -12.50 -46.56
CA THR B 393 -11.30 -11.23 -47.21
C THR B 393 -12.79 -10.98 -47.41
N GLY B 394 -13.61 -12.05 -47.41
CA GLY B 394 -15.05 -11.88 -47.67
C GLY B 394 -15.73 -10.98 -46.65
N PRO B 395 -17.02 -10.68 -46.86
CA PRO B 395 -17.86 -10.08 -45.84
C PRO B 395 -18.04 -10.98 -44.63
N GLY B 396 -18.25 -10.39 -43.46
CA GLY B 396 -18.43 -11.18 -42.25
C GLY B 396 -17.10 -11.77 -41.82
N LEU B 397 -17.13 -13.04 -41.42
CA LEU B 397 -15.89 -13.73 -41.02
C LEU B 397 -14.99 -13.98 -42.23
N GLY B 398 -15.61 -14.09 -43.39
CA GLY B 398 -14.89 -14.41 -44.62
C GLY B 398 -14.74 -15.91 -44.78
N VAL B 399 -15.40 -16.68 -43.92
CA VAL B 399 -15.37 -18.13 -44.00
CA VAL B 399 -15.35 -18.13 -43.95
C VAL B 399 -16.74 -18.72 -43.64
N GLU B 400 -16.97 -19.96 -44.05
CA GLU B 400 -18.20 -20.65 -43.69
C GLU B 400 -17.89 -22.14 -43.77
N PRO B 401 -18.66 -22.97 -43.07
CA PRO B 401 -18.45 -24.41 -43.08
C PRO B 401 -18.60 -25.01 -44.48
N SER B 402 -17.69 -25.88 -44.89
CA SER B 402 -17.81 -26.61 -46.18
C SER B 402 -19.04 -27.51 -46.19
N LYS B 403 -19.34 -28.11 -47.34
CA LYS B 403 -20.44 -29.08 -47.42
C LYS B 403 -20.08 -30.31 -46.59
N GLU B 404 -18.84 -30.75 -46.67
CA GLU B 404 -18.41 -31.88 -45.85
C GLU B 404 -18.67 -31.59 -44.37
N ALA B 405 -18.25 -30.40 -43.92
CA ALA B 405 -18.46 -30.02 -42.52
C ALA B 405 -19.95 -30.05 -42.18
N GLN B 406 -20.76 -29.49 -43.07
CA GLN B 406 -22.19 -29.41 -42.81
C GLN B 406 -22.83 -30.79 -42.81
N GLY B 407 -22.35 -31.66 -43.68
CA GLY B 407 -22.85 -33.03 -43.72
C GLY B 407 -22.54 -33.77 -42.44
N LEU B 408 -21.39 -33.48 -41.83
CA LEU B 408 -20.99 -34.10 -40.57
C LEU B 408 -21.70 -33.53 -39.33
N LEU B 409 -22.38 -32.40 -39.47
CA LEU B 409 -22.95 -31.71 -38.31
C LEU B 409 -24.02 -32.55 -37.69
N LYS B 410 -23.99 -32.66 -36.36
CA LYS B 410 -25.03 -33.38 -35.63
C LYS B 410 -25.85 -32.37 -34.84
N LYS B 411 -27.12 -32.24 -35.18
CA LYS B 411 -27.96 -31.25 -34.55
C LYS B 411 -28.41 -31.64 -33.16
N HIS B 412 -28.57 -30.64 -32.32
CA HIS B 412 -29.06 -30.83 -30.98
C HIS B 412 -30.59 -30.86 -30.99
N SER C 25 -13.56 0.00 -52.60
CA SER C 25 -14.60 0.89 -52.00
C SER C 25 -14.07 2.31 -51.83
N ASP C 26 -14.85 3.17 -51.20
CA ASP C 26 -14.63 4.60 -51.23
C ASP C 26 -13.47 5.09 -50.33
N ARG C 27 -12.79 6.16 -50.73
CA ARG C 27 -11.65 6.71 -49.95
C ARG C 27 -11.80 8.19 -49.75
N VAL C 28 -11.15 8.71 -48.72
CA VAL C 28 -11.21 10.16 -48.48
C VAL C 28 -10.48 10.88 -49.61
N LYS C 29 -11.10 11.94 -50.10
CA LYS C 29 -10.57 12.67 -51.24
C LYS C 29 -10.10 14.05 -50.80
N LYS C 30 -10.89 14.73 -49.98
CA LYS C 30 -10.48 16.05 -49.53
C LYS C 30 -11.05 16.42 -48.17
N ILE C 31 -10.48 17.45 -47.56
CA ILE C 31 -10.83 17.85 -46.20
C ILE C 31 -10.72 19.35 -46.05
N GLU C 32 -11.79 19.98 -45.60
CA GLU C 32 -11.74 21.41 -45.36
C GLU C 32 -12.17 21.67 -43.94
N SER C 33 -11.74 22.80 -43.40
CA SER C 33 -12.14 23.21 -42.08
C SER C 33 -12.60 24.67 -42.10
N PHE C 34 -13.56 24.98 -41.22
CA PHE C 34 -14.21 26.28 -41.23
C PHE C 34 -14.47 26.65 -39.79
N THR C 35 -14.81 27.92 -39.56
CA THR C 35 -15.42 28.35 -38.31
C THR C 35 -16.83 28.76 -38.62
N LEU C 36 -17.66 28.71 -37.60
CA LEU C 36 -19.04 29.04 -37.73
C LEU C 36 -19.38 29.79 -36.47
N THR C 37 -19.88 31.00 -36.61
CA THR C 37 -20.21 31.80 -35.47
C THR C 37 -21.66 31.59 -35.06
N LEU C 38 -21.85 30.82 -34.00
CA LEU C 38 -23.18 30.52 -33.48
C LEU C 38 -23.71 31.73 -32.71
N PRO C 39 -25.02 32.02 -32.84
CA PRO C 39 -25.62 33.19 -32.22
C PRO C 39 -26.07 32.88 -30.80
N ARG C 40 -25.83 33.79 -29.87
CA ARG C 40 -26.26 33.57 -28.49
C ARG C 40 -27.62 34.23 -28.19
N GLY C 51 -15.31 46.14 -15.17
CA GLY C 51 -13.91 45.82 -15.44
C GLY C 51 -13.71 44.51 -16.18
N GLU C 52 -14.68 44.12 -16.99
CA GLU C 52 -14.58 42.90 -17.80
C GLU C 52 -14.93 43.12 -19.27
N GLU C 53 -14.63 44.31 -19.78
CA GLU C 53 -14.85 44.65 -21.18
C GLU C 53 -14.05 43.73 -22.10
N PRO C 54 -14.70 43.14 -23.12
CA PRO C 54 -13.92 42.34 -24.06
C PRO C 54 -12.73 43.14 -24.57
N ASN C 55 -11.63 42.47 -24.91
CA ASN C 55 -10.47 43.16 -25.46
C ASN C 55 -10.61 43.38 -26.96
N GLY C 56 -9.59 43.97 -27.57
CA GLY C 56 -9.59 44.27 -28.99
C GLY C 56 -10.04 43.10 -29.82
N ARG C 57 -9.43 41.93 -29.58
CA ARG C 57 -9.73 40.76 -30.40
CA ARG C 57 -9.69 40.72 -30.36
C ARG C 57 -10.99 40.02 -29.96
N GLY C 58 -11.72 40.60 -29.01
CA GLY C 58 -13.02 40.03 -28.57
C GLY C 58 -13.03 39.07 -27.39
N TYR C 59 -11.93 39.04 -26.61
CA TYR C 59 -11.83 38.18 -25.42
C TYR C 59 -11.90 38.96 -24.11
N LEU C 60 -12.61 38.41 -23.13
CA LEU C 60 -12.68 39.01 -21.80
C LEU C 60 -12.43 37.95 -20.72
N VAL C 61 -11.81 38.37 -19.61
CA VAL C 61 -11.54 37.46 -18.50
C VAL C 61 -12.52 37.65 -17.36
N ARG C 62 -12.99 36.56 -16.81
CA ARG C 62 -13.89 36.66 -15.70
C ARG C 62 -13.05 36.66 -14.45
N LYS C 63 -13.16 37.73 -13.69
CA LYS C 63 -12.27 37.95 -12.57
C LYS C 63 -12.42 36.81 -11.59
N ALA C 64 -13.63 36.34 -11.43
CA ALA C 64 -13.88 35.30 -10.46
C ALA C 64 -13.08 34.06 -10.78
N ASN C 65 -13.08 33.64 -12.03
CA ASN C 65 -12.43 32.37 -12.36
C ASN C 65 -11.15 32.43 -13.21
N ARG C 66 -10.74 33.63 -13.59
CA ARG C 66 -9.47 33.82 -14.27
C ARG C 66 -9.48 33.11 -15.61
N THR C 67 -10.66 32.85 -16.15
CA THR C 67 -10.79 32.11 -17.39
C THR C 67 -11.22 33.09 -18.48
N VAL C 68 -10.72 32.86 -19.69
CA VAL C 68 -11.03 33.73 -20.81
C VAL C 68 -12.29 33.26 -21.55
N TYR C 69 -13.11 34.21 -21.99
CA TYR C 69 -14.26 33.91 -22.82
C TYR C 69 -14.32 34.81 -24.04
N PRO C 70 -14.90 34.31 -25.14
CA PRO C 70 -15.21 35.12 -26.31
C PRO C 70 -16.57 35.80 -26.07
N THR C 71 -16.89 36.86 -26.81
CA THR C 71 -18.21 37.50 -26.66
C THR C 71 -19.18 36.93 -27.68
N PHE C 72 -18.63 36.29 -28.68
CA PHE C 72 -19.43 35.57 -29.62
C PHE C 72 -19.04 34.11 -29.66
N ASP C 73 -20.02 33.23 -29.60
CA ASP C 73 -19.81 31.78 -29.70
C ASP C 73 -19.32 31.36 -31.07
N ARG C 74 -18.47 30.33 -31.09
CA ARG C 74 -17.78 29.96 -32.29
C ARG C 74 -17.37 28.50 -32.21
N SER C 75 -17.58 27.73 -33.26
CA SER C 75 -16.98 26.42 -33.26
C SER C 75 -16.31 26.13 -34.59
N VAL C 76 -15.52 25.06 -34.60
CA VAL C 76 -14.77 24.68 -35.78
C VAL C 76 -15.44 23.46 -36.39
N LEU C 77 -15.64 23.51 -37.70
CA LEU C 77 -16.28 22.42 -38.40
C LEU C 77 -15.37 21.90 -39.48
N VAL C 78 -15.49 20.62 -39.73
CA VAL C 78 -14.69 19.93 -40.71
C VAL C 78 -15.62 19.25 -41.71
N ARG C 79 -15.26 19.34 -43.00
CA ARG C 79 -16.05 18.72 -44.05
C ARG C 79 -15.15 17.80 -44.83
N ILE C 80 -15.54 16.53 -44.86
CA ILE C 80 -14.74 15.51 -45.52
C ILE C 80 -15.51 14.85 -46.65
N GLU C 81 -14.95 14.89 -47.86
CA GLU C 81 -15.59 14.28 -49.01
C GLU C 81 -14.76 13.13 -49.53
N THR C 82 -15.45 12.06 -49.92
CA THR C 82 -14.78 10.91 -50.51
C THR C 82 -14.67 11.01 -52.02
N GLU C 83 -13.89 10.10 -52.58
CA GLU C 83 -13.77 9.96 -54.02
C GLU C 83 -15.15 9.83 -54.71
N ASN C 84 -16.11 9.20 -54.05
CA ASN C 84 -17.41 8.95 -54.70
C ASN C 84 -18.49 9.95 -54.36
N GLY C 85 -18.12 11.07 -53.74
CA GLY C 85 -19.09 12.11 -53.45
C GLY C 85 -19.77 12.09 -52.07
N ALA C 86 -19.54 11.04 -51.29
CA ALA C 86 -20.07 11.03 -49.91
C ALA C 86 -19.40 12.12 -49.07
N VAL C 87 -20.19 12.73 -48.18
CA VAL C 87 -19.72 13.83 -47.35
C VAL C 87 -20.00 13.57 -45.87
N GLY C 88 -19.00 13.83 -45.03
CA GLY C 88 -19.13 13.68 -43.59
C GLY C 88 -18.81 14.99 -42.90
N TRP C 89 -19.43 15.20 -41.75
CA TRP C 89 -19.24 16.43 -41.01
C TRP C 89 -18.71 16.17 -39.60
N GLY C 90 -17.73 16.96 -39.21
CA GLY C 90 -17.15 16.89 -37.88
C GLY C 90 -17.18 18.27 -37.28
N GLU C 91 -17.06 18.33 -35.95
CA GLU C 91 -17.06 19.59 -35.22
C GLU C 91 -16.18 19.46 -33.97
N THR C 92 -15.58 20.58 -33.56
CA THR C 92 -14.83 20.62 -32.31
C THR C 92 -14.93 22.05 -31.81
N TYR C 93 -14.33 22.32 -30.66
CA TYR C 93 -14.35 23.67 -30.08
C TYR C 93 -13.67 24.69 -30.99
N GLY C 94 -14.19 25.90 -30.97
CA GLY C 94 -13.64 27.01 -31.72
C GLY C 94 -13.71 28.28 -30.89
N LEU C 95 -13.87 28.13 -29.57
CA LEU C 95 -14.08 29.31 -28.71
C LEU C 95 -12.93 30.33 -28.74
N VAL C 96 -11.71 29.84 -28.62
CA VAL C 96 -10.52 30.65 -28.53
C VAL C 96 -9.49 30.20 -29.56
N ALA C 97 -8.85 31.15 -30.25
CA ALA C 97 -7.88 30.82 -31.30
C ALA C 97 -8.25 29.60 -32.17
N PRO C 98 -9.44 29.62 -32.81
CA PRO C 98 -9.86 28.47 -33.64
C PRO C 98 -8.95 28.24 -34.85
N ARG C 99 -8.22 29.27 -35.27
CA ARG C 99 -7.39 29.13 -36.46
C ARG C 99 -6.17 28.24 -36.17
N ALA C 100 -5.81 28.13 -34.90
CA ALA C 100 -4.77 27.19 -34.48
C ALA C 100 -5.25 25.77 -34.74
N THR C 101 -6.47 25.47 -34.32
CA THR C 101 -7.06 24.13 -34.58
C THR C 101 -7.12 23.81 -36.09
N MET C 102 -7.71 24.71 -36.88
CA MET C 102 -7.79 24.53 -38.35
C MET C 102 -6.40 24.40 -38.98
N GLU C 103 -5.43 25.13 -38.46
CA GLU C 103 -4.05 25.00 -38.92
C GLU C 103 -3.54 23.57 -38.74
N ILE C 104 -3.76 23.01 -37.55
CA ILE C 104 -3.31 21.64 -37.31
C ILE C 104 -3.99 20.68 -38.29
N ILE C 105 -5.28 20.91 -38.53
CA ILE C 105 -6.03 20.07 -39.45
C ILE C 105 -5.49 20.19 -40.89
N ASP C 106 -5.40 21.42 -41.36
CA ASP C 106 -5.01 21.70 -42.75
C ASP C 106 -3.53 21.43 -43.01
N ASP C 107 -2.67 21.94 -42.13
CA ASP C 107 -1.23 21.79 -42.32
C ASP C 107 -0.71 20.35 -42.13
N LEU C 108 -1.25 19.64 -41.15
CA LEU C 108 -0.72 18.31 -40.83
C LEU C 108 -1.68 17.14 -41.04
N LEU C 109 -2.85 17.20 -40.39
CA LEU C 109 -3.73 16.03 -40.32
C LEU C 109 -4.39 15.64 -41.65
N ALA C 110 -4.85 16.62 -42.40
CA ALA C 110 -5.60 16.32 -43.62
C ALA C 110 -4.80 15.41 -44.57
N ASP C 111 -3.57 15.79 -44.85
CA ASP C 111 -2.76 15.07 -45.83
C ASP C 111 -2.50 13.62 -45.45
N PHE C 112 -2.61 13.28 -44.16
CA PHE C 112 -2.39 11.91 -43.76
C PHE C 112 -3.70 11.13 -43.69
N THR C 113 -4.81 11.85 -43.81
CA THR C 113 -6.14 11.26 -43.80
C THR C 113 -6.61 10.97 -45.23
N ILE C 114 -6.32 11.90 -46.12
CA ILE C 114 -6.68 11.75 -47.53
C ILE C 114 -6.18 10.41 -48.03
N GLY C 115 -7.04 9.66 -48.68
CA GLY C 115 -6.64 8.37 -49.23
C GLY C 115 -7.05 7.19 -48.37
N ARG C 116 -7.43 7.46 -47.12
CA ARG C 116 -7.82 6.39 -46.21
C ARG C 116 -9.31 6.05 -46.29
N ASP C 117 -9.66 4.86 -45.81
CA ASP C 117 -11.04 4.39 -45.78
C ASP C 117 -11.74 4.84 -44.48
N PRO C 118 -12.92 5.47 -44.59
CA PRO C 118 -13.65 5.88 -43.38
C PRO C 118 -14.03 4.73 -42.44
N PHE C 119 -14.25 3.53 -42.96
CA PHE C 119 -14.43 2.36 -42.07
C PHE C 119 -13.21 2.05 -41.14
N ASP C 120 -12.09 2.74 -41.37
CA ASP C 120 -10.90 2.59 -40.54
C ASP C 120 -10.78 3.75 -39.57
N ALA C 121 -11.90 4.41 -39.26
CA ALA C 121 -11.84 5.62 -38.46
C ALA C 121 -11.03 5.53 -37.15
N ALA C 122 -11.21 4.45 -36.39
CA ALA C 122 -10.50 4.34 -35.10
C ALA C 122 -9.01 4.08 -35.34
N ALA C 123 -8.71 3.32 -36.40
CA ALA C 123 -7.33 3.00 -36.74
C ALA C 123 -6.64 4.26 -37.24
N ILE C 124 -7.32 5.01 -38.09
CA ILE C 124 -6.84 6.31 -38.50
C ILE C 124 -6.57 7.21 -37.30
N HIS C 125 -7.49 7.24 -36.35
CA HIS C 125 -7.31 8.12 -35.21
C HIS C 125 -6.00 7.80 -34.48
N ASP C 126 -5.70 6.51 -34.33
CA ASP C 126 -4.49 6.12 -33.62
C ASP C 126 -3.22 6.53 -34.40
N ASP C 127 -3.27 6.37 -35.73
CA ASP C 127 -2.16 6.76 -36.59
C ASP C 127 -1.88 8.26 -36.52
N LEU C 128 -2.95 9.05 -36.49
CA LEU C 128 -2.84 10.51 -36.45
C LEU C 128 -2.37 11.00 -35.10
N TYR C 129 -2.87 10.34 -34.06
CA TYR C 129 -2.39 10.61 -32.70
C TYR C 129 -0.90 10.29 -32.61
N ASP C 130 -0.47 9.19 -33.21
CA ASP C 130 0.94 8.81 -33.14
C ASP C 130 1.91 9.81 -33.79
N LEU C 131 1.42 10.64 -34.69
CA LEU C 131 2.28 11.49 -35.48
C LEU C 131 3.08 12.41 -34.59
N MET C 132 2.46 12.87 -33.52
CA MET C 132 3.06 13.88 -32.66
C MET C 132 3.18 13.49 -31.18
N ARG C 133 2.91 12.24 -30.84
CA ARG C 133 2.82 11.87 -29.41
C ARG C 133 4.16 11.99 -28.67
N VAL C 134 5.26 11.55 -29.30
CA VAL C 134 6.55 11.58 -28.62
C VAL C 134 7.04 13.00 -28.33
N ARG C 135 6.37 14.01 -28.88
CA ARG C 135 6.73 15.39 -28.53
C ARG C 135 5.79 16.01 -27.51
N GLY C 136 4.82 15.21 -27.06
CA GLY C 136 3.91 15.68 -26.00
C GLY C 136 2.68 16.45 -26.45
N TYR C 137 2.32 16.34 -27.72
CA TYR C 137 1.12 16.95 -28.24
C TYR C 137 0.00 15.91 -28.16
N THR C 138 -0.47 15.64 -26.95
CA THR C 138 -1.36 14.51 -26.71
C THR C 138 -2.67 14.97 -26.11
N GLY C 139 -2.94 16.27 -26.19
CA GLY C 139 -4.18 16.83 -25.66
C GLY C 139 -4.58 18.11 -26.36
N GLY C 140 -5.08 19.05 -25.55
CA GLY C 140 -5.42 20.39 -25.99
C GLY C 140 -5.92 20.53 -27.41
N PHE C 141 -5.31 21.45 -28.16
CA PHE C 141 -5.71 21.73 -29.53
C PHE C 141 -5.52 20.52 -30.45
N TYR C 142 -4.47 19.76 -30.20
CA TYR C 142 -4.17 18.64 -31.08
C TYR C 142 -5.29 17.61 -31.10
N VAL C 143 -5.83 17.30 -29.93
CA VAL C 143 -6.89 16.27 -29.90
C VAL C 143 -8.23 16.89 -30.33
N ASP C 144 -8.47 18.17 -30.02
CA ASP C 144 -9.63 18.88 -30.61
C ASP C 144 -9.63 18.63 -32.11
N ALA C 145 -8.50 18.92 -32.74
CA ALA C 145 -8.36 18.71 -34.17
C ALA C 145 -8.63 17.25 -34.57
N LEU C 146 -8.01 16.31 -33.87
CA LEU C 146 -8.27 14.89 -34.11
C LEU C 146 -9.77 14.60 -33.98
N ALA C 147 -10.41 15.25 -33.02
CA ALA C 147 -11.82 14.99 -32.73
C ALA C 147 -12.74 15.36 -33.90
N ALA C 148 -12.57 16.55 -34.46
CA ALA C 148 -13.37 17.01 -35.60
C ALA C 148 -13.27 16.01 -36.76
N ILE C 149 -12.05 15.54 -37.02
CA ILE C 149 -11.80 14.64 -38.14
C ILE C 149 -12.41 13.26 -37.90
N ASP C 150 -12.22 12.78 -36.68
CA ASP C 150 -12.77 11.50 -36.26
C ASP C 150 -14.29 11.47 -36.46
N ILE C 151 -14.97 12.51 -35.98
CA ILE C 151 -16.43 12.60 -36.06
C ILE C 151 -16.91 12.51 -37.52
N ALA C 152 -16.31 13.33 -38.39
CA ALA C 152 -16.60 13.29 -39.82
C ALA C 152 -16.33 11.92 -40.44
N LEU C 153 -15.25 11.25 -40.03
CA LEU C 153 -15.01 9.92 -40.57
C LEU C 153 -16.08 8.90 -40.15
N TRP C 154 -16.54 9.00 -38.90
CA TRP C 154 -17.59 8.08 -38.41
C TRP C 154 -18.91 8.41 -39.11
N ASP C 155 -19.16 9.70 -39.29
CA ASP C 155 -20.32 10.13 -40.07
C ASP C 155 -20.30 9.43 -41.44
N LEU C 156 -19.16 9.48 -42.12
CA LEU C 156 -19.02 8.83 -43.42
C LEU C 156 -19.22 7.31 -43.38
N ALA C 157 -18.68 6.65 -42.36
CA ALA C 157 -18.84 5.21 -42.24
C ALA C 157 -20.32 4.85 -42.13
N GLY C 158 -21.06 5.58 -41.32
CA GLY C 158 -22.50 5.37 -41.24
C GLY C 158 -23.22 5.56 -42.57
N LYS C 159 -22.98 6.70 -43.21
CA LYS C 159 -23.62 7.00 -44.50
C LYS C 159 -23.26 5.99 -45.57
N LEU C 160 -22.00 5.55 -45.59
CA LEU C 160 -21.59 4.56 -46.57
C LEU C 160 -22.21 3.18 -46.31
N ALA C 161 -22.54 2.90 -45.06
CA ALA C 161 -23.08 1.59 -44.71
C ALA C 161 -24.61 1.61 -44.65
N GLY C 162 -25.20 2.80 -44.63
CA GLY C 162 -26.63 2.91 -44.50
C GLY C 162 -27.11 2.76 -43.06
N LEU C 163 -26.24 3.10 -42.10
CA LEU C 163 -26.46 2.85 -40.67
C LEU C 163 -26.26 4.11 -39.80
N PRO C 164 -27.05 4.25 -38.73
CA PRO C 164 -26.70 5.24 -37.71
C PRO C 164 -25.36 4.85 -37.13
N VAL C 165 -24.62 5.81 -36.59
CA VAL C 165 -23.28 5.48 -36.10
C VAL C 165 -23.32 4.49 -34.93
N CYS C 166 -24.35 4.58 -34.08
CA CYS C 166 -24.47 3.64 -32.95
C CYS C 166 -24.55 2.20 -33.42
N LYS C 167 -25.03 1.99 -34.64
CA LYS C 167 -25.08 0.63 -35.21
C LYS C 167 -23.73 0.18 -35.71
N LEU C 168 -22.74 1.08 -35.70
CA LEU C 168 -21.35 0.71 -35.99
C LEU C 168 -20.49 0.62 -34.72
N LEU C 169 -21.10 0.83 -33.56
CA LEU C 169 -20.37 0.89 -32.30
C LEU C 169 -20.80 -0.25 -31.36
N GLY C 170 -21.40 -1.29 -31.91
CA GLY C 170 -21.80 -2.44 -31.09
C GLY C 170 -23.29 -2.54 -30.88
N GLY C 171 -24.02 -1.49 -31.20
CA GLY C 171 -25.49 -1.54 -31.23
C GLY C 171 -26.20 -0.41 -30.53
N GLN C 172 -27.48 -0.25 -30.84
CA GLN C 172 -28.25 0.82 -30.23
C GLN C 172 -28.92 0.30 -28.95
N ARG C 173 -28.63 0.90 -27.81
CA ARG C 173 -29.18 0.39 -26.56
C ARG C 173 -30.43 1.18 -26.16
N ARG C 174 -30.65 2.31 -26.81
CA ARG C 174 -31.76 3.18 -26.42
C ARG C 174 -31.97 4.22 -27.51
N ASP C 175 -33.18 4.75 -27.63
CA ASP C 175 -33.37 5.81 -28.63
C ASP C 175 -33.77 7.14 -28.01
N ARG C 176 -33.83 7.16 -26.69
CA ARG C 176 -34.03 8.39 -25.92
C ARG C 176 -33.03 8.38 -24.78
N ILE C 177 -32.56 9.55 -24.39
CA ILE C 177 -31.59 9.65 -23.30
C ILE C 177 -32.04 10.79 -22.42
N ALA C 178 -32.22 10.54 -21.14
CA ALA C 178 -32.67 11.55 -20.20
C ALA C 178 -31.72 12.72 -20.24
N ALA C 179 -32.23 13.91 -19.94
CA ALA C 179 -31.40 15.11 -20.00
C ALA C 179 -31.52 15.90 -18.72
N TYR C 180 -30.44 16.53 -18.29
CA TYR C 180 -30.56 17.35 -17.11
C TYR C 180 -30.21 18.79 -17.44
N ILE C 181 -30.88 19.71 -16.75
CA ILE C 181 -30.68 21.13 -16.99
C ILE C 181 -29.28 21.54 -16.55
N SER C 182 -28.47 21.90 -17.53
CA SER C 182 -27.05 22.22 -17.36
C SER C 182 -26.76 23.27 -16.30
N GLY C 183 -27.55 24.33 -16.27
CA GLY C 183 -27.31 25.43 -15.33
C GLY C 183 -28.48 26.38 -15.17
N LEU C 184 -28.34 27.38 -14.29
CA LEU C 184 -29.43 28.30 -13.99
C LEU C 184 -28.95 29.74 -13.98
N PRO C 185 -28.79 30.33 -15.18
CA PRO C 185 -28.28 31.68 -15.41
C PRO C 185 -29.24 32.79 -14.97
N GLU C 186 -29.28 33.06 -13.66
CA GLU C 186 -30.09 34.14 -13.10
C GLU C 186 -29.38 34.72 -11.87
N ASP C 187 -29.58 36.01 -11.63
CA ASP C 187 -28.78 36.74 -10.63
C ASP C 187 -29.22 36.57 -9.17
N THR C 188 -30.41 36.00 -8.92
CA THR C 188 -30.83 35.76 -7.54
C THR C 188 -31.31 34.35 -7.29
N ARG C 189 -31.17 33.92 -6.05
CA ARG C 189 -31.55 32.60 -5.63
C ARG C 189 -33.01 32.33 -5.98
N ALA C 190 -33.87 33.28 -5.62
CA ALA C 190 -35.30 33.14 -5.85
C ALA C 190 -35.60 32.97 -7.34
N LYS C 191 -34.86 33.69 -8.19
CA LYS C 191 -35.10 33.68 -9.63
C LYS C 191 -34.56 32.42 -10.30
N ARG C 192 -33.50 31.86 -9.72
CA ARG C 192 -32.94 30.63 -10.22
C ARG C 192 -33.92 29.50 -9.93
N ALA C 193 -34.50 29.50 -8.73
CA ALA C 193 -35.54 28.53 -8.37
C ALA C 193 -36.72 28.58 -9.34
N GLU C 194 -37.14 29.79 -9.74
CA GLU C 194 -38.25 29.91 -10.68
C GLU C 194 -37.89 29.43 -12.09
N LEU C 195 -36.66 29.69 -12.51
CA LEU C 195 -36.17 29.16 -13.77
C LEU C 195 -36.24 27.62 -13.78
N ALA C 196 -35.73 27.00 -12.72
CA ALA C 196 -35.75 25.55 -12.64
C ALA C 196 -37.19 25.03 -12.73
N ALA C 197 -38.07 25.58 -11.90
CA ALA C 197 -39.50 25.18 -11.88
C ALA C 197 -40.14 25.32 -13.24
N ALA C 198 -39.77 26.38 -13.95
CA ALA C 198 -40.19 26.56 -15.33
C ALA C 198 -39.71 25.39 -16.17
N TRP C 199 -38.49 24.92 -15.89
CA TRP C 199 -37.97 23.77 -16.62
C TRP C 199 -38.63 22.48 -16.18
N GLN C 200 -38.79 22.31 -14.87
CA GLN C 200 -39.50 21.16 -14.30
C GLN C 200 -40.88 21.02 -14.95
N ALA C 201 -41.48 22.15 -15.30
CA ALA C 201 -42.80 22.15 -15.90
C ALA C 201 -42.77 21.63 -17.33
N LYS C 202 -41.58 21.57 -17.92
CA LYS C 202 -41.44 21.05 -19.28
C LYS C 202 -41.01 19.58 -19.34
N GLY C 203 -40.99 18.91 -18.19
CA GLY C 203 -40.73 17.48 -18.17
C GLY C 203 -39.36 17.11 -17.65
N PHE C 204 -38.54 18.10 -17.32
CA PHE C 204 -37.20 17.85 -16.75
C PHE C 204 -37.27 17.59 -15.27
N SER C 205 -36.50 16.60 -14.80
CA SER C 205 -36.51 16.26 -13.39
C SER C 205 -35.10 16.08 -12.85
N SER C 206 -34.11 16.55 -13.61
CA SER C 206 -32.72 16.56 -13.18
C SER C 206 -32.06 17.92 -13.48
N PHE C 207 -31.32 18.44 -12.52
CA PHE C 207 -30.75 19.79 -12.64
C PHE C 207 -29.34 19.88 -12.03
N LYS C 208 -28.57 20.83 -12.54
CA LYS C 208 -27.26 21.14 -12.01
C LYS C 208 -27.15 22.66 -11.83
N PHE C 209 -26.48 23.12 -10.79
CA PHE C 209 -26.19 24.55 -10.67
C PHE C 209 -24.70 24.76 -10.41
N ALA C 210 -24.19 25.93 -10.69
CA ALA C 210 -22.80 26.24 -10.50
C ALA C 210 -22.56 26.93 -9.19
N SER C 211 -21.60 26.46 -8.42
CA SER C 211 -21.34 26.95 -7.09
C SER C 211 -20.93 28.40 -7.06
N PRO C 212 -20.18 28.79 -8.16
CA PRO C 212 -19.82 30.21 -8.17
C PRO C 212 -21.02 31.14 -8.18
N VAL C 213 -22.08 30.73 -8.84
CA VAL C 213 -23.33 31.48 -8.93
C VAL C 213 -24.00 31.67 -7.60
N ALA C 214 -23.91 30.68 -6.74
CA ALA C 214 -24.62 30.72 -5.46
C ALA C 214 -24.05 31.79 -4.53
N ASP C 215 -24.38 33.05 -4.81
CA ASP C 215 -23.91 34.17 -4.01
C ASP C 215 -24.40 34.10 -2.56
N ASP C 216 -25.25 33.11 -2.27
CA ASP C 216 -25.78 32.90 -0.92
C ASP C 216 -25.14 31.70 -0.22
N GLY C 217 -24.25 31.00 -0.92
CA GLY C 217 -23.64 29.79 -0.37
C GLY C 217 -24.37 28.57 -0.90
N VAL C 218 -23.64 27.48 -1.07
CA VAL C 218 -24.20 26.27 -1.67
C VAL C 218 -25.29 25.63 -0.84
N ALA C 219 -25.17 25.69 0.50
CA ALA C 219 -26.18 25.11 1.38
C ALA C 219 -27.57 25.74 1.18
N LYS C 220 -27.62 27.07 1.19
CA LYS C 220 -28.88 27.79 1.00
C LYS C 220 -29.46 27.57 -0.40
N GLU C 221 -28.59 27.56 -1.40
CA GLU C 221 -29.00 27.28 -2.79
C GLU C 221 -29.69 25.91 -2.90
N MET C 222 -29.10 24.89 -2.33
CA MET C 222 -29.68 23.57 -2.38
C MET C 222 -30.99 23.53 -1.64
N GLU C 223 -31.00 24.12 -0.46
CA GLU C 223 -32.19 24.20 0.37
C GLU C 223 -33.39 24.77 -0.41
N ILE C 224 -33.16 25.88 -1.13
CA ILE C 224 -34.24 26.56 -1.86
C ILE C 224 -34.66 25.80 -3.10
N LEU C 225 -33.69 25.22 -3.79
CA LEU C 225 -34.00 24.44 -4.97
C LEU C 225 -34.76 23.20 -4.55
N ARG C 226 -34.34 22.61 -3.44
CA ARG C 226 -34.99 21.39 -2.95
C ARG C 226 -36.45 21.66 -2.57
N GLU C 227 -36.68 22.81 -1.95
CA GLU C 227 -38.02 23.26 -1.57
C GLU C 227 -38.89 23.49 -2.80
N ARG C 228 -38.43 24.37 -3.68
CA ARG C 228 -39.20 24.71 -4.85
C ARG C 228 -39.58 23.51 -5.70
N LEU C 229 -38.63 22.61 -5.92
CA LEU C 229 -38.80 21.51 -6.87
C LEU C 229 -39.33 20.24 -6.24
N GLY C 230 -39.22 20.14 -4.92
CA GLY C 230 -39.69 18.95 -4.21
C GLY C 230 -38.62 17.89 -4.12
N PRO C 231 -38.97 16.74 -3.54
CA PRO C 231 -38.02 15.70 -3.18
C PRO C 231 -37.77 14.64 -4.27
N ALA C 232 -38.49 14.69 -5.39
CA ALA C 232 -38.32 13.68 -6.46
C ALA C 232 -37.14 13.98 -7.40
N VAL C 233 -36.93 15.26 -7.71
CA VAL C 233 -35.93 15.69 -8.67
C VAL C 233 -34.48 15.48 -8.20
N ARG C 234 -33.58 15.36 -9.16
CA ARG C 234 -32.16 15.24 -8.89
C ARG C 234 -31.50 16.61 -9.08
N ILE C 235 -30.64 16.98 -8.14
CA ILE C 235 -29.96 18.27 -8.19
C ILE C 235 -28.45 18.11 -7.95
N ALA C 236 -27.65 18.45 -8.95
CA ALA C 236 -26.20 18.31 -8.81
C ALA C 236 -25.57 19.69 -8.71
N CYS C 237 -24.31 19.72 -8.29
CA CYS C 237 -23.54 20.99 -8.19
C CYS C 237 -22.21 20.93 -8.92
N ASP C 238 -22.00 21.85 -9.85
CA ASP C 238 -20.72 21.96 -10.53
C ASP C 238 -19.85 22.95 -9.74
N MET C 239 -18.83 22.43 -9.09
CA MET C 239 -18.02 23.24 -8.19
C MET C 239 -16.92 24.05 -8.90
N HIS C 240 -16.76 23.82 -10.19
CA HIS C 240 -15.80 24.57 -11.02
C HIS C 240 -14.34 24.64 -10.54
N TRP C 241 -13.80 23.51 -10.08
CA TRP C 241 -12.34 23.32 -9.94
C TRP C 241 -11.61 24.04 -8.81
N ALA C 242 -11.92 25.32 -8.60
CA ALA C 242 -11.10 26.18 -7.76
C ALA C 242 -11.27 25.93 -6.27
N HIS C 243 -10.95 24.73 -5.84
CA HIS C 243 -11.04 24.35 -4.43
C HIS C 243 -9.89 23.40 -4.07
N THR C 244 -9.40 23.48 -2.83
CA THR C 244 -8.58 22.41 -2.26
C THR C 244 -9.52 21.27 -1.88
N ALA C 245 -8.98 20.09 -1.61
CA ALA C 245 -9.83 18.95 -1.29
C ALA C 245 -10.60 19.24 -0.02
N SER C 246 -9.96 19.91 0.93
CA SER C 246 -10.61 20.15 2.21
C SER C 246 -11.75 21.16 2.08
N GLU C 247 -11.55 22.22 1.29
CA GLU C 247 -12.64 23.14 1.00
C GLU C 247 -13.80 22.44 0.28
N ALA C 248 -13.47 21.64 -0.72
CA ALA C 248 -14.48 20.94 -1.47
C ALA C 248 -15.33 20.08 -0.54
N VAL C 249 -14.68 19.35 0.35
CA VAL C 249 -15.40 18.42 1.22
C VAL C 249 -16.40 19.13 2.11
N ALA C 250 -16.01 20.28 2.65
CA ALA C 250 -16.89 21.04 3.52
C ALA C 250 -18.09 21.56 2.74
N LEU C 251 -17.87 22.03 1.52
CA LEU C 251 -19.02 22.46 0.70
C LEU C 251 -19.95 21.28 0.37
N ILE C 252 -19.37 20.14 0.04
CA ILE C 252 -20.22 18.97 -0.24
C ILE C 252 -21.01 18.54 0.99
N LYS C 253 -20.36 18.49 2.16
CA LYS C 253 -21.05 18.07 3.39
C LYS C 253 -22.23 19.00 3.66
N ALA C 254 -22.06 20.27 3.34
CA ALA C 254 -23.09 21.29 3.54
C ALA C 254 -24.27 21.10 2.62
N MET C 255 -24.03 20.52 1.45
CA MET C 255 -25.10 20.33 0.51
C MET C 255 -25.82 19.01 0.74
N GLU C 256 -25.14 18.06 1.35
CA GLU C 256 -25.65 16.68 1.42
C GLU C 256 -26.99 16.49 2.14
N PRO C 257 -27.25 17.28 3.19
CA PRO C 257 -28.53 17.16 3.89
C PRO C 257 -29.72 17.41 2.96
N HIS C 258 -29.51 18.14 1.87
CA HIS C 258 -30.60 18.48 0.93
C HIS C 258 -30.70 17.60 -0.32
N GLY C 259 -30.01 16.46 -0.32
CA GLY C 259 -30.12 15.48 -1.40
C GLY C 259 -29.32 15.83 -2.66
N LEU C 260 -28.01 15.61 -2.59
CA LEU C 260 -27.11 16.02 -3.66
C LEU C 260 -26.89 14.88 -4.64
N TRP C 261 -27.21 15.11 -5.90
CA TRP C 261 -27.07 14.09 -6.94
C TRP C 261 -25.60 13.76 -7.21
N PHE C 262 -24.82 14.76 -7.63
CA PHE C 262 -23.37 14.57 -7.63
C PHE C 262 -22.64 15.88 -7.44
N ALA C 263 -21.35 15.77 -7.15
CA ALA C 263 -20.47 16.93 -7.11
C ALA C 263 -19.41 16.85 -8.20
N GLU C 264 -19.47 17.82 -9.10
CA GLU C 264 -18.64 17.86 -10.29
C GLU C 264 -17.42 18.77 -10.12
N ALA C 265 -16.28 18.31 -10.61
CA ALA C 265 -15.07 19.14 -10.59
C ALA C 265 -14.81 19.86 -9.26
N PRO C 266 -14.66 19.10 -8.16
CA PRO C 266 -14.48 19.68 -6.81
C PRO C 266 -13.08 20.29 -6.62
N VAL C 267 -12.11 19.86 -7.42
CA VAL C 267 -10.73 20.34 -7.28
C VAL C 267 -10.08 20.59 -8.63
N ARG C 268 -8.81 21.03 -8.64
CA ARG C 268 -8.11 21.27 -9.92
C ARG C 268 -7.94 19.97 -10.68
N THR C 269 -7.83 20.06 -12.00
CA THR C 269 -7.65 18.89 -12.85
C THR C 269 -6.42 18.10 -12.45
N GLU C 270 -5.30 18.79 -12.21
CA GLU C 270 -4.06 18.13 -11.84
C GLU C 270 -4.03 17.60 -10.40
N ASP C 271 -5.04 17.96 -9.60
CA ASP C 271 -5.04 17.56 -8.17
C ASP C 271 -5.66 16.16 -7.98
N ILE C 272 -5.00 15.13 -8.49
CA ILE C 272 -5.53 13.76 -8.41
C ILE C 272 -5.58 13.27 -6.96
N ASP C 273 -4.51 13.53 -6.21
CA ASP C 273 -4.51 13.24 -4.78
C ASP C 273 -5.72 13.85 -4.13
N GLY C 274 -5.94 15.13 -4.41
CA GLY C 274 -7.10 15.83 -3.86
C GLY C 274 -8.44 15.24 -4.29
N LEU C 275 -8.57 14.90 -5.56
CA LEU C 275 -9.83 14.35 -6.05
C LEU C 275 -10.08 13.02 -5.34
N ALA C 276 -9.00 12.23 -5.20
CA ALA C 276 -9.07 10.96 -4.49
C ALA C 276 -9.51 11.15 -3.03
N ARG C 277 -8.95 12.14 -2.35
CA ARG C 277 -9.34 12.38 -0.96
C ARG C 277 -10.81 12.79 -0.86
N VAL C 278 -11.26 13.66 -1.76
CA VAL C 278 -12.67 14.07 -1.76
C VAL C 278 -13.61 12.89 -1.99
N ALA C 279 -13.33 12.07 -3.00
CA ALA C 279 -14.21 10.93 -3.26
C ALA C 279 -14.30 9.99 -2.05
N ALA C 280 -13.18 9.80 -1.34
CA ALA C 280 -13.17 8.94 -0.17
C ALA C 280 -13.86 9.51 1.07
N SER C 281 -13.98 10.84 1.13
CA SER C 281 -14.42 11.53 2.34
C SER C 281 -15.88 11.89 2.34
N VAL C 282 -16.53 11.76 1.19
CA VAL C 282 -17.93 12.14 1.09
C VAL C 282 -18.63 10.96 0.48
N SER C 283 -19.92 10.83 0.72
CA SER C 283 -20.67 9.73 0.15
C SER C 283 -21.24 10.11 -1.22
N THR C 284 -21.43 11.41 -1.44
CA THR C 284 -21.93 11.91 -2.73
C THR C 284 -21.06 11.42 -3.87
N ALA C 285 -21.68 11.04 -5.00
CA ALA C 285 -20.93 10.67 -6.21
C ALA C 285 -20.05 11.84 -6.71
N ILE C 286 -18.80 11.55 -7.08
CA ILE C 286 -17.90 12.56 -7.68
C ILE C 286 -17.85 12.37 -9.20
N ALA C 287 -18.03 13.49 -9.92
CA ALA C 287 -18.13 13.54 -11.37
C ALA C 287 -17.03 14.42 -11.94
N VAL C 288 -16.30 13.90 -12.92
CA VAL C 288 -15.27 14.70 -13.63
C VAL C 288 -15.14 14.23 -15.06
N GLY C 289 -14.45 15.04 -15.85
CA GLY C 289 -13.90 14.58 -17.13
C GLY C 289 -14.13 15.47 -18.36
N GLU C 290 -14.91 16.54 -18.25
CA GLU C 290 -15.29 17.35 -19.42
C GLU C 290 -14.05 17.91 -20.11
N GLU C 291 -12.99 18.18 -19.35
CA GLU C 291 -11.78 18.79 -19.94
C GLU C 291 -10.71 17.77 -20.34
N TRP C 292 -11.00 16.47 -20.20
CA TRP C 292 -10.06 15.45 -20.65
C TRP C 292 -10.02 15.41 -22.18
N ARG C 293 -9.13 14.59 -22.73
CA ARG C 293 -9.08 14.40 -24.19
C ARG C 293 -9.04 12.94 -24.60
N THR C 294 -8.43 12.09 -23.78
CA THR C 294 -8.32 10.69 -24.18
C THR C 294 -8.56 9.73 -23.00
N VAL C 295 -8.68 8.45 -23.30
CA VAL C 295 -8.91 7.49 -22.27
C VAL C 295 -7.67 7.47 -21.34
N HIS C 296 -6.53 7.94 -21.83
CA HIS C 296 -5.32 7.95 -20.99
C HIS C 296 -5.51 8.90 -19.81
N ASP C 297 -6.34 9.92 -19.97
CA ASP C 297 -6.56 10.87 -18.88
C ASP C 297 -7.39 10.20 -17.79
N MET C 298 -8.21 9.24 -18.19
CA MET C 298 -9.11 8.57 -17.25
C MET C 298 -8.40 7.59 -16.32
N VAL C 299 -7.46 6.85 -16.86
CA VAL C 299 -6.79 5.76 -16.13
C VAL C 299 -6.27 6.10 -14.71
N PRO C 300 -5.53 7.20 -14.56
CA PRO C 300 -5.00 7.51 -13.23
C PRO C 300 -6.08 7.92 -12.23
N ARG C 301 -7.19 8.45 -12.71
CA ARG C 301 -8.27 8.81 -11.80
C ARG C 301 -9.00 7.55 -11.33
N VAL C 302 -9.24 6.61 -12.23
CA VAL C 302 -9.85 5.35 -11.85
C VAL C 302 -8.97 4.54 -10.88
N ALA C 303 -7.68 4.50 -11.16
CA ALA C 303 -6.70 3.80 -10.33
C ALA C 303 -6.76 4.30 -8.88
N ARG C 304 -7.12 5.57 -8.67
CA ARG C 304 -7.26 6.10 -7.31
C ARG C 304 -8.72 6.09 -6.83
N ARG C 305 -9.61 5.43 -7.58
CA ARG C 305 -11.06 5.46 -7.31
C ARG C 305 -11.58 6.86 -7.02
N ALA C 306 -11.19 7.81 -7.86
CA ALA C 306 -11.42 9.20 -7.54
C ALA C 306 -12.70 9.73 -8.17
N LEU C 307 -13.47 8.85 -8.82
CA LEU C 307 -14.71 9.26 -9.47
C LEU C 307 -15.80 8.19 -9.56
N ALA C 308 -17.06 8.60 -9.43
CA ALA C 308 -18.17 7.68 -9.59
C ALA C 308 -18.80 7.91 -10.95
N ILE C 309 -18.53 9.09 -11.53
CA ILE C 309 -19.15 9.45 -12.81
C ILE C 309 -18.11 10.13 -13.72
N VAL C 310 -18.04 9.67 -14.97
CA VAL C 310 -17.19 10.32 -15.97
C VAL C 310 -18.06 11.13 -16.96
N GLN C 311 -17.57 12.31 -17.35
CA GLN C 311 -18.36 13.31 -18.07
C GLN C 311 -17.65 13.76 -19.33
N PRO C 312 -17.50 12.84 -20.30
CA PRO C 312 -16.78 13.13 -21.53
C PRO C 312 -17.44 14.24 -22.33
N GLU C 313 -16.63 15.03 -23.02
CA GLU C 313 -17.17 16.07 -23.91
C GLU C 313 -16.81 15.69 -25.32
N MET C 314 -17.80 15.24 -26.10
CA MET C 314 -17.53 14.77 -27.44
C MET C 314 -16.73 15.77 -28.32
N GLY C 315 -17.00 17.06 -28.14
CA GLY C 315 -16.33 18.08 -28.92
C GLY C 315 -14.83 18.10 -28.74
N HIS C 316 -14.36 17.65 -27.59
CA HIS C 316 -12.93 17.60 -27.25
C HIS C 316 -12.28 16.28 -27.61
N LYS C 317 -13.08 15.24 -27.77
CA LYS C 317 -12.54 13.86 -27.74
C LYS C 317 -12.80 13.14 -29.03
N GLY C 318 -13.96 13.37 -29.62
CA GLY C 318 -14.28 12.63 -30.83
C GLY C 318 -14.77 11.24 -30.42
N ILE C 319 -15.33 10.51 -31.37
CA ILE C 319 -16.07 9.30 -31.09
C ILE C 319 -15.17 8.15 -30.67
N THR C 320 -14.01 8.07 -31.28
CA THR C 320 -13.09 6.98 -30.92
C THR C 320 -12.72 7.07 -29.43
N GLN C 321 -12.35 8.26 -28.97
CA GLN C 321 -11.97 8.41 -27.57
C GLN C 321 -13.14 8.34 -26.59
N PHE C 322 -14.25 8.99 -26.96
CA PHE C 322 -15.49 8.96 -26.18
C PHE C 322 -15.87 7.49 -25.89
N MET C 323 -15.83 6.66 -26.91
CA MET C 323 -16.23 5.27 -26.72
C MET C 323 -15.21 4.54 -25.89
N ARG C 324 -13.93 4.88 -26.06
CA ARG C 324 -12.91 4.24 -25.26
C ARG C 324 -13.08 4.60 -23.80
N ILE C 325 -13.41 5.86 -23.54
CA ILE C 325 -13.71 6.28 -22.19
C ILE C 325 -14.97 5.59 -21.67
N GLY C 326 -15.98 5.44 -22.52
CA GLY C 326 -17.24 4.82 -22.06
C GLY C 326 -17.08 3.34 -21.80
N ALA C 327 -16.24 2.69 -22.60
CA ALA C 327 -15.92 1.29 -22.38
C ALA C 327 -15.09 1.08 -21.11
N TYR C 328 -14.23 2.04 -20.79
CA TYR C 328 -13.40 1.94 -19.59
C TYR C 328 -14.26 2.11 -18.33
N ALA C 329 -15.27 2.96 -18.45
CA ALA C 329 -16.25 3.16 -17.40
C ALA C 329 -17.05 1.88 -17.15
N HIS C 330 -17.42 1.22 -18.23
CA HIS C 330 -18.20 -0.01 -18.15
C HIS C 330 -17.43 -1.05 -17.34
N VAL C 331 -16.19 -1.34 -17.75
CA VAL C 331 -15.32 -2.26 -17.00
C VAL C 331 -15.19 -1.85 -15.54
N HIS C 332 -15.09 -0.56 -15.26
CA HIS C 332 -14.80 -0.13 -13.91
C HIS C 332 -16.02 0.34 -13.13
N HIS C 333 -17.20 0.07 -13.65
CA HIS C 333 -18.44 0.35 -12.93
C HIS C 333 -18.63 1.83 -12.59
N ILE C 334 -18.37 2.66 -13.59
CA ILE C 334 -18.51 4.10 -13.45
C ILE C 334 -19.64 4.54 -14.37
N LYS C 335 -20.53 5.38 -13.85
CA LYS C 335 -21.58 5.95 -14.70
C LYS C 335 -21.03 6.97 -15.70
N VAL C 336 -21.63 7.01 -16.89
CA VAL C 336 -21.27 7.98 -17.91
C VAL C 336 -22.38 9.02 -18.05
N ILE C 337 -22.03 10.29 -17.79
CA ILE C 337 -22.98 11.38 -17.94
C ILE C 337 -22.35 12.49 -18.78
N PRO C 338 -22.44 12.37 -20.11
CA PRO C 338 -21.70 13.23 -20.99
C PRO C 338 -22.02 14.70 -20.77
N HIS C 339 -21.02 15.52 -21.04
CA HIS C 339 -21.09 16.95 -20.89
C HIS C 339 -21.70 17.49 -22.21
N ALA C 340 -22.25 18.69 -22.16
CA ALA C 340 -22.77 19.39 -23.36
C ALA C 340 -22.40 20.85 -23.32
N THR C 341 -22.21 21.44 -24.48
CA THR C 341 -21.62 22.76 -24.60
C THR C 341 -22.03 23.52 -25.85
N ILE C 342 -21.61 24.77 -25.93
CA ILE C 342 -21.93 25.62 -27.05
C ILE C 342 -21.47 24.92 -28.30
N GLY C 343 -22.37 24.72 -29.24
CA GLY C 343 -22.03 24.07 -30.48
C GLY C 343 -23.10 24.22 -31.53
N ALA C 344 -22.72 23.94 -32.77
CA ALA C 344 -23.69 23.88 -33.88
C ALA C 344 -24.68 22.74 -33.69
N GLY C 345 -24.21 21.62 -33.17
CA GLY C 345 -25.06 20.43 -33.01
C GLY C 345 -24.46 19.18 -33.61
N ILE C 346 -23.34 19.33 -34.31
CA ILE C 346 -22.70 18.17 -34.92
C ILE C 346 -22.03 17.31 -33.84
N PHE C 347 -21.21 17.89 -32.98
CA PHE C 347 -20.58 17.03 -31.97
C PHE C 347 -21.58 16.60 -30.91
N LEU C 348 -22.60 17.42 -30.67
CA LEU C 348 -23.72 16.98 -29.85
C LEU C 348 -24.35 15.71 -30.44
N ALA C 349 -24.56 15.71 -31.73
CA ALA C 349 -25.17 14.55 -32.35
C ALA C 349 -24.24 13.35 -32.30
N ALA C 350 -22.93 13.56 -32.44
CA ALA C 350 -21.97 12.45 -32.28
C ALA C 350 -22.12 11.89 -30.88
N SER C 351 -22.28 12.79 -29.93
CA SER C 351 -22.41 12.45 -28.53
C SER C 351 -23.66 11.62 -28.23
N LEU C 352 -24.78 11.92 -28.89
CA LEU C 352 -26.00 11.13 -28.68
C LEU C 352 -25.87 9.74 -29.31
N GLN C 353 -25.21 9.68 -30.46
CA GLN C 353 -24.99 8.40 -31.16
C GLN C 353 -24.10 7.49 -30.32
N ALA C 354 -23.02 8.04 -29.78
CA ALA C 354 -22.11 7.30 -28.92
C ALA C 354 -22.82 6.91 -27.63
N SER C 355 -23.57 7.86 -27.06
CA SER C 355 -24.29 7.59 -25.82
C SER C 355 -25.32 6.46 -26.00
N ALA C 356 -25.86 6.31 -27.20
CA ALA C 356 -26.88 5.31 -27.48
C ALA C 356 -26.27 3.91 -27.54
N ALA C 357 -24.95 3.85 -27.74
CA ALA C 357 -24.25 2.56 -27.82
C ALA C 357 -23.44 2.23 -26.57
N LEU C 358 -23.42 3.12 -25.59
CA LEU C 358 -22.69 2.84 -24.33
C LEU C 358 -23.62 2.23 -23.30
N ALA C 359 -23.19 1.15 -22.66
CA ALA C 359 -24.01 0.57 -21.59
C ALA C 359 -24.21 1.49 -20.38
N ASN C 360 -23.25 2.34 -20.04
CA ASN C 360 -23.38 3.03 -18.74
C ASN C 360 -23.87 4.48 -18.81
N VAL C 361 -24.44 4.88 -19.95
CA VAL C 361 -24.99 6.23 -20.10
C VAL C 361 -26.37 6.33 -19.49
N ASP C 362 -26.40 6.97 -18.32
CA ASP C 362 -27.58 7.18 -17.50
C ASP C 362 -28.41 8.34 -18.06
N CYS C 363 -27.79 9.50 -18.19
CA CYS C 363 -28.45 10.63 -18.81
C CYS C 363 -27.39 11.57 -19.39
N HIS C 364 -27.79 12.75 -19.86
CA HIS C 364 -26.92 13.55 -20.73
C HIS C 364 -27.18 15.02 -20.44
N GLU C 365 -26.12 15.81 -20.38
CA GLU C 365 -26.30 17.23 -20.07
C GLU C 365 -27.07 17.92 -21.20
N PHE C 366 -27.89 18.89 -20.85
CA PHE C 366 -28.65 19.68 -21.84
C PHE C 366 -28.47 21.18 -21.59
N GLN C 367 -28.01 21.91 -22.60
CA GLN C 367 -27.94 23.37 -22.47
C GLN C 367 -29.04 24.02 -23.27
N HIS C 368 -29.97 24.68 -22.58
CA HIS C 368 -31.06 25.34 -23.28
C HIS C 368 -30.49 26.44 -24.17
N SER C 369 -29.55 27.20 -23.64
CA SER C 369 -29.19 28.42 -24.31
C SER C 369 -28.63 28.10 -25.68
N ILE C 370 -27.77 27.10 -25.76
CA ILE C 370 -27.27 26.65 -27.05
C ILE C 370 -28.28 25.93 -27.94
N PHE C 371 -29.00 24.97 -27.36
CA PHE C 371 -29.72 24.01 -28.18
C PHE C 371 -30.88 24.56 -29.01
N GLU C 372 -31.75 25.34 -28.37
CA GLU C 372 -32.93 25.85 -29.06
C GLU C 372 -32.65 26.82 -30.20
N PRO C 373 -31.73 27.85 -29.92
CA PRO C 373 -31.48 28.75 -31.06
C PRO C 373 -30.73 28.06 -32.20
N ASN C 374 -30.05 26.97 -31.87
CA ASN C 374 -29.13 26.32 -32.81
C ASN C 374 -29.84 25.25 -33.64
N ARG C 375 -31.16 25.19 -33.52
CA ARG C 375 -31.96 24.27 -34.33
C ARG C 375 -31.89 24.62 -35.82
N ARG C 376 -31.88 25.92 -36.13
CA ARG C 376 -31.84 26.42 -37.50
C ARG C 376 -30.56 26.04 -38.26
N LEU C 377 -29.49 25.82 -37.52
CA LEU C 377 -28.21 25.44 -38.09
C LEU C 377 -28.14 24.00 -38.63
N LEU C 378 -29.13 23.20 -38.32
CA LEU C 378 -29.09 21.74 -38.47
C LEU C 378 -30.31 21.18 -39.20
N VAL C 379 -30.11 20.13 -39.98
CA VAL C 379 -31.25 19.30 -40.40
C VAL C 379 -31.11 17.87 -39.84
N GLY C 380 -32.23 17.25 -39.47
CA GLY C 380 -32.22 15.91 -38.88
C GLY C 380 -33.31 15.85 -37.83
N ASP C 381 -33.39 14.75 -37.08
CA ASP C 381 -34.49 14.60 -36.12
C ASP C 381 -34.02 14.57 -34.66
N MET C 382 -32.79 15.00 -34.41
CA MET C 382 -32.33 15.13 -33.06
C MET C 382 -33.14 16.19 -32.36
N ASP C 383 -33.53 15.92 -31.12
CA ASP C 383 -34.34 16.86 -30.35
C ASP C 383 -34.19 16.62 -28.87
N CYS C 384 -34.57 17.61 -28.06
CA CYS C 384 -34.67 17.42 -26.62
C CYS C 384 -36.00 17.95 -26.14
N LEU C 385 -36.90 17.07 -25.76
CA LEU C 385 -38.21 17.48 -25.33
C LEU C 385 -38.74 16.63 -24.20
N ASN C 386 -39.40 17.26 -23.25
CA ASN C 386 -39.98 16.56 -22.13
C ASN C 386 -38.92 15.81 -21.35
N GLY C 387 -37.73 16.40 -21.27
CA GLY C 387 -36.62 15.91 -20.47
C GLY C 387 -35.85 14.78 -21.12
N GLU C 388 -35.95 14.67 -22.43
CA GLU C 388 -35.22 13.61 -23.11
C GLU C 388 -34.67 14.03 -24.46
N TYR C 389 -33.45 13.63 -24.72
CA TYR C 389 -32.94 13.69 -26.07
C TYR C 389 -33.55 12.57 -26.88
N VAL C 390 -33.84 12.86 -28.13
CA VAL C 390 -34.18 11.86 -29.12
C VAL C 390 -32.93 11.59 -29.95
N VAL C 391 -32.51 10.32 -30.00
CA VAL C 391 -31.35 9.94 -30.81
C VAL C 391 -31.72 10.04 -32.29
N PRO C 392 -30.93 10.78 -33.08
CA PRO C 392 -31.20 10.93 -34.52
C PRO C 392 -31.22 9.57 -35.20
N THR C 393 -32.09 9.40 -36.20
CA THR C 393 -32.34 8.08 -36.77
C THR C 393 -31.64 7.77 -38.11
N GLY C 394 -31.34 8.80 -38.92
CA GLY C 394 -30.73 8.57 -40.23
C GLY C 394 -29.33 7.97 -40.15
N PRO C 395 -28.73 7.63 -41.30
CA PRO C 395 -27.36 7.14 -41.41
C PRO C 395 -26.32 8.13 -40.88
N GLY C 396 -25.16 7.64 -40.46
CA GLY C 396 -24.13 8.50 -39.88
C GLY C 396 -24.60 9.15 -38.60
N LEU C 397 -24.29 10.44 -38.43
CA LEU C 397 -24.72 11.13 -37.23
C LEU C 397 -26.22 11.29 -37.23
N GLY C 398 -26.84 11.15 -38.40
CA GLY C 398 -28.27 11.40 -38.53
C GLY C 398 -28.63 12.88 -38.53
N VAL C 399 -27.61 13.74 -38.49
CA VAL C 399 -27.84 15.18 -38.59
C VAL C 399 -26.81 15.78 -39.55
N GLU C 400 -27.12 16.96 -40.07
CA GLU C 400 -26.11 17.75 -40.73
C GLU C 400 -26.50 19.22 -40.72
N PRO C 401 -25.51 20.10 -40.88
CA PRO C 401 -25.71 21.54 -40.86
C PRO C 401 -26.74 21.91 -41.94
N SER C 402 -27.72 22.75 -41.61
CA SER C 402 -28.65 23.24 -42.63
C SER C 402 -27.86 23.92 -43.75
N LYS C 403 -28.50 24.13 -44.90
CA LYS C 403 -27.89 24.88 -46.01
C LYS C 403 -27.49 26.26 -45.54
N GLU C 404 -28.37 26.87 -44.75
CA GLU C 404 -28.08 28.16 -44.14
C GLU C 404 -26.72 28.09 -43.45
N ALA C 405 -26.59 27.15 -42.52
CA ALA C 405 -25.33 27.00 -41.78
C ALA C 405 -24.11 26.81 -42.69
N GLN C 406 -24.26 26.01 -43.74
CA GLN C 406 -23.10 25.79 -44.59
C GLN C 406 -22.68 27.04 -45.37
N GLY C 407 -23.61 27.97 -45.54
CA GLY C 407 -23.32 29.21 -46.28
C GLY C 407 -22.59 30.14 -45.34
N LEU C 408 -22.91 30.03 -44.06
CA LEU C 408 -22.32 30.88 -43.05
C LEU C 408 -20.92 30.44 -42.65
N LEU C 409 -20.46 29.31 -43.20
CA LEU C 409 -19.13 28.82 -42.88
C LEU C 409 -18.04 29.77 -43.37
N LYS C 410 -17.08 30.09 -42.52
CA LYS C 410 -15.95 30.90 -42.93
C LYS C 410 -14.74 30.01 -43.10
N LYS C 411 -14.34 29.80 -44.35
CA LYS C 411 -13.25 28.88 -44.60
C LYS C 411 -11.97 29.39 -44.03
N HIS C 412 -11.12 28.49 -43.59
CA HIS C 412 -9.83 28.89 -43.08
C HIS C 412 -9.13 29.68 -44.18
N SER D 25 28.90 44.57 -9.24
CA SER D 25 30.01 43.71 -8.73
C SER D 25 30.18 43.90 -7.23
N ASP D 26 29.21 44.55 -6.60
CA ASP D 26 29.24 44.77 -5.15
C ASP D 26 29.22 43.43 -4.41
N ARG D 27 30.08 43.28 -3.40
CA ARG D 27 30.21 42.05 -2.64
C ARG D 27 29.98 42.34 -1.18
N VAL D 28 29.62 41.30 -0.43
CA VAL D 28 29.44 41.45 1.03
C VAL D 28 30.77 41.81 1.68
N LYS D 29 30.75 42.85 2.52
CA LYS D 29 31.97 43.30 3.17
C LYS D 29 32.08 42.85 4.62
N LYS D 30 31.05 43.11 5.42
CA LYS D 30 31.07 42.69 6.82
C LYS D 30 29.68 42.31 7.36
N ILE D 31 29.65 41.63 8.50
CA ILE D 31 28.42 41.13 9.10
C ILE D 31 28.43 41.29 10.62
N GLU D 32 27.36 41.87 11.18
CA GLU D 32 27.26 42.01 12.63
C GLU D 32 25.93 41.49 13.15
N SER D 33 25.96 40.93 14.35
CA SER D 33 24.78 40.31 14.95
C SER D 33 24.48 41.03 16.23
N PHE D 34 23.18 41.26 16.48
CA PHE D 34 22.74 41.95 17.68
C PHE D 34 21.53 41.26 18.28
N THR D 35 21.28 41.52 19.56
CA THR D 35 19.95 41.25 20.12
C THR D 35 19.20 42.56 20.32
N LEU D 36 17.88 42.43 20.39
CA LEU D 36 16.99 43.56 20.63
C LEU D 36 15.89 43.09 21.59
N THR D 37 15.85 43.70 22.76
CA THR D 37 14.97 43.27 23.84
C THR D 37 13.82 44.27 23.96
N LEU D 38 12.63 43.78 24.32
CA LEU D 38 11.42 44.60 24.36
C LEU D 38 10.52 44.20 25.52
N PRO D 39 9.98 45.19 26.25
CA PRO D 39 9.16 44.87 27.42
C PRO D 39 7.76 44.36 27.04
N ARG D 40 7.09 43.71 27.99
CA ARG D 40 5.72 43.25 27.78
C ARG D 40 4.87 43.56 29.01
N PRO D 50 0.71 29.35 40.07
CA PRO D 50 1.55 28.29 40.62
C PRO D 50 3.02 28.73 40.71
N GLY D 51 3.93 27.76 40.85
CA GLY D 51 5.37 28.05 40.89
C GLY D 51 5.95 28.22 39.49
N GLU D 52 5.71 29.39 38.89
CA GLU D 52 6.20 29.67 37.55
C GLU D 52 7.04 30.94 37.50
N GLU D 53 7.60 31.32 38.65
CA GLU D 53 8.42 32.51 38.73
C GLU D 53 9.64 32.38 37.84
N PRO D 54 9.98 33.44 37.11
CA PRO D 54 11.18 33.40 36.28
C PRO D 54 12.41 33.14 37.13
N ASN D 55 13.42 32.47 36.57
CA ASN D 55 14.67 32.28 37.28
C ASN D 55 15.61 33.46 37.03
N GLY D 56 16.79 33.39 37.61
CA GLY D 56 17.77 34.47 37.49
C GLY D 56 18.20 34.76 36.07
N ARG D 57 17.70 34.00 35.11
CA ARG D 57 18.00 34.27 33.70
C ARG D 57 16.77 34.72 32.92
N GLY D 58 15.68 34.93 33.63
CA GLY D 58 14.46 35.46 33.01
C GLY D 58 13.55 34.42 32.37
N TYR D 59 13.87 33.14 32.54
CA TYR D 59 13.04 32.06 31.95
C TYR D 59 12.05 31.42 32.93
N LEU D 60 10.81 31.24 32.45
CA LEU D 60 9.78 30.51 33.19
C LEU D 60 9.31 29.31 32.37
N VAL D 61 8.87 28.26 33.05
CA VAL D 61 8.25 27.13 32.36
C VAL D 61 6.78 27.07 32.73
N ARG D 62 5.92 27.19 31.73
CA ARG D 62 4.46 26.91 31.95
CA ARG D 62 4.51 26.86 32.03
C ARG D 62 4.06 25.29 32.18
N LYS D 63 3.75 25.16 33.50
CA LYS D 63 3.41 23.77 33.89
C LYS D 63 2.54 23.12 32.81
N ALA D 64 1.60 23.89 32.28
CA ALA D 64 0.62 23.39 31.33
C ALA D 64 1.26 22.67 30.14
N ASN D 65 2.26 23.27 29.53
CA ASN D 65 2.83 22.72 28.31
C ASN D 65 4.33 22.41 28.41
N ARG D 66 4.89 22.57 29.61
CA ARG D 66 6.29 22.23 29.87
C ARG D 66 7.26 22.99 28.97
N THR D 67 6.80 24.10 28.40
CA THR D 67 7.60 24.89 27.48
C THR D 67 8.21 26.11 28.21
N VAL D 68 9.43 26.49 27.83
CA VAL D 68 10.11 27.63 28.46
C VAL D 68 9.74 28.93 27.76
N TYR D 69 9.58 30.01 28.54
CA TYR D 69 9.36 31.37 28.00
C TYR D 69 10.23 32.37 28.74
N PRO D 70 10.75 33.37 28.01
CA PRO D 70 11.39 34.52 28.61
C PRO D 70 10.31 35.51 29.04
N THR D 71 10.61 36.35 30.02
CA THR D 71 9.66 37.36 30.46
C THR D 71 9.82 38.66 29.68
N PHE D 72 10.28 38.53 28.44
CA PHE D 72 10.69 39.68 27.65
C PHE D 72 10.92 39.30 26.19
N ASP D 73 10.17 39.93 25.28
CA ASP D 73 10.38 39.72 23.86
C ASP D 73 11.83 40.02 23.53
N ARG D 74 12.38 39.29 22.59
CA ARG D 74 13.78 39.46 22.25
C ARG D 74 14.01 38.77 20.91
N SER D 75 14.64 39.48 20.00
CA SER D 75 14.97 38.87 18.73
C SER D 75 16.42 39.13 18.37
N VAL D 76 16.93 38.39 17.40
CA VAL D 76 18.29 38.51 16.94
C VAL D 76 18.28 39.18 15.58
N LEU D 77 19.05 40.25 15.41
CA LEU D 77 19.13 40.91 14.11
C LEU D 77 20.51 40.81 13.55
N VAL D 78 20.58 40.83 12.23
CA VAL D 78 21.83 40.75 11.51
C VAL D 78 21.90 41.98 10.60
N ARG D 79 23.06 42.62 10.58
CA ARG D 79 23.29 43.77 9.69
C ARG D 79 24.45 43.42 8.76
N ILE D 80 24.17 43.40 7.46
CA ILE D 80 25.15 43.07 6.46
C ILE D 80 25.44 44.29 5.58
N GLU D 81 26.72 44.60 5.38
CA GLU D 81 27.11 45.72 4.52
C GLU D 81 28.04 45.25 3.41
N THR D 82 27.88 45.86 2.23
CA THR D 82 28.73 45.55 1.08
C THR D 82 29.93 46.48 0.95
N GLU D 83 30.82 46.15 0.02
CA GLU D 83 31.98 47.00 -0.29
C GLU D 83 31.55 48.44 -0.57
N ASN D 84 30.38 48.60 -1.18
CA ASN D 84 29.93 49.92 -1.64
C ASN D 84 29.02 50.63 -0.65
N GLY D 85 28.79 50.03 0.50
CA GLY D 85 28.09 50.71 1.59
C GLY D 85 26.61 50.44 1.68
N ALA D 86 26.07 49.64 0.75
CA ALA D 86 24.68 49.21 0.84
C ALA D 86 24.48 48.36 2.12
N VAL D 87 23.35 48.55 2.79
CA VAL D 87 23.07 47.86 4.06
C VAL D 87 21.78 47.03 4.04
N GLY D 88 21.88 45.78 4.49
CA GLY D 88 20.71 44.91 4.55
C GLY D 88 20.50 44.37 5.95
N TRP D 89 19.23 44.17 6.32
CA TRP D 89 18.90 43.69 7.66
C TRP D 89 18.19 42.33 7.61
N GLY D 90 18.52 41.46 8.55
CA GLY D 90 17.83 40.19 8.71
C GLY D 90 17.42 40.13 10.16
N GLU D 91 16.60 39.15 10.50
CA GLU D 91 16.17 38.95 11.88
C GLU D 91 15.74 37.50 12.03
N THR D 92 15.83 36.97 13.24
CA THR D 92 15.37 35.62 13.52
C THR D 92 15.07 35.51 14.99
N TYR D 93 14.62 34.34 15.44
CA TYR D 93 14.26 34.16 16.82
C TYR D 93 15.42 34.50 17.76
N GLY D 94 15.10 35.09 18.90
CA GLY D 94 16.10 35.30 19.92
C GLY D 94 15.52 35.12 21.30
N LEU D 95 14.44 34.35 21.39
CA LEU D 95 13.74 34.17 22.67
C LEU D 95 14.61 33.51 23.73
N VAL D 96 15.39 32.53 23.31
CA VAL D 96 16.16 31.73 24.26
C VAL D 96 17.57 31.50 23.73
N ALA D 97 18.55 31.61 24.63
CA ALA D 97 19.95 31.51 24.26
C ALA D 97 20.25 32.16 22.91
N PRO D 98 19.86 33.44 22.74
CA PRO D 98 20.16 34.17 21.50
C PRO D 98 21.67 34.24 21.20
N ARG D 99 22.49 34.20 22.22
CA ARG D 99 23.91 34.26 22.00
C ARG D 99 24.38 33.07 21.17
N ALA D 100 23.73 31.93 21.37
CA ALA D 100 24.12 30.71 20.65
C ALA D 100 23.96 30.93 19.16
N THR D 101 22.83 31.53 18.78
CA THR D 101 22.55 31.78 17.36
C THR D 101 23.53 32.79 16.81
N MET D 102 23.83 33.82 17.60
CA MET D 102 24.75 34.88 17.17
C MET D 102 26.16 34.30 17.05
N GLU D 103 26.47 33.34 17.91
CA GLU D 103 27.77 32.68 17.82
C GLU D 103 27.90 31.88 16.52
N ILE D 104 26.86 31.15 16.13
CA ILE D 104 26.91 30.42 14.85
C ILE D 104 27.13 31.40 13.69
N ILE D 105 26.47 32.54 13.74
CA ILE D 105 26.64 33.53 12.70
C ILE D 105 28.06 34.12 12.73
N ASP D 106 28.51 34.52 13.92
CA ASP D 106 29.81 35.21 14.04
C ASP D 106 31.00 34.25 13.90
N ASP D 107 30.90 33.05 14.45
CA ASP D 107 32.02 32.11 14.40
C ASP D 107 32.12 31.38 13.07
N LEU D 108 30.98 31.00 12.50
CA LEU D 108 30.98 30.11 11.34
C LEU D 108 30.49 30.75 10.05
N LEU D 109 29.24 31.19 10.05
CA LEU D 109 28.58 31.60 8.82
C LEU D 109 29.16 32.88 8.19
N ALA D 110 29.52 33.85 9.04
CA ALA D 110 29.95 35.16 8.54
C ALA D 110 31.13 35.08 7.57
N ASP D 111 32.23 34.47 7.99
CA ASP D 111 33.43 34.37 7.14
C ASP D 111 33.14 33.73 5.80
N PHE D 112 32.18 32.82 5.75
CA PHE D 112 31.86 32.17 4.48
C PHE D 112 30.84 32.95 3.64
N THR D 113 30.33 34.05 4.16
CA THR D 113 29.41 34.87 3.37
C THR D 113 30.16 36.07 2.82
N ILE D 114 31.06 36.61 3.63
CA ILE D 114 31.86 37.76 3.21
C ILE D 114 32.52 37.45 1.87
N GLY D 115 32.35 38.34 0.89
CA GLY D 115 32.97 38.13 -0.41
C GLY D 115 32.01 37.71 -1.50
N ARG D 116 30.84 37.26 -1.08
CA ARG D 116 29.84 36.76 -2.03
C ARG D 116 28.91 37.88 -2.50
N ASP D 117 28.25 37.59 -3.62
CA ASP D 117 27.29 38.47 -4.27
C ASP D 117 25.84 38.20 -3.80
N PRO D 118 25.21 39.18 -3.14
CA PRO D 118 23.83 39.11 -2.64
C PRO D 118 22.80 38.58 -3.65
N PHE D 119 23.04 38.80 -4.94
CA PHE D 119 22.15 38.25 -5.95
C PHE D 119 22.27 36.73 -6.03
N ASP D 120 23.18 36.16 -5.24
CA ASP D 120 23.35 34.71 -5.18
C ASP D 120 22.76 34.17 -3.87
N ALA D 121 21.82 34.92 -3.30
CA ALA D 121 21.31 34.63 -1.96
C ALA D 121 20.87 33.16 -1.76
N ALA D 122 20.15 32.62 -2.72
CA ALA D 122 19.65 31.25 -2.59
C ALA D 122 20.81 30.28 -2.70
N ALA D 123 21.69 30.51 -3.67
CA ALA D 123 22.91 29.71 -3.83
C ALA D 123 23.76 29.73 -2.57
N ILE D 124 23.92 30.94 -2.01
CA ILE D 124 24.64 31.12 -0.76
C ILE D 124 24.03 30.35 0.40
N HIS D 125 22.71 30.45 0.55
CA HIS D 125 22.04 29.69 1.59
C HIS D 125 22.36 28.18 1.48
N ASP D 126 22.29 27.65 0.26
CA ASP D 126 22.59 26.23 0.06
C ASP D 126 24.04 25.90 0.45
N ASP D 127 24.97 26.82 0.16
CA ASP D 127 26.37 26.57 0.49
C ASP D 127 26.56 26.54 2.01
N LEU D 128 25.94 27.49 2.71
CA LEU D 128 26.02 27.54 4.15
C LEU D 128 25.30 26.35 4.81
N TYR D 129 24.18 25.92 4.24
CA TYR D 129 23.48 24.75 4.77
C TYR D 129 24.42 23.55 4.69
N ASP D 130 25.07 23.40 3.54
CA ASP D 130 25.97 22.27 3.31
C ASP D 130 27.17 22.16 4.26
N LEU D 131 27.62 23.28 4.83
CA LEU D 131 28.82 23.23 5.66
C LEU D 131 28.65 22.18 6.74
N MET D 132 27.45 22.10 7.29
CA MET D 132 27.25 21.29 8.48
C MET D 132 26.22 20.16 8.30
N ARG D 133 25.65 20.01 7.12
CA ARG D 133 24.54 19.08 6.98
C ARG D 133 24.91 17.64 7.36
N VAL D 134 26.08 17.17 6.96
CA VAL D 134 26.44 15.76 7.23
C VAL D 134 26.59 15.44 8.71
N ARG D 135 26.67 16.47 9.56
CA ARG D 135 26.72 16.21 11.00
C ARG D 135 25.36 16.37 11.65
N GLY D 136 24.35 16.68 10.84
CA GLY D 136 22.97 16.75 11.36
C GLY D 136 22.54 18.09 11.93
N TYR D 137 23.26 19.17 11.61
CA TYR D 137 22.85 20.51 12.03
C TYR D 137 21.97 21.13 10.95
N THR D 138 20.78 20.56 10.80
CA THR D 138 19.93 20.86 9.67
C THR D 138 18.63 21.56 10.09
N GLY D 139 18.52 21.89 11.37
CA GLY D 139 17.36 22.64 11.85
C GLY D 139 17.74 23.58 12.99
N GLY D 140 16.82 23.72 13.95
CA GLY D 140 17.06 24.39 15.22
C GLY D 140 17.73 25.75 15.07
N PHE D 141 18.72 25.99 15.92
CA PHE D 141 19.45 27.26 15.92
C PHE D 141 20.24 27.47 14.64
N TYR D 142 20.71 26.38 14.05
CA TYR D 142 21.53 26.52 12.87
C TYR D 142 20.80 27.18 11.72
N VAL D 143 19.57 26.73 11.46
CA VAL D 143 18.78 27.32 10.37
C VAL D 143 18.20 28.71 10.74
N ASP D 144 17.94 28.94 12.03
CA ASP D 144 17.58 30.29 12.50
C ASP D 144 18.68 31.24 12.01
N ALA D 145 19.91 30.78 12.18
CA ALA D 145 21.10 31.54 11.84
C ALA D 145 21.16 31.79 10.35
N LEU D 146 20.90 30.75 9.55
CA LEU D 146 20.84 30.93 8.10
C LEU D 146 19.72 31.91 7.71
N ALA D 147 18.61 31.86 8.44
CA ALA D 147 17.44 32.65 8.08
C ALA D 147 17.77 34.17 8.15
N ALA D 148 18.31 34.61 9.29
CA ALA D 148 18.66 36.03 9.43
C ALA D 148 19.61 36.45 8.32
N ILE D 149 20.63 35.63 8.06
CA ILE D 149 21.58 35.96 7.01
C ILE D 149 20.91 36.02 5.66
N ASP D 150 20.03 35.05 5.40
CA ASP D 150 19.34 34.92 4.12
C ASP D 150 18.47 36.15 3.85
N ILE D 151 17.75 36.59 4.87
CA ILE D 151 16.82 37.69 4.71
C ILE D 151 17.54 38.98 4.41
N ALA D 152 18.68 39.19 5.08
CA ALA D 152 19.45 40.42 4.89
C ALA D 152 20.01 40.44 3.48
N LEU D 153 20.45 39.27 3.01
CA LEU D 153 20.98 39.19 1.65
C LEU D 153 19.94 39.53 0.59
N TRP D 154 18.71 39.04 0.76
CA TRP D 154 17.63 39.37 -0.18
C TRP D 154 17.27 40.85 -0.08
N ASP D 155 17.30 41.38 1.14
CA ASP D 155 17.12 42.81 1.35
C ASP D 155 18.11 43.55 0.44
N LEU D 156 19.37 43.14 0.53
CA LEU D 156 20.43 43.75 -0.26
C LEU D 156 20.20 43.64 -1.75
N ALA D 157 19.89 42.44 -2.23
CA ALA D 157 19.66 42.25 -3.65
C ALA D 157 18.53 43.14 -4.16
N GLY D 158 17.54 43.39 -3.30
CA GLY D 158 16.45 44.28 -3.66
C GLY D 158 16.96 45.72 -3.73
N LYS D 159 17.59 46.17 -2.65
CA LYS D 159 18.19 47.53 -2.62
C LYS D 159 19.15 47.77 -3.79
N LEU D 160 20.09 46.86 -4.00
CA LEU D 160 21.00 46.93 -5.14
C LEU D 160 20.33 46.96 -6.51
N ALA D 161 19.11 46.44 -6.62
CA ALA D 161 18.45 46.42 -7.91
C ALA D 161 17.41 47.52 -7.99
N GLY D 162 17.16 48.16 -6.86
CA GLY D 162 16.05 49.10 -6.75
C GLY D 162 14.70 48.43 -6.93
N LEU D 163 14.52 47.25 -6.34
CA LEU D 163 13.24 46.52 -6.45
C LEU D 163 12.80 45.96 -5.10
N PRO D 164 11.48 45.88 -4.89
CA PRO D 164 10.97 45.10 -3.77
C PRO D 164 11.45 43.66 -3.91
N VAL D 165 11.73 42.99 -2.79
CA VAL D 165 12.14 41.58 -2.82
C VAL D 165 11.24 40.71 -3.72
N CYS D 166 9.93 40.92 -3.64
CA CYS D 166 8.98 40.12 -4.41
C CYS D 166 9.16 40.22 -5.92
N LYS D 167 9.66 41.35 -6.41
CA LYS D 167 9.94 41.49 -7.85
C LYS D 167 11.20 40.75 -8.26
N LEU D 168 11.87 40.15 -7.27
CA LEU D 168 12.98 39.25 -7.54
C LEU D 168 12.57 37.81 -7.29
N LEU D 169 11.33 37.58 -6.87
CA LEU D 169 10.91 36.24 -6.50
C LEU D 169 9.89 35.67 -7.47
N GLY D 170 9.80 36.24 -8.66
CA GLY D 170 8.87 35.75 -9.68
C GLY D 170 7.83 36.79 -10.00
N GLY D 171 7.70 37.78 -9.11
CA GLY D 171 6.81 38.88 -9.40
C GLY D 171 5.85 39.12 -8.26
N GLN D 172 5.32 40.34 -8.22
CA GLN D 172 4.36 40.67 -7.20
C GLN D 172 2.98 40.26 -7.69
N ARG D 173 2.21 39.64 -6.81
CA ARG D 173 0.90 39.12 -7.17
C ARG D 173 -0.19 39.84 -6.42
N ARG D 174 0.21 40.61 -5.41
CA ARG D 174 -0.75 41.31 -4.56
C ARG D 174 0.00 42.31 -3.69
N ASP D 175 -0.67 43.34 -3.21
CA ASP D 175 0.02 44.30 -2.34
C ASP D 175 -0.66 44.42 -0.99
N ARG D 176 -1.73 43.65 -0.86
CA ARG D 176 -2.49 43.53 0.39
C ARG D 176 -2.61 42.04 0.69
N ILE D 177 -2.41 41.65 1.95
CA ILE D 177 -2.56 40.25 2.34
C ILE D 177 -3.54 40.13 3.47
N ALA D 178 -4.60 39.36 3.23
CA ALA D 178 -5.62 39.15 4.24
C ALA D 178 -4.97 38.71 5.55
N ALA D 179 -5.48 39.19 6.67
CA ALA D 179 -4.90 38.87 7.97
C ALA D 179 -5.94 38.18 8.86
N TYR D 180 -5.49 37.28 9.73
CA TYR D 180 -6.43 36.72 10.69
C TYR D 180 -5.94 36.89 12.11
N ILE D 181 -6.88 36.97 13.05
CA ILE D 181 -6.55 37.15 14.45
C ILE D 181 -6.01 35.86 15.05
N SER D 182 -4.77 35.92 15.53
CA SER D 182 -3.97 34.74 15.84
C SER D 182 -4.36 34.09 17.15
N GLY D 183 -4.89 34.89 18.07
CA GLY D 183 -5.25 34.40 19.38
C GLY D 183 -6.18 35.36 20.11
N LEU D 184 -6.83 34.87 21.16
CA LEU D 184 -7.76 35.65 21.95
C LEU D 184 -7.41 35.53 23.42
N PRO D 185 -6.47 36.38 23.88
CA PRO D 185 -5.94 36.35 25.27
C PRO D 185 -6.87 36.97 26.32
N GLU D 186 -7.90 36.22 26.71
CA GLU D 186 -8.74 36.58 27.85
C GLU D 186 -9.09 35.30 28.57
N ASP D 187 -9.65 35.40 29.77
CA ASP D 187 -9.71 34.26 30.67
C ASP D 187 -11.10 33.66 30.83
N THR D 188 -12.04 34.12 30.01
CA THR D 188 -13.29 33.41 29.90
C THR D 188 -13.68 33.32 28.44
N ARG D 189 -14.50 32.32 28.17
CA ARG D 189 -15.13 32.17 26.87
C ARG D 189 -15.73 33.51 26.39
N ALA D 190 -16.52 34.13 27.25
CA ALA D 190 -17.28 35.31 26.84
C ALA D 190 -16.34 36.50 26.61
N LYS D 191 -15.39 36.68 27.51
CA LYS D 191 -14.46 37.80 27.32
C LYS D 191 -13.67 37.60 26.05
N ARG D 192 -13.51 36.33 25.65
CA ARG D 192 -12.72 36.04 24.48
C ARG D 192 -13.55 36.30 23.23
N ALA D 193 -14.84 35.95 23.29
CA ALA D 193 -15.77 36.25 22.21
C ALA D 193 -15.89 37.77 22.02
N GLU D 194 -15.96 38.49 23.14
CA GLU D 194 -16.00 39.96 23.10
C GLU D 194 -14.77 40.50 22.38
N LEU D 195 -13.61 39.99 22.78
CA LEU D 195 -12.36 40.35 22.12
C LEU D 195 -12.41 40.14 20.60
N ALA D 196 -12.89 38.98 20.17
CA ALA D 196 -12.98 38.69 18.73
C ALA D 196 -13.96 39.63 18.03
N ALA D 197 -15.09 39.93 18.68
CA ALA D 197 -16.09 40.81 18.09
C ALA D 197 -15.51 42.21 17.85
N ALA D 198 -14.71 42.67 18.80
CA ALA D 198 -14.03 43.96 18.68
C ALA D 198 -13.16 43.98 17.43
N TRP D 199 -12.42 42.90 17.21
CA TRP D 199 -11.59 42.80 16.00
C TRP D 199 -12.44 42.71 14.74
N GLN D 200 -13.55 42.02 14.85
CA GLN D 200 -14.53 42.01 13.78
C GLN D 200 -14.99 43.44 13.44
N ALA D 201 -15.21 44.26 14.46
CA ALA D 201 -15.59 45.65 14.24
C ALA D 201 -14.55 46.41 13.41
N LYS D 202 -13.27 46.04 13.55
CA LYS D 202 -12.20 46.71 12.80
C LYS D 202 -11.96 46.10 11.44
N GLY D 203 -12.88 45.29 10.96
CA GLY D 203 -12.74 44.71 9.63
C GLY D 203 -12.09 43.34 9.53
N PHE D 204 -11.83 42.68 10.66
CA PHE D 204 -11.33 41.30 10.61
C PHE D 204 -12.46 40.28 10.49
N SER D 205 -12.29 39.27 9.64
CA SER D 205 -13.33 38.27 9.50
C SER D 205 -12.81 36.84 9.61
N SER D 206 -11.58 36.70 10.06
CA SER D 206 -10.95 35.39 10.28
C SER D 206 -10.22 35.36 11.62
N PHE D 207 -10.44 34.28 12.38
CA PHE D 207 -9.97 34.18 13.75
C PHE D 207 -9.45 32.79 14.12
N LYS D 208 -8.61 32.75 15.15
CA LYS D 208 -8.04 31.52 15.70
C LYS D 208 -7.96 31.62 17.23
N PHE D 209 -8.38 30.57 17.93
CA PHE D 209 -8.16 30.47 19.38
C PHE D 209 -7.30 29.24 19.68
N ALA D 210 -6.71 29.19 20.87
CA ALA D 210 -5.82 28.11 21.29
C ALA D 210 -6.60 27.12 22.15
N SER D 211 -6.60 25.84 21.82
CA SER D 211 -7.41 24.93 22.64
C SER D 211 -7.05 24.94 24.13
N PRO D 212 -5.76 25.10 24.47
CA PRO D 212 -5.45 25.05 25.90
C PRO D 212 -6.11 26.16 26.75
N VAL D 213 -6.56 27.23 26.13
CA VAL D 213 -7.23 28.26 26.90
C VAL D 213 -8.73 28.06 27.01
N ALA D 214 -9.25 27.06 26.32
CA ALA D 214 -10.71 26.89 26.27
C ALA D 214 -11.18 26.12 27.49
N ASP D 215 -11.30 26.86 28.58
CA ASP D 215 -11.58 26.27 29.87
C ASP D 215 -12.90 25.50 29.93
N ASP D 216 -13.88 25.94 29.17
CA ASP D 216 -15.14 25.22 29.02
C ASP D 216 -15.09 24.05 28.04
N GLY D 217 -14.00 23.94 27.28
CA GLY D 217 -13.91 22.94 26.23
C GLY D 217 -14.08 23.59 24.87
N VAL D 218 -13.52 22.92 23.85
CA VAL D 218 -13.46 23.48 22.52
C VAL D 218 -14.84 23.59 21.88
N ALA D 219 -15.72 22.66 22.24
CA ALA D 219 -17.07 22.67 21.70
C ALA D 219 -17.77 23.95 22.12
N LYS D 220 -17.82 24.19 23.43
CA LYS D 220 -18.38 25.41 23.97
C LYS D 220 -17.67 26.66 23.43
N GLU D 221 -16.35 26.59 23.28
CA GLU D 221 -15.60 27.72 22.72
C GLU D 221 -16.10 28.06 21.30
N MET D 222 -16.23 27.05 20.43
CA MET D 222 -16.66 27.28 19.06
C MET D 222 -18.07 27.84 19.04
N GLU D 223 -18.90 27.32 19.93
CA GLU D 223 -20.30 27.71 19.98
C GLU D 223 -20.45 29.21 20.24
N ILE D 224 -19.82 29.71 21.28
CA ILE D 224 -19.97 31.12 21.60
C ILE D 224 -19.31 32.02 20.56
N LEU D 225 -18.20 31.58 19.98
CA LEU D 225 -17.56 32.39 18.95
C LEU D 225 -18.46 32.46 17.74
N ARG D 226 -19.00 31.30 17.32
CA ARG D 226 -19.86 31.23 16.15
C ARG D 226 -21.17 31.99 16.37
N GLU D 227 -21.63 32.03 17.62
CA GLU D 227 -22.87 32.75 17.93
C GLU D 227 -22.68 34.26 18.05
N ARG D 228 -21.61 34.67 18.71
CA ARG D 228 -21.30 36.09 18.85
C ARG D 228 -20.94 36.80 17.55
N LEU D 229 -20.30 36.08 16.63
CA LEU D 229 -19.70 36.68 15.43
C LEU D 229 -20.46 36.40 14.14
N GLY D 230 -21.39 35.46 14.19
CA GLY D 230 -22.21 35.18 13.03
C GLY D 230 -21.68 34.06 12.13
N PRO D 231 -22.46 33.73 11.10
CA PRO D 231 -22.23 32.61 10.19
C PRO D 231 -21.10 32.82 9.17
N ALA D 232 -20.64 34.05 8.98
CA ALA D 232 -19.68 34.31 7.87
C ALA D 232 -18.19 34.28 8.24
N VAL D 233 -17.84 34.64 9.47
CA VAL D 233 -16.44 34.62 9.90
C VAL D 233 -15.83 33.21 9.82
N ARG D 234 -14.53 33.13 9.54
CA ARG D 234 -13.81 31.85 9.66
C ARG D 234 -13.21 31.72 11.07
N ILE D 235 -13.32 30.53 11.67
CA ILE D 235 -12.77 30.30 13.00
C ILE D 235 -11.94 29.03 13.04
N ALA D 236 -10.64 29.20 13.35
CA ALA D 236 -9.70 28.07 13.43
C ALA D 236 -9.31 27.77 14.86
N CYS D 237 -8.78 26.57 15.08
CA CYS D 237 -8.32 26.20 16.41
C CYS D 237 -6.86 25.79 16.36
N ASP D 238 -6.02 26.40 17.20
CA ASP D 238 -4.63 25.94 17.38
C ASP D 238 -4.57 24.98 18.55
N MET D 239 -4.39 23.70 18.24
CA MET D 239 -4.47 22.69 19.30
C MET D 239 -3.20 22.46 20.08
N HIS D 240 -2.12 23.12 19.69
CA HIS D 240 -0.90 23.16 20.48
C HIS D 240 -0.24 21.80 20.78
N TRP D 241 -0.24 20.91 19.78
CA TRP D 241 0.61 19.70 19.78
C TRP D 241 0.28 18.59 20.77
N ALA D 242 -0.06 18.92 22.01
CA ALA D 242 -0.08 17.92 23.07
C ALA D 242 -1.29 16.98 23.04
N HIS D 243 -1.47 16.23 21.95
CA HIS D 243 -2.58 15.27 21.90
C HIS D 243 -2.17 13.99 21.17
N THR D 244 -2.79 12.87 21.53
CA THR D 244 -2.65 11.70 20.67
C THR D 244 -3.54 11.94 19.46
N ALA D 245 -3.36 11.17 18.40
CA ALA D 245 -4.20 11.31 17.22
C ALA D 245 -5.68 11.13 17.55
N SER D 246 -6.04 10.14 18.38
CA SER D 246 -7.45 9.94 18.68
C SER D 246 -8.02 11.02 19.61
N GLU D 247 -7.22 11.54 20.54
CA GLU D 247 -7.68 12.72 21.31
C GLU D 247 -7.97 13.87 20.34
N ALA D 248 -7.07 14.07 19.38
CA ALA D 248 -7.21 15.16 18.42
C ALA D 248 -8.48 14.99 17.59
N VAL D 249 -8.73 13.76 17.13
CA VAL D 249 -9.88 13.53 16.28
C VAL D 249 -11.14 13.88 17.07
N ALA D 250 -11.17 13.52 18.35
CA ALA D 250 -12.36 13.73 19.15
C ALA D 250 -12.63 15.22 19.35
N LEU D 251 -11.59 15.96 19.75
CA LEU D 251 -11.69 17.43 19.87
C LEU D 251 -12.19 18.06 18.58
N ILE D 252 -11.59 17.68 17.46
CA ILE D 252 -11.98 18.22 16.17
C ILE D 252 -13.44 17.89 15.84
N LYS D 253 -13.89 16.66 16.07
CA LYS D 253 -15.27 16.31 15.81
C LYS D 253 -16.20 17.17 16.64
N ALA D 254 -15.79 17.49 17.86
CA ALA D 254 -16.64 18.28 18.75
C ALA D 254 -16.76 19.73 18.29
N MET D 255 -15.78 20.17 17.51
CA MET D 255 -15.74 21.53 16.99
C MET D 255 -16.45 21.62 15.66
N GLU D 256 -16.46 20.52 14.89
CA GLU D 256 -16.86 20.62 13.48
C GLU D 256 -18.29 21.14 13.23
N PRO D 257 -19.26 20.80 14.10
CA PRO D 257 -20.66 21.22 13.90
C PRO D 257 -20.81 22.73 14.00
N HIS D 258 -19.77 23.43 14.40
CA HIS D 258 -19.84 24.88 14.48
C HIS D 258 -19.09 25.57 13.35
N GLY D 259 -18.61 24.76 12.41
CA GLY D 259 -17.95 25.27 11.21
C GLY D 259 -16.51 25.63 11.50
N LEU D 260 -15.65 24.62 11.47
CA LEU D 260 -14.29 24.79 11.87
C LEU D 260 -13.40 25.06 10.68
N TRP D 261 -12.68 26.17 10.70
CA TRP D 261 -11.85 26.59 9.58
C TRP D 261 -10.67 25.65 9.33
N PHE D 262 -9.81 25.50 10.33
CA PHE D 262 -8.72 24.52 10.26
C PHE D 262 -8.34 24.11 11.65
N ALA D 263 -7.70 22.95 11.78
CA ALA D 263 -7.20 22.51 13.07
C ALA D 263 -5.68 22.51 12.94
N GLU D 264 -5.00 23.23 13.84
CA GLU D 264 -3.56 23.44 13.72
C GLU D 264 -2.80 22.65 14.78
N ALA D 265 -1.67 22.03 14.40
CA ALA D 265 -0.82 21.32 15.35
C ALA D 265 -1.59 20.34 16.22
N PRO D 266 -2.31 19.40 15.58
CA PRO D 266 -3.17 18.50 16.36
C PRO D 266 -2.39 17.50 17.21
N VAL D 267 -1.16 17.17 16.81
CA VAL D 267 -0.41 16.14 17.52
C VAL D 267 1.05 16.56 17.54
N ARG D 268 1.92 15.80 18.19
CA ARG D 268 3.35 16.12 18.23
C ARG D 268 3.96 16.22 16.86
N THR D 269 4.96 17.09 16.72
CA THR D 269 5.67 17.26 15.46
C THR D 269 6.24 15.95 14.91
N GLU D 270 6.78 15.10 15.78
CA GLU D 270 7.41 13.85 15.32
C GLU D 270 6.36 12.76 15.07
N ASP D 271 5.12 13.05 15.43
CA ASP D 271 4.03 12.08 15.28
C ASP D 271 3.42 12.16 13.87
N ILE D 272 4.21 11.89 12.85
CA ILE D 272 3.74 11.97 11.47
C ILE D 272 2.64 10.95 11.22
N ASP D 273 2.81 9.74 11.75
CA ASP D 273 1.73 8.75 11.71
C ASP D 273 0.46 9.32 12.30
N GLY D 274 0.58 9.92 13.48
CA GLY D 274 -0.59 10.53 14.09
C GLY D 274 -1.17 11.62 13.21
N LEU D 275 -0.29 12.46 12.66
CA LEU D 275 -0.76 13.55 11.83
C LEU D 275 -1.51 12.98 10.63
N ALA D 276 -0.94 11.97 9.96
CA ALA D 276 -1.65 11.42 8.79
C ALA D 276 -3.03 10.86 9.17
N ARG D 277 -3.12 10.23 10.34
CA ARG D 277 -4.36 9.55 10.72
C ARG D 277 -5.43 10.60 11.04
N VAL D 278 -5.03 11.66 11.74
CA VAL D 278 -5.96 12.75 11.97
C VAL D 278 -6.51 13.30 10.66
N ALA D 279 -5.61 13.65 9.75
CA ALA D 279 -6.04 14.26 8.51
C ALA D 279 -7.02 13.32 7.80
N ALA D 280 -6.75 12.02 7.87
CA ALA D 280 -7.60 11.04 7.18
C ALA D 280 -8.92 10.76 7.89
N SER D 281 -9.05 11.17 9.16
CA SER D 281 -10.24 10.84 9.94
C SER D 281 -11.20 12.01 10.14
N VAL D 282 -10.80 13.22 9.76
CA VAL D 282 -11.64 14.38 9.95
C VAL D 282 -11.75 15.11 8.62
N SER D 283 -12.87 15.78 8.39
CA SER D 283 -13.05 16.46 7.14
C SER D 283 -12.38 17.85 7.17
N THR D 284 -12.05 18.31 8.36
CA THR D 284 -11.43 19.61 8.60
C THR D 284 -10.00 19.68 8.06
N ALA D 285 -9.65 20.83 7.51
CA ALA D 285 -8.30 21.07 7.02
C ALA D 285 -7.31 21.02 8.18
N ILE D 286 -6.22 20.27 8.02
CA ILE D 286 -5.16 20.19 9.03
C ILE D 286 -4.02 21.17 8.67
N ALA D 287 -3.60 22.00 9.61
CA ALA D 287 -2.53 22.98 9.37
C ALA D 287 -1.29 22.73 10.25
N VAL D 288 -0.12 22.72 9.63
CA VAL D 288 1.10 22.56 10.39
C VAL D 288 2.19 23.37 9.71
N GLY D 289 3.31 23.55 10.41
CA GLY D 289 4.51 24.07 9.79
C GLY D 289 5.31 25.11 10.56
N GLU D 290 4.69 25.80 11.52
CA GLU D 290 5.38 26.92 12.18
C GLU D 290 6.76 26.55 12.75
N GLU D 291 6.93 25.30 13.19
CA GLU D 291 8.17 24.93 13.86
C GLU D 291 9.17 24.24 12.94
N TRP D 292 8.84 24.10 11.66
CA TRP D 292 9.78 23.51 10.71
C TRP D 292 10.92 24.49 10.43
N ARG D 293 11.84 24.06 9.57
CA ARG D 293 13.01 24.86 9.20
C ARG D 293 13.25 24.87 7.71
N THR D 294 13.04 23.75 7.05
CA THR D 294 13.31 23.70 5.62
C THR D 294 12.23 22.96 4.86
N VAL D 295 12.25 23.14 3.56
CA VAL D 295 11.33 22.40 2.71
C VAL D 295 11.47 20.88 2.89
N HIS D 296 12.64 20.40 3.32
CA HIS D 296 12.84 18.95 3.57
C HIS D 296 11.91 18.44 4.65
N ASP D 297 11.56 19.30 5.60
CA ASP D 297 10.65 18.97 6.67
C ASP D 297 9.24 18.72 6.15
N MET D 298 8.95 19.33 5.01
CA MET D 298 7.61 19.31 4.48
C MET D 298 7.32 18.05 3.69
N VAL D 299 8.31 17.59 2.94
CA VAL D 299 8.14 16.43 2.06
C VAL D 299 7.47 15.23 2.75
N PRO D 300 8.01 14.78 3.88
CA PRO D 300 7.39 13.58 4.46
C PRO D 300 5.93 13.75 4.93
N ARG D 301 5.52 14.96 5.29
CA ARG D 301 4.12 15.20 5.71
C ARG D 301 3.18 15.14 4.51
N VAL D 302 3.60 15.83 3.47
CA VAL D 302 2.89 15.80 2.20
C VAL D 302 2.82 14.38 1.62
N ALA D 303 3.89 13.59 1.76
CA ALA D 303 3.86 12.23 1.21
C ALA D 303 2.85 11.36 1.94
N ARG D 304 2.47 11.77 3.16
CA ARG D 304 1.51 11.05 3.98
C ARG D 304 0.13 11.71 3.90
N ARG D 305 -0.03 12.64 2.95
CA ARG D 305 -1.24 13.45 2.85
C ARG D 305 -1.70 13.96 4.22
N ALA D 306 -0.78 14.47 5.01
CA ALA D 306 -1.08 14.81 6.38
C ALA D 306 -1.44 16.28 6.63
N LEU D 307 -1.54 17.09 5.58
CA LEU D 307 -1.86 18.52 5.78
C LEU D 307 -2.56 19.13 4.58
N ALA D 308 -3.50 20.05 4.85
CA ALA D 308 -4.15 20.80 3.80
C ALA D 308 -3.56 22.23 3.74
N ILE D 309 -2.93 22.66 4.83
CA ILE D 309 -2.40 24.03 4.95
C ILE D 309 -1.00 24.02 5.58
N VAL D 310 -0.07 24.74 4.98
CA VAL D 310 1.25 24.83 5.58
C VAL D 310 1.46 26.23 6.14
N GLN D 311 2.10 26.33 7.30
CA GLN D 311 2.20 27.61 8.01
C GLN D 311 3.65 28.04 8.30
N PRO D 312 4.39 28.39 7.26
CA PRO D 312 5.81 28.64 7.48
C PRO D 312 6.01 29.89 8.32
N GLU D 313 7.03 29.87 9.17
CA GLU D 313 7.42 31.03 9.99
C GLU D 313 8.70 31.62 9.41
N MET D 314 8.60 32.82 8.85
CA MET D 314 9.77 33.46 8.23
C MET D 314 10.96 33.55 9.20
N GLY D 315 10.70 33.86 10.47
CA GLY D 315 11.80 34.06 11.42
C GLY D 315 12.63 32.81 11.67
N HIS D 316 12.13 31.65 11.25
CA HIS D 316 12.83 30.38 11.43
C HIS D 316 13.46 29.91 10.12
N LYS D 317 12.93 30.38 9.00
CA LYS D 317 13.24 29.75 7.71
C LYS D 317 14.05 30.59 6.74
N GLY D 318 13.82 31.90 6.75
CA GLY D 318 14.39 32.76 5.72
C GLY D 318 13.62 32.65 4.42
N ILE D 319 13.91 33.56 3.49
CA ILE D 319 13.13 33.70 2.27
C ILE D 319 13.31 32.53 1.31
N THR D 320 14.54 32.06 1.19
CA THR D 320 14.87 30.96 0.30
C THR D 320 14.05 29.68 0.65
N GLN D 321 14.06 29.32 1.92
CA GLN D 321 13.33 28.14 2.41
C GLN D 321 11.83 28.39 2.42
N PHE D 322 11.42 29.59 2.83
CA PHE D 322 10.01 30.00 2.81
C PHE D 322 9.43 29.82 1.42
N MET D 323 10.12 30.33 0.39
CA MET D 323 9.63 30.23 -0.97
C MET D 323 9.67 28.80 -1.52
N ARG D 324 10.63 28.00 -1.10
CA ARG D 324 10.66 26.64 -1.59
C ARG D 324 9.49 25.86 -1.03
N ILE D 325 9.13 26.16 0.22
CA ILE D 325 7.96 25.58 0.86
C ILE D 325 6.68 26.06 0.16
N GLY D 326 6.60 27.35 -0.12
CA GLY D 326 5.43 27.88 -0.83
C GLY D 326 5.24 27.29 -2.21
N ALA D 327 6.35 27.01 -2.89
CA ALA D 327 6.27 26.39 -4.21
C ALA D 327 5.96 24.90 -4.15
N TYR D 328 6.37 24.25 -3.06
CA TYR D 328 6.06 22.84 -2.88
C TYR D 328 4.56 22.73 -2.62
N ALA D 329 4.06 23.66 -1.81
CA ALA D 329 2.64 23.77 -1.53
C ALA D 329 1.84 23.97 -2.82
N HIS D 330 2.38 24.80 -3.70
CA HIS D 330 1.68 25.16 -4.91
C HIS D 330 1.48 23.92 -5.78
N VAL D 331 2.54 23.11 -5.89
CA VAL D 331 2.53 21.95 -6.76
C VAL D 331 1.62 20.88 -6.16
N HIS D 332 1.48 20.92 -4.85
CA HIS D 332 0.71 19.89 -4.14
C HIS D 332 -0.66 20.36 -3.67
N HIS D 333 -1.09 21.50 -4.18
CA HIS D 333 -2.42 22.05 -3.88
C HIS D 333 -2.70 22.20 -2.40
N ILE D 334 -1.72 22.77 -1.72
CA ILE D 334 -1.78 23.05 -0.31
C ILE D 334 -1.80 24.57 -0.12
N LYS D 335 -2.69 25.06 0.73
CA LYS D 335 -2.79 26.50 1.02
C LYS D 335 -1.62 26.92 1.90
N VAL D 336 -1.18 28.17 1.77
CA VAL D 336 -0.09 28.67 2.59
C VAL D 336 -0.65 29.76 3.47
N ILE D 337 -0.57 29.57 4.79
CA ILE D 337 -0.98 30.59 5.73
C ILE D 337 0.12 30.86 6.75
N PRO D 338 1.02 31.80 6.41
CA PRO D 338 2.18 32.08 7.24
C PRO D 338 1.86 32.39 8.69
N HIS D 339 2.76 31.95 9.55
CA HIS D 339 2.68 32.14 10.96
C HIS D 339 3.21 33.55 11.20
N ALA D 340 2.85 34.15 12.32
CA ALA D 340 3.47 35.41 12.72
C ALA D 340 3.83 35.30 14.19
N THR D 341 4.85 36.04 14.61
CA THR D 341 5.33 35.96 15.98
C THR D 341 6.00 37.27 16.47
N ILE D 342 6.36 37.29 17.74
CA ILE D 342 7.13 38.37 18.35
C ILE D 342 8.33 38.70 17.47
N GLY D 343 8.57 39.98 17.23
CA GLY D 343 9.73 40.40 16.47
C GLY D 343 9.76 41.89 16.23
N ALA D 344 10.92 42.40 15.81
CA ALA D 344 11.12 43.80 15.47
C ALA D 344 10.24 44.22 14.32
N GLY D 345 9.95 43.28 13.42
CA GLY D 345 9.24 43.59 12.19
C GLY D 345 10.02 43.30 10.92
N ILE D 346 11.31 43.02 11.06
CA ILE D 346 12.12 42.69 9.89
C ILE D 346 11.72 41.34 9.25
N PHE D 347 11.74 40.24 10.01
CA PHE D 347 11.32 38.97 9.37
C PHE D 347 9.85 38.98 8.97
N LEU D 348 9.04 39.77 9.68
CA LEU D 348 7.64 39.99 9.27
C LEU D 348 7.55 40.60 7.88
N ALA D 349 8.34 41.66 7.66
CA ALA D 349 8.39 42.32 6.36
C ALA D 349 8.81 41.30 5.30
N ALA D 350 9.84 40.53 5.60
CA ALA D 350 10.26 39.51 4.65
C ALA D 350 9.09 38.52 4.39
N SER D 351 8.35 38.21 5.44
CA SER D 351 7.19 37.31 5.29
C SER D 351 6.18 37.92 4.34
N LEU D 352 5.93 39.21 4.48
CA LEU D 352 4.98 39.89 3.59
C LEU D 352 5.49 39.97 2.16
N GLN D 353 6.80 40.17 1.98
CA GLN D 353 7.32 40.23 0.62
C GLN D 353 7.15 38.86 -0.04
N ALA D 354 7.61 37.82 0.65
CA ALA D 354 7.58 36.47 0.10
C ALA D 354 6.13 36.09 -0.18
N SER D 355 5.26 36.41 0.77
CA SER D 355 3.84 36.16 0.64
C SER D 355 3.29 36.83 -0.61
N ALA D 356 3.73 38.07 -0.86
CA ALA D 356 3.23 38.82 -2.01
C ALA D 356 3.66 38.17 -3.33
N ALA D 357 4.65 37.28 -3.26
CA ALA D 357 5.14 36.64 -4.47
C ALA D 357 4.62 35.19 -4.67
N LEU D 358 3.97 34.61 -3.67
CA LEU D 358 3.49 33.22 -3.75
C LEU D 358 2.09 33.09 -4.32
N ALA D 359 1.91 32.17 -5.25
CA ALA D 359 0.58 31.90 -5.77
C ALA D 359 -0.43 31.50 -4.68
N ASN D 360 -0.01 30.67 -3.73
CA ASN D 360 -0.99 30.02 -2.83
C ASN D 360 -1.27 30.69 -1.51
N VAL D 361 -0.90 31.96 -1.37
CA VAL D 361 -1.14 32.66 -0.10
C VAL D 361 -2.55 33.21 0.08
N ASP D 362 -3.19 32.72 1.13
CA ASP D 362 -4.59 32.96 1.40
C ASP D 362 -4.72 34.13 2.36
N CYS D 363 -4.23 33.94 3.58
CA CYS D 363 -4.08 35.03 4.52
C CYS D 363 -2.85 34.81 5.37
N HIS D 364 -2.64 35.67 6.35
CA HIS D 364 -1.41 35.71 7.08
C HIS D 364 -1.80 35.92 8.52
N GLU D 365 -1.06 35.34 9.45
CA GLU D 365 -1.39 35.50 10.84
C GLU D 365 -1.05 36.93 11.24
N PHE D 366 -1.82 37.49 12.15
CA PHE D 366 -1.55 38.81 12.66
C PHE D 366 -1.63 38.79 14.17
N GLN D 367 -0.58 39.23 14.83
CA GLN D 367 -0.63 39.40 16.27
C GLN D 367 -0.62 40.89 16.57
N HIS D 368 -1.72 41.42 17.09
CA HIS D 368 -1.74 42.83 17.41
C HIS D 368 -0.71 43.11 18.48
N SER D 369 -0.66 42.23 19.46
CA SER D 369 0.05 42.52 20.67
C SER D 369 1.51 42.76 20.37
N ILE D 370 2.07 41.95 19.49
CA ILE D 370 3.38 42.26 18.99
C ILE D 370 3.43 43.48 18.09
N PHE D 371 2.53 43.51 17.11
CA PHE D 371 2.70 44.39 15.97
C PHE D 371 2.61 45.89 16.28
N GLU D 372 1.59 46.28 17.03
CA GLU D 372 1.38 47.71 17.26
C GLU D 372 2.51 48.32 18.05
N PRO D 373 2.93 47.55 19.14
CA PRO D 373 3.99 48.21 19.93
C PRO D 373 5.22 48.47 19.09
N ASN D 374 5.53 47.56 18.16
CA ASN D 374 6.79 47.57 17.45
C ASN D 374 6.83 48.52 16.27
N ARG D 375 5.77 49.27 16.12
CA ARG D 375 5.68 50.26 15.05
C ARG D 375 6.82 51.27 15.19
N ARG D 376 7.14 51.64 16.43
CA ARG D 376 8.15 52.66 16.67
C ARG D 376 9.50 52.23 16.16
N LEU D 377 9.69 50.93 16.02
CA LEU D 377 10.97 50.38 15.67
C LEU D 377 11.32 50.30 14.19
N LEU D 378 10.39 50.67 13.31
CA LEU D 378 10.66 50.60 11.87
C LEU D 378 10.34 51.84 11.05
N VAL D 379 11.19 52.14 10.07
CA VAL D 379 10.84 53.12 9.06
C VAL D 379 10.40 52.36 7.82
N GLY D 380 9.29 52.78 7.24
CA GLY D 380 8.72 52.14 6.05
C GLY D 380 7.21 52.14 6.12
N ASP D 381 6.55 51.54 5.14
CA ASP D 381 5.08 51.61 5.08
C ASP D 381 4.35 50.28 5.35
N MET D 382 5.00 49.34 6.00
CA MET D 382 4.30 48.12 6.42
C MET D 382 3.19 48.47 7.39
N ASP D 383 1.97 48.04 7.07
CA ASP D 383 0.83 48.32 7.92
C ASP D 383 -0.08 47.10 7.99
N CYS D 384 -0.97 47.12 8.96
CA CYS D 384 -2.10 46.19 8.98
C CYS D 384 -3.35 46.88 9.54
N LEU D 385 -4.36 47.03 8.68
CA LEU D 385 -5.63 47.62 9.08
C LEU D 385 -6.77 47.13 8.20
N ASN D 386 -7.98 47.17 8.74
CA ASN D 386 -9.17 46.71 8.01
C ASN D 386 -8.99 45.26 7.58
N GLY D 387 -8.37 44.46 8.44
CA GLY D 387 -8.20 43.03 8.18
C GLY D 387 -7.18 42.69 7.10
N GLU D 388 -6.26 43.60 6.82
CA GLU D 388 -5.31 43.38 5.71
C GLU D 388 -3.92 43.94 6.00
N TYR D 389 -2.90 43.18 5.64
CA TYR D 389 -1.54 43.66 5.70
C TYR D 389 -1.30 44.51 4.48
N VAL D 390 -0.69 45.67 4.68
CA VAL D 390 -0.15 46.44 3.56
C VAL D 390 1.30 45.97 3.31
N VAL D 391 1.57 45.47 2.11
CA VAL D 391 2.92 45.03 1.77
C VAL D 391 3.79 46.28 1.56
N PRO D 392 5.02 46.31 2.13
CA PRO D 392 5.90 47.48 2.01
C PRO D 392 6.28 47.76 0.57
N THR D 393 6.42 49.05 0.25
CA THR D 393 6.60 49.51 -1.13
C THR D 393 8.06 49.58 -1.57
N GLY D 394 8.91 50.19 -0.75
CA GLY D 394 10.31 50.45 -1.15
C GLY D 394 11.04 49.23 -1.66
N PRO D 395 12.31 49.42 -2.07
CA PRO D 395 13.26 48.39 -2.52
C PRO D 395 13.66 47.43 -1.39
N GLY D 396 14.08 46.21 -1.73
CA GLY D 396 14.41 45.23 -0.69
C GLY D 396 13.18 44.84 0.09
N LEU D 397 13.31 44.75 1.42
CA LEU D 397 12.20 44.42 2.30
C LEU D 397 11.23 45.58 2.41
N GLY D 398 11.71 46.78 2.14
CA GLY D 398 10.87 47.99 2.25
C GLY D 398 10.80 48.55 3.66
N VAL D 399 11.60 47.98 4.55
CA VAL D 399 11.64 48.48 5.92
C VAL D 399 13.06 48.40 6.44
N GLU D 400 13.28 49.01 7.59
CA GLU D 400 14.55 48.96 8.27
C GLU D 400 14.35 49.52 9.65
N PRO D 401 15.22 49.12 10.59
CA PRO D 401 15.10 49.55 11.98
C PRO D 401 15.23 51.06 12.08
N SER D 402 14.48 51.67 12.98
CA SER D 402 14.60 53.11 13.25
C SER D 402 15.87 53.44 14.04
N LYS D 403 16.28 54.71 14.00
CA LYS D 403 17.39 55.20 14.82
C LYS D 403 17.24 54.68 16.23
N GLU D 404 16.03 54.84 16.77
CA GLU D 404 15.69 54.41 18.12
C GLU D 404 15.99 52.93 18.28
N ALA D 405 15.52 52.13 17.34
CA ALA D 405 15.78 50.70 17.35
C ALA D 405 17.28 50.44 17.34
N GLN D 406 17.97 51.02 16.36
CA GLN D 406 19.40 50.77 16.22
C GLN D 406 20.13 51.18 17.49
N GLY D 407 19.60 52.19 18.18
CA GLY D 407 20.18 52.64 19.43
C GLY D 407 19.96 51.63 20.54
N LEU D 408 19.00 50.74 20.34
CA LEU D 408 18.71 49.71 21.34
C LEU D 408 19.43 48.40 21.07
N LEU D 409 20.01 48.25 19.89
CA LEU D 409 20.71 47.02 19.54
C LEU D 409 21.86 46.73 20.51
N LYS D 410 22.03 45.46 20.85
CA LYS D 410 23.15 45.02 21.66
C LYS D 410 24.00 44.08 20.84
N LYS D 411 25.18 44.52 20.44
CA LYS D 411 26.03 43.72 19.59
C LYS D 411 26.50 42.47 20.28
N HIS D 412 26.65 41.41 19.51
CA HIS D 412 27.15 40.18 20.06
C HIS D 412 28.63 40.35 20.39
N SER E 25 30.37 -9.18 44.76
CA SER E 25 28.99 -8.61 44.77
C SER E 25 27.93 -9.71 44.77
N ASP E 26 26.80 -9.43 45.40
CA ASP E 26 25.80 -10.44 45.72
C ASP E 26 25.24 -11.17 44.49
N ARG E 27 24.99 -12.47 44.63
CA ARG E 27 24.41 -13.27 43.55
C ARG E 27 23.20 -14.02 44.05
N VAL E 28 22.36 -14.46 43.13
CA VAL E 28 21.18 -15.24 43.46
C VAL E 28 21.63 -16.59 44.00
N LYS E 29 21.08 -16.96 45.15
CA LYS E 29 21.43 -18.21 45.80
C LYS E 29 20.31 -19.25 45.69
N LYS E 30 19.06 -18.85 45.92
CA LYS E 30 17.97 -19.80 45.74
C LYS E 30 16.65 -19.14 45.32
N ILE E 31 15.77 -19.95 44.75
CA ILE E 31 14.50 -19.51 44.20
C ILE E 31 13.41 -20.50 44.56
N GLU E 32 12.33 -20.01 45.15
CA GLU E 32 11.24 -20.88 45.56
C GLU E 32 9.94 -20.34 45.03
N SER E 33 9.04 -21.25 44.67
CA SER E 33 7.75 -20.82 44.21
C SER E 33 6.62 -21.39 45.08
N PHE E 34 5.54 -20.63 45.19
CA PHE E 34 4.41 -20.96 46.06
C PHE E 34 3.15 -20.47 45.41
N THR E 35 2.01 -21.07 45.79
CA THR E 35 0.72 -20.45 45.52
C THR E 35 0.20 -19.78 46.78
N LEU E 36 -0.61 -18.75 46.57
CA LEU E 36 -1.32 -18.07 47.65
C LEU E 36 -2.79 -18.01 47.26
N THR E 37 -3.60 -18.77 47.99
CA THR E 37 -5.02 -18.86 47.72
C THR E 37 -5.74 -18.00 48.76
N LEU E 38 -6.79 -17.30 48.35
CA LEU E 38 -7.47 -16.35 49.22
C LEU E 38 -8.95 -16.68 49.37
N PRO E 39 -9.57 -16.29 50.50
CA PRO E 39 -10.97 -16.68 50.76
C PRO E 39 -12.03 -15.99 49.89
N ARG E 40 -11.62 -15.04 49.07
CA ARG E 40 -12.54 -14.37 48.16
C ARG E 40 -12.90 -15.22 46.98
N GLU E 41 -14.19 -15.38 46.81
CA GLU E 41 -14.76 -16.17 45.75
C GLU E 41 -14.89 -15.42 44.45
N THR E 42 -15.12 -16.16 43.39
CA THR E 42 -15.26 -15.61 42.06
C THR E 42 -16.15 -14.36 42.05
N PRO E 50 -26.61 -20.30 37.23
CA PRO E 50 -27.36 -21.44 36.72
C PRO E 50 -26.44 -22.36 35.90
N GLY E 51 -26.60 -23.67 36.06
CA GLY E 51 -25.78 -24.64 35.34
C GLY E 51 -24.32 -24.22 35.19
N GLU E 52 -23.85 -23.34 36.07
CA GLU E 52 -22.46 -22.86 36.04
C GLU E 52 -21.68 -23.26 37.30
N GLU E 53 -22.01 -24.41 37.86
CA GLU E 53 -21.33 -24.93 39.04
C GLU E 53 -19.86 -25.24 38.74
N PRO E 54 -18.99 -25.13 39.75
CA PRO E 54 -17.60 -25.51 39.56
C PRO E 54 -17.54 -26.99 39.24
N ASN E 55 -16.55 -27.42 38.48
CA ASN E 55 -16.36 -28.84 38.24
C ASN E 55 -15.58 -29.46 39.40
N GLY E 56 -15.21 -30.72 39.28
CA GLY E 56 -14.52 -31.40 40.38
C GLY E 56 -13.15 -30.84 40.70
N ARG E 57 -12.66 -29.94 39.85
CA ARG E 57 -11.37 -29.33 40.07
C ARG E 57 -11.52 -27.87 40.55
N GLY E 58 -12.75 -27.40 40.75
CA GLY E 58 -12.98 -26.02 41.19
C GLY E 58 -13.06 -24.97 40.07
N TYR E 59 -13.21 -25.41 38.83
CA TYR E 59 -13.29 -24.48 37.70
C TYR E 59 -14.70 -24.39 37.18
N LEU E 60 -15.13 -23.16 36.93
CA LEU E 60 -16.42 -23.00 36.28
C LEU E 60 -16.21 -22.26 34.96
N VAL E 61 -17.17 -22.41 34.06
CA VAL E 61 -17.16 -21.76 32.77
C VAL E 61 -18.41 -20.88 32.69
N ARG E 62 -18.27 -19.59 32.38
CA ARG E 62 -19.46 -18.79 32.13
C ARG E 62 -19.93 -19.03 30.70
N LYS E 63 -21.09 -19.67 30.55
CA LYS E 63 -21.72 -19.92 29.26
C LYS E 63 -21.67 -18.70 28.35
N ALA E 64 -21.79 -17.52 28.95
CA ALA E 64 -21.87 -16.28 28.19
C ALA E 64 -20.60 -16.04 27.38
N ASN E 65 -19.45 -16.37 27.95
CA ASN E 65 -18.19 -16.08 27.27
C ASN E 65 -17.26 -17.28 27.10
N ARG E 66 -17.68 -18.46 27.55
CA ARG E 66 -16.91 -19.66 27.32
C ARG E 66 -15.52 -19.63 27.97
N THR E 67 -15.28 -18.67 28.85
CA THR E 67 -14.01 -18.52 29.55
C THR E 67 -14.03 -19.26 30.91
N VAL E 68 -12.92 -19.88 31.29
CA VAL E 68 -12.88 -20.59 32.58
C VAL E 68 -12.46 -19.68 33.73
N TYR E 69 -13.01 -19.92 34.90
CA TYR E 69 -12.65 -19.20 36.13
C TYR E 69 -12.45 -20.16 37.30
N PRO E 70 -11.47 -19.87 38.16
CA PRO E 70 -11.37 -20.64 39.39
C PRO E 70 -12.44 -20.12 40.35
N THR E 71 -12.72 -20.89 41.40
CA THR E 71 -13.66 -20.48 42.45
C THR E 71 -13.08 -19.48 43.45
N PHE E 72 -11.80 -19.63 43.81
CA PHE E 72 -11.19 -18.68 44.76
C PHE E 72 -9.99 -17.99 44.14
N ASP E 73 -9.73 -16.75 44.56
CA ASP E 73 -8.55 -15.98 44.14
C ASP E 73 -7.26 -16.72 44.46
N ARG E 74 -6.25 -16.57 43.61
CA ARG E 74 -5.04 -17.36 43.74
C ARG E 74 -3.94 -16.76 42.84
N SER E 75 -2.71 -16.76 43.31
CA SER E 75 -1.64 -16.29 42.50
C SER E 75 -0.39 -17.08 42.83
N VAL E 76 0.61 -16.97 41.97
CA VAL E 76 1.86 -17.70 42.16
C VAL E 76 2.89 -16.69 42.63
N LEU E 77 3.55 -17.00 43.73
CA LEU E 77 4.63 -16.14 44.18
C LEU E 77 5.94 -16.87 44.13
N VAL E 78 6.98 -16.07 43.97
CA VAL E 78 8.34 -16.55 43.85
C VAL E 78 9.16 -15.76 44.84
N ARG E 79 10.00 -16.48 45.58
CA ARG E 79 10.88 -15.88 46.58
C ARG E 79 12.33 -16.12 46.18
N ILE E 80 13.08 -15.04 45.99
CA ILE E 80 14.47 -15.21 45.58
C ILE E 80 15.39 -14.64 46.64
N GLU E 81 16.35 -15.46 47.08
CA GLU E 81 17.33 -15.04 48.06
C GLU E 81 18.73 -15.08 47.46
N THR E 82 19.52 -14.03 47.75
CA THR E 82 20.93 -13.96 47.35
C THR E 82 21.90 -14.54 48.39
N GLU E 83 23.17 -14.65 48.02
CA GLU E 83 24.22 -15.17 48.92
C GLU E 83 24.32 -14.41 50.24
N ASN E 84 24.21 -13.10 50.20
CA ASN E 84 24.25 -12.26 51.42
C ASN E 84 22.94 -12.19 52.20
N GLY E 85 21.91 -12.90 51.74
CA GLY E 85 20.69 -13.00 52.51
C GLY E 85 19.63 -11.96 52.16
N ALA E 86 19.87 -11.16 51.13
CA ALA E 86 18.80 -10.29 50.62
C ALA E 86 17.68 -11.14 50.04
N VAL E 87 16.43 -10.71 50.23
CA VAL E 87 15.28 -11.44 49.70
C VAL E 87 14.43 -10.59 48.76
N GLY E 88 14.15 -11.13 47.57
CA GLY E 88 13.24 -10.48 46.61
C GLY E 88 11.96 -11.27 46.42
N TRP E 89 10.88 -10.56 46.11
CA TRP E 89 9.58 -11.18 45.93
C TRP E 89 8.97 -10.86 44.57
N GLY E 90 8.48 -11.89 43.90
CA GLY E 90 7.78 -11.70 42.63
C GLY E 90 6.44 -12.38 42.64
N GLU E 91 5.63 -12.09 41.64
CA GLU E 91 4.30 -12.68 41.57
C GLU E 91 3.79 -12.71 40.13
N THR E 92 3.01 -13.74 39.78
CA THR E 92 2.37 -13.84 38.48
C THR E 92 0.97 -14.48 38.66
N TYR E 93 0.21 -14.57 37.59
CA TYR E 93 -1.10 -15.21 37.64
C TYR E 93 -0.97 -16.62 38.15
N GLY E 94 -2.00 -17.10 38.83
CA GLY E 94 -2.06 -18.50 39.20
C GLY E 94 -3.49 -18.96 39.20
N LEU E 95 -4.34 -18.33 38.38
CA LEU E 95 -5.76 -18.62 38.41
C LEU E 95 -6.05 -20.04 37.92
N VAL E 96 -5.35 -20.47 36.87
CA VAL E 96 -5.62 -21.78 36.29
C VAL E 96 -4.33 -22.59 36.19
N ALA E 97 -4.40 -23.85 36.62
CA ALA E 97 -3.24 -24.73 36.59
C ALA E 97 -1.98 -24.04 37.10
N PRO E 98 -2.00 -23.46 38.31
CA PRO E 98 -0.81 -22.72 38.77
C PRO E 98 0.44 -23.59 38.94
N ARG E 99 0.30 -24.90 39.09
CA ARG E 99 1.48 -25.75 39.27
C ARG E 99 2.21 -25.95 37.95
N ALA E 100 1.53 -25.66 36.85
CA ALA E 100 2.20 -25.66 35.55
C ALA E 100 3.23 -24.54 35.53
N THR E 101 2.83 -23.35 35.93
CA THR E 101 3.75 -22.20 36.04
C THR E 101 4.90 -22.46 37.01
N MET E 102 4.58 -22.98 38.20
CA MET E 102 5.62 -23.27 39.19
C MET E 102 6.58 -24.35 38.71
N GLU E 103 6.09 -25.25 37.86
CA GLU E 103 6.94 -26.31 37.35
C GLU E 103 7.95 -25.70 36.39
N ILE E 104 7.49 -24.78 35.58
CA ILE E 104 8.39 -24.08 34.67
C ILE E 104 9.48 -23.36 35.46
N ILE E 105 9.10 -22.66 36.52
CA ILE E 105 10.08 -21.95 37.37
C ILE E 105 11.02 -22.99 37.98
N ASP E 106 10.43 -24.03 38.56
CA ASP E 106 11.21 -24.98 39.34
C ASP E 106 12.05 -25.90 38.46
N ASP E 107 11.50 -26.34 37.35
CA ASP E 107 12.22 -27.32 36.51
C ASP E 107 13.27 -26.68 35.58
N LEU E 108 13.04 -25.46 35.16
CA LEU E 108 13.90 -24.90 34.15
C LEU E 108 14.56 -23.60 34.59
N LEU E 109 13.77 -22.62 34.97
CA LEU E 109 14.31 -21.24 35.10
C LEU E 109 15.18 -21.07 36.33
N ALA E 110 14.77 -21.72 37.42
CA ALA E 110 15.45 -21.52 38.69
C ALA E 110 16.92 -21.86 38.53
N ASP E 111 17.20 -23.07 38.06
CA ASP E 111 18.58 -23.54 38.01
C ASP E 111 19.44 -22.70 37.07
N PHE E 112 18.82 -21.98 36.14
CA PHE E 112 19.59 -21.11 35.26
C PHE E 112 19.64 -19.66 35.71
N THR E 113 19.04 -19.36 36.85
CA THR E 113 19.03 -17.98 37.34
C THR E 113 19.95 -17.89 38.55
N ILE E 114 20.09 -19.01 39.24
CA ILE E 114 20.99 -19.07 40.39
C ILE E 114 22.41 -18.73 39.97
N GLY E 115 23.09 -17.90 40.75
CA GLY E 115 24.43 -17.49 40.39
C GLY E 115 24.49 -16.15 39.69
N ARG E 116 23.35 -15.66 39.23
CA ARG E 116 23.33 -14.41 38.44
C ARG E 116 23.26 -13.19 39.34
N ASP E 117 23.61 -12.05 38.78
CA ASP E 117 23.58 -10.78 39.51
C ASP E 117 22.23 -10.08 39.30
N PRO E 118 21.52 -9.75 40.40
CA PRO E 118 20.19 -9.16 40.17
C PRO E 118 20.24 -7.83 39.42
N PHE E 119 21.38 -7.14 39.45
CA PHE E 119 21.48 -5.93 38.61
C PHE E 119 21.46 -6.20 37.10
N ASP E 120 21.51 -7.48 36.71
CA ASP E 120 21.42 -7.86 35.29
C ASP E 120 20.02 -8.36 34.92
N ALA E 121 19.02 -7.94 35.71
CA ALA E 121 17.64 -8.39 35.55
C ALA E 121 17.10 -8.47 34.11
N ALA E 122 17.19 -7.38 33.35
CA ALA E 122 16.72 -7.39 31.98
C ALA E 122 17.52 -8.33 31.07
N ALA E 123 18.83 -8.39 31.27
CA ALA E 123 19.65 -9.31 30.47
C ALA E 123 19.32 -10.75 30.85
N ILE E 124 19.14 -10.98 32.15
CA ILE E 124 18.73 -12.30 32.63
C ILE E 124 17.40 -12.67 31.98
N HIS E 125 16.49 -11.72 31.94
CA HIS E 125 15.19 -11.94 31.29
C HIS E 125 15.33 -12.41 29.84
N ASP E 126 16.15 -11.70 29.08
CA ASP E 126 16.40 -12.08 27.69
C ASP E 126 17.04 -13.47 27.60
N ASP E 127 18.01 -13.77 28.48
CA ASP E 127 18.61 -15.10 28.49
C ASP E 127 17.57 -16.18 28.74
N LEU E 128 16.72 -15.97 29.75
CA LEU E 128 15.66 -16.92 30.08
C LEU E 128 14.69 -17.12 28.93
N TYR E 129 14.26 -16.02 28.33
CA TYR E 129 13.38 -16.06 27.17
C TYR E 129 13.96 -16.86 26.00
N ASP E 130 15.24 -16.65 25.72
CA ASP E 130 15.90 -17.37 24.63
C ASP E 130 15.99 -18.89 24.83
N LEU E 131 15.93 -19.34 26.07
CA LEU E 131 16.06 -20.77 26.34
C LEU E 131 15.12 -21.60 25.47
N MET E 132 13.88 -21.13 25.34
CA MET E 132 12.85 -21.88 24.64
C MET E 132 12.21 -21.16 23.45
N ARG E 133 12.74 -20.01 23.02
CA ARG E 133 12.01 -19.22 22.02
C ARG E 133 11.84 -19.96 20.66
N VAL E 134 12.91 -20.60 20.19
CA VAL E 134 12.86 -21.26 18.86
C VAL E 134 11.86 -22.42 18.79
N ARG E 135 11.36 -22.87 19.93
CA ARG E 135 10.27 -23.85 19.93
C ARG E 135 8.90 -23.22 20.12
N GLY E 136 8.87 -21.89 20.23
CA GLY E 136 7.61 -21.15 20.27
C GLY E 136 6.93 -20.95 21.61
N TYR E 137 7.64 -21.19 22.70
CA TYR E 137 7.08 -20.93 24.01
C TYR E 137 7.37 -19.44 24.34
N THR E 138 6.76 -18.52 23.62
CA THR E 138 7.16 -17.12 23.72
C THR E 138 6.08 -16.25 24.35
N GLY E 139 5.08 -16.93 24.91
CA GLY E 139 3.97 -16.28 25.62
C GLY E 139 3.41 -17.09 26.78
N GLY E 140 2.08 -17.09 26.89
CA GLY E 140 1.33 -17.91 27.84
C GLY E 140 1.92 -18.10 29.23
N PHE E 141 1.97 -19.36 29.64
CA PHE E 141 2.55 -19.80 30.91
C PHE E 141 4.05 -19.52 30.98
N TYR E 142 4.72 -19.63 29.85
CA TYR E 142 6.18 -19.45 29.90
C TYR E 142 6.54 -18.03 30.34
N VAL E 143 5.91 -17.04 29.74
CA VAL E 143 6.22 -15.65 30.12
C VAL E 143 5.64 -15.25 31.50
N ASP E 144 4.52 -15.85 31.89
CA ASP E 144 4.04 -15.73 33.27
C ASP E 144 5.18 -16.04 34.24
N ALA E 145 5.75 -17.23 34.08
CA ALA E 145 6.88 -17.69 34.89
C ALA E 145 8.04 -16.70 34.85
N LEU E 146 8.39 -16.25 33.65
CA LEU E 146 9.45 -15.25 33.50
C LEU E 146 9.14 -14.00 34.28
N ALA E 147 7.87 -13.61 34.30
CA ALA E 147 7.47 -12.36 34.95
C ALA E 147 7.70 -12.41 36.47
N ALA E 148 7.27 -13.50 37.09
CA ALA E 148 7.42 -13.67 38.54
C ALA E 148 8.89 -13.54 38.92
N ILE E 149 9.76 -14.19 38.13
CA ILE E 149 11.20 -14.15 38.36
C ILE E 149 11.74 -12.74 38.11
N ASP E 150 11.30 -12.11 37.03
CA ASP E 150 11.77 -10.80 36.67
C ASP E 150 11.48 -9.80 37.80
N ILE E 151 10.28 -9.89 38.36
CA ILE E 151 9.83 -8.93 39.34
C ILE E 151 10.67 -9.06 40.59
N ALA E 152 10.95 -10.30 40.99
CA ALA E 152 11.76 -10.56 42.16
C ALA E 152 13.19 -10.08 41.99
N LEU E 153 13.77 -10.27 40.79
CA LEU E 153 15.13 -9.80 40.57
C LEU E 153 15.21 -8.27 40.64
N TRP E 154 14.19 -7.62 40.11
CA TRP E 154 14.17 -6.16 40.14
C TRP E 154 13.96 -5.68 41.60
N ASP E 155 13.11 -6.38 42.33
CA ASP E 155 12.93 -6.11 43.75
C ASP E 155 14.31 -6.13 44.43
N LEU E 156 15.08 -7.18 44.15
CA LEU E 156 16.42 -7.32 44.75
C LEU E 156 17.35 -6.20 44.35
N ALA E 157 17.37 -5.87 43.07
CA ALA E 157 18.27 -4.82 42.62
C ALA E 157 18.01 -3.53 43.40
N GLY E 158 16.74 -3.20 43.58
CA GLY E 158 16.38 -2.01 44.32
C GLY E 158 16.83 -2.08 45.76
N LYS E 159 16.60 -3.21 46.40
CA LYS E 159 17.04 -3.36 47.77
C LYS E 159 18.56 -3.28 47.85
N LEU E 160 19.26 -3.99 46.96
CA LEU E 160 20.72 -3.96 47.00
C LEU E 160 21.23 -2.52 46.88
N ALA E 161 20.53 -1.69 46.13
CA ALA E 161 21.05 -0.33 45.91
C ALA E 161 20.43 0.71 46.84
N GLY E 162 19.49 0.29 47.68
CA GLY E 162 18.75 1.22 48.53
C GLY E 162 17.86 2.18 47.76
N LEU E 163 17.33 1.74 46.62
CA LEU E 163 16.43 2.58 45.81
C LEU E 163 15.09 1.91 45.50
N PRO E 164 14.02 2.70 45.37
CA PRO E 164 12.80 2.16 44.82
C PRO E 164 13.07 1.77 43.38
N VAL E 165 12.43 0.70 42.91
CA VAL E 165 12.60 0.26 41.52
C VAL E 165 12.53 1.38 40.46
N CYS E 166 11.59 2.32 40.59
CA CYS E 166 11.51 3.38 39.57
C CYS E 166 12.81 4.20 39.41
N LYS E 167 13.64 4.20 40.44
CA LYS E 167 14.90 4.96 40.36
C LYS E 167 15.96 4.13 39.64
N LEU E 168 15.64 2.88 39.35
CA LEU E 168 16.51 2.07 38.52
C LEU E 168 15.96 1.95 37.10
N LEU E 169 14.84 2.61 36.84
CA LEU E 169 14.17 2.52 35.53
C LEU E 169 14.24 3.84 34.76
N GLY E 170 15.12 4.74 35.17
CA GLY E 170 15.26 5.99 34.44
C GLY E 170 14.75 7.17 35.24
N GLY E 171 14.06 6.88 36.32
CA GLY E 171 13.68 7.93 37.26
C GLY E 171 12.22 7.94 37.64
N GLN E 172 11.92 8.61 38.74
CA GLN E 172 10.56 8.72 39.20
C GLN E 172 9.90 9.99 38.65
N ARG E 173 8.87 9.80 37.84
CA ARG E 173 8.17 10.90 37.20
C ARG E 173 6.99 11.38 38.02
N ARG E 174 6.52 10.54 38.93
CA ARG E 174 5.37 10.90 39.73
C ARG E 174 5.29 9.98 40.94
N ASP E 175 4.65 10.43 42.01
CA ASP E 175 4.58 9.61 43.21
C ASP E 175 3.16 9.23 43.53
N ARG E 176 2.23 9.77 42.75
CA ARG E 176 0.82 9.40 42.78
C ARG E 176 0.41 9.09 41.35
N ILE E 177 -0.48 8.13 41.19
CA ILE E 177 -1.01 7.80 39.87
C ILE E 177 -2.54 7.77 39.92
N ALA E 178 -3.20 8.55 39.07
CA ALA E 178 -4.68 8.54 39.02
C ALA E 178 -5.16 7.09 38.83
N ALA E 179 -6.28 6.75 39.46
CA ALA E 179 -6.81 5.40 39.36
C ALA E 179 -8.23 5.45 38.84
N TYR E 180 -8.64 4.43 38.11
CA TYR E 180 -10.01 4.36 37.68
C TYR E 180 -10.66 3.10 38.21
N ILE E 181 -11.95 3.20 38.53
CA ILE E 181 -12.73 2.07 39.05
C ILE E 181 -12.90 1.03 37.95
N SER E 182 -12.44 -0.19 38.22
CA SER E 182 -12.29 -1.22 37.17
C SER E 182 -13.61 -1.75 36.63
N GLY E 183 -14.63 -1.76 37.49
CA GLY E 183 -15.97 -2.21 37.12
C GLY E 183 -17.03 -1.96 38.19
N LEU E 184 -18.27 -2.31 37.88
CA LEU E 184 -19.41 -2.00 38.74
C LEU E 184 -20.24 -3.27 38.84
N PRO E 185 -19.85 -4.18 39.75
CA PRO E 185 -20.45 -5.51 39.81
C PRO E 185 -21.79 -5.54 40.53
N GLU E 186 -22.82 -4.97 39.92
CA GLU E 186 -24.16 -4.95 40.51
C GLU E 186 -25.24 -5.59 39.64
N ASP E 187 -26.34 -5.95 40.29
CA ASP E 187 -27.44 -6.71 39.71
C ASP E 187 -28.16 -5.98 38.58
N THR E 188 -28.29 -4.67 38.70
CA THR E 188 -29.08 -3.90 37.75
C THR E 188 -28.45 -2.56 37.46
N ARG E 189 -28.88 -1.96 36.36
CA ARG E 189 -28.36 -0.66 35.93
C ARG E 189 -28.43 0.37 37.07
N ALA E 190 -29.62 0.48 37.67
CA ALA E 190 -29.84 1.44 38.75
C ALA E 190 -28.78 1.31 39.83
N LYS E 191 -28.56 0.09 40.29
CA LYS E 191 -27.64 -0.20 41.37
C LYS E 191 -26.19 0.06 40.98
N ARG E 192 -25.80 -0.38 39.79
CA ARG E 192 -24.43 -0.15 39.36
C ARG E 192 -24.14 1.34 39.38
N ALA E 193 -25.11 2.14 38.90
CA ALA E 193 -24.94 3.59 38.86
C ALA E 193 -24.78 4.23 40.25
N GLU E 194 -25.37 3.62 41.27
CA GLU E 194 -25.27 4.15 42.63
C GLU E 194 -23.92 3.78 43.22
N LEU E 195 -23.51 2.54 43.01
CA LEU E 195 -22.17 2.07 43.38
C LEU E 195 -21.12 3.04 42.88
N ALA E 196 -21.25 3.44 41.63
CA ALA E 196 -20.34 4.39 41.00
C ALA E 196 -20.33 5.73 41.74
N ALA E 197 -21.52 6.23 42.06
CA ALA E 197 -21.65 7.50 42.78
C ALA E 197 -21.00 7.41 44.16
N ALA E 198 -21.07 6.23 44.77
CA ALA E 198 -20.37 6.02 46.05
C ALA E 198 -18.86 6.24 45.87
N TRP E 199 -18.29 5.60 44.85
CA TRP E 199 -16.87 5.74 44.57
C TRP E 199 -16.53 7.16 44.20
N GLN E 200 -17.48 7.85 43.57
CA GLN E 200 -17.23 9.22 43.17
C GLN E 200 -17.12 10.07 44.42
N ALA E 201 -17.85 9.67 45.44
CA ALA E 201 -17.90 10.41 46.70
C ALA E 201 -16.57 10.29 47.42
N LYS E 202 -15.81 9.25 47.07
CA LYS E 202 -14.53 9.02 47.70
C LYS E 202 -13.37 9.65 46.92
N GLY E 203 -13.71 10.38 45.86
CA GLY E 203 -12.70 11.15 45.11
C GLY E 203 -12.36 10.58 43.74
N PHE E 204 -13.00 9.50 43.34
CA PHE E 204 -12.76 8.87 42.04
C PHE E 204 -13.57 9.53 40.93
N SER E 205 -12.91 9.90 39.84
CA SER E 205 -13.64 10.48 38.71
C SER E 205 -13.38 9.79 37.37
N SER E 206 -13.02 8.51 37.40
CA SER E 206 -12.86 7.77 36.15
C SER E 206 -13.32 6.34 36.41
N PHE E 207 -14.05 5.77 35.45
CA PHE E 207 -14.79 4.55 35.68
C PHE E 207 -14.80 3.70 34.42
N LYS E 208 -14.95 2.39 34.59
CA LYS E 208 -15.13 1.49 33.46
C LYS E 208 -16.22 0.48 33.84
N PHE E 209 -17.04 0.10 32.87
CA PHE E 209 -18.00 -0.99 33.03
C PHE E 209 -17.79 -2.00 31.92
N ALA E 210 -18.20 -3.25 32.17
CA ALA E 210 -18.07 -4.30 31.16
C ALA E 210 -19.38 -4.44 30.37
N SER E 211 -19.31 -4.49 29.05
CA SER E 211 -20.50 -4.47 28.23
C SER E 211 -21.43 -5.66 28.50
N PRO E 212 -20.80 -6.86 28.84
CA PRO E 212 -21.73 -7.97 29.08
C PRO E 212 -22.72 -7.73 30.21
N VAL E 213 -22.33 -7.03 31.26
CA VAL E 213 -23.22 -6.76 32.39
C VAL E 213 -24.32 -5.77 32.05
N ALA E 214 -24.21 -5.11 30.92
CA ALA E 214 -25.17 -4.05 30.58
C ALA E 214 -26.42 -4.68 30.01
N ASP E 215 -27.26 -5.21 30.91
CA ASP E 215 -28.44 -5.98 30.54
C ASP E 215 -29.41 -5.16 29.71
N ASP E 216 -29.46 -3.87 29.99
CA ASP E 216 -30.33 -2.95 29.27
C ASP E 216 -29.69 -2.42 27.99
N GLY E 217 -28.46 -2.84 27.72
CA GLY E 217 -27.72 -2.38 26.55
C GLY E 217 -26.73 -1.26 26.84
N VAL E 218 -25.70 -1.15 26.02
CA VAL E 218 -24.62 -0.19 26.27
C VAL E 218 -25.03 1.26 26.22
N ALA E 219 -25.91 1.59 25.29
CA ALA E 219 -26.35 2.98 25.13
C ALA E 219 -26.99 3.44 26.43
N LYS E 220 -27.91 2.62 26.96
CA LYS E 220 -28.62 2.88 28.20
C LYS E 220 -27.73 2.90 29.42
N GLU E 221 -26.80 1.97 29.50
CA GLU E 221 -25.84 1.96 30.61
C GLU E 221 -25.09 3.26 30.63
N MET E 222 -24.56 3.60 29.48
CA MET E 222 -23.83 4.84 29.32
C MET E 222 -24.70 6.03 29.73
N GLU E 223 -25.99 5.98 29.36
CA GLU E 223 -26.88 7.10 29.67
C GLU E 223 -27.06 7.28 31.18
N ILE E 224 -27.41 6.19 31.86
CA ILE E 224 -27.57 6.22 33.30
C ILE E 224 -26.32 6.73 34.01
N LEU E 225 -25.17 6.18 33.67
CA LEU E 225 -23.91 6.57 34.32
C LEU E 225 -23.58 8.03 34.09
N ARG E 226 -23.74 8.49 32.86
CA ARG E 226 -23.45 9.87 32.53
C ARG E 226 -24.35 10.80 33.34
N GLU E 227 -25.64 10.46 33.35
CA GLU E 227 -26.65 11.22 34.07
C GLU E 227 -26.34 11.28 35.56
N ARG E 228 -26.21 10.10 36.17
CA ARG E 228 -25.92 10.01 37.60
C ARG E 228 -24.66 10.79 37.96
N LEU E 229 -23.59 10.55 37.20
CA LEU E 229 -22.24 10.99 37.61
C LEU E 229 -21.89 12.38 37.12
N GLY E 230 -22.64 12.87 36.14
CA GLY E 230 -22.38 14.21 35.62
C GLY E 230 -21.48 14.18 34.40
N PRO E 231 -21.14 15.36 33.89
CA PRO E 231 -20.38 15.52 32.65
C PRO E 231 -18.87 15.54 32.84
N ALA E 232 -18.42 15.55 34.09
CA ALA E 232 -16.99 15.71 34.37
C ALA E 232 -16.20 14.38 34.34
N VAL E 233 -16.84 13.31 34.78
CA VAL E 233 -16.20 11.99 34.90
C VAL E 233 -15.84 11.37 33.54
N ARG E 234 -14.80 10.55 33.54
CA ARG E 234 -14.47 9.77 32.35
C ARG E 234 -15.13 8.40 32.49
N ILE E 235 -15.74 7.93 31.41
CA ILE E 235 -16.41 6.62 31.48
C ILE E 235 -15.99 5.77 30.28
N ALA E 236 -15.39 4.61 30.57
CA ALA E 236 -14.88 3.74 29.51
C ALA E 236 -15.67 2.42 29.50
N CYS E 237 -15.51 1.64 28.43
CA CYS E 237 -16.27 0.39 28.33
C CYS E 237 -15.37 -0.75 27.89
N ASP E 238 -15.30 -1.81 28.68
CA ASP E 238 -14.51 -2.97 28.30
C ASP E 238 -15.44 -3.90 27.54
N MET E 239 -15.17 -4.10 26.26
CA MET E 239 -16.11 -4.82 25.42
C MET E 239 -15.95 -6.33 25.46
N HIS E 240 -14.94 -6.81 26.17
CA HIS E 240 -14.72 -8.25 26.34
C HIS E 240 -14.61 -9.07 25.07
N TRP E 241 -13.95 -8.51 24.03
CA TRP E 241 -13.43 -9.28 22.87
C TRP E 241 -14.43 -9.92 21.89
N ALA E 242 -15.59 -10.35 22.37
CA ALA E 242 -16.38 -11.26 21.50
C ALA E 242 -17.31 -10.53 20.55
N HIS E 243 -16.72 -9.77 19.62
CA HIS E 243 -17.48 -9.05 18.59
C HIS E 243 -16.71 -9.04 17.28
N THR E 244 -17.43 -9.01 16.17
CA THR E 244 -16.80 -8.76 14.89
C THR E 244 -16.50 -7.25 14.87
N ALA E 245 -15.66 -6.79 13.96
CA ALA E 245 -15.40 -5.37 13.81
C ALA E 245 -16.70 -4.57 13.58
N SER E 246 -17.55 -5.02 12.67
CA SER E 246 -18.80 -4.27 12.47
C SER E 246 -19.70 -4.23 13.69
N GLU E 247 -19.81 -5.33 14.43
CA GLU E 247 -20.60 -5.32 15.65
C GLU E 247 -20.04 -4.37 16.68
N ALA E 248 -18.71 -4.37 16.80
CA ALA E 248 -18.06 -3.48 17.77
C ALA E 248 -18.28 -2.01 17.38
N VAL E 249 -18.12 -1.70 16.10
CA VAL E 249 -18.35 -0.33 15.63
C VAL E 249 -19.75 0.18 15.98
N ALA E 250 -20.78 -0.64 15.76
CA ALA E 250 -22.15 -0.22 16.05
C ALA E 250 -22.31 0.06 17.54
N LEU E 251 -21.76 -0.82 18.36
CA LEU E 251 -21.86 -0.63 19.80
C LEU E 251 -21.17 0.66 20.25
N ILE E 252 -19.99 0.93 19.71
CA ILE E 252 -19.23 2.10 20.12
C ILE E 252 -19.96 3.38 19.69
N LYS E 253 -20.47 3.37 18.46
CA LYS E 253 -21.20 4.53 17.95
C LYS E 253 -22.42 4.82 18.81
N ALA E 254 -23.02 3.77 19.37
CA ALA E 254 -24.19 3.93 20.21
C ALA E 254 -23.82 4.48 21.58
N MET E 255 -22.54 4.41 21.94
CA MET E 255 -22.10 4.87 23.25
C MET E 255 -21.53 6.30 23.17
N GLU E 256 -21.09 6.70 22.00
CA GLU E 256 -20.32 7.92 21.83
C GLU E 256 -21.07 9.20 22.21
N PRO E 257 -22.37 9.26 21.92
CA PRO E 257 -23.15 10.46 22.28
C PRO E 257 -23.09 10.78 23.78
N HIS E 258 -22.91 9.76 24.61
CA HIS E 258 -22.85 9.93 26.06
C HIS E 258 -21.46 10.20 26.64
N GLY E 259 -20.48 10.50 25.77
CA GLY E 259 -19.11 10.79 26.21
C GLY E 259 -18.31 9.56 26.66
N LEU E 260 -17.74 8.84 25.70
CA LEU E 260 -17.03 7.59 25.98
C LEU E 260 -15.51 7.81 26.05
N TRP E 261 -14.93 7.51 27.21
CA TRP E 261 -13.48 7.62 27.45
C TRP E 261 -12.65 6.71 26.51
N PHE E 262 -12.90 5.42 26.56
CA PHE E 262 -12.27 4.56 25.59
C PHE E 262 -13.08 3.28 25.47
N ALA E 263 -12.86 2.55 24.38
CA ALA E 263 -13.45 1.20 24.19
C ALA E 263 -12.32 0.15 24.22
N GLU E 264 -12.43 -0.81 25.11
CA GLU E 264 -11.37 -1.77 25.33
C GLU E 264 -11.72 -3.15 24.74
N ALA E 265 -10.76 -3.74 24.04
CA ALA E 265 -10.93 -5.12 23.55
C ALA E 265 -12.24 -5.27 22.75
N PRO E 266 -12.40 -4.47 21.69
CA PRO E 266 -13.59 -4.49 20.86
C PRO E 266 -13.72 -5.80 20.07
N VAL E 267 -12.60 -6.42 19.69
CA VAL E 267 -12.64 -7.66 18.88
C VAL E 267 -11.74 -8.77 19.45
N ARG E 268 -11.69 -9.94 18.82
CA ARG E 268 -10.76 -10.98 19.28
C ARG E 268 -9.29 -10.53 19.24
N THR E 269 -8.47 -11.06 20.13
CA THR E 269 -7.01 -10.81 20.09
C THR E 269 -6.39 -11.06 18.71
N GLU E 270 -6.71 -12.19 18.10
CA GLU E 270 -6.17 -12.54 16.79
C GLU E 270 -6.66 -11.64 15.64
N ASP E 271 -7.74 -10.90 15.86
CA ASP E 271 -8.39 -10.17 14.77
C ASP E 271 -7.78 -8.80 14.56
N ILE E 272 -6.52 -8.77 14.09
CA ILE E 272 -5.81 -7.50 13.94
C ILE E 272 -6.45 -6.62 12.89
N ASP E 273 -6.83 -7.21 11.75
CA ASP E 273 -7.58 -6.46 10.71
C ASP E 273 -8.84 -5.86 11.28
N GLY E 274 -9.58 -6.65 12.06
CA GLY E 274 -10.79 -6.16 12.72
C GLY E 274 -10.48 -4.98 13.65
N LEU E 275 -9.40 -5.10 14.42
CA LEU E 275 -9.06 -4.07 15.40
C LEU E 275 -8.72 -2.77 14.68
N ALA E 276 -7.97 -2.89 13.59
CA ALA E 276 -7.55 -1.75 12.79
C ALA E 276 -8.76 -1.07 12.13
N ARG E 277 -9.70 -1.87 11.66
CA ARG E 277 -10.94 -1.32 11.09
C ARG E 277 -11.72 -0.56 12.15
N VAL E 278 -11.84 -1.14 13.34
CA VAL E 278 -12.58 -0.49 14.42
C VAL E 278 -11.95 0.87 14.76
N ALA E 279 -10.64 0.88 15.01
CA ALA E 279 -9.93 2.13 15.39
C ALA E 279 -10.03 3.21 14.31
N ALA E 280 -10.11 2.77 13.06
CA ALA E 280 -10.24 3.66 11.93
C ALA E 280 -11.66 4.16 11.75
N SER E 281 -12.64 3.45 12.32
CA SER E 281 -14.05 3.74 12.04
C SER E 281 -14.73 4.60 13.09
N VAL E 282 -14.11 4.74 14.25
CA VAL E 282 -14.74 5.47 15.33
C VAL E 282 -13.77 6.53 15.80
N SER E 283 -14.27 7.51 16.53
CA SER E 283 -13.39 8.57 17.02
C SER E 283 -12.98 8.34 18.48
N THR E 284 -13.46 7.26 19.06
CA THR E 284 -13.10 6.89 20.43
C THR E 284 -11.73 6.22 20.44
N ALA E 285 -10.93 6.50 21.45
CA ALA E 285 -9.66 5.86 21.64
C ALA E 285 -9.90 4.34 21.84
N ILE E 286 -9.17 3.51 21.10
CA ILE E 286 -9.25 2.05 21.31
C ILE E 286 -8.12 1.56 22.20
N ALA E 287 -8.45 0.72 23.18
CA ALA E 287 -7.49 0.27 24.18
C ALA E 287 -7.38 -1.25 24.20
N VAL E 288 -6.17 -1.80 24.22
CA VAL E 288 -5.99 -3.26 24.28
C VAL E 288 -4.69 -3.57 24.98
N GLY E 289 -4.48 -4.83 25.33
CA GLY E 289 -3.16 -5.24 25.74
C GLY E 289 -3.00 -6.10 26.97
N GLU E 290 -4.04 -6.19 27.79
CA GLU E 290 -3.93 -6.88 29.06
C GLU E 290 -3.55 -8.38 28.86
N GLU E 291 -3.91 -8.95 27.71
CA GLU E 291 -3.67 -10.39 27.48
C GLU E 291 -2.36 -10.63 26.76
N TRP E 292 -1.63 -9.56 26.47
CA TRP E 292 -0.30 -9.71 25.84
C TRP E 292 0.77 -10.20 26.80
N ARG E 293 1.96 -10.47 26.28
CA ARG E 293 3.08 -10.95 27.10
C ARG E 293 4.39 -10.20 26.89
N THR E 294 4.66 -9.75 25.67
CA THR E 294 5.94 -9.12 25.41
C THR E 294 5.73 -7.98 24.46
N VAL E 295 6.76 -7.15 24.29
CA VAL E 295 6.68 -6.01 23.38
C VAL E 295 6.48 -6.47 21.95
N HIS E 296 6.94 -7.67 21.63
CA HIS E 296 6.67 -8.21 20.30
C HIS E 296 5.18 -8.26 19.95
N ASP E 297 4.33 -8.45 20.96
CA ASP E 297 2.88 -8.46 20.74
C ASP E 297 2.38 -7.09 20.35
N MET E 298 3.02 -6.05 20.90
CA MET E 298 2.54 -4.71 20.61
C MET E 298 2.79 -4.25 19.17
N VAL E 299 3.94 -4.66 18.61
CA VAL E 299 4.41 -4.10 17.33
C VAL E 299 3.43 -4.18 16.15
N PRO E 300 2.85 -5.36 15.90
CA PRO E 300 1.96 -5.36 14.73
C PRO E 300 0.66 -4.57 14.93
N ARG E 301 0.23 -4.34 16.18
CA ARG E 301 -0.97 -3.53 16.37
C ARG E 301 -0.67 -2.07 16.11
N VAL E 302 0.51 -1.62 16.56
CA VAL E 302 0.97 -0.24 16.30
C VAL E 302 1.18 -0.02 14.81
N ALA E 303 1.77 -1.01 14.15
CA ALA E 303 1.93 -0.97 12.70
C ALA E 303 0.62 -0.67 11.97
N ARG E 304 -0.49 -1.19 12.46
CA ARG E 304 -1.78 -0.96 11.78
C ARG E 304 -2.56 0.19 12.43
N ARG E 305 -1.86 1.02 13.20
CA ARG E 305 -2.48 2.10 13.98
CA ARG E 305 -2.52 2.12 13.89
C ARG E 305 -3.83 1.67 14.55
N ALA E 306 -3.83 0.47 15.11
CA ALA E 306 -5.02 -0.18 15.65
C ALA E 306 -5.34 0.11 17.13
N LEU E 307 -4.48 0.87 17.81
CA LEU E 307 -4.78 1.24 19.18
C LEU E 307 -4.28 2.64 19.54
N ALA E 308 -4.98 3.27 20.48
CA ALA E 308 -4.60 4.57 20.98
C ALA E 308 -4.08 4.47 22.41
N ILE E 309 -4.40 3.36 23.07
CA ILE E 309 -4.07 3.13 24.47
C ILE E 309 -3.65 1.68 24.64
N VAL E 310 -2.51 1.44 25.27
CA VAL E 310 -2.07 0.09 25.60
C VAL E 310 -2.26 -0.14 27.10
N GLN E 311 -2.70 -1.35 27.44
CA GLN E 311 -3.04 -1.71 28.80
C GLN E 311 -2.28 -2.95 29.29
N PRO E 312 -1.00 -2.76 29.57
CA PRO E 312 -0.16 -3.86 30.04
C PRO E 312 -0.57 -4.35 31.43
N GLU E 313 -0.60 -5.67 31.58
CA GLU E 313 -0.85 -6.29 32.86
C GLU E 313 0.47 -6.78 33.43
N MET E 314 0.94 -6.12 34.47
CA MET E 314 2.25 -6.43 35.03
C MET E 314 2.44 -7.91 35.41
N GLY E 315 1.38 -8.54 35.88
CA GLY E 315 1.46 -9.93 36.34
C GLY E 315 1.67 -10.93 35.24
N HIS E 316 1.40 -10.53 34.00
CA HIS E 316 1.64 -11.40 32.84
C HIS E 316 3.02 -11.12 32.22
N LYS E 317 3.57 -9.94 32.52
CA LYS E 317 4.64 -9.39 31.67
C LYS E 317 6.00 -9.24 32.37
N GLY E 318 5.96 -8.90 33.64
CA GLY E 318 7.18 -8.64 34.37
C GLY E 318 7.64 -7.24 34.03
N ILE E 319 8.56 -6.72 34.84
CA ILE E 319 8.96 -5.31 34.69
C ILE E 319 9.70 -5.00 33.38
N THR E 320 10.60 -5.89 32.99
CA THR E 320 11.40 -5.68 31.78
C THR E 320 10.53 -5.50 30.54
N GLN E 321 9.57 -6.40 30.33
CA GLN E 321 8.65 -6.28 29.20
C GLN E 321 7.66 -5.11 29.36
N PHE E 322 7.21 -4.86 30.57
CA PHE E 322 6.20 -3.84 30.83
C PHE E 322 6.85 -2.49 30.47
N MET E 323 8.11 -2.33 30.85
CA MET E 323 8.86 -1.14 30.46
C MET E 323 9.14 -1.05 28.96
N ARG E 324 9.39 -2.19 28.32
CA ARG E 324 9.59 -2.20 26.89
C ARG E 324 8.32 -1.78 26.16
N ILE E 325 7.19 -2.22 26.64
CA ILE E 325 5.91 -1.81 26.03
C ILE E 325 5.66 -0.31 26.26
N GLY E 326 5.94 0.18 27.46
CA GLY E 326 5.73 1.59 27.77
C GLY E 326 6.64 2.48 26.97
N ALA E 327 7.87 2.02 26.73
CA ALA E 327 8.82 2.82 25.94
C ALA E 327 8.45 2.82 24.47
N TYR E 328 7.94 1.69 23.99
CA TYR E 328 7.48 1.63 22.60
C TYR E 328 6.28 2.58 22.44
N ALA E 329 5.46 2.67 23.48
CA ALA E 329 4.26 3.52 23.43
C ALA E 329 4.72 4.98 23.43
N HIS E 330 5.82 5.26 24.13
CA HIS E 330 6.37 6.60 24.14
C HIS E 330 6.81 7.04 22.73
N VAL E 331 7.55 6.18 22.07
CA VAL E 331 8.03 6.41 20.71
C VAL E 331 6.88 6.55 19.74
N HIS E 332 5.81 5.80 19.97
CA HIS E 332 4.70 5.79 19.03
C HIS E 332 3.50 6.60 19.49
N HIS E 333 3.69 7.43 20.53
CA HIS E 333 2.63 8.35 20.94
C HIS E 333 1.33 7.64 21.30
N ILE E 334 1.46 6.60 22.10
CA ILE E 334 0.33 5.86 22.61
C ILE E 334 0.31 6.04 24.11
N LYS E 335 -0.90 6.20 24.65
CA LYS E 335 -1.05 6.33 26.09
C LYS E 335 -1.01 4.98 26.75
N VAL E 336 -0.52 4.98 28.00
CA VAL E 336 -0.40 3.76 28.77
C VAL E 336 -1.34 3.84 29.95
N ILE E 337 -2.27 2.88 30.03
CA ILE E 337 -3.18 2.77 31.17
C ILE E 337 -3.19 1.32 31.62
N PRO E 338 -2.32 0.99 32.60
CA PRO E 338 -2.07 -0.41 32.98
C PRO E 338 -3.32 -1.09 33.52
N HIS E 339 -3.42 -2.39 33.25
CA HIS E 339 -4.52 -3.22 33.75
C HIS E 339 -4.22 -3.56 35.20
N ALA E 340 -5.25 -3.97 35.94
CA ALA E 340 -5.09 -4.45 37.31
C ALA E 340 -6.02 -5.64 37.55
N THR E 341 -5.64 -6.55 38.41
CA THR E 341 -6.40 -7.78 38.55
C THR E 341 -6.20 -8.47 39.92
N ILE E 342 -6.80 -9.66 40.06
CA ILE E 342 -6.63 -10.53 41.22
C ILE E 342 -5.16 -10.76 41.54
N GLY E 343 -4.76 -10.48 42.77
CA GLY E 343 -3.35 -10.68 43.15
C GLY E 343 -3.11 -10.16 44.55
N ALA E 344 -2.04 -10.64 45.18
CA ALA E 344 -1.73 -10.31 46.56
C ALA E 344 -1.30 -8.86 46.71
N GLY E 345 -0.85 -8.26 45.61
CA GLY E 345 -0.33 -6.87 45.63
C GLY E 345 1.15 -6.79 45.24
N ILE E 346 1.81 -7.94 45.06
CA ILE E 346 3.25 -7.88 44.69
C ILE E 346 3.44 -7.38 43.26
N PHE E 347 2.83 -8.05 42.27
CA PHE E 347 2.92 -7.50 40.91
C PHE E 347 2.21 -6.16 40.71
N LEU E 348 1.16 -5.90 41.47
CA LEU E 348 0.59 -4.56 41.52
C LEU E 348 1.63 -3.50 41.94
N ALA E 349 2.38 -3.80 43.01
CA ALA E 349 3.46 -2.92 43.45
C ALA E 349 4.49 -2.66 42.35
N ALA E 350 4.84 -3.73 41.62
CA ALA E 350 5.75 -3.59 40.47
C ALA E 350 5.10 -2.71 39.39
N SER E 351 3.81 -2.90 39.14
CA SER E 351 3.13 -2.11 38.15
C SER E 351 3.19 -0.61 38.53
N LEU E 352 3.06 -0.31 39.82
CA LEU E 352 3.14 1.10 40.25
C LEU E 352 4.55 1.68 40.09
N GLN E 353 5.56 0.88 40.43
CA GLN E 353 6.94 1.31 40.29
C GLN E 353 7.25 1.59 38.84
N ALA E 354 6.91 0.64 37.97
CA ALA E 354 7.15 0.82 36.55
C ALA E 354 6.32 1.99 36.03
N SER E 355 5.08 2.10 36.50
CA SER E 355 4.23 3.17 36.00
C SER E 355 4.76 4.55 36.46
N ALA E 356 5.43 4.61 37.61
CA ALA E 356 6.02 5.86 38.10
C ALA E 356 7.16 6.30 37.21
N ALA E 357 7.70 5.36 36.44
CA ALA E 357 8.86 5.65 35.62
C ALA E 357 8.51 5.80 34.15
N LEU E 358 7.25 5.65 33.79
CA LEU E 358 6.90 5.75 32.36
C LEU E 358 6.41 7.14 32.02
N ALA E 359 6.88 7.67 30.91
CA ALA E 359 6.42 8.98 30.45
C ALA E 359 4.93 9.00 30.14
N ASN E 360 4.40 7.92 29.59
CA ASN E 360 3.06 7.99 28.99
C ASN E 360 1.96 7.40 29.86
N VAL E 361 2.26 7.13 31.13
CA VAL E 361 1.24 6.60 32.03
C VAL E 361 0.35 7.71 32.56
N ASP E 362 -0.91 7.64 32.15
CA ASP E 362 -1.95 8.63 32.41
C ASP E 362 -2.74 8.30 33.69
N CYS E 363 -2.98 7.02 33.92
CA CYS E 363 -4.03 6.55 34.80
C CYS E 363 -3.77 5.05 34.97
N HIS E 364 -4.42 4.40 35.93
CA HIS E 364 -4.11 2.99 36.24
C HIS E 364 -5.40 2.34 36.73
N GLU E 365 -5.66 1.12 36.27
CA GLU E 365 -6.84 0.42 36.76
C GLU E 365 -6.77 0.11 38.27
N PHE E 366 -7.91 0.19 38.95
CA PHE E 366 -8.00 -0.10 40.38
C PHE E 366 -9.10 -1.13 40.66
N GLN E 367 -8.71 -2.25 41.30
CA GLN E 367 -9.66 -3.29 41.73
C GLN E 367 -9.99 -3.15 43.22
N HIS E 368 -11.04 -2.39 43.52
CA HIS E 368 -11.50 -2.18 44.91
C HIS E 368 -11.68 -3.46 45.71
N SER E 369 -12.41 -4.42 45.14
CA SER E 369 -12.79 -5.62 45.91
C SER E 369 -11.65 -6.61 46.07
N ILE E 370 -10.51 -6.29 45.48
CA ILE E 370 -9.32 -7.12 45.59
C ILE E 370 -8.30 -6.41 46.47
N PHE E 371 -8.09 -5.13 46.19
CA PHE E 371 -7.13 -4.32 46.94
C PHE E 371 -7.43 -4.26 48.44
N GLU E 372 -8.70 -4.04 48.77
CA GLU E 372 -9.11 -3.85 50.17
C GLU E 372 -8.80 -5.04 51.08
N PRO E 373 -9.38 -6.21 50.78
CA PRO E 373 -9.16 -7.43 51.56
C PRO E 373 -7.67 -7.86 51.57
N ASN E 374 -6.95 -7.57 50.49
CA ASN E 374 -5.54 -7.98 50.38
C ASN E 374 -4.56 -7.12 51.19
N ARG E 375 -5.07 -6.05 51.80
CA ARG E 375 -4.26 -5.17 52.64
C ARG E 375 -3.51 -5.90 53.75
N ARG E 376 -4.16 -6.87 54.40
CA ARG E 376 -3.51 -7.64 55.46
C ARG E 376 -2.37 -8.54 54.94
N LEU E 377 -2.21 -8.63 53.62
CA LEU E 377 -1.20 -9.56 53.07
C LEU E 377 0.15 -8.89 52.87
N LEU E 378 0.20 -7.58 53.07
CA LEU E 378 1.34 -6.79 52.64
C LEU E 378 1.90 -5.93 53.75
N VAL E 379 3.21 -5.72 53.71
CA VAL E 379 3.86 -4.69 54.50
C VAL E 379 4.43 -3.65 53.55
N GLY E 380 4.29 -2.38 53.88
CA GLY E 380 4.79 -1.30 53.03
C GLY E 380 3.73 -0.23 52.93
N ASP E 381 4.02 0.86 52.22
CA ASP E 381 3.07 1.98 52.22
C ASP E 381 2.36 2.20 50.90
N MET E 382 2.04 1.10 50.21
CA MET E 382 1.23 1.21 49.00
C MET E 382 -0.20 1.45 49.42
N ASP E 383 -0.90 2.30 48.67
CA ASP E 383 -2.25 2.65 49.02
C ASP E 383 -2.93 3.21 47.79
N CYS E 384 -4.26 3.19 47.81
CA CYS E 384 -5.05 3.84 46.82
C CYS E 384 -6.20 4.51 47.53
N LEU E 385 -6.33 5.82 47.39
CA LEU E 385 -7.39 6.54 48.09
C LEU E 385 -7.59 7.88 47.41
N ASN E 386 -8.84 8.33 47.38
CA ASN E 386 -9.13 9.64 46.86
C ASN E 386 -8.75 9.71 45.37
N GLY E 387 -9.11 8.65 44.64
CA GLY E 387 -8.92 8.61 43.19
C GLY E 387 -7.49 8.42 42.70
N GLU E 388 -6.57 8.14 43.62
CA GLU E 388 -5.15 8.09 43.28
C GLU E 388 -4.43 6.94 43.95
N TYR E 389 -3.51 6.30 43.22
CA TYR E 389 -2.56 5.39 43.85
C TYR E 389 -1.41 6.14 44.52
N VAL E 390 -0.98 5.63 45.67
CA VAL E 390 0.28 6.06 46.26
C VAL E 390 1.38 5.07 45.92
N VAL E 391 2.40 5.53 45.22
CA VAL E 391 3.55 4.69 44.88
C VAL E 391 4.38 4.40 46.13
N PRO E 392 4.58 3.11 46.45
CA PRO E 392 5.39 2.76 47.62
C PRO E 392 6.77 3.42 47.59
N THR E 393 7.34 3.71 48.75
CA THR E 393 8.60 4.46 48.80
C THR E 393 9.87 3.68 49.15
N GLY E 394 9.75 2.55 49.86
CA GLY E 394 10.96 1.85 50.31
C GLY E 394 11.84 1.43 49.13
N PRO E 395 13.01 0.86 49.41
CA PRO E 395 13.82 0.30 48.33
C PRO E 395 13.12 -0.90 47.69
N GLY E 396 13.48 -1.22 46.45
CA GLY E 396 12.83 -2.34 45.76
C GLY E 396 11.41 -2.02 45.35
N LEU E 397 10.54 -3.02 45.45
CA LEU E 397 9.15 -2.82 45.15
C LEU E 397 8.54 -1.86 46.16
N GLY E 398 9.09 -1.83 47.35
CA GLY E 398 8.50 -1.04 48.43
C GLY E 398 7.46 -1.82 49.24
N VAL E 399 7.14 -3.04 48.84
CA VAL E 399 6.19 -3.83 49.58
C VAL E 399 6.73 -5.26 49.72
N GLU E 400 6.28 -5.96 50.74
CA GLU E 400 6.55 -7.40 50.80
C GLU E 400 5.40 -8.12 51.46
N PRO E 401 5.35 -9.46 51.29
CA PRO E 401 4.31 -10.23 51.96
C PRO E 401 4.48 -10.13 53.47
N SER E 402 3.38 -9.88 54.18
CA SER E 402 3.37 -9.91 55.64
C SER E 402 3.69 -11.29 56.20
N LYS E 403 3.99 -11.34 57.49
CA LYS E 403 4.19 -12.61 58.20
C LYS E 403 2.99 -13.53 58.02
N GLU E 404 1.79 -12.96 58.07
CA GLU E 404 0.58 -13.74 57.89
C GLU E 404 0.50 -14.33 56.46
N ALA E 405 0.81 -13.50 55.47
CA ALA E 405 0.81 -13.96 54.09
C ALA E 405 1.80 -15.10 53.92
N GLN E 406 2.98 -14.91 54.48
CA GLN E 406 4.03 -15.90 54.31
C GLN E 406 3.62 -17.22 54.94
N GLY E 407 2.79 -17.16 55.97
CA GLY E 407 2.22 -18.37 56.57
C GLY E 407 1.20 -19.03 55.65
N LEU E 408 0.48 -18.23 54.88
CA LEU E 408 -0.52 -18.80 53.96
C LEU E 408 0.07 -19.47 52.72
N LEU E 409 1.30 -19.11 52.38
CA LEU E 409 1.96 -19.63 51.18
C LEU E 409 2.05 -21.16 51.18
N LYS E 410 1.72 -21.78 50.06
CA LYS E 410 1.95 -23.20 49.91
C LYS E 410 3.00 -23.46 48.85
N LYS E 411 4.11 -24.07 49.25
CA LYS E 411 5.22 -24.28 48.34
C LYS E 411 4.87 -25.27 47.25
N HIS E 412 5.48 -25.13 46.10
CA HIS E 412 5.18 -26.01 45.00
C HIS E 412 5.52 -27.44 45.40
N SER F 25 -14.13 -52.63 1.26
CA SER F 25 -15.04 -51.50 1.60
C SER F 25 -15.85 -51.05 0.37
N ASP F 26 -16.92 -50.32 0.62
CA ASP F 26 -17.87 -49.99 -0.44
C ASP F 26 -17.35 -48.98 -1.47
N ARG F 27 -17.76 -49.13 -2.73
CA ARG F 27 -17.35 -48.23 -3.81
C ARG F 27 -18.55 -47.77 -4.59
N VAL F 28 -18.46 -46.58 -5.19
CA VAL F 28 -19.54 -46.06 -6.03
C VAL F 28 -19.69 -46.97 -7.24
N LYS F 29 -20.92 -47.36 -7.51
CA LYS F 29 -21.23 -48.26 -8.64
C LYS F 29 -21.99 -47.58 -9.76
N LYS F 30 -23.03 -46.83 -9.44
CA LYS F 30 -23.79 -46.08 -10.47
C LYS F 30 -24.24 -44.70 -10.01
N ILE F 31 -24.44 -43.83 -10.99
CA ILE F 31 -24.87 -42.45 -10.74
C ILE F 31 -25.95 -42.07 -11.74
N GLU F 32 -27.05 -41.50 -11.26
CA GLU F 32 -28.16 -41.12 -12.13
C GLU F 32 -28.57 -39.72 -11.78
N SER F 33 -28.99 -38.94 -12.77
CA SER F 33 -29.47 -37.60 -12.49
C SER F 33 -30.89 -37.34 -13.01
N PHE F 34 -31.61 -36.47 -12.32
CA PHE F 34 -33.02 -36.23 -12.59
C PHE F 34 -33.32 -34.76 -12.36
N THR F 35 -34.41 -34.29 -12.96
CA THR F 35 -35.02 -33.01 -12.54
C THR F 35 -36.27 -33.34 -11.75
N LEU F 36 -36.65 -32.40 -10.90
CA LEU F 36 -37.86 -32.49 -10.12
C LEU F 36 -38.55 -31.16 -10.25
N THR F 37 -39.82 -31.18 -10.65
CA THR F 37 -40.56 -29.95 -10.88
C THR F 37 -41.73 -29.74 -9.93
N LEU F 38 -41.83 -28.51 -9.41
CA LEU F 38 -42.88 -28.11 -8.49
C LEU F 38 -43.68 -26.96 -9.10
N PRO F 39 -44.97 -26.84 -8.74
CA PRO F 39 -45.79 -25.72 -9.20
C PRO F 39 -45.96 -24.64 -8.11
N PRO F 54 -43.31 -14.24 -20.30
CA PRO F 54 -43.39 -15.69 -20.11
C PRO F 54 -43.36 -16.44 -21.44
N ASN F 55 -42.16 -16.78 -21.92
CA ASN F 55 -42.03 -17.39 -23.25
C ASN F 55 -42.35 -18.89 -23.29
N GLY F 56 -42.17 -19.49 -24.47
CA GLY F 56 -42.60 -20.86 -24.73
C GLY F 56 -41.78 -21.96 -24.10
N ARG F 57 -40.84 -21.58 -23.24
CA ARG F 57 -40.08 -22.57 -22.50
CA ARG F 57 -40.06 -22.55 -22.50
C ARG F 57 -40.17 -22.26 -21.01
N GLY F 58 -41.05 -21.32 -20.68
CA GLY F 58 -41.35 -20.99 -19.30
C GLY F 58 -40.57 -19.84 -18.71
N TYR F 59 -39.60 -19.29 -19.46
CA TYR F 59 -38.73 -18.26 -18.91
C TYR F 59 -39.28 -16.86 -19.15
N LEU F 60 -39.24 -16.03 -18.11
CA LEU F 60 -39.60 -14.62 -18.22
C LEU F 60 -38.50 -13.75 -17.61
N VAL F 61 -38.37 -12.54 -18.08
CA VAL F 61 -37.31 -11.69 -17.60
C VAL F 61 -37.86 -10.53 -16.84
N ARG F 62 -37.33 -10.29 -15.65
CA ARG F 62 -37.81 -9.18 -14.88
C ARG F 62 -37.18 -7.93 -15.45
N LYS F 63 -38.01 -7.00 -15.88
CA LYS F 63 -37.54 -5.77 -16.48
C LYS F 63 -36.74 -5.07 -15.41
N ALA F 64 -37.18 -5.21 -14.18
CA ALA F 64 -36.58 -4.50 -13.08
C ALA F 64 -35.12 -4.85 -12.94
N ASN F 65 -34.78 -6.13 -12.99
CA ASN F 65 -33.37 -6.55 -12.90
C ASN F 65 -32.77 -7.35 -14.07
N ARG F 66 -33.50 -7.49 -15.17
CA ARG F 66 -32.98 -8.10 -16.37
C ARG F 66 -32.58 -9.55 -16.15
N THR F 67 -33.12 -10.16 -15.11
CA THR F 67 -32.76 -11.50 -14.71
C THR F 67 -33.85 -12.46 -15.12
N VAL F 68 -33.48 -13.66 -15.52
CA VAL F 68 -34.45 -14.59 -16.08
C VAL F 68 -34.94 -15.51 -14.97
N TYR F 69 -36.24 -15.80 -14.99
CA TYR F 69 -36.87 -16.70 -14.04
C TYR F 69 -37.71 -17.69 -14.80
N PRO F 70 -37.75 -18.94 -14.33
CA PRO F 70 -38.64 -19.95 -14.89
C PRO F 70 -40.03 -19.74 -14.30
N THR F 71 -41.07 -20.27 -14.92
CA THR F 71 -42.40 -20.15 -14.31
C THR F 71 -42.68 -21.26 -13.32
N PHE F 72 -42.26 -22.49 -13.63
CA PHE F 72 -42.34 -23.59 -12.68
C PHE F 72 -40.98 -23.85 -12.02
N ASP F 73 -40.95 -23.90 -10.69
CA ASP F 73 -39.75 -24.28 -9.93
C ASP F 73 -39.23 -25.70 -10.17
N ARG F 74 -37.90 -25.85 -10.09
CA ARG F 74 -37.25 -27.04 -10.62
C ARG F 74 -35.83 -27.16 -10.07
N SER F 75 -35.44 -28.38 -9.72
CA SER F 75 -34.07 -28.61 -9.28
C SER F 75 -33.54 -29.92 -9.84
N VAL F 76 -32.22 -30.13 -9.72
CA VAL F 76 -31.55 -31.29 -10.24
C VAL F 76 -31.10 -32.17 -9.10
N LEU F 77 -31.45 -33.46 -9.17
CA LEU F 77 -31.07 -34.40 -8.12
C LEU F 77 -30.16 -35.47 -8.68
N VAL F 78 -29.29 -35.99 -7.83
CA VAL F 78 -28.40 -37.05 -8.23
C VAL F 78 -28.59 -38.21 -7.27
N ARG F 79 -28.64 -39.41 -7.82
CA ARG F 79 -28.74 -40.60 -7.01
C ARG F 79 -27.47 -41.38 -7.23
N ILE F 80 -26.73 -41.62 -6.15
CA ILE F 80 -25.52 -42.41 -6.24
C ILE F 80 -25.66 -43.70 -5.46
N GLU F 81 -25.45 -44.81 -6.14
CA GLU F 81 -25.52 -46.11 -5.48
C GLU F 81 -24.15 -46.79 -5.45
N THR F 82 -23.85 -47.44 -4.33
CA THR F 82 -22.58 -48.11 -4.18
C THR F 82 -22.71 -49.59 -4.51
N GLU F 83 -21.57 -50.25 -4.61
CA GLU F 83 -21.54 -51.69 -4.90
C GLU F 83 -22.46 -52.49 -3.96
N ASN F 84 -22.48 -52.16 -2.67
CA ASN F 84 -23.27 -52.91 -1.69
C ASN F 84 -24.71 -52.44 -1.55
N GLY F 85 -25.15 -51.55 -2.42
CA GLY F 85 -26.54 -51.08 -2.36
C GLY F 85 -26.83 -49.86 -1.53
N ALA F 86 -25.82 -49.19 -0.98
CA ALA F 86 -26.12 -47.95 -0.25
C ALA F 86 -26.42 -46.81 -1.24
N VAL F 87 -27.34 -45.93 -0.87
CA VAL F 87 -27.82 -44.87 -1.76
C VAL F 87 -27.66 -43.47 -1.13
N GLY F 88 -27.03 -42.55 -1.87
CA GLY F 88 -26.92 -41.15 -1.44
C GLY F 88 -27.66 -40.24 -2.39
N TRP F 89 -28.19 -39.14 -1.87
CA TRP F 89 -28.89 -38.20 -2.72
C TRP F 89 -28.18 -36.85 -2.69
N GLY F 90 -28.02 -36.22 -3.85
CA GLY F 90 -27.53 -34.85 -3.91
C GLY F 90 -28.52 -34.00 -4.68
N GLU F 91 -28.31 -32.70 -4.66
CA GLU F 91 -29.20 -31.80 -5.36
C GLU F 91 -28.43 -30.51 -5.67
N THR F 92 -28.70 -29.90 -6.81
CA THR F 92 -28.19 -28.57 -7.12
C THR F 92 -29.29 -27.82 -7.86
N TYR F 93 -28.98 -26.60 -8.29
CA TYR F 93 -29.93 -25.77 -9.01
C TYR F 93 -30.40 -26.44 -10.31
N GLY F 94 -31.67 -26.26 -10.63
CA GLY F 94 -32.18 -26.65 -11.94
C GLY F 94 -33.13 -25.63 -12.53
N LEU F 95 -33.05 -24.37 -12.07
CA LEU F 95 -33.97 -23.32 -12.55
C LEU F 95 -33.90 -23.14 -14.05
N VAL F 96 -32.67 -23.12 -14.58
CA VAL F 96 -32.47 -22.85 -15.99
C VAL F 96 -31.55 -23.88 -16.64
N ALA F 97 -31.93 -24.34 -17.84
CA ALA F 97 -31.14 -25.31 -18.59
C ALA F 97 -30.61 -26.45 -17.71
N PRO F 98 -31.49 -27.02 -16.91
CA PRO F 98 -31.10 -28.09 -15.99
C PRO F 98 -30.44 -29.26 -16.70
N ARG F 99 -30.78 -29.48 -17.97
CA ARG F 99 -30.16 -30.58 -18.71
C ARG F 99 -28.70 -30.31 -19.02
N ALA F 100 -28.32 -29.03 -19.03
CA ALA F 100 -26.89 -28.69 -19.10
C ALA F 100 -26.14 -29.29 -17.90
N THR F 101 -26.70 -29.08 -16.70
CA THR F 101 -26.01 -29.57 -15.52
C THR F 101 -25.97 -31.11 -15.53
N MET F 102 -27.07 -31.74 -15.96
CA MET F 102 -27.17 -33.23 -15.94
C MET F 102 -26.21 -33.86 -16.94
N GLU F 103 -26.02 -33.19 -18.06
CA GLU F 103 -25.10 -33.68 -19.06
C GLU F 103 -23.66 -33.65 -18.55
N ILE F 104 -23.32 -32.62 -17.79
CA ILE F 104 -21.98 -32.55 -17.21
C ILE F 104 -21.72 -33.71 -16.26
N ILE F 105 -22.69 -33.97 -15.39
CA ILE F 105 -22.68 -35.12 -14.52
C ILE F 105 -22.57 -36.41 -15.33
N ASP F 106 -23.49 -36.62 -16.26
CA ASP F 106 -23.60 -37.91 -16.96
C ASP F 106 -22.48 -38.15 -17.97
N ASP F 107 -22.09 -37.10 -18.68
CA ASP F 107 -21.06 -37.25 -19.71
C ASP F 107 -19.65 -37.27 -19.13
N LEU F 108 -19.39 -36.53 -18.05
CA LEU F 108 -18.02 -36.36 -17.58
C LEU F 108 -17.84 -36.89 -16.18
N LEU F 109 -18.63 -36.39 -15.24
CA LEU F 109 -18.27 -36.60 -13.84
C LEU F 109 -18.55 -38.03 -13.38
N ALA F 110 -19.63 -38.62 -13.86
CA ALA F 110 -20.01 -39.96 -13.38
C ALA F 110 -18.83 -40.93 -13.50
N ASP F 111 -18.25 -40.95 -14.70
CA ASP F 111 -17.21 -41.89 -15.04
C ASP F 111 -15.97 -41.73 -14.20
N PHE F 112 -15.74 -40.53 -13.67
CA PHE F 112 -14.60 -40.33 -12.80
C PHE F 112 -14.92 -40.47 -11.33
N THR F 113 -16.17 -40.80 -11.02
CA THR F 113 -16.62 -40.98 -9.64
C THR F 113 -16.90 -42.46 -9.36
N ILE F 114 -17.46 -43.14 -10.35
CA ILE F 114 -17.67 -44.58 -10.25
C ILE F 114 -16.38 -45.30 -9.91
N GLY F 115 -16.43 -46.16 -8.90
CA GLY F 115 -15.22 -46.87 -8.50
C GLY F 115 -14.53 -46.28 -7.30
N ARG F 116 -14.93 -45.07 -6.88
CA ARG F 116 -14.22 -44.39 -5.82
C ARG F 116 -14.95 -44.59 -4.51
N ASP F 117 -14.21 -44.40 -3.41
CA ASP F 117 -14.72 -44.50 -2.05
C ASP F 117 -15.37 -43.19 -1.58
N PRO F 118 -16.63 -43.24 -1.12
CA PRO F 118 -17.36 -42.07 -0.60
C PRO F 118 -16.67 -41.33 0.54
N PHE F 119 -15.82 -42.03 1.29
CA PHE F 119 -15.11 -41.38 2.38
C PHE F 119 -13.99 -40.47 1.84
N ASP F 120 -13.78 -40.51 0.52
CA ASP F 120 -12.79 -39.64 -0.11
C ASP F 120 -13.50 -38.42 -0.78
N ALA F 121 -14.73 -38.14 -0.36
CA ALA F 121 -15.56 -37.11 -0.98
C ALA F 121 -14.78 -35.82 -1.33
N ALA F 122 -14.10 -35.24 -0.35
CA ALA F 122 -13.42 -33.98 -0.57
C ALA F 122 -12.29 -34.17 -1.58
N ALA F 123 -11.55 -35.28 -1.46
CA ALA F 123 -10.46 -35.56 -2.40
C ALA F 123 -11.03 -35.78 -3.81
N ILE F 124 -12.16 -36.47 -3.89
CA ILE F 124 -12.87 -36.64 -5.17
C ILE F 124 -13.26 -35.29 -5.76
N HIS F 125 -13.85 -34.43 -4.94
CA HIS F 125 -14.23 -33.11 -5.40
C HIS F 125 -13.05 -32.42 -6.05
N ASP F 126 -11.89 -32.45 -5.39
CA ASP F 126 -10.70 -31.80 -5.96
C ASP F 126 -10.23 -32.42 -7.30
N ASP F 127 -10.25 -33.74 -7.37
CA ASP F 127 -9.90 -34.46 -8.60
C ASP F 127 -10.81 -34.09 -9.75
N LEU F 128 -12.12 -34.03 -9.46
CA LEU F 128 -13.13 -33.60 -10.43
C LEU F 128 -12.98 -32.13 -10.84
N TYR F 129 -12.71 -31.26 -9.89
CA TYR F 129 -12.56 -29.84 -10.23
C TYR F 129 -11.36 -29.68 -11.17
N ASP F 130 -10.31 -30.46 -10.91
CA ASP F 130 -9.08 -30.38 -11.69
C ASP F 130 -9.23 -30.81 -13.14
N LEU F 131 -10.15 -31.73 -13.42
CA LEU F 131 -10.42 -32.17 -14.79
C LEU F 131 -10.62 -31.04 -15.78
N MET F 132 -11.24 -29.96 -15.34
CA MET F 132 -11.65 -28.94 -16.30
C MET F 132 -11.18 -27.53 -15.94
N ARG F 133 -10.56 -27.37 -14.79
CA ARG F 133 -10.27 -26.03 -14.28
C ARG F 133 -9.34 -25.23 -15.20
N VAL F 134 -8.38 -25.89 -15.86
CA VAL F 134 -7.44 -25.13 -16.69
C VAL F 134 -8.11 -24.49 -17.91
N ARG F 135 -9.33 -24.90 -18.23
CA ARG F 135 -10.01 -24.29 -19.37
C ARG F 135 -10.98 -23.22 -18.91
N GLY F 136 -10.97 -22.94 -17.62
CA GLY F 136 -11.83 -21.90 -17.10
C GLY F 136 -13.18 -22.40 -16.61
N TYR F 137 -13.40 -23.71 -16.56
CA TYR F 137 -14.67 -24.19 -15.97
C TYR F 137 -14.59 -24.28 -14.46
N THR F 138 -14.51 -23.12 -13.80
CA THR F 138 -14.25 -23.09 -12.37
C THR F 138 -15.46 -22.65 -11.57
N GLY F 139 -16.60 -22.49 -12.23
CA GLY F 139 -17.81 -21.99 -11.55
C GLY F 139 -19.13 -22.41 -12.21
N GLY F 140 -20.09 -21.51 -12.24
CA GLY F 140 -21.32 -21.69 -13.02
C GLY F 140 -21.91 -23.10 -12.92
N PHE F 141 -22.30 -23.66 -14.06
CA PHE F 141 -22.87 -25.03 -14.17
C PHE F 141 -21.93 -26.14 -13.79
N TYR F 142 -20.65 -25.97 -14.11
CA TYR F 142 -19.66 -26.97 -13.76
C TYR F 142 -19.63 -27.26 -12.26
N VAL F 143 -19.57 -26.22 -11.44
CA VAL F 143 -19.51 -26.44 -9.99
C VAL F 143 -20.88 -26.85 -9.41
N ASP F 144 -21.96 -26.32 -9.97
CA ASP F 144 -23.31 -26.82 -9.64
C ASP F 144 -23.31 -28.34 -9.77
N ALA F 145 -22.75 -28.85 -10.87
CA ALA F 145 -22.72 -30.28 -11.12
C ALA F 145 -21.83 -30.98 -10.10
N LEU F 146 -20.68 -30.39 -9.79
CA LEU F 146 -19.77 -30.93 -8.77
C LEU F 146 -20.46 -30.97 -7.43
N ALA F 147 -21.26 -29.94 -7.14
CA ALA F 147 -21.98 -29.85 -5.89
C ALA F 147 -23.03 -30.96 -5.70
N ALA F 148 -23.80 -31.30 -6.72
CA ALA F 148 -24.79 -32.35 -6.53
C ALA F 148 -24.07 -33.66 -6.18
N ILE F 149 -22.97 -33.93 -6.88
CA ILE F 149 -22.21 -35.15 -6.60
C ILE F 149 -21.59 -35.12 -5.20
N ASP F 150 -20.96 -34.01 -4.83
CA ASP F 150 -20.32 -33.85 -3.53
C ASP F 150 -21.29 -34.15 -2.39
N ILE F 151 -22.50 -33.65 -2.52
CA ILE F 151 -23.51 -33.78 -1.50
C ILE F 151 -23.95 -35.24 -1.36
N ALA F 152 -24.20 -35.91 -2.49
CA ALA F 152 -24.58 -37.34 -2.45
C ALA F 152 -23.47 -38.19 -1.87
N LEU F 153 -22.22 -37.86 -2.20
CA LEU F 153 -21.09 -38.60 -1.66
C LEU F 153 -20.97 -38.51 -0.15
N TRP F 154 -21.16 -37.33 0.41
CA TRP F 154 -21.11 -37.15 1.86
C TRP F 154 -22.29 -37.84 2.53
N ASP F 155 -23.43 -37.79 1.86
CA ASP F 155 -24.63 -38.48 2.34
C ASP F 155 -24.23 -39.96 2.45
N LEU F 156 -23.58 -40.47 1.42
CA LEU F 156 -23.09 -41.86 1.45
C LEU F 156 -22.11 -42.11 2.59
N ALA F 157 -21.11 -41.25 2.75
CA ALA F 157 -20.15 -41.41 3.84
C ALA F 157 -20.88 -41.50 5.18
N GLY F 158 -21.86 -40.63 5.40
CA GLY F 158 -22.61 -40.62 6.67
C GLY F 158 -23.34 -41.96 6.85
N LYS F 159 -24.03 -42.40 5.81
CA LYS F 159 -24.77 -43.65 5.88
C LYS F 159 -23.86 -44.83 6.16
N LEU F 160 -22.79 -44.96 5.36
CA LEU F 160 -21.82 -46.01 5.60
C LEU F 160 -21.26 -45.99 7.01
N ALA F 161 -21.06 -44.81 7.58
CA ALA F 161 -20.50 -44.73 8.92
C ALA F 161 -21.57 -44.73 10.02
N GLY F 162 -22.83 -44.52 9.65
CA GLY F 162 -23.88 -44.45 10.64
C GLY F 162 -23.86 -43.15 11.42
N LEU F 163 -23.46 -42.05 10.76
CA LEU F 163 -23.30 -40.74 11.44
C LEU F 163 -23.99 -39.60 10.70
N PRO F 164 -24.47 -38.58 11.44
CA PRO F 164 -24.91 -37.47 10.62
C PRO F 164 -23.66 -36.86 9.94
N VAL F 165 -23.84 -36.25 8.79
CA VAL F 165 -22.71 -35.69 8.08
C VAL F 165 -21.90 -34.74 8.96
N CYS F 166 -22.55 -34.01 9.85
CA CYS F 166 -21.75 -33.08 10.70
C CYS F 166 -20.70 -33.78 11.56
N LYS F 167 -20.91 -35.06 11.83
CA LYS F 167 -20.00 -35.83 12.67
C LYS F 167 -18.83 -36.28 11.86
N LEU F 168 -18.89 -36.03 10.56
CA LEU F 168 -17.74 -36.31 9.71
C LEU F 168 -17.02 -35.01 9.33
N LEU F 169 -17.48 -33.90 9.87
CA LEU F 169 -17.00 -32.58 9.48
C LEU F 169 -16.31 -31.87 10.62
N GLY F 170 -16.00 -32.59 11.69
CA GLY F 170 -15.32 -32.02 12.85
C GLY F 170 -16.16 -31.97 14.11
N GLY F 171 -17.46 -32.16 13.98
CA GLY F 171 -18.30 -32.29 15.14
C GLY F 171 -19.60 -31.53 15.05
N GLN F 172 -20.56 -31.92 15.86
CA GLN F 172 -21.79 -31.18 15.87
C GLN F 172 -21.68 -30.10 16.94
N ARG F 173 -21.80 -28.85 16.53
CA ARG F 173 -21.69 -27.77 17.50
C ARG F 173 -23.06 -27.32 17.98
N ARG F 174 -24.11 -27.66 17.24
CA ARG F 174 -25.43 -27.23 17.63
C ARG F 174 -26.41 -28.15 16.93
N ASP F 175 -27.61 -28.32 17.48
CA ASP F 175 -28.60 -29.09 16.76
C ASP F 175 -29.78 -28.25 16.33
N ARG F 176 -29.72 -26.95 16.60
CA ARG F 176 -30.72 -25.99 16.12
C ARG F 176 -29.99 -24.76 15.58
N ILE F 177 -30.50 -24.13 14.52
CA ILE F 177 -29.87 -22.93 13.99
C ILE F 177 -30.87 -21.78 13.79
N ALA F 178 -30.60 -20.65 14.43
CA ALA F 178 -31.45 -19.46 14.28
C ALA F 178 -31.77 -19.23 12.81
N ALA F 179 -33.01 -18.86 12.52
CA ALA F 179 -33.43 -18.70 11.14
C ALA F 179 -33.98 -17.30 10.93
N TYR F 180 -33.67 -16.68 9.79
CA TYR F 180 -34.20 -15.34 9.54
C TYR F 180 -35.15 -15.38 8.34
N ILE F 181 -36.19 -14.54 8.39
CA ILE F 181 -37.20 -14.49 7.32
C ILE F 181 -36.65 -13.82 6.08
N SER F 182 -36.64 -14.58 4.98
CA SER F 182 -35.84 -14.29 3.80
C SER F 182 -36.29 -13.03 3.10
N GLY F 183 -37.59 -12.83 3.03
CA GLY F 183 -38.18 -11.67 2.37
C GLY F 183 -39.65 -11.50 2.70
N LEU F 184 -40.22 -10.37 2.29
CA LEU F 184 -41.63 -10.08 2.58
C LEU F 184 -42.44 -9.88 1.30
N PRO F 185 -42.88 -10.99 0.70
CA PRO F 185 -43.54 -11.03 -0.61
C PRO F 185 -44.99 -10.54 -0.56
N GLU F 186 -45.17 -9.26 -0.27
CA GLU F 186 -46.49 -8.62 -0.28
C GLU F 186 -46.35 -7.23 -0.89
N ASP F 187 -47.44 -6.68 -1.40
CA ASP F 187 -47.38 -5.57 -2.37
C ASP F 187 -47.42 -4.13 -1.84
N THR F 188 -47.57 -3.94 -0.53
CA THR F 188 -47.48 -2.59 0.04
C THR F 188 -46.67 -2.56 1.32
N ARG F 189 -46.16 -1.38 1.64
CA ARG F 189 -45.32 -1.21 2.81
C ARG F 189 -46.06 -1.73 4.04
N ALA F 190 -47.36 -1.49 4.08
CA ALA F 190 -48.18 -1.88 5.23
C ALA F 190 -48.50 -3.39 5.26
N LYS F 191 -48.73 -3.98 4.09
CA LYS F 191 -49.00 -5.41 4.06
C LYS F 191 -47.73 -6.19 4.39
N ARG F 192 -46.58 -5.63 4.07
CA ARG F 192 -45.30 -6.28 4.32
C ARG F 192 -44.96 -6.29 5.81
N ALA F 193 -45.12 -5.15 6.46
CA ALA F 193 -44.89 -5.05 7.90
C ALA F 193 -45.81 -5.96 8.71
N GLU F 194 -47.02 -6.19 8.22
CA GLU F 194 -47.96 -7.09 8.92
C GLU F 194 -47.57 -8.53 8.72
N LEU F 195 -47.10 -8.85 7.51
CA LEU F 195 -46.58 -10.16 7.21
C LEU F 195 -45.42 -10.47 8.16
N ALA F 196 -44.54 -9.48 8.34
CA ALA F 196 -43.43 -9.60 9.28
C ALA F 196 -43.90 -9.80 10.70
N ALA F 197 -45.02 -9.16 11.05
CA ALA F 197 -45.56 -9.24 12.40
C ALA F 197 -46.12 -10.65 12.66
N ALA F 198 -46.76 -11.20 11.64
CA ALA F 198 -47.22 -12.57 11.72
C ALA F 198 -46.03 -13.51 12.00
N TRP F 199 -44.90 -13.30 11.34
CA TRP F 199 -43.76 -14.19 11.56
C TRP F 199 -43.13 -13.95 12.91
N GLN F 200 -43.12 -12.70 13.35
CA GLN F 200 -42.60 -12.43 14.67
C GLN F 200 -43.44 -13.12 15.72
N ALA F 201 -44.75 -13.07 15.55
CA ALA F 201 -45.67 -13.78 16.42
C ALA F 201 -45.32 -15.26 16.46
N LYS F 202 -44.82 -15.81 15.36
CA LYS F 202 -44.51 -17.23 15.30
C LYS F 202 -43.12 -17.61 15.85
N GLY F 203 -42.42 -16.66 16.46
CA GLY F 203 -41.12 -16.95 17.06
C GLY F 203 -39.90 -16.38 16.36
N PHE F 204 -40.09 -15.72 15.22
CA PHE F 204 -38.97 -15.18 14.44
C PHE F 204 -38.61 -13.77 14.83
N SER F 205 -37.31 -13.48 14.95
CA SER F 205 -36.89 -12.13 15.33
C SER F 205 -35.82 -11.50 14.42
N SER F 206 -35.59 -12.14 13.28
CA SER F 206 -34.63 -11.62 12.31
C SER F 206 -35.27 -11.68 10.93
N PHE F 207 -35.09 -10.60 10.17
CA PHE F 207 -35.82 -10.40 8.93
C PHE F 207 -34.96 -9.71 7.87
N LYS F 208 -35.30 -9.94 6.60
CA LYS F 208 -34.66 -9.28 5.47
C LYS F 208 -35.73 -8.90 4.44
N PHE F 209 -35.63 -7.72 3.86
CA PHE F 209 -36.45 -7.35 2.72
C PHE F 209 -35.56 -7.00 1.53
N ALA F 210 -36.12 -7.11 0.33
CA ALA F 210 -35.43 -6.81 -0.91
C ALA F 210 -35.62 -5.34 -1.29
N SER F 211 -34.54 -4.62 -1.57
CA SER F 211 -34.67 -3.19 -1.85
C SER F 211 -35.57 -2.85 -3.07
N PRO F 212 -35.56 -3.71 -4.10
CA PRO F 212 -36.43 -3.56 -5.28
C PRO F 212 -37.92 -3.47 -4.93
N VAL F 213 -38.33 -4.19 -3.90
CA VAL F 213 -39.73 -4.28 -3.51
C VAL F 213 -40.16 -3.04 -2.73
N ALA F 214 -39.20 -2.32 -2.17
CA ALA F 214 -39.51 -1.13 -1.36
C ALA F 214 -39.88 0.09 -2.21
N ASP F 215 -41.14 0.12 -2.67
CA ASP F 215 -41.60 1.18 -3.56
CA ASP F 215 -41.63 1.17 -3.55
C ASP F 215 -41.63 2.58 -2.94
N ASP F 216 -41.84 2.66 -1.63
CA ASP F 216 -41.82 3.95 -0.96
C ASP F 216 -40.38 4.37 -0.65
N GLY F 217 -39.44 3.53 -1.04
CA GLY F 217 -38.04 3.84 -0.77
C GLY F 217 -37.51 3.08 0.42
N VAL F 218 -36.22 2.80 0.44
CA VAL F 218 -35.64 2.03 1.53
C VAL F 218 -35.70 2.69 2.91
N ALA F 219 -35.46 3.99 2.99
CA ALA F 219 -35.57 4.60 4.31
C ALA F 219 -36.95 4.41 4.95
N LYS F 220 -37.98 4.57 4.13
CA LYS F 220 -39.36 4.43 4.59
C LYS F 220 -39.71 2.99 4.90
N GLU F 221 -39.07 2.03 4.22
CA GLU F 221 -39.33 0.62 4.49
C GLU F 221 -38.75 0.25 5.85
N MET F 222 -37.55 0.70 6.12
CA MET F 222 -36.91 0.43 7.37
C MET F 222 -37.71 1.05 8.50
N GLU F 223 -38.21 2.24 8.27
CA GLU F 223 -38.94 2.99 9.28
C GLU F 223 -40.21 2.27 9.72
N ILE F 224 -41.04 1.86 8.78
CA ILE F 224 -42.27 1.18 9.14
C ILE F 224 -41.99 -0.15 9.83
N LEU F 225 -41.04 -0.91 9.28
CA LEU F 225 -40.72 -2.25 9.81
C LEU F 225 -40.16 -2.17 11.23
N ARG F 226 -39.36 -1.15 11.49
CA ARG F 226 -38.77 -0.92 12.82
C ARG F 226 -39.80 -0.47 13.83
N GLU F 227 -40.70 0.41 13.40
CA GLU F 227 -41.76 0.89 14.26
C GLU F 227 -42.74 -0.23 14.60
N ARG F 228 -43.09 -1.02 13.59
CA ARG F 228 -44.06 -2.10 13.76
C ARG F 228 -43.53 -3.29 14.56
N LEU F 229 -42.24 -3.56 14.48
CA LEU F 229 -41.69 -4.79 15.07
C LEU F 229 -40.93 -4.50 16.35
N GLY F 230 -40.70 -3.23 16.63
CA GLY F 230 -39.98 -2.84 17.83
C GLY F 230 -38.48 -2.76 17.64
N PRO F 231 -37.76 -2.33 18.68
CA PRO F 231 -36.33 -2.07 18.63
C PRO F 231 -35.46 -3.31 18.84
N ALA F 232 -36.08 -4.48 19.01
CA ALA F 232 -35.28 -5.66 19.35
C ALA F 232 -34.92 -6.54 18.15
N VAL F 233 -35.80 -6.64 17.17
CA VAL F 233 -35.60 -7.50 16.01
C VAL F 233 -34.41 -7.07 15.16
N ARG F 234 -33.86 -7.99 14.37
CA ARG F 234 -32.85 -7.62 13.38
C ARG F 234 -33.50 -7.49 12.01
N ILE F 235 -33.15 -6.44 11.30
CA ILE F 235 -33.70 -6.20 9.98
C ILE F 235 -32.60 -5.86 8.97
N ALA F 236 -32.46 -6.72 7.98
CA ALA F 236 -31.48 -6.50 6.91
C ALA F 236 -32.11 -6.15 5.56
N CYS F 237 -31.26 -5.67 4.66
CA CYS F 237 -31.67 -5.31 3.33
C CYS F 237 -30.82 -5.96 2.26
N ASP F 238 -31.48 -6.67 1.34
CA ASP F 238 -30.83 -7.28 0.20
C ASP F 238 -30.97 -6.33 -0.96
N MET F 239 -29.85 -5.74 -1.38
CA MET F 239 -29.87 -4.66 -2.36
C MET F 239 -29.84 -5.13 -3.80
N HIS F 240 -29.64 -6.43 -3.99
CA HIS F 240 -29.80 -7.03 -5.31
C HIS F 240 -28.85 -6.51 -6.40
N TRP F 241 -27.61 -6.25 -5.99
CA TRP F 241 -26.47 -5.99 -6.90
C TRP F 241 -26.44 -4.70 -7.73
N ALA F 242 -27.57 -4.25 -8.26
CA ALA F 242 -27.57 -3.24 -9.33
C ALA F 242 -27.33 -1.80 -8.88
N HIS F 243 -26.22 -1.53 -8.19
CA HIS F 243 -25.89 -0.16 -7.77
C HIS F 243 -24.42 0.13 -7.97
N THR F 244 -24.05 1.40 -8.17
CA THR F 244 -22.65 1.73 -8.15
C THR F 244 -22.32 1.80 -6.67
N ALA F 245 -21.04 1.81 -6.33
CA ALA F 245 -20.65 2.01 -4.95
C ALA F 245 -21.31 3.22 -4.30
N SER F 246 -21.26 4.38 -4.96
CA SER F 246 -21.81 5.59 -4.33
C SER F 246 -23.33 5.54 -4.19
N GLU F 247 -24.02 4.93 -5.15
CA GLU F 247 -25.47 4.74 -5.01
C GLU F 247 -25.78 3.87 -3.80
N ALA F 248 -24.99 2.80 -3.64
CA ALA F 248 -25.16 1.88 -2.53
C ALA F 248 -24.84 2.53 -1.19
N VAL F 249 -23.79 3.34 -1.13
CA VAL F 249 -23.46 3.97 0.14
C VAL F 249 -24.64 4.83 0.59
N ALA F 250 -25.25 5.53 -0.36
CA ALA F 250 -26.37 6.43 -0.04
C ALA F 250 -27.58 5.68 0.48
N LEU F 251 -27.93 4.58 -0.17
CA LEU F 251 -29.08 3.81 0.29
C LEU F 251 -28.86 3.33 1.73
N ILE F 252 -27.66 2.84 2.01
CA ILE F 252 -27.34 2.30 3.33
C ILE F 252 -27.36 3.37 4.42
N LYS F 253 -26.78 4.53 4.13
CA LYS F 253 -26.84 5.61 5.12
C LYS F 253 -28.28 6.04 5.39
N ALA F 254 -29.12 5.96 4.36
CA ALA F 254 -30.53 6.33 4.54
C ALA F 254 -31.23 5.31 5.42
N MET F 255 -30.70 4.10 5.47
CA MET F 255 -31.31 3.03 6.26
C MET F 255 -30.72 2.94 7.68
N GLU F 256 -29.49 3.42 7.87
CA GLU F 256 -28.78 3.20 9.14
C GLU F 256 -29.46 3.82 10.35
N PRO F 257 -30.09 4.98 10.18
CA PRO F 257 -30.79 5.55 11.32
C PRO F 257 -31.86 4.62 11.91
N HIS F 258 -32.32 3.63 11.16
CA HIS F 258 -33.40 2.76 11.65
C HIS F 258 -32.93 1.40 12.15
N GLY F 259 -31.61 1.22 12.23
CA GLY F 259 -31.04 0.01 12.79
C GLY F 259 -30.89 -1.10 11.77
N LEU F 260 -29.88 -0.99 10.92
CA LEU F 260 -29.71 -1.92 9.82
C LEU F 260 -28.82 -3.09 10.22
N TRP F 261 -29.35 -4.31 10.12
CA TRP F 261 -28.57 -5.49 10.49
C TRP F 261 -27.37 -5.68 9.54
N PHE F 262 -27.66 -5.81 8.25
CA PHE F 262 -26.58 -5.90 7.27
C PHE F 262 -27.13 -5.51 5.91
N ALA F 263 -26.23 -5.20 4.99
CA ALA F 263 -26.57 -4.83 3.63
C ALA F 263 -25.98 -5.90 2.71
N GLU F 264 -26.85 -6.57 1.97
CA GLU F 264 -26.47 -7.69 1.15
C GLU F 264 -26.39 -7.28 -0.32
N ALA F 265 -25.30 -7.66 -0.97
CA ALA F 265 -25.14 -7.46 -2.39
C ALA F 265 -25.32 -6.00 -2.81
N PRO F 266 -24.53 -5.09 -2.24
CA PRO F 266 -24.73 -3.66 -2.53
C PRO F 266 -24.35 -3.25 -3.93
N VAL F 267 -23.39 -3.97 -4.55
CA VAL F 267 -22.91 -3.68 -5.89
C VAL F 267 -22.79 -4.94 -6.77
N ARG F 268 -22.29 -4.78 -7.98
CA ARG F 268 -22.08 -5.90 -8.88
C ARG F 268 -21.04 -6.85 -8.34
N THR F 269 -21.25 -8.14 -8.56
CA THR F 269 -20.31 -9.15 -8.14
C THR F 269 -18.91 -8.87 -8.63
N GLU F 270 -18.78 -8.44 -9.89
CA GLU F 270 -17.47 -8.17 -10.47
CA GLU F 270 -17.48 -8.17 -10.48
C GLU F 270 -16.84 -6.90 -9.91
N ASP F 271 -17.65 -6.06 -9.26
CA ASP F 271 -17.19 -4.73 -8.79
C ASP F 271 -16.52 -4.82 -7.42
N ILE F 272 -15.43 -5.57 -7.34
CA ILE F 272 -14.75 -5.73 -6.03
C ILE F 272 -14.22 -4.37 -5.48
N ASP F 273 -13.71 -3.49 -6.35
CA ASP F 273 -13.32 -2.14 -5.92
C ASP F 273 -14.48 -1.46 -5.27
N GLY F 274 -15.64 -1.54 -5.90
CA GLY F 274 -16.84 -0.94 -5.35
C GLY F 274 -17.29 -1.55 -4.03
N LEU F 275 -17.20 -2.86 -3.94
CA LEU F 275 -17.64 -3.51 -2.74
C LEU F 275 -16.71 -3.07 -1.60
N ALA F 276 -15.41 -2.98 -1.89
CA ALA F 276 -14.44 -2.60 -0.88
C ALA F 276 -14.67 -1.16 -0.40
N ARG F 277 -14.95 -0.27 -1.35
CA ARG F 277 -15.33 1.10 -1.01
C ARG F 277 -16.63 1.19 -0.18
N VAL F 278 -17.67 0.44 -0.55
CA VAL F 278 -18.89 0.39 0.29
C VAL F 278 -18.59 -0.07 1.73
N ALA F 279 -17.92 -1.22 1.87
CA ALA F 279 -17.55 -1.69 3.21
C ALA F 279 -16.77 -0.64 4.02
N ALA F 280 -15.90 0.10 3.36
CA ALA F 280 -15.06 1.06 4.07
C ALA F 280 -15.82 2.36 4.40
N SER F 281 -16.92 2.64 3.71
CA SER F 281 -17.63 3.93 3.82
C SER F 281 -18.81 3.87 4.75
N VAL F 282 -19.29 2.67 5.07
CA VAL F 282 -20.44 2.57 5.97
C VAL F 282 -20.05 1.75 7.20
N SER F 283 -20.81 1.92 8.27
CA SER F 283 -20.56 1.18 9.50
CA SER F 283 -20.58 1.20 9.52
C SER F 283 -21.27 -0.15 9.49
N THR F 284 -22.26 -0.27 8.61
CA THR F 284 -23.05 -1.49 8.51
C THR F 284 -22.23 -2.65 8.00
N ALA F 285 -22.55 -3.84 8.49
CA ALA F 285 -21.97 -5.08 7.98
C ALA F 285 -22.41 -5.32 6.53
N ILE F 286 -21.46 -5.65 5.68
CA ILE F 286 -21.74 -5.92 4.26
C ILE F 286 -21.77 -7.44 4.07
N ALA F 287 -22.80 -7.95 3.43
CA ALA F 287 -22.89 -9.40 3.26
C ALA F 287 -22.94 -9.78 1.77
N VAL F 288 -22.16 -10.78 1.37
CA VAL F 288 -22.20 -11.30 -0.01
C VAL F 288 -21.90 -12.79 -0.02
N GLY F 289 -22.10 -13.44 -1.16
CA GLY F 289 -21.57 -14.81 -1.31
C GLY F 289 -22.47 -15.84 -1.95
N GLU F 290 -23.76 -15.51 -2.07
CA GLU F 290 -24.74 -16.50 -2.56
C GLU F 290 -24.46 -17.00 -3.97
N GLU F 291 -23.86 -16.15 -4.81
CA GLU F 291 -23.64 -16.48 -6.22
C GLU F 291 -22.23 -17.01 -6.50
N TRP F 292 -21.41 -17.16 -5.46
CA TRP F 292 -20.05 -17.70 -5.60
C TRP F 292 -20.12 -19.20 -5.77
N ARG F 293 -18.98 -19.84 -5.99
CA ARG F 293 -18.97 -21.28 -6.22
C ARG F 293 -17.92 -21.97 -5.36
N THR F 294 -16.78 -21.32 -5.15
CA THR F 294 -15.71 -21.94 -4.39
C THR F 294 -15.06 -20.98 -3.41
N VAL F 295 -14.24 -21.52 -2.53
CA VAL F 295 -13.49 -20.70 -1.59
C VAL F 295 -12.56 -19.75 -2.36
N HIS F 296 -12.21 -20.10 -3.60
CA HIS F 296 -11.35 -19.22 -4.40
C HIS F 296 -12.04 -17.88 -4.66
N ASP F 297 -13.37 -17.91 -4.73
CA ASP F 297 -14.13 -16.68 -4.97
C ASP F 297 -14.05 -15.73 -3.78
N MET F 298 -13.86 -16.28 -2.59
CA MET F 298 -13.91 -15.49 -1.37
C MET F 298 -12.61 -14.71 -1.11
N VAL F 299 -11.49 -15.32 -1.43
CA VAL F 299 -10.14 -14.77 -1.15
C VAL F 299 -9.95 -13.30 -1.56
N PRO F 300 -10.26 -12.96 -2.83
CA PRO F 300 -10.11 -11.56 -3.26
C PRO F 300 -10.96 -10.58 -2.48
N ARG F 301 -12.14 -10.99 -2.04
CA ARG F 301 -13.02 -10.09 -1.28
C ARG F 301 -12.48 -9.87 0.13
N VAL F 302 -12.03 -10.95 0.74
CA VAL F 302 -11.47 -10.86 2.08
C VAL F 302 -10.18 -10.02 2.01
N ALA F 303 -9.38 -10.27 0.99
CA ALA F 303 -8.13 -9.54 0.82
C ALA F 303 -8.36 -8.03 0.80
N ARG F 304 -9.56 -7.60 0.36
CA ARG F 304 -9.88 -6.17 0.26
C ARG F 304 -10.75 -5.72 1.43
N ARG F 305 -10.86 -6.57 2.44
CA ARG F 305 -11.72 -6.31 3.60
C ARG F 305 -13.12 -5.87 3.18
N ALA F 306 -13.63 -6.49 2.14
CA ALA F 306 -14.90 -6.05 1.55
C ALA F 306 -16.14 -6.67 2.15
N LEU F 307 -16.03 -7.58 3.10
CA LEU F 307 -17.27 -8.16 3.67
C LEU F 307 -17.14 -8.44 5.14
N ALA F 308 -18.23 -8.24 5.87
CA ALA F 308 -18.30 -8.68 7.24
C ALA F 308 -18.98 -10.05 7.39
N ILE F 309 -19.80 -10.41 6.38
CA ILE F 309 -20.63 -11.64 6.47
C ILE F 309 -20.57 -12.36 5.13
N VAL F 310 -20.41 -13.70 5.14
CA VAL F 310 -20.43 -14.48 3.90
C VAL F 310 -21.70 -15.36 3.87
N GLN F 311 -22.33 -15.50 2.69
CA GLN F 311 -23.64 -16.08 2.53
C GLN F 311 -23.60 -17.25 1.54
N PRO F 312 -22.89 -18.32 1.89
CA PRO F 312 -22.79 -19.43 0.93
C PRO F 312 -24.15 -20.04 0.61
N GLU F 313 -24.33 -20.46 -0.65
CA GLU F 313 -25.50 -21.23 -1.06
C GLU F 313 -25.07 -22.68 -1.31
N MET F 314 -25.43 -23.57 -0.41
CA MET F 314 -25.07 -24.98 -0.50
C MET F 314 -25.36 -25.56 -1.89
N GLY F 315 -26.53 -25.25 -2.41
CA GLY F 315 -26.91 -25.74 -3.75
C GLY F 315 -25.93 -25.40 -4.86
N HIS F 316 -25.16 -24.32 -4.70
CA HIS F 316 -24.16 -23.95 -5.71
C HIS F 316 -22.78 -24.53 -5.42
N LYS F 317 -22.54 -24.90 -4.18
CA LYS F 317 -21.18 -25.08 -3.73
C LYS F 317 -20.88 -26.52 -3.37
N GLY F 318 -21.80 -27.18 -2.70
CA GLY F 318 -21.47 -28.50 -2.16
C GLY F 318 -20.82 -28.41 -0.80
N ILE F 319 -20.78 -29.54 -0.09
CA ILE F 319 -20.33 -29.55 1.29
C ILE F 319 -18.84 -29.22 1.41
N THR F 320 -18.02 -29.79 0.54
CA THR F 320 -16.57 -29.54 0.56
C THR F 320 -16.26 -28.02 0.42
N GLN F 321 -16.76 -27.38 -0.61
CA GLN F 321 -16.52 -25.93 -0.79
C GLN F 321 -17.19 -25.07 0.29
N PHE F 322 -18.42 -25.44 0.68
CA PHE F 322 -19.19 -24.72 1.69
C PHE F 322 -18.37 -24.69 2.98
N MET F 323 -17.84 -25.84 3.40
CA MET F 323 -16.98 -25.90 4.59
C MET F 323 -15.69 -25.11 4.41
N ARG F 324 -15.10 -25.14 3.23
CA ARG F 324 -13.86 -24.41 3.01
C ARG F 324 -14.09 -22.91 3.17
N ILE F 325 -15.23 -22.44 2.70
CA ILE F 325 -15.63 -21.05 2.86
C ILE F 325 -15.82 -20.69 4.33
N GLY F 326 -16.41 -21.62 5.08
CA GLY F 326 -16.71 -21.40 6.50
C GLY F 326 -15.45 -21.38 7.36
N ALA F 327 -14.50 -22.24 7.02
CA ALA F 327 -13.20 -22.27 7.68
C ALA F 327 -12.40 -20.98 7.39
N TYR F 328 -12.46 -20.51 6.15
CA TYR F 328 -11.76 -19.29 5.77
C TYR F 328 -12.37 -18.09 6.52
N ALA F 329 -13.70 -18.07 6.59
CA ALA F 329 -14.48 -17.10 7.35
C ALA F 329 -14.06 -17.08 8.83
N HIS F 330 -13.97 -18.27 9.39
CA HIS F 330 -13.55 -18.45 10.77
C HIS F 330 -12.17 -17.82 11.06
N VAL F 331 -11.21 -18.11 10.21
CA VAL F 331 -9.85 -17.60 10.35
C VAL F 331 -9.83 -16.06 10.19
N HIS F 332 -10.78 -15.55 9.42
CA HIS F 332 -10.83 -14.11 9.11
C HIS F 332 -11.91 -13.34 9.85
N HIS F 333 -12.49 -13.97 10.88
CA HIS F 333 -13.42 -13.32 11.78
C HIS F 333 -14.57 -12.74 10.98
N ILE F 334 -15.01 -13.51 10.01
CA ILE F 334 -16.16 -13.20 9.19
C ILE F 334 -17.33 -14.11 9.60
N LYS F 335 -18.53 -13.55 9.73
CA LYS F 335 -19.71 -14.32 10.10
C LYS F 335 -20.27 -15.08 8.93
N VAL F 336 -20.80 -16.26 9.18
CA VAL F 336 -21.38 -17.05 8.11
C VAL F 336 -22.91 -17.06 8.29
N ILE F 337 -23.63 -16.68 7.25
CA ILE F 337 -25.10 -16.66 7.25
C ILE F 337 -25.55 -17.23 5.92
N PRO F 338 -25.70 -18.57 5.86
CA PRO F 338 -26.02 -19.22 4.59
C PRO F 338 -27.33 -18.72 3.99
N HIS F 339 -27.30 -18.67 2.67
CA HIS F 339 -28.42 -18.42 1.78
C HIS F 339 -29.32 -19.66 1.80
N ALA F 340 -30.59 -19.47 1.46
CA ALA F 340 -31.53 -20.56 1.20
C ALA F 340 -32.31 -20.13 -0.02
N THR F 341 -32.87 -21.08 -0.75
CA THR F 341 -33.45 -20.87 -2.06
C THR F 341 -34.41 -21.98 -2.50
N ILE F 342 -34.98 -21.87 -3.67
CA ILE F 342 -35.89 -22.88 -4.17
C ILE F 342 -35.22 -24.25 -4.25
N GLY F 343 -35.80 -25.22 -3.62
CA GLY F 343 -35.28 -26.57 -3.67
C GLY F 343 -36.21 -27.61 -3.08
N ALA F 344 -35.94 -28.86 -3.34
CA ALA F 344 -36.63 -29.96 -2.72
C ALA F 344 -36.35 -30.04 -1.24
N GLY F 345 -35.19 -29.56 -0.85
CA GLY F 345 -34.70 -29.68 0.50
C GLY F 345 -33.51 -30.57 0.74
N ILE F 346 -33.02 -31.27 -0.27
CA ILE F 346 -31.81 -32.03 -0.11
C ILE F 346 -30.56 -31.17 0.09
N PHE F 347 -30.34 -30.20 -0.78
CA PHE F 347 -29.20 -29.34 -0.51
C PHE F 347 -29.40 -28.40 0.69
N LEU F 348 -30.66 -28.12 1.05
CA LEU F 348 -30.93 -27.44 2.31
C LEU F 348 -30.48 -28.29 3.50
N ALA F 349 -30.75 -29.58 3.46
CA ALA F 349 -30.38 -30.45 4.56
C ALA F 349 -28.84 -30.49 4.65
N ALA F 350 -28.18 -30.51 3.50
CA ALA F 350 -26.72 -30.47 3.48
C ALA F 350 -26.26 -29.18 4.15
N SER F 351 -26.90 -28.07 3.79
CA SER F 351 -26.57 -26.77 4.39
C SER F 351 -26.72 -26.76 5.91
N LEU F 352 -27.75 -27.44 6.41
CA LEU F 352 -27.98 -27.48 7.84
C LEU F 352 -26.91 -28.32 8.54
N GLN F 353 -26.49 -29.43 7.93
CA GLN F 353 -25.43 -30.28 8.51
C GLN F 353 -24.08 -29.55 8.56
N ALA F 354 -23.73 -28.92 7.44
CA ALA F 354 -22.50 -28.17 7.36
C ALA F 354 -22.57 -27.01 8.36
N SER F 355 -23.72 -26.35 8.45
CA SER F 355 -23.84 -25.21 9.36
C SER F 355 -23.72 -25.68 10.80
N ALA F 356 -24.15 -26.90 11.06
CA ALA F 356 -24.08 -27.44 12.40
C ALA F 356 -22.63 -27.72 12.80
N ALA F 357 -21.77 -27.95 11.82
CA ALA F 357 -20.33 -28.20 12.08
C ALA F 357 -19.45 -26.92 12.02
N LEU F 358 -20.01 -25.79 11.60
CA LEU F 358 -19.17 -24.56 11.46
C LEU F 358 -19.17 -23.72 12.72
N ALA F 359 -18.00 -23.25 13.14
CA ALA F 359 -17.97 -22.41 14.34
C ALA F 359 -18.69 -21.07 14.16
N ASN F 360 -18.66 -20.50 12.96
CA ASN F 360 -19.12 -19.11 12.79
C ASN F 360 -20.52 -18.91 12.24
N VAL F 361 -21.29 -20.00 12.18
CA VAL F 361 -22.67 -19.89 11.72
C VAL F 361 -23.61 -19.24 12.73
N ASP F 362 -23.90 -17.97 12.46
CA ASP F 362 -24.77 -17.16 13.26
C ASP F 362 -26.27 -17.52 13.13
N CYS F 363 -26.68 -17.89 11.93
CA CYS F 363 -28.06 -17.71 11.53
C CYS F 363 -28.21 -18.24 10.11
N HIS F 364 -29.41 -18.56 9.66
CA HIS F 364 -29.56 -19.22 8.34
C HIS F 364 -30.82 -18.71 7.67
N GLU F 365 -30.74 -18.43 6.38
CA GLU F 365 -31.90 -17.85 5.71
C GLU F 365 -33.03 -18.86 5.70
N PHE F 366 -34.25 -18.35 5.83
CA PHE F 366 -35.44 -19.18 5.79
C PHE F 366 -36.44 -18.67 4.74
N GLN F 367 -36.71 -19.51 3.74
CA GLN F 367 -37.68 -19.22 2.69
C GLN F 367 -39.02 -19.80 3.08
N HIS F 368 -39.80 -19.04 3.83
CA HIS F 368 -41.11 -19.51 4.29
C HIS F 368 -41.90 -20.21 3.20
N SER F 369 -42.07 -19.52 2.08
CA SER F 369 -42.99 -19.94 1.03
C SER F 369 -42.42 -21.06 0.20
N ILE F 370 -41.17 -21.43 0.43
CA ILE F 370 -40.61 -22.60 -0.22
C ILE F 370 -40.56 -23.79 0.72
N PHE F 371 -40.11 -23.57 1.94
CA PHE F 371 -39.83 -24.68 2.82
C PHE F 371 -41.10 -25.48 3.07
N GLU F 372 -42.19 -24.79 3.37
CA GLU F 372 -43.40 -25.48 3.78
C GLU F 372 -44.01 -26.39 2.74
N PRO F 373 -44.17 -25.82 1.47
CA PRO F 373 -44.77 -26.74 0.50
C PRO F 373 -43.90 -27.93 0.25
N ASN F 374 -42.59 -27.71 0.26
CA ASN F 374 -41.64 -28.74 -0.17
C ASN F 374 -41.42 -29.76 0.92
N ARG F 375 -42.11 -29.58 2.05
CA ARG F 375 -41.97 -30.47 3.17
C ARG F 375 -42.32 -31.88 2.76
N ARG F 376 -43.35 -32.03 1.95
CA ARG F 376 -43.87 -33.33 1.59
C ARG F 376 -43.03 -34.13 0.63
N LEU F 377 -41.99 -33.52 0.11
CA LEU F 377 -41.15 -34.16 -0.90
C LEU F 377 -40.06 -35.03 -0.26
N LEU F 378 -39.90 -34.86 1.05
CA LEU F 378 -38.78 -35.41 1.79
C LEU F 378 -39.20 -36.25 2.99
N VAL F 379 -38.44 -37.29 3.27
CA VAL F 379 -38.59 -38.00 4.53
C VAL F 379 -37.37 -37.69 5.36
N GLY F 380 -37.58 -37.26 6.60
CA GLY F 380 -36.49 -36.94 7.50
C GLY F 380 -37.05 -36.01 8.56
N ASP F 381 -36.22 -35.65 9.54
CA ASP F 381 -36.70 -34.78 10.62
C ASP F 381 -36.10 -33.38 10.53
N MET F 382 -35.80 -32.94 9.32
CA MET F 382 -35.49 -31.53 9.11
C MET F 382 -36.75 -30.74 9.36
N ASP F 383 -36.63 -29.62 10.07
CA ASP F 383 -37.80 -28.83 10.35
C ASP F 383 -37.39 -27.39 10.65
N CYS F 384 -38.37 -26.49 10.76
CA CYS F 384 -38.13 -25.11 11.14
C CYS F 384 -39.33 -24.57 11.90
N LEU F 385 -39.13 -24.23 13.17
CA LEU F 385 -40.21 -23.74 13.98
C LEU F 385 -39.68 -22.85 15.10
N ASN F 386 -40.48 -21.88 15.48
CA ASN F 386 -40.11 -20.92 16.53
C ASN F 386 -38.75 -20.29 16.29
N GLY F 387 -38.52 -19.83 15.06
CA GLY F 387 -37.34 -19.04 14.76
C GLY F 387 -36.08 -19.86 14.59
N GLU F 388 -36.22 -21.17 14.39
CA GLU F 388 -35.05 -22.02 14.36
C GLU F 388 -35.19 -23.23 13.47
N TYR F 389 -34.15 -23.54 12.73
CA TYR F 389 -34.14 -24.79 11.99
C TYR F 389 -33.75 -25.89 12.94
N VAL F 390 -34.25 -27.10 12.68
CA VAL F 390 -33.87 -28.26 13.46
C VAL F 390 -32.98 -29.05 12.56
N VAL F 391 -31.76 -29.33 13.02
CA VAL F 391 -30.81 -30.03 12.19
C VAL F 391 -31.25 -31.50 12.11
N PRO F 392 -31.29 -32.09 10.91
CA PRO F 392 -31.75 -33.48 10.83
C PRO F 392 -30.85 -34.40 11.64
N THR F 393 -31.41 -35.52 12.12
CA THR F 393 -30.67 -36.46 12.96
C THR F 393 -30.08 -37.73 12.31
N GLY F 394 -30.83 -38.37 11.41
CA GLY F 394 -30.43 -39.69 10.88
C GLY F 394 -29.03 -39.67 10.30
N PRO F 395 -28.54 -40.84 9.86
CA PRO F 395 -27.22 -40.89 9.22
C PRO F 395 -27.22 -40.12 7.90
N GLY F 396 -26.04 -39.75 7.42
CA GLY F 396 -25.93 -38.90 6.23
C GLY F 396 -26.59 -37.55 6.44
N LEU F 397 -27.27 -37.06 5.41
CA LEU F 397 -27.96 -35.79 5.49
C LEU F 397 -29.14 -35.90 6.45
N GLY F 398 -29.70 -37.10 6.58
CA GLY F 398 -30.88 -37.31 7.41
C GLY F 398 -32.17 -36.98 6.69
N VAL F 399 -32.09 -36.78 5.37
CA VAL F 399 -33.26 -36.62 4.53
C VAL F 399 -33.08 -37.44 3.26
N GLU F 400 -34.21 -37.82 2.67
CA GLU F 400 -34.20 -38.39 1.34
C GLU F 400 -35.52 -38.06 0.65
N PRO F 401 -35.55 -38.17 -0.69
CA PRO F 401 -36.79 -37.86 -1.39
C PRO F 401 -37.83 -38.91 -1.01
N SER F 402 -39.09 -38.50 -0.87
CA SER F 402 -40.13 -39.45 -0.50
C SER F 402 -40.44 -40.34 -1.69
N LYS F 403 -41.03 -41.50 -1.42
CA LYS F 403 -41.40 -42.43 -2.47
C LYS F 403 -42.19 -41.71 -3.57
N GLU F 404 -43.09 -40.82 -3.15
CA GLU F 404 -43.84 -40.01 -4.11
C GLU F 404 -42.92 -39.10 -4.94
N ALA F 405 -42.00 -38.42 -4.28
CA ALA F 405 -41.05 -37.54 -4.96
C ALA F 405 -40.21 -38.30 -5.99
N GLN F 406 -39.81 -39.52 -5.67
CA GLN F 406 -39.07 -40.36 -6.62
C GLN F 406 -39.90 -40.68 -7.85
N GLY F 407 -41.22 -40.78 -7.66
CA GLY F 407 -42.13 -41.01 -8.77
C GLY F 407 -42.24 -39.82 -9.69
N LEU F 408 -41.98 -38.63 -9.17
CA LEU F 408 -42.02 -37.41 -9.99
C LEU F 408 -40.71 -37.13 -10.74
N LEU F 409 -39.63 -37.74 -10.26
CA LEU F 409 -38.33 -37.57 -10.88
C LEU F 409 -38.36 -37.86 -12.38
N LYS F 410 -37.84 -36.95 -13.19
CA LYS F 410 -37.64 -37.24 -14.59
C LYS F 410 -36.16 -37.46 -14.86
N LYS F 411 -35.83 -38.68 -15.25
CA LYS F 411 -34.46 -39.05 -15.54
C LYS F 411 -33.90 -38.38 -16.78
N HIS F 412 -32.61 -38.12 -16.76
CA HIS F 412 -31.90 -37.57 -17.89
C HIS F 412 -31.20 -38.70 -18.64
N SER G 25 -24.18 -43.85 21.73
CA SER G 25 -23.07 -42.91 21.41
C SER G 25 -21.98 -42.98 22.48
N ASP G 26 -20.84 -43.60 22.15
CA ASP G 26 -19.75 -43.74 23.12
C ASP G 26 -19.14 -42.39 23.50
N ARG G 27 -18.90 -42.17 24.79
CA ARG G 27 -18.37 -40.90 25.28
C ARG G 27 -17.06 -41.13 26.02
N VAL G 28 -16.26 -40.06 26.13
CA VAL G 28 -14.98 -40.16 26.82
C VAL G 28 -15.25 -40.40 28.31
N LYS G 29 -14.45 -41.27 28.91
CA LYS G 29 -14.61 -41.64 30.31
C LYS G 29 -13.43 -41.20 31.13
N LYS G 30 -12.22 -41.49 30.65
CA LYS G 30 -11.05 -41.03 31.38
C LYS G 30 -9.85 -40.66 30.50
N ILE G 31 -8.99 -39.81 31.05
CA ILE G 31 -7.82 -39.32 30.35
C ILE G 31 -6.65 -39.42 31.32
N GLU G 32 -5.56 -40.02 30.86
CA GLU G 32 -4.35 -40.11 31.67
C GLU G 32 -3.19 -39.52 30.89
N SER G 33 -2.31 -38.85 31.59
CA SER G 33 -1.10 -38.35 30.94
C SER G 33 0.21 -38.91 31.54
N PHE G 34 1.23 -39.09 30.69
CA PHE G 34 2.48 -39.75 31.06
C PHE G 34 3.66 -39.08 30.39
N THR G 35 4.86 -39.25 30.94
CA THR G 35 6.06 -39.06 30.15
C THR G 35 6.63 -40.39 29.71
N LEU G 36 7.37 -40.35 28.61
CA LEU G 36 8.12 -41.48 28.09
C LEU G 36 9.51 -40.97 27.81
N THR G 37 10.47 -41.47 28.57
CA THR G 37 11.83 -40.98 28.48
C THR G 37 12.73 -42.07 27.92
N LEU G 38 13.57 -41.71 26.97
CA LEU G 38 14.46 -42.68 26.33
C LEU G 38 15.88 -42.16 26.24
N PRO G 39 16.85 -42.99 26.64
CA PRO G 39 18.27 -42.62 26.55
C PRO G 39 18.70 -42.45 25.10
N ARG G 40 19.61 -41.53 24.83
CA ARG G 40 20.19 -41.41 23.49
C ARG G 40 21.69 -41.75 23.50
N ARG G 49 31.82 -27.86 23.01
CA ARG G 49 31.20 -28.04 24.32
C ARG G 49 31.96 -27.20 25.34
N PRO G 50 32.09 -25.84 25.00
CA PRO G 50 33.01 -25.13 25.89
C PRO G 50 32.61 -25.06 27.36
N GLY G 51 31.37 -24.70 27.63
CA GLY G 51 30.81 -24.73 28.96
C GLY G 51 29.35 -25.08 28.79
N GLU G 52 29.13 -26.27 28.25
CA GLU G 52 27.80 -26.70 27.89
C GLU G 52 27.51 -28.04 28.51
N GLU G 53 27.91 -28.22 29.76
CA GLU G 53 27.63 -29.50 30.43
C GLU G 53 26.22 -29.50 31.00
N PRO G 54 25.55 -30.66 30.96
CA PRO G 54 24.21 -30.80 31.51
C PRO G 54 24.20 -30.61 33.02
N ASN G 55 23.16 -29.99 33.55
CA ASN G 55 22.97 -29.93 34.97
C ASN G 55 22.28 -31.23 35.43
N GLY G 56 21.91 -31.30 36.70
CA GLY G 56 21.34 -32.51 37.30
C GLY G 56 20.01 -32.96 36.72
N ARG G 57 19.31 -32.06 36.04
CA ARG G 57 18.06 -32.43 35.37
C ARG G 57 18.28 -32.91 33.93
N GLY G 58 19.53 -32.94 33.50
CA GLY G 58 19.84 -33.33 32.13
C GLY G 58 19.75 -32.20 31.12
N TYR G 59 19.71 -30.95 31.60
CA TYR G 59 19.58 -29.80 30.67
C TYR G 59 20.90 -29.09 30.41
N LEU G 60 21.13 -28.75 29.15
CA LEU G 60 22.29 -27.94 28.83
C LEU G 60 21.88 -26.89 27.82
N VAL G 61 22.58 -25.77 27.85
CA VAL G 61 22.36 -24.65 26.95
C VAL G 61 23.51 -24.55 25.96
N ARG G 62 23.22 -24.54 24.67
CA ARG G 62 24.28 -24.30 23.65
C ARG G 62 24.64 -22.82 23.58
N LYS G 63 25.91 -22.52 23.78
CA LYS G 63 26.44 -21.15 23.72
C LYS G 63 26.09 -20.48 22.39
N ALA G 64 26.07 -21.26 21.32
CA ALA G 64 25.79 -20.81 19.96
C ALA G 64 24.39 -20.23 19.76
N ASN G 65 23.36 -20.96 20.20
CA ASN G 65 21.98 -20.54 19.96
C ASN G 65 21.19 -20.19 21.24
N ARG G 66 21.87 -20.15 22.38
CA ARG G 66 21.26 -19.80 23.66
C ARG G 66 20.05 -20.64 24.04
N THR G 67 19.90 -21.78 23.39
CA THR G 67 18.70 -22.60 23.52
C THR G 67 18.95 -23.79 24.44
N VAL G 68 17.96 -24.17 25.23
CA VAL G 68 18.13 -25.30 26.17
C VAL G 68 17.85 -26.64 25.49
N TYR G 69 18.57 -27.67 25.91
CA TYR G 69 18.36 -29.00 25.33
C TYR G 69 18.47 -30.07 26.40
N PRO G 70 17.56 -31.05 26.37
CA PRO G 70 17.77 -32.21 27.24
C PRO G 70 18.83 -33.13 26.63
N THR G 71 19.55 -33.87 27.46
CA THR G 71 20.50 -34.87 26.97
C THR G 71 19.86 -36.24 26.71
N PHE G 72 18.54 -36.30 26.75
CA PHE G 72 17.79 -37.53 26.53
C PHE G 72 16.58 -37.14 25.69
N ASP G 73 15.81 -38.13 25.28
CA ASP G 73 14.57 -37.92 24.55
C ASP G 73 13.41 -38.13 25.49
N ARG G 74 12.36 -37.32 25.34
CA ARG G 74 11.22 -37.41 26.24
C ARG G 74 10.04 -36.76 25.56
N SER G 75 8.89 -37.38 25.70
CA SER G 75 7.68 -36.76 25.19
C SER G 75 6.56 -37.07 26.17
N VAL G 76 5.43 -36.42 25.97
CA VAL G 76 4.28 -36.54 26.86
C VAL G 76 3.25 -37.33 26.11
N LEU G 77 2.71 -38.37 26.74
CA LEU G 77 1.67 -39.17 26.11
C LEU G 77 0.34 -39.05 26.84
N VAL G 78 -0.75 -39.09 26.09
CA VAL G 78 -2.06 -39.04 26.67
C VAL G 78 -2.81 -40.30 26.25
N ARG G 79 -3.56 -40.87 27.18
CA ARG G 79 -4.33 -42.05 26.91
C ARG G 79 -5.79 -41.76 27.27
N ILE G 80 -6.68 -41.88 26.29
CA ILE G 80 -8.07 -41.58 26.52
C ILE G 80 -8.89 -42.83 26.27
N GLU G 81 -9.75 -43.17 27.24
CA GLU G 81 -10.61 -44.37 27.15
C GLU G 81 -12.09 -43.97 27.16
N THR G 82 -12.89 -44.54 26.27
CA THR G 82 -14.33 -44.23 26.20
C THR G 82 -15.12 -45.04 27.20
N GLU G 83 -16.39 -44.67 27.39
CA GLU G 83 -17.27 -45.44 28.26
C GLU G 83 -17.25 -46.90 27.87
N ASN G 84 -17.29 -47.21 26.57
CA ASN G 84 -17.37 -48.60 26.12
C ASN G 84 -16.04 -49.32 26.03
N GLY G 85 -14.95 -48.66 26.41
CA GLY G 85 -13.66 -49.36 26.38
C GLY G 85 -12.68 -49.08 25.24
N ALA G 86 -13.10 -48.37 24.21
CA ALA G 86 -12.16 -47.92 23.16
C ALA G 86 -11.05 -47.05 23.75
N VAL G 87 -9.83 -47.19 23.23
CA VAL G 87 -8.71 -46.44 23.75
C VAL G 87 -8.01 -45.69 22.61
N GLY G 88 -7.75 -44.40 22.81
CA GLY G 88 -7.03 -43.61 21.81
C GLY G 88 -5.78 -43.02 22.43
N TRP G 89 -4.74 -42.87 21.62
CA TRP G 89 -3.48 -42.35 22.13
C TRP G 89 -3.10 -41.03 21.44
N GLY G 90 -2.63 -40.06 22.22
CA GLY G 90 -2.04 -38.83 21.66
C GLY G 90 -0.64 -38.57 22.22
N GLU G 91 0.03 -37.54 21.71
CA GLU G 91 1.40 -37.28 22.15
C GLU G 91 1.73 -35.81 21.83
N THR G 92 2.54 -35.19 22.67
CA THR G 92 3.05 -33.84 22.35
C THR G 92 4.48 -33.75 22.84
N TYR G 93 5.04 -32.55 22.76
CA TYR G 93 6.38 -32.34 23.24
C TYR G 93 6.46 -32.59 24.73
N GLY G 94 7.62 -33.08 25.18
CA GLY G 94 7.90 -33.20 26.60
C GLY G 94 9.37 -32.97 26.89
N LEU G 95 10.07 -32.32 25.94
CA LEU G 95 11.50 -32.05 26.10
C LEU G 95 11.82 -31.35 27.42
N VAL G 96 10.98 -30.39 27.81
CA VAL G 96 11.32 -29.52 28.93
C VAL G 96 10.08 -29.20 29.75
N ALA G 97 10.21 -29.25 31.08
CA ALA G 97 9.07 -29.07 31.97
C ALA G 97 7.83 -29.87 31.58
N PRO G 98 7.99 -31.16 31.22
CA PRO G 98 6.84 -31.95 30.75
C PRO G 98 5.69 -31.92 31.73
N ARG G 99 5.98 -31.76 33.02
CA ARG G 99 4.91 -31.79 34.01
C ARG G 99 4.01 -30.55 33.95
N ALA G 100 4.50 -29.42 33.45
CA ALA G 100 3.59 -28.29 33.20
C ALA G 100 2.53 -28.68 32.16
N THR G 101 2.96 -29.34 31.09
CA THR G 101 2.02 -29.74 30.07
C THR G 101 0.99 -30.70 30.65
N MET G 102 1.48 -31.66 31.42
CA MET G 102 0.58 -32.68 31.97
C MET G 102 -0.36 -32.09 33.01
N GLU G 103 0.11 -31.08 33.73
CA GLU G 103 -0.72 -30.41 34.71
C GLU G 103 -1.83 -29.66 34.01
N ILE G 104 -1.52 -29.02 32.89
CA ILE G 104 -2.58 -28.38 32.11
C ILE G 104 -3.59 -29.44 31.69
N ILE G 105 -3.08 -30.53 31.14
CA ILE G 105 -4.00 -31.58 30.74
C ILE G 105 -4.89 -32.03 31.91
N ASP G 106 -4.26 -32.42 33.01
CA ASP G 106 -4.96 -33.12 34.09
C ASP G 106 -5.80 -32.17 34.94
N ASP G 107 -5.30 -30.96 35.14
CA ASP G 107 -5.95 -30.05 36.06
C ASP G 107 -7.11 -29.31 35.39
N LEU G 108 -6.95 -29.02 34.10
CA LEU G 108 -7.92 -28.17 33.42
C LEU G 108 -8.65 -28.87 32.29
N LEU G 109 -7.90 -29.38 31.31
CA LEU G 109 -8.50 -29.84 30.08
C LEU G 109 -9.32 -31.13 30.22
N ALA G 110 -8.82 -32.07 31.00
CA ALA G 110 -9.42 -33.39 31.10
C ALA G 110 -10.91 -33.37 31.47
N ASP G 111 -11.25 -32.68 32.55
CA ASP G 111 -12.65 -32.60 32.99
C ASP G 111 -13.60 -32.01 31.94
N PHE G 112 -13.09 -31.14 31.07
CA PHE G 112 -13.96 -30.56 30.04
C PHE G 112 -14.03 -31.41 28.79
N THR G 113 -13.32 -32.53 28.80
CA THR G 113 -13.32 -33.42 27.66
C THR G 113 -14.08 -34.69 28.00
N ILE G 114 -14.03 -35.04 29.28
CA ILE G 114 -14.74 -36.22 29.77
C ILE G 114 -16.22 -36.06 29.53
N GLY G 115 -16.85 -37.07 28.97
CA GLY G 115 -18.26 -36.91 28.62
C GLY G 115 -18.53 -36.54 27.18
N ARG G 116 -17.50 -36.06 26.46
CA ARG G 116 -17.72 -35.61 25.09
C ARG G 116 -17.65 -36.77 24.09
N ASP G 117 -18.17 -36.53 22.89
CA ASP G 117 -18.10 -37.50 21.78
C ASP G 117 -16.82 -37.32 20.94
N PRO G 118 -15.99 -38.37 20.83
CA PRO G 118 -14.76 -38.20 20.07
C PRO G 118 -14.97 -37.76 18.62
N PHE G 119 -16.15 -38.03 18.04
CA PHE G 119 -16.41 -37.57 16.67
C PHE G 119 -16.52 -36.04 16.62
N ASP G 120 -16.47 -35.41 17.81
CA ASP G 120 -16.59 -33.95 17.93
C ASP G 120 -15.22 -33.33 18.18
N ALA G 121 -14.17 -34.05 17.85
CA ALA G 121 -12.79 -33.65 18.14
C ALA G 121 -12.47 -32.16 17.83
N ALA G 122 -12.77 -31.72 16.62
CA ALA G 122 -12.46 -30.32 16.24
C ALA G 122 -13.25 -29.33 17.09
N ALA G 123 -14.54 -29.63 17.31
CA ALA G 123 -15.40 -28.77 18.13
C ALA G 123 -14.89 -28.68 19.57
N ILE G 124 -14.52 -29.85 20.09
CA ILE G 124 -13.92 -29.93 21.42
C ILE G 124 -12.66 -29.11 21.49
N HIS G 125 -11.82 -29.22 20.46
CA HIS G 125 -10.60 -28.43 20.40
C HIS G 125 -10.88 -26.93 20.55
N ASP G 126 -11.81 -26.42 19.76
CA ASP G 126 -12.18 -24.99 19.86
C ASP G 126 -12.71 -24.61 21.24
N ASP G 127 -13.52 -25.49 21.81
CA ASP G 127 -14.09 -25.26 23.16
C ASP G 127 -12.99 -25.23 24.19
N LEU G 128 -12.02 -26.13 24.08
CA LEU G 128 -10.89 -26.12 25.01
C LEU G 128 -10.03 -24.87 24.79
N TYR G 129 -9.79 -24.50 23.55
CA TYR G 129 -8.97 -23.31 23.27
C TYR G 129 -9.65 -22.08 23.85
N ASP G 130 -10.98 -21.99 23.68
CA ASP G 130 -11.70 -20.86 24.24
C ASP G 130 -11.65 -20.69 25.76
N LEU G 131 -11.44 -21.77 26.50
CA LEU G 131 -11.36 -21.65 27.97
C LEU G 131 -10.42 -20.55 28.41
N MET G 132 -9.29 -20.40 27.71
CA MET G 132 -8.20 -19.59 28.26
C MET G 132 -7.77 -18.47 27.31
N ARG G 133 -8.43 -18.38 26.17
CA ARG G 133 -7.92 -17.51 25.12
C ARG G 133 -7.88 -16.03 25.55
N VAL G 134 -8.87 -15.58 26.31
CA VAL G 134 -8.91 -14.12 26.60
C VAL G 134 -7.80 -13.69 27.55
N ARG G 135 -7.13 -14.67 28.17
CA ARG G 135 -5.99 -14.37 29.05
C ARG G 135 -4.64 -14.51 28.33
N GLY G 136 -4.68 -14.95 27.07
CA GLY G 136 -3.48 -14.95 26.22
C GLY G 136 -2.75 -16.28 26.17
N TYR G 137 -3.42 -17.34 26.64
CA TYR G 137 -2.75 -18.65 26.59
C TYR G 137 -3.13 -19.33 25.29
N THR G 138 -2.57 -18.85 24.20
CA THR G 138 -3.03 -19.28 22.87
C THR G 138 -1.95 -19.99 22.05
N GLY G 139 -0.85 -20.38 22.71
CA GLY G 139 0.28 -21.07 22.07
C GLY G 139 1.02 -21.88 23.12
N GLY G 140 2.33 -22.05 22.95
CA GLY G 140 3.19 -22.59 23.98
C GLY G 140 2.76 -23.96 24.52
N PHE G 141 2.79 -24.08 25.84
CA PHE G 141 2.45 -25.32 26.55
C PHE G 141 0.97 -25.62 26.46
N TYR G 142 0.17 -24.56 26.41
CA TYR G 142 -1.29 -24.73 26.35
C TYR G 142 -1.71 -25.49 25.10
N VAL G 143 -1.14 -25.12 23.96
CA VAL G 143 -1.58 -25.77 22.73
C VAL G 143 -0.90 -27.15 22.56
N ASP G 144 0.34 -27.28 23.05
CA ASP G 144 0.95 -28.62 23.22
C ASP G 144 -0.08 -29.52 23.90
N ALA G 145 -0.61 -29.08 25.04
CA ALA G 145 -1.61 -29.86 25.77
C ALA G 145 -2.85 -30.13 24.93
N LEU G 146 -3.43 -29.11 24.30
CA LEU G 146 -4.54 -29.34 23.37
C LEU G 146 -4.20 -30.39 22.33
N ALA G 147 -2.96 -30.34 21.83
CA ALA G 147 -2.54 -31.16 20.69
C ALA G 147 -2.60 -32.64 21.07
N ALA G 148 -2.10 -32.98 22.25
CA ALA G 148 -2.04 -34.37 22.68
C ALA G 148 -3.45 -34.91 22.84
N ILE G 149 -4.31 -34.17 23.52
CA ILE G 149 -5.74 -34.52 23.61
C ILE G 149 -6.39 -34.67 22.23
N ASP G 150 -6.17 -33.68 21.37
CA ASP G 150 -6.74 -33.66 20.02
C ASP G 150 -6.42 -34.95 19.25
N ILE G 151 -5.15 -35.33 19.27
CA ILE G 151 -4.71 -36.50 18.51
C ILE G 151 -5.36 -37.80 19.02
N ALA G 152 -5.42 -37.94 20.34
CA ALA G 152 -6.09 -39.08 20.98
C ALA G 152 -7.56 -39.18 20.60
N LEU G 153 -8.26 -38.04 20.55
CA LEU G 153 -9.67 -38.05 20.15
C LEU G 153 -9.85 -38.44 18.69
N TRP G 154 -9.00 -37.94 17.81
CA TRP G 154 -9.08 -38.36 16.41
C TRP G 154 -8.78 -39.87 16.28
N ASP G 155 -7.85 -40.37 17.09
CA ASP G 155 -7.49 -41.79 17.09
C ASP G 155 -8.76 -42.57 17.48
N LEU G 156 -9.43 -42.14 18.55
CA LEU G 156 -10.69 -42.76 18.96
C LEU G 156 -11.77 -42.68 17.88
N ALA G 157 -11.95 -41.50 17.30
CA ALA G 157 -12.99 -41.33 16.27
C ALA G 157 -12.77 -42.34 15.13
N GLY G 158 -11.52 -42.54 14.74
CA GLY G 158 -11.24 -43.42 13.64
C GLY G 158 -11.50 -44.86 14.04
N LYS G 159 -11.11 -45.20 15.27
CA LYS G 159 -11.24 -46.55 15.78
C LYS G 159 -12.72 -46.90 15.96
N LEU G 160 -13.49 -45.96 16.49
CA LEU G 160 -14.94 -46.13 16.58
C LEU G 160 -15.61 -46.33 15.25
N ALA G 161 -15.06 -45.75 14.19
CA ALA G 161 -15.72 -45.84 12.89
C ALA G 161 -15.11 -46.95 12.06
N GLY G 162 -14.02 -47.51 12.55
CA GLY G 162 -13.25 -48.51 11.80
C GLY G 162 -12.61 -47.92 10.56
N LEU G 163 -12.09 -46.71 10.68
CA LEU G 163 -11.49 -45.97 9.57
C LEU G 163 -10.17 -45.35 10.00
N PRO G 164 -9.18 -45.35 9.09
CA PRO G 164 -7.96 -44.60 9.38
C PRO G 164 -8.32 -43.13 9.50
N VAL G 165 -7.60 -42.38 10.32
CA VAL G 165 -7.94 -40.97 10.49
C VAL G 165 -8.12 -40.21 9.17
N CYS G 166 -7.33 -40.52 8.15
CA CYS G 166 -7.37 -39.71 6.93
C CYS G 166 -8.72 -39.81 6.21
N LYS G 167 -9.42 -40.93 6.41
CA LYS G 167 -10.76 -41.13 5.84
C LYS G 167 -11.84 -40.39 6.60
N LEU G 168 -11.47 -39.77 7.72
CA LEU G 168 -12.37 -38.84 8.38
C LEU G 168 -11.94 -37.38 8.18
N LEU G 169 -10.94 -37.14 7.33
CA LEU G 169 -10.43 -35.78 7.10
C LEU G 169 -10.65 -35.32 5.65
N GLY G 170 -11.46 -36.03 4.89
CA GLY G 170 -11.74 -35.66 3.50
C GLY G 170 -11.33 -36.74 2.51
N GLY G 171 -10.44 -37.63 2.93
CA GLY G 171 -10.09 -38.74 2.08
C GLY G 171 -8.61 -39.00 2.02
N GLN G 172 -8.26 -40.21 1.65
CA GLN G 172 -6.87 -40.57 1.50
C GLN G 172 -6.40 -40.30 0.08
N ARG G 173 -5.42 -39.42 -0.06
CA ARG G 173 -4.89 -39.00 -1.36
C ARG G 173 -3.64 -39.76 -1.74
N ARG G 174 -2.97 -40.35 -0.75
CA ARG G 174 -1.72 -41.07 -1.01
C ARG G 174 -1.49 -42.06 0.13
N ASP G 175 -0.71 -43.11 -0.11
CA ASP G 175 -0.35 -44.01 0.99
C ASP G 175 1.15 -44.08 1.22
N ARG G 176 1.91 -43.32 0.43
CA ARG G 176 3.36 -43.23 0.64
C ARG G 176 3.69 -41.75 0.58
N ILE G 177 4.68 -41.28 1.33
CA ILE G 177 5.02 -39.86 1.29
C ILE G 177 6.53 -39.66 1.21
N ALA G 178 6.99 -39.04 0.15
CA ALA G 178 8.42 -38.70 0.00
C ALA G 178 8.88 -38.16 1.33
N ALA G 179 10.10 -38.54 1.70
CA ALA G 179 10.70 -38.15 2.97
C ALA G 179 12.03 -37.47 2.68
N TYR G 180 12.35 -36.41 3.40
CA TYR G 180 13.67 -35.83 3.25
C TYR G 180 14.52 -35.99 4.50
N ILE G 181 15.84 -36.12 4.33
CA ILE G 181 16.74 -36.33 5.47
C ILE G 181 16.93 -34.99 6.15
N SER G 182 16.65 -34.95 7.46
CA SER G 182 16.41 -33.71 8.20
C SER G 182 17.65 -32.94 8.57
N GLY G 183 18.76 -33.66 8.70
CA GLY G 183 20.04 -33.04 9.04
C GLY G 183 21.19 -34.03 9.03
N LEU G 184 22.40 -33.51 9.14
CA LEU G 184 23.61 -34.32 9.00
C LEU G 184 24.55 -34.11 10.19
N PRO G 185 24.39 -34.93 11.24
CA PRO G 185 25.13 -34.82 12.49
C PRO G 185 26.56 -35.39 12.44
N GLU G 186 27.50 -34.65 11.87
CA GLU G 186 28.91 -34.98 11.90
C GLU G 186 29.73 -33.70 11.95
N ASP G 187 30.98 -33.78 12.38
CA ASP G 187 31.77 -32.58 12.69
C ASP G 187 32.60 -31.91 11.59
N THR G 188 32.67 -32.53 10.43
CA THR G 188 33.29 -31.88 9.28
C THR G 188 32.38 -31.91 8.06
N ARG G 189 32.59 -30.95 7.17
CA ARG G 189 31.94 -30.92 5.87
C ARG G 189 32.04 -32.28 5.17
N ALA G 190 33.26 -32.80 5.07
CA ALA G 190 33.47 -34.05 4.35
C ALA G 190 32.64 -35.20 4.92
N LYS G 191 32.66 -35.34 6.24
CA LYS G 191 31.99 -36.47 6.90
C LYS G 191 30.49 -36.28 6.83
N ARG G 192 30.07 -35.02 6.90
CA ARG G 192 28.64 -34.74 6.71
C ARG G 192 28.20 -35.12 5.31
N ALA G 193 29.04 -34.80 4.32
CA ALA G 193 28.71 -35.14 2.94
C ALA G 193 28.65 -36.65 2.72
N GLU G 194 29.51 -37.39 3.41
CA GLU G 194 29.54 -38.83 3.23
C GLU G 194 28.33 -39.41 3.91
N LEU G 195 27.94 -38.80 5.03
CA LEU G 195 26.68 -39.17 5.65
C LEU G 195 25.53 -39.02 4.66
N ALA G 196 25.40 -37.83 4.07
CA ALA G 196 24.32 -37.64 3.07
C ALA G 196 24.35 -38.69 1.96
N ALA G 197 25.54 -39.00 1.47
CA ALA G 197 25.73 -39.95 0.37
C ALA G 197 25.30 -41.35 0.80
N ALA G 198 25.50 -41.65 2.07
CA ALA G 198 25.05 -42.93 2.64
C ALA G 198 23.54 -43.02 2.59
N TRP G 199 22.86 -41.91 2.89
CA TRP G 199 21.38 -41.91 2.81
C TRP G 199 20.92 -41.96 1.36
N GLN G 200 21.66 -41.30 0.48
CA GLN G 200 21.36 -41.34 -0.93
C GLN G 200 21.38 -42.79 -1.42
N ALA G 201 22.36 -43.55 -0.95
CA ALA G 201 22.52 -44.95 -1.35
C ALA G 201 21.40 -45.80 -0.79
N LYS G 202 20.68 -45.26 0.19
CA LYS G 202 19.51 -45.96 0.73
C LYS G 202 18.20 -45.54 0.05
N GLY G 203 18.28 -44.73 -1.01
CA GLY G 203 17.07 -44.41 -1.74
C GLY G 203 16.52 -43.00 -1.54
N PHE G 204 17.18 -42.21 -0.69
CA PHE G 204 16.73 -40.81 -0.43
C PHE G 204 17.34 -39.84 -1.44
N SER G 205 16.54 -38.89 -1.90
CA SER G 205 16.99 -37.91 -2.90
C SER G 205 16.68 -36.45 -2.52
N SER G 206 16.23 -36.25 -1.28
CA SER G 206 16.00 -34.91 -0.73
C SER G 206 16.65 -34.79 0.66
N PHE G 207 17.32 -33.67 0.92
CA PHE G 207 18.18 -33.53 2.06
C PHE G 207 18.08 -32.11 2.62
N LYS G 208 18.44 -31.95 3.90
CA LYS G 208 18.54 -30.61 4.52
C LYS G 208 19.72 -30.51 5.45
N PHE G 209 20.40 -29.36 5.51
CA PHE G 209 21.48 -29.22 6.47
C PHE G 209 21.26 -27.96 7.28
N ALA G 210 21.85 -27.89 8.46
CA ALA G 210 21.69 -26.73 9.34
C ALA G 210 22.84 -25.74 9.16
N SER G 211 22.51 -24.49 8.88
CA SER G 211 23.56 -23.48 8.64
C SER G 211 24.60 -23.38 9.77
N PRO G 212 24.13 -23.34 11.03
CA PRO G 212 25.03 -23.19 12.18
C PRO G 212 26.10 -24.28 12.23
N VAL G 213 25.86 -25.44 11.65
CA VAL G 213 26.91 -26.45 11.61
C VAL G 213 27.96 -26.17 10.56
N ALA G 214 27.74 -25.16 9.75
CA ALA G 214 28.59 -24.90 8.60
C ALA G 214 29.93 -24.26 9.01
N ASP G 215 31.03 -24.96 8.75
CA ASP G 215 32.34 -24.58 9.27
C ASP G 215 32.99 -23.37 8.60
N ASP G 216 32.97 -23.32 7.27
CA ASP G 216 33.53 -22.15 6.58
C ASP G 216 32.53 -21.55 5.57
N GLY G 217 31.33 -21.24 6.05
CA GLY G 217 30.30 -20.67 5.19
C GLY G 217 29.23 -21.67 4.80
N VAL G 218 28.01 -21.18 4.62
CA VAL G 218 26.92 -22.00 4.14
C VAL G 218 27.11 -22.27 2.65
N ALA G 219 27.71 -21.31 1.96
CA ALA G 219 27.99 -21.46 0.54
C ALA G 219 28.94 -22.63 0.32
N LYS G 220 29.92 -22.77 1.20
CA LYS G 220 30.88 -23.85 1.08
C LYS G 220 30.19 -25.18 1.34
N GLU G 221 29.37 -25.22 2.38
CA GLU G 221 28.70 -26.44 2.76
C GLU G 221 27.83 -26.87 1.62
N MET G 222 27.13 -25.89 1.08
CA MET G 222 26.20 -26.11 0.00
C MET G 222 26.93 -26.68 -1.22
N GLU G 223 28.03 -26.02 -1.60
CA GLU G 223 28.88 -26.52 -2.68
C GLU G 223 29.32 -27.98 -2.44
N ILE G 224 29.90 -28.26 -1.26
CA ILE G 224 30.34 -29.61 -0.94
C ILE G 224 29.21 -30.60 -1.12
N LEU G 225 28.02 -30.27 -0.62
CA LEU G 225 26.90 -31.18 -0.75
C LEU G 225 26.43 -31.39 -2.18
N ARG G 226 26.40 -30.33 -2.96
CA ARG G 226 25.99 -30.44 -4.37
C ARG G 226 27.01 -31.27 -5.17
N GLU G 227 28.29 -31.01 -4.92
CA GLU G 227 29.37 -31.77 -5.54
C GLU G 227 29.23 -33.27 -5.23
N ARG G 228 29.03 -33.58 -3.94
CA ARG G 228 29.00 -34.96 -3.48
C ARG G 228 27.79 -35.74 -3.94
N LEU G 229 26.64 -35.07 -4.00
CA LEU G 229 25.39 -35.80 -4.23
C LEU G 229 24.90 -35.72 -5.66
N GLY G 230 25.49 -34.83 -6.45
CA GLY G 230 25.09 -34.74 -7.86
C GLY G 230 23.97 -33.76 -8.08
N PRO G 231 23.59 -33.59 -9.35
CA PRO G 231 22.75 -32.47 -9.78
C PRO G 231 21.24 -32.66 -9.59
N ALA G 232 20.80 -33.88 -9.34
CA ALA G 232 19.37 -34.16 -9.26
C ALA G 232 18.74 -33.97 -7.87
N VAL G 233 19.48 -34.24 -6.82
CA VAL G 233 18.88 -34.28 -5.48
C VAL G 233 18.48 -32.87 -5.05
N ARG G 234 17.48 -32.78 -4.17
CA ARG G 234 17.10 -31.49 -3.58
C ARG G 234 17.85 -31.25 -2.30
N ILE G 235 18.41 -30.04 -2.13
CA ILE G 235 19.14 -29.74 -0.93
C ILE G 235 18.67 -28.44 -0.33
N ALA G 236 18.11 -28.49 0.87
CA ALA G 236 17.65 -27.28 1.54
C ALA G 236 18.57 -26.87 2.68
N CYS G 237 18.39 -25.64 3.18
CA CYS G 237 19.21 -25.19 4.30
C CYS G 237 18.32 -24.64 5.39
N ASP G 238 18.45 -25.20 6.61
CA ASP G 238 17.70 -24.69 7.74
C ASP G 238 18.57 -23.62 8.42
N MET G 239 18.17 -22.37 8.30
CA MET G 239 19.03 -21.29 8.75
C MET G 239 18.89 -20.95 10.23
N HIS G 240 17.96 -21.63 10.90
CA HIS G 240 17.90 -21.56 12.37
C HIS G 240 17.72 -20.16 12.99
N TRP G 241 16.93 -19.32 12.32
CA TRP G 241 16.36 -18.07 12.91
C TRP G 241 17.32 -16.89 13.16
N ALA G 242 18.56 -17.15 13.57
CA ALA G 242 19.38 -16.05 14.11
C ALA G 242 20.14 -15.21 13.06
N HIS G 243 19.37 -14.52 12.21
CA HIS G 243 19.92 -13.57 11.25
C HIS G 243 18.99 -12.38 11.11
N THR G 244 19.53 -11.24 10.73
CA THR G 244 18.71 -10.13 10.26
C THR G 244 18.29 -10.51 8.84
N ALA G 245 17.28 -9.84 8.32
CA ALA G 245 16.83 -10.09 6.96
C ALA G 245 17.94 -9.93 5.93
N SER G 246 18.76 -8.89 6.05
CA SER G 246 19.80 -8.68 5.04
C SER G 246 20.89 -9.75 5.15
N GLU G 247 21.21 -10.15 6.37
CA GLU G 247 22.17 -11.23 6.52
C GLU G 247 21.63 -12.46 5.83
N ALA G 248 20.34 -12.74 6.03
CA ALA G 248 19.72 -13.95 5.44
C ALA G 248 19.73 -13.90 3.91
N VAL G 249 19.43 -12.73 3.36
CA VAL G 249 19.44 -12.53 1.91
C VAL G 249 20.83 -12.86 1.31
N ALA G 250 21.88 -12.36 1.96
CA ALA G 250 23.24 -12.56 1.47
C ALA G 250 23.61 -14.04 1.52
N LEU G 251 23.31 -14.69 2.64
CA LEU G 251 23.60 -16.12 2.76
C LEU G 251 22.85 -16.89 1.69
N ILE G 252 21.59 -16.55 1.49
CA ILE G 252 20.77 -17.26 0.51
C ILE G 252 21.27 -17.08 -0.92
N LYS G 253 21.57 -15.84 -1.31
CA LYS G 253 22.21 -15.57 -2.61
C LYS G 253 23.51 -16.35 -2.79
N ALA G 254 24.27 -16.50 -1.72
CA ALA G 254 25.55 -17.21 -1.80
C ALA G 254 25.29 -18.69 -2.04
N MET G 255 24.12 -19.19 -1.67
CA MET G 255 23.84 -20.62 -1.83
C MET G 255 23.14 -20.92 -3.13
N GLU G 256 22.47 -19.92 -3.70
CA GLU G 256 21.61 -20.16 -4.87
C GLU G 256 22.31 -20.73 -6.09
N PRO G 257 23.59 -20.39 -6.30
CA PRO G 257 24.21 -20.94 -7.47
C PRO G 257 24.36 -22.46 -7.39
N HIS G 258 24.14 -23.03 -6.22
CA HIS G 258 24.39 -24.47 -6.04
C HIS G 258 23.12 -25.30 -6.05
N GLY G 259 22.00 -24.62 -6.30
CA GLY G 259 20.71 -25.28 -6.45
C GLY G 259 20.01 -25.49 -5.11
N LEU G 260 19.52 -24.40 -4.52
CA LEU G 260 18.94 -24.45 -3.19
C LEU G 260 17.43 -24.73 -3.23
N TRP G 261 17.00 -25.82 -2.59
CA TRP G 261 15.60 -26.26 -2.55
C TRP G 261 14.67 -25.29 -1.81
N PHE G 262 14.96 -25.04 -0.54
CA PHE G 262 14.30 -23.92 0.19
C PHE G 262 15.20 -23.42 1.30
N ALA G 263 14.93 -22.20 1.78
CA ALA G 263 15.61 -21.62 2.94
C ALA G 263 14.62 -21.56 4.10
N GLU G 264 14.95 -22.22 5.22
CA GLU G 264 14.01 -22.38 6.31
C GLU G 264 14.41 -21.49 7.47
N ALA G 265 13.43 -20.86 8.12
CA ALA G 265 13.67 -20.02 9.29
C ALA G 265 14.85 -19.10 9.07
N PRO G 266 14.78 -18.26 8.04
CA PRO G 266 15.89 -17.36 7.76
C PRO G 266 16.03 -16.23 8.81
N VAL G 267 14.94 -15.84 9.48
CA VAL G 267 15.01 -14.73 10.47
C VAL G 267 14.26 -15.10 11.75
N ARG G 268 14.24 -14.21 12.73
CA ARG G 268 13.46 -14.47 13.96
C ARG G 268 11.97 -14.66 13.72
N THR G 269 11.36 -15.56 14.48
CA THR G 269 9.92 -15.83 14.37
C THR G 269 9.07 -14.56 14.44
N GLU G 270 9.43 -13.66 15.34
CA GLU G 270 8.63 -12.44 15.49
CA GLU G 270 8.67 -12.42 15.52
C GLU G 270 8.97 -11.41 14.41
N ASP G 271 10.03 -11.68 13.64
CA ASP G 271 10.49 -10.74 12.57
C ASP G 271 9.73 -10.93 11.24
N ILE G 272 8.43 -10.70 11.26
CA ILE G 272 7.58 -10.85 10.07
C ILE G 272 7.97 -9.92 8.91
N ASP G 273 8.29 -8.67 9.24
CA ASP G 273 8.81 -7.72 8.25
C ASP G 273 10.07 -8.25 7.58
N GLY G 274 10.99 -8.76 8.40
CA GLY G 274 12.20 -9.33 7.91
C GLY G 274 11.85 -10.52 7.01
N LEU G 275 10.92 -11.35 7.47
CA LEU G 275 10.62 -12.56 6.69
C LEU G 275 10.05 -12.17 5.33
N ALA G 276 9.18 -11.16 5.31
CA ALA G 276 8.61 -10.67 4.06
C ALA G 276 9.68 -10.09 3.15
N ARG G 277 10.61 -9.33 3.72
CA ARG G 277 11.74 -8.78 2.93
C ARG G 277 12.58 -9.91 2.31
N VAL G 278 12.86 -10.92 3.12
CA VAL G 278 13.65 -12.05 2.60
C VAL G 278 12.91 -12.67 1.41
N ALA G 279 11.69 -13.11 1.65
CA ALA G 279 10.87 -13.74 0.59
C ALA G 279 10.81 -12.90 -0.70
N ALA G 280 10.69 -11.59 -0.56
CA ALA G 280 10.60 -10.71 -1.72
C ALA G 280 11.93 -10.46 -2.40
N SER G 281 13.03 -10.83 -1.77
CA SER G 281 14.38 -10.51 -2.29
C SER G 281 15.14 -11.67 -2.89
N VAL G 282 14.66 -12.90 -2.74
CA VAL G 282 15.37 -14.04 -3.28
C VAL G 282 14.39 -14.91 -4.05
N SER G 283 14.86 -15.61 -5.07
CA SER G 283 13.95 -16.46 -5.84
C SER G 283 13.66 -17.78 -5.12
N THR G 284 14.49 -18.14 -4.15
CA THR G 284 14.32 -19.38 -3.38
C THR G 284 13.04 -19.40 -2.55
N ALA G 285 12.37 -20.54 -2.54
CA ALA G 285 11.24 -20.76 -1.63
C ALA G 285 11.62 -20.55 -0.16
N ILE G 286 10.84 -19.77 0.57
CA ILE G 286 11.07 -19.62 2.01
C ILE G 286 10.11 -20.50 2.81
N ALA G 287 10.65 -21.25 3.78
CA ALA G 287 9.89 -22.21 4.58
C ALA G 287 9.90 -21.84 6.09
N VAL G 288 8.73 -21.90 6.74
CA VAL G 288 8.63 -21.65 8.18
C VAL G 288 7.43 -22.41 8.70
N GLY G 289 7.28 -22.49 10.02
CA GLY G 289 6.05 -23.02 10.63
C GLY G 289 6.23 -23.96 11.81
N GLU G 290 7.44 -24.48 12.00
CA GLU G 290 7.63 -25.55 12.97
C GLU G 290 7.34 -25.09 14.38
N GLU G 291 7.66 -23.83 14.71
CA GLU G 291 7.41 -23.41 16.08
C GLU G 291 6.02 -22.75 16.28
N TRP G 292 5.19 -22.68 15.24
CA TRP G 292 3.83 -22.15 15.43
C TRP G 292 2.97 -23.13 16.23
N ARG G 293 1.72 -22.73 16.50
CA ARG G 293 0.75 -23.54 17.28
C ARG G 293 -0.62 -23.61 16.60
N THR G 294 -1.03 -22.53 15.94
CA THR G 294 -2.36 -22.53 15.35
C THR G 294 -2.39 -21.92 13.97
N VAL G 295 -3.49 -22.15 13.26
CA VAL G 295 -3.66 -21.50 11.96
C VAL G 295 -3.61 -19.96 12.09
N HIS G 296 -3.87 -19.44 13.28
CA HIS G 296 -3.80 -17.99 13.47
C HIS G 296 -2.39 -17.48 13.30
N ASP G 297 -1.39 -18.32 13.58
CA ASP G 297 0.01 -17.89 13.44
C ASP G 297 0.36 -17.73 11.98
N MET G 298 -0.33 -18.46 11.13
CA MET G 298 0.01 -18.48 9.73
C MET G 298 -0.50 -17.23 9.00
N VAL G 299 -1.71 -16.80 9.34
CA VAL G 299 -2.40 -15.73 8.62
C VAL G 299 -1.55 -14.48 8.36
N PRO G 300 -0.89 -13.96 9.40
CA PRO G 300 -0.14 -12.70 9.16
C PRO G 300 1.08 -12.90 8.25
N ARG G 301 1.64 -14.11 8.21
CA ARG G 301 2.80 -14.37 7.36
C ARG G 301 2.34 -14.47 5.92
N VAL G 302 1.23 -15.16 5.71
CA VAL G 302 0.64 -15.25 4.39
C VAL G 302 0.15 -13.89 3.88
N ALA G 303 -0.38 -13.06 4.77
CA ALA G 303 -0.83 -11.72 4.39
C ALA G 303 0.34 -10.90 3.82
N ARG G 304 1.55 -11.08 4.35
CA ARG G 304 2.75 -10.40 3.87
C ARG G 304 3.47 -11.18 2.75
N ARG G 305 2.85 -12.24 2.25
CA ARG G 305 3.45 -13.06 1.19
C ARG G 305 4.86 -13.51 1.55
N ALA G 306 5.02 -13.99 2.78
CA ALA G 306 6.35 -14.19 3.37
C ALA G 306 6.80 -15.64 3.37
N LEU G 307 5.98 -16.56 2.86
CA LEU G 307 6.42 -17.95 2.77
C LEU G 307 5.90 -18.65 1.53
N ALA G 308 6.68 -19.59 1.02
CA ALA G 308 6.24 -20.44 -0.07
C ALA G 308 5.89 -21.86 0.44
N ILE G 309 6.35 -22.20 1.63
CA ILE G 309 6.21 -23.55 2.18
C ILE G 309 5.95 -23.38 3.65
N VAL G 310 4.96 -24.08 4.18
CA VAL G 310 4.69 -24.07 5.60
C VAL G 310 5.10 -25.44 6.13
N GLN G 311 5.68 -25.47 7.32
CA GLN G 311 6.22 -26.71 7.91
C GLN G 311 5.63 -27.02 9.27
N PRO G 312 4.34 -27.38 9.32
CA PRO G 312 3.70 -27.63 10.60
C PRO G 312 4.35 -28.79 11.36
N GLU G 313 4.36 -28.70 12.68
CA GLU G 313 4.83 -29.79 13.55
C GLU G 313 3.62 -30.37 14.29
N MET G 314 3.23 -31.57 13.92
CA MET G 314 2.09 -32.22 14.54
C MET G 314 2.14 -32.25 16.09
N GLY G 315 3.32 -32.51 16.66
CA GLY G 315 3.46 -32.56 18.10
C GLY G 315 3.09 -31.26 18.83
N HIS G 316 3.21 -30.13 18.16
CA HIS G 316 2.90 -28.84 18.77
C HIS G 316 1.45 -28.45 18.48
N LYS G 317 0.84 -29.06 17.46
CA LYS G 317 -0.39 -28.51 16.89
C LYS G 317 -1.61 -29.41 17.03
N GLY G 318 -1.43 -30.72 16.88
CA GLY G 318 -2.59 -31.64 16.84
C GLY G 318 -3.29 -31.67 15.49
N ILE G 319 -4.09 -32.70 15.24
CA ILE G 319 -4.68 -32.87 13.93
C ILE G 319 -5.58 -31.72 13.49
N THR G 320 -6.39 -31.18 14.41
CA THR G 320 -7.30 -30.09 14.09
C THR G 320 -6.56 -28.83 13.55
N GLN G 321 -5.53 -28.37 14.24
CA GLN G 321 -4.81 -27.17 13.77
C GLN G 321 -3.95 -27.50 12.55
N PHE G 322 -3.29 -28.66 12.55
CA PHE G 322 -2.44 -29.07 11.42
C PHE G 322 -3.23 -29.02 10.11
N MET G 323 -4.44 -29.58 10.12
CA MET G 323 -5.30 -29.54 8.93
C MET G 323 -5.75 -28.11 8.60
N ARG G 324 -5.99 -27.29 9.60
CA ARG G 324 -6.46 -25.97 9.27
C ARG G 324 -5.35 -25.20 8.56
N ILE G 325 -4.13 -25.38 9.04
CA ILE G 325 -2.94 -24.82 8.40
C ILE G 325 -2.78 -25.36 6.99
N GLY G 326 -2.99 -26.66 6.79
CA GLY G 326 -2.92 -27.17 5.45
C GLY G 326 -3.98 -26.67 4.49
N ALA G 327 -5.22 -26.56 4.95
CA ALA G 327 -6.30 -26.03 4.14
C ALA G 327 -6.02 -24.58 3.78
N TYR G 328 -5.46 -23.85 4.73
CA TYR G 328 -5.14 -22.42 4.45
C TYR G 328 -4.00 -22.34 3.41
N ALA G 329 -3.03 -23.26 3.50
CA ALA G 329 -1.93 -23.34 2.55
C ALA G 329 -2.48 -23.69 1.17
N HIS G 330 -3.46 -24.57 1.14
CA HIS G 330 -4.08 -24.93 -0.11
C HIS G 330 -4.76 -23.74 -0.79
N VAL G 331 -5.53 -22.97 -0.03
CA VAL G 331 -6.24 -21.82 -0.60
C VAL G 331 -5.20 -20.83 -1.15
N HIS G 332 -4.04 -20.80 -0.51
CA HIS G 332 -3.02 -19.80 -0.85
C HIS G 332 -1.84 -20.32 -1.68
N HIS G 333 -1.98 -21.52 -2.22
CA HIS G 333 -0.97 -22.10 -3.10
C HIS G 333 0.39 -22.13 -2.41
N ILE G 334 0.35 -22.55 -1.16
CA ILE G 334 1.54 -22.75 -0.40
C ILE G 334 1.74 -24.26 -0.22
N LYS G 335 2.98 -24.72 -0.40
CA LYS G 335 3.33 -26.14 -0.20
C LYS G 335 3.42 -26.48 1.26
N VAL G 336 2.99 -27.70 1.61
CA VAL G 336 3.10 -28.17 2.97
C VAL G 336 4.22 -29.22 3.06
N ILE G 337 5.22 -28.93 3.87
CA ILE G 337 6.31 -29.88 4.14
C ILE G 337 6.47 -30.00 5.65
N PRO G 338 5.75 -30.97 6.27
CA PRO G 338 5.72 -31.18 7.72
C PRO G 338 7.09 -31.46 8.34
N HIS G 339 7.24 -30.96 9.57
CA HIS G 339 8.45 -31.08 10.36
C HIS G 339 8.33 -32.42 11.05
N ALA G 340 9.45 -32.94 11.54
CA ALA G 340 9.43 -34.17 12.33
C ALA G 340 10.49 -33.94 13.36
N THR G 341 10.37 -34.58 14.51
CA THR G 341 11.24 -34.31 15.65
C THR G 341 11.34 -35.53 16.57
N ILE G 342 11.97 -35.34 17.72
CA ILE G 342 12.08 -36.34 18.77
C ILE G 342 10.70 -36.76 19.25
N GLY G 343 10.40 -38.06 19.25
CA GLY G 343 9.12 -38.51 19.75
C GLY G 343 8.97 -40.02 19.65
N ALA G 344 7.95 -40.54 20.31
CA ALA G 344 7.72 -41.98 20.35
C ALA G 344 7.16 -42.50 19.04
N GLY G 345 6.44 -41.64 18.31
CA GLY G 345 5.91 -42.03 17.03
C GLY G 345 4.42 -41.86 16.92
N ILE G 346 3.79 -41.46 18.02
CA ILE G 346 2.33 -41.25 18.00
C ILE G 346 1.97 -39.96 17.25
N PHE G 347 2.59 -38.83 17.57
CA PHE G 347 2.27 -37.64 16.77
C PHE G 347 2.84 -37.75 15.35
N LEU G 348 3.88 -38.54 15.18
CA LEU G 348 4.38 -38.79 13.84
C LEU G 348 3.33 -39.54 13.00
N ALA G 349 2.72 -40.58 13.56
CA ALA G 349 1.63 -41.25 12.84
C ALA G 349 0.50 -40.27 12.53
N ALA G 350 0.19 -39.40 13.48
CA ALA G 350 -0.85 -38.42 13.26
C ALA G 350 -0.44 -37.54 12.06
N SER G 351 0.82 -37.12 12.06
CA SER G 351 1.35 -36.27 10.99
C SER G 351 1.20 -37.00 9.65
N LEU G 352 1.51 -38.31 9.63
CA LEU G 352 1.32 -39.07 8.39
C LEU G 352 -0.16 -39.19 7.97
N GLN G 353 -1.08 -39.43 8.91
CA GLN G 353 -2.48 -39.53 8.55
C GLN G 353 -2.94 -38.17 8.03
N ALA G 354 -2.61 -37.09 8.76
CA ALA G 354 -2.99 -35.74 8.28
C ALA G 354 -2.45 -35.53 6.88
N SER G 355 -1.17 -35.85 6.70
CA SER G 355 -0.47 -35.54 5.45
C SER G 355 -1.02 -36.34 4.26
N ALA G 356 -1.56 -37.51 4.57
CA ALA G 356 -2.13 -38.40 3.55
C ALA G 356 -3.44 -37.82 3.06
N ALA G 357 -3.99 -36.88 3.83
CA ALA G 357 -5.27 -36.27 3.48
C ALA G 357 -5.15 -34.83 2.93
N LEU G 358 -3.97 -34.23 3.02
CA LEU G 358 -3.80 -32.87 2.51
C LEU G 358 -3.47 -32.84 1.03
N ALA G 359 -4.11 -31.95 0.29
CA ALA G 359 -3.79 -31.77 -1.13
C ALA G 359 -2.34 -31.35 -1.36
N ASN G 360 -1.79 -30.51 -0.50
CA ASN G 360 -0.50 -29.84 -0.79
C ASN G 360 0.75 -30.44 -0.14
N VAL G 361 0.70 -31.68 0.34
CA VAL G 361 1.88 -32.22 0.98
C VAL G 361 2.85 -32.88 -0.02
N ASP G 362 3.93 -32.18 -0.30
CA ASP G 362 5.00 -32.64 -1.18
C ASP G 362 5.84 -33.81 -0.64
N CYS G 363 6.27 -33.65 0.60
CA CYS G 363 7.12 -34.59 1.30
C CYS G 363 7.19 -34.22 2.75
N HIS G 364 7.87 -35.03 3.53
CA HIS G 364 7.82 -34.91 4.97
C HIS G 364 9.21 -35.12 5.53
N GLU G 365 9.58 -34.35 6.54
CA GLU G 365 10.89 -34.49 7.17
C GLU G 365 11.06 -35.88 7.79
N PHE G 366 12.27 -36.41 7.69
CA PHE G 366 12.57 -37.69 8.29
C PHE G 366 13.80 -37.55 9.17
N GLN G 367 13.61 -37.90 10.44
CA GLN G 367 14.66 -37.94 11.45
C GLN G 367 15.13 -39.36 11.65
N HIS G 368 16.19 -39.73 10.94
CA HIS G 368 16.75 -41.08 10.98
C HIS G 368 17.11 -41.57 12.40
N SER G 369 17.87 -40.73 13.11
CA SER G 369 18.43 -41.02 14.43
C SER G 369 17.35 -41.26 15.47
N ILE G 370 16.15 -40.78 15.20
CA ILE G 370 15.04 -40.96 16.11
C ILE G 370 14.11 -42.10 15.69
N PHE G 371 13.76 -42.13 14.42
CA PHE G 371 12.78 -43.10 13.93
C PHE G 371 13.22 -44.54 14.05
N GLU G 372 14.46 -44.84 13.67
CA GLU G 372 14.93 -46.22 13.69
C GLU G 372 14.98 -46.84 15.08
N PRO G 373 15.58 -46.04 16.07
CA PRO G 373 15.59 -46.67 17.40
C PRO G 373 14.22 -46.84 18.06
N ASN G 374 13.26 -46.04 17.64
CA ASN G 374 11.97 -46.04 18.29
C ASN G 374 10.99 -47.04 17.73
N ARG G 375 11.42 -47.82 16.74
CA ARG G 375 10.57 -48.83 16.11
C ARG G 375 9.97 -49.78 17.17
N ARG G 376 10.80 -50.14 18.16
CA ARG G 376 10.39 -51.01 19.26
C ARG G 376 9.20 -50.48 20.07
N LEU G 377 8.95 -49.18 19.99
CA LEU G 377 7.99 -48.53 20.87
C LEU G 377 6.56 -48.54 20.35
N LEU G 378 6.38 -49.01 19.11
CA LEU G 378 5.07 -48.97 18.48
C LEU G 378 4.66 -50.30 17.89
N VAL G 379 3.36 -50.55 17.90
CA VAL G 379 2.76 -51.61 17.10
C VAL G 379 2.06 -50.95 15.93
N GLY G 380 2.22 -51.51 14.74
CA GLY G 380 1.57 -51.02 13.53
C GLY G 380 2.54 -51.14 12.37
N ASP G 381 2.15 -50.65 11.21
CA ASP G 381 2.99 -50.81 10.02
C ASP G 381 3.48 -49.47 9.46
N MET G 382 3.56 -48.46 10.31
CA MET G 382 4.18 -47.22 9.88
C MET G 382 5.65 -47.55 9.59
N ASP G 383 6.17 -47.07 8.48
CA ASP G 383 7.58 -47.32 8.17
C ASP G 383 8.15 -46.15 7.37
N CYS G 384 9.46 -46.15 7.20
CA CYS G 384 10.12 -45.22 6.29
C CYS G 384 11.30 -45.94 5.66
N LEU G 385 11.24 -46.14 4.35
CA LEU G 385 12.32 -46.85 3.68
C LEU G 385 12.38 -46.42 2.22
N ASN G 386 13.57 -46.55 1.62
CA ASN G 386 13.78 -46.22 0.23
C ASN G 386 13.25 -44.84 -0.10
N GLY G 387 13.40 -43.90 0.84
CA GLY G 387 13.05 -42.48 0.60
C GLY G 387 11.60 -42.06 0.82
N GLU G 388 10.81 -42.97 1.39
CA GLU G 388 9.36 -42.78 1.50
C GLU G 388 8.81 -43.25 2.83
N TYR G 389 7.93 -42.46 3.44
CA TYR G 389 7.12 -42.96 4.53
C TYR G 389 6.03 -43.86 3.98
N VAL G 390 5.74 -44.92 4.72
CA VAL G 390 4.57 -45.74 4.47
C VAL G 390 3.49 -45.35 5.50
N VAL G 391 2.38 -44.82 5.02
CA VAL G 391 1.29 -44.43 5.90
C VAL G 391 0.64 -45.64 6.53
N PRO G 392 0.45 -45.61 7.85
CA PRO G 392 -0.15 -46.70 8.62
C PRO G 392 -1.55 -47.04 8.12
N THR G 393 -1.88 -48.33 8.12
CA THR G 393 -3.10 -48.78 7.43
C THR G 393 -4.37 -48.91 8.29
N GLY G 394 -4.26 -49.35 9.53
CA GLY G 394 -5.47 -49.71 10.31
C GLY G 394 -6.26 -48.53 10.82
N PRO G 395 -7.33 -48.81 11.57
CA PRO G 395 -8.21 -47.76 12.08
C PRO G 395 -7.47 -46.74 12.98
N GLY G 396 -8.00 -45.51 13.02
CA GLY G 396 -7.42 -44.47 13.85
C GLY G 396 -6.06 -44.09 13.30
N LEU G 397 -5.09 -43.92 14.18
CA LEU G 397 -3.75 -43.54 13.77
C LEU G 397 -3.06 -44.71 13.08
N GLY G 398 -3.56 -45.92 13.31
CA GLY G 398 -2.91 -47.10 12.74
C GLY G 398 -1.71 -47.58 13.53
N VAL G 399 -1.39 -46.88 14.62
CA VAL G 399 -0.31 -47.31 15.52
C VAL G 399 -0.73 -47.17 16.98
N GLU G 400 0.01 -47.82 17.87
CA GLU G 400 -0.17 -47.62 19.29
C GLU G 400 1.10 -48.05 19.94
N PRO G 401 1.29 -47.64 21.19
CA PRO G 401 2.49 -47.94 21.94
C PRO G 401 2.55 -49.44 22.22
N SER G 402 3.68 -50.06 21.91
CA SER G 402 3.94 -51.45 22.30
C SER G 402 3.89 -51.69 23.84
N LYS G 403 3.72 -52.96 24.22
CA LYS G 403 3.80 -53.38 25.61
C LYS G 403 5.03 -52.77 26.26
N GLU G 404 6.17 -52.91 25.60
CA GLU G 404 7.39 -52.34 26.12
C GLU G 404 7.26 -50.84 26.38
N ALA G 405 6.63 -50.10 25.46
CA ALA G 405 6.53 -48.64 25.60
C ALA G 405 5.69 -48.34 26.83
N GLN G 406 4.58 -49.04 26.94
CA GLN G 406 3.63 -48.79 28.00
C GLN G 406 4.26 -49.01 29.36
N GLY G 407 5.11 -50.03 29.45
CA GLY G 407 5.81 -50.32 30.70
C GLY G 407 6.80 -49.25 31.11
N LEU G 408 7.23 -48.41 30.17
CA LEU G 408 8.19 -47.36 30.50
C LEU G 408 7.50 -46.05 30.88
N LEU G 409 6.21 -45.96 30.59
CA LEU G 409 5.40 -44.76 30.88
C LEU G 409 5.43 -44.38 32.35
N LYS G 410 5.61 -43.10 32.63
CA LYS G 410 5.51 -42.57 33.98
C LYS G 410 4.29 -41.66 34.11
N LYS G 411 3.23 -42.14 34.77
CA LYS G 411 2.01 -41.38 34.92
C LYS G 411 2.12 -40.12 35.78
N HIS G 412 1.37 -39.09 35.42
CA HIS G 412 1.32 -37.85 36.17
C HIS G 412 0.23 -37.92 37.24
N SER H 25 19.19 11.57 49.95
CA SER H 25 18.94 11.90 48.52
C SER H 25 19.79 13.09 48.05
N ASP H 26 20.77 12.82 47.20
CA ASP H 26 21.70 13.86 46.74
C ASP H 26 21.20 14.57 45.50
N ARG H 27 21.58 15.84 45.34
CA ARG H 27 21.02 16.65 44.27
C ARG H 27 22.07 17.45 43.50
N VAL H 28 21.75 17.80 42.25
CA VAL H 28 22.68 18.53 41.42
C VAL H 28 22.82 19.92 42.00
N LYS H 29 24.05 20.40 42.09
CA LYS H 29 24.29 21.69 42.72
C LYS H 29 24.84 22.71 41.74
N LYS H 30 25.82 22.29 40.96
CA LYS H 30 26.32 23.18 39.93
C LYS H 30 26.73 22.42 38.69
N ILE H 31 26.73 23.14 37.58
CA ILE H 31 27.07 22.62 36.28
C ILE H 31 28.00 23.61 35.58
N GLU H 32 29.13 23.12 35.11
CA GLU H 32 30.08 23.96 34.38
C GLU H 32 30.36 23.37 33.02
N SER H 33 30.48 24.24 32.02
CA SER H 33 30.87 23.77 30.69
C SER H 33 32.25 24.29 30.24
N PHE H 34 32.96 23.48 29.46
CA PHE H 34 34.29 23.82 28.98
C PHE H 34 34.52 23.30 27.57
N THR H 35 35.47 23.93 26.87
CA THR H 35 36.04 23.35 25.67
C THR H 35 37.41 22.77 26.01
N LEU H 36 37.80 21.76 25.25
CA LEU H 36 39.11 21.17 25.35
C LEU H 36 39.65 20.96 23.96
N THR H 37 40.80 21.55 23.67
CA THR H 37 41.32 21.52 22.32
C THR H 37 42.50 20.60 22.20
N LEU H 38 42.47 19.70 21.21
CA LEU H 38 43.62 18.86 20.93
C LEU H 38 44.14 18.98 19.50
N PRO H 39 45.49 19.34 19.37
CA PRO H 39 45.95 19.38 17.96
C PRO H 39 45.92 18.03 17.29
N ARG H 40 45.70 18.04 15.98
CA ARG H 40 45.72 16.83 15.18
C ARG H 40 47.15 16.49 14.82
N GLY H 51 43.28 25.53 -2.58
CA GLY H 51 42.20 26.43 -2.21
C GLY H 51 41.39 25.98 -1.00
N GLU H 52 42.08 25.56 0.05
CA GLU H 52 41.42 25.06 1.27
C GLU H 52 42.17 25.47 2.54
N GLU H 53 42.73 26.68 2.56
CA GLU H 53 43.47 27.14 3.74
C GLU H 53 42.51 27.52 4.87
N PRO H 54 42.87 27.16 6.11
CA PRO H 54 42.03 27.61 7.21
C PRO H 54 41.78 29.12 7.10
N ASN H 55 40.64 29.58 7.57
CA ASN H 55 40.32 31.00 7.54
C ASN H 55 40.70 31.66 8.86
N GLY H 56 40.31 32.93 9.01
CA GLY H 56 40.55 33.64 10.26
C GLY H 56 40.39 32.76 11.47
N ARG H 57 39.29 32.02 11.54
CA ARG H 57 38.93 31.27 12.73
C ARG H 57 39.34 29.80 12.72
N GLY H 58 40.10 29.40 11.71
CA GLY H 58 40.63 28.05 11.64
C GLY H 58 39.72 27.02 10.97
N TYR H 59 38.73 27.50 10.22
CA TYR H 59 37.80 26.61 9.52
C TYR H 59 38.12 26.52 8.03
N LEU H 60 38.08 25.31 7.49
CA LEU H 60 38.24 25.14 6.05
C LEU H 60 37.12 24.26 5.49
N VAL H 61 36.88 24.37 4.19
CA VAL H 61 35.86 23.60 3.49
C VAL H 61 36.49 22.72 2.44
N ARG H 62 36.30 21.41 2.56
CA ARG H 62 36.75 20.50 1.51
C ARG H 62 35.94 20.71 0.24
N LYS H 63 36.62 20.99 -0.85
CA LYS H 63 35.97 21.11 -2.15
C LYS H 63 35.17 19.85 -2.42
N ALA H 64 35.71 18.71 -2.01
CA ALA H 64 35.10 17.41 -2.29
C ALA H 64 33.65 17.26 -1.80
N ASN H 65 33.38 17.65 -0.55
CA ASN H 65 32.08 17.39 0.05
C ASN H 65 31.38 18.62 0.63
N ARG H 66 31.96 19.80 0.39
CA ARG H 66 31.35 21.06 0.83
C ARG H 66 31.14 21.18 2.35
N THR H 67 31.80 20.32 3.10
CA THR H 67 31.66 20.33 4.56
C THR H 67 32.76 21.17 5.21
N VAL H 68 32.44 21.76 6.36
CA VAL H 68 33.43 22.58 7.08
C VAL H 68 34.20 21.73 8.09
N TYR H 69 35.48 22.05 8.25
CA TYR H 69 36.33 21.39 9.24
C TYR H 69 37.18 22.40 9.99
N PRO H 70 37.40 22.14 11.27
CA PRO H 70 38.40 22.82 12.06
C PRO H 70 39.78 22.26 11.77
N THR H 71 40.81 23.07 11.94
CA THR H 71 42.18 22.60 11.75
C THR H 71 42.71 21.93 13.00
N PHE H 72 42.00 22.16 14.08
CA PHE H 72 42.31 21.67 15.40
C PHE H 72 41.08 20.94 15.90
N ASP H 73 41.22 19.73 16.42
CA ASP H 73 40.12 19.05 17.05
C ASP H 73 39.71 19.62 18.41
N ARG H 74 38.41 19.62 18.69
CA ARG H 74 37.90 20.31 19.85
C ARG H 74 36.61 19.64 20.33
N SER H 75 36.44 19.51 21.63
CA SER H 75 35.12 19.08 22.12
C SER H 75 34.64 19.88 23.35
N VAL H 76 33.41 19.62 23.75
CA VAL H 76 32.74 20.33 24.83
C VAL H 76 32.49 19.36 25.98
N LEU H 77 33.01 19.70 27.16
CA LEU H 77 32.80 18.91 28.36
C LEU H 77 31.94 19.61 29.38
N VAL H 78 31.25 18.81 30.17
CA VAL H 78 30.40 19.31 31.21
C VAL H 78 30.77 18.65 32.52
N ARG H 79 30.89 19.46 33.58
CA ARG H 79 31.23 18.95 34.90
C ARG H 79 30.04 19.16 35.80
N ILE H 80 29.50 18.09 36.38
CA ILE H 80 28.33 18.26 37.24
C ILE H 80 28.65 17.87 38.66
N GLU H 81 28.32 18.75 39.60
CA GLU H 81 28.57 18.45 41.00
C GLU H 81 27.30 18.45 41.82
N THR H 82 27.19 17.49 42.73
CA THR H 82 26.06 17.41 43.62
C THR H 82 26.37 18.10 44.95
N GLU H 83 25.34 18.20 45.78
CA GLU H 83 25.44 18.84 47.08
C GLU H 83 26.47 18.16 47.97
N ASN H 84 26.53 16.84 47.91
CA ASN H 84 27.42 16.07 48.77
C ASN H 84 28.80 15.99 48.17
N GLY H 85 29.01 16.64 47.03
CA GLY H 85 30.34 16.69 46.44
C GLY H 85 30.71 15.59 45.45
N ALA H 86 29.74 14.82 44.97
CA ALA H 86 30.03 13.87 43.88
C ALA H 86 30.08 14.62 42.57
N VAL H 87 30.97 14.19 41.68
CA VAL H 87 31.19 14.88 40.41
C VAL H 87 30.95 13.95 39.23
N GLY H 88 30.24 14.44 38.22
CA GLY H 88 30.03 13.67 36.99
C GLY H 88 30.54 14.43 35.79
N TRP H 89 30.99 13.70 34.77
CA TRP H 89 31.52 14.35 33.58
C TRP H 89 30.73 13.94 32.36
N GLY H 90 30.45 14.91 31.50
CA GLY H 90 29.82 14.63 30.22
C GLY H 90 30.57 15.31 29.11
N GLU H 91 30.28 14.91 27.88
CA GLU H 91 31.01 15.41 26.71
C GLU H 91 30.12 15.37 25.48
N THR H 92 30.26 16.37 24.61
CA THR H 92 29.60 16.37 23.31
C THR H 92 30.52 17.01 22.28
N TYR H 93 30.03 17.16 21.06
CA TYR H 93 30.84 17.67 19.97
C TYR H 93 31.21 19.13 20.29
N GLY H 94 32.34 19.57 19.75
CA GLY H 94 32.78 20.96 19.89
C GLY H 94 33.56 21.41 18.67
N LEU H 95 33.38 20.73 17.55
CA LEU H 95 34.19 21.00 16.37
C LEU H 95 33.96 22.39 15.80
N VAL H 96 32.70 22.84 15.84
CA VAL H 96 32.30 24.11 15.24
C VAL H 96 31.40 24.93 16.15
N ALA H 97 31.70 26.23 16.28
CA ALA H 97 30.94 27.11 17.19
C ALA H 97 30.55 26.47 18.53
N PRO H 98 31.53 25.94 19.26
CA PRO H 98 31.27 25.28 20.54
C PRO H 98 30.70 26.21 21.60
N ARG H 99 30.91 27.51 21.46
CA ARG H 99 30.33 28.42 22.44
C ARG H 99 28.80 28.44 22.35
N ALA H 100 28.26 28.17 21.16
CA ALA H 100 26.79 28.07 21.01
C ALA H 100 26.23 26.96 21.90
N THR H 101 26.88 25.80 21.88
CA THR H 101 26.46 24.66 22.72
C THR H 101 26.60 24.96 24.20
N MET H 102 27.72 25.56 24.58
CA MET H 102 27.94 25.94 25.98
C MET H 102 26.91 26.98 26.44
N GLU H 103 26.51 27.86 25.53
CA GLU H 103 25.50 28.85 25.88
C GLU H 103 24.13 28.18 26.11
N ILE H 104 23.78 27.24 25.27
CA ILE H 104 22.54 26.51 25.48
C ILE H 104 22.59 25.89 26.87
N ILE H 105 23.73 25.29 27.20
CA ILE H 105 23.88 24.63 28.48
C ILE H 105 23.80 25.64 29.61
N ASP H 106 24.53 26.74 29.45
CA ASP H 106 24.69 27.69 30.56
C ASP H 106 23.50 28.63 30.73
N ASP H 107 23.00 29.17 29.63
CA ASP H 107 21.85 30.06 29.68
C ASP H 107 20.51 29.36 29.94
N LEU H 108 20.33 28.16 29.41
CA LEU H 108 19.02 27.52 29.54
C LEU H 108 19.02 26.28 30.42
N LEU H 109 19.74 25.25 29.99
CA LEU H 109 19.60 23.95 30.62
C LEU H 109 20.02 23.89 32.10
N ALA H 110 21.16 24.50 32.43
CA ALA H 110 21.72 24.37 33.78
C ALA H 110 20.70 24.59 34.89
N ASP H 111 19.94 25.67 34.78
CA ASP H 111 18.99 26.07 35.82
C ASP H 111 17.85 25.09 36.02
N PHE H 112 17.53 24.32 34.99
CA PHE H 112 16.44 23.37 35.09
C PHE H 112 16.93 21.97 35.46
N THR H 113 18.25 21.84 35.57
CA THR H 113 18.86 20.60 36.00
C THR H 113 19.26 20.70 37.47
N ILE H 114 19.77 21.86 37.85
CA ILE H 114 20.18 22.08 39.23
C ILE H 114 19.04 21.78 40.19
N GLY H 115 19.31 20.97 41.21
CA GLY H 115 18.27 20.58 42.13
C GLY H 115 17.65 19.22 41.84
N ARG H 116 17.89 18.65 40.66
CA ARG H 116 17.27 17.37 40.32
C ARG H 116 18.12 16.20 40.84
N ASP H 117 17.49 15.04 40.97
CA ASP H 117 18.15 13.80 41.38
C ASP H 117 18.76 13.08 40.18
N PRO H 118 20.08 12.77 40.23
CA PRO H 118 20.70 12.19 39.04
C PRO H 118 20.18 10.77 38.70
N PHE H 119 19.55 10.10 39.66
CA PHE H 119 18.87 8.83 39.34
C PHE H 119 17.65 9.05 38.43
N ASP H 120 17.27 10.31 38.24
CA ASP H 120 16.18 10.63 37.32
C ASP H 120 16.70 11.07 35.96
N ALA H 121 17.91 10.66 35.58
CA ALA H 121 18.54 11.16 34.35
C ALA H 121 17.65 11.16 33.10
N ALA H 122 16.94 10.05 32.86
CA ALA H 122 16.12 9.93 31.66
C ALA H 122 14.90 10.84 31.72
N ALA H 123 14.30 10.91 32.90
CA ALA H 123 13.15 11.76 33.08
C ALA H 123 13.61 13.21 32.96
N ILE H 124 14.79 13.51 33.47
CA ILE H 124 15.35 14.87 33.33
C ILE H 124 15.58 15.18 31.85
N HIS H 125 16.13 14.20 31.14
CA HIS H 125 16.28 14.37 29.70
C HIS H 125 14.97 14.78 29.00
N ASP H 126 13.90 14.05 29.26
CA ASP H 126 12.62 14.34 28.64
C ASP H 126 12.11 15.75 29.00
N ASP H 127 12.33 16.16 30.25
CA ASP H 127 11.88 17.52 30.66
C ASP H 127 12.66 18.59 29.92
N LEU H 128 13.97 18.38 29.76
CA LEU H 128 14.79 19.39 29.10
C LEU H 128 14.49 19.44 27.62
N TYR H 129 14.24 18.27 27.03
CA TYR H 129 13.88 18.22 25.62
C TYR H 129 12.55 18.94 25.42
N ASP H 130 11.63 18.79 26.37
CA ASP H 130 10.33 19.44 26.16
C ASP H 130 10.40 20.97 26.21
N LEU H 131 11.47 21.54 26.76
CA LEU H 131 11.51 23.00 26.97
C LEU H 131 11.32 23.74 25.66
N MET H 132 11.84 23.15 24.59
CA MET H 132 11.99 23.88 23.35
C MET H 132 11.41 23.13 22.16
N ARG H 133 10.83 21.95 22.39
CA ARG H 133 10.41 21.13 21.27
C ARG H 133 9.33 21.80 20.41
N VAL H 134 8.37 22.51 21.02
CA VAL H 134 7.29 23.10 20.19
C VAL H 134 7.83 24.18 19.25
N ARG H 135 9.06 24.64 19.45
CA ARG H 135 9.63 25.60 18.52
C ARG H 135 10.57 24.95 17.54
N GLY H 136 10.61 23.63 17.53
CA GLY H 136 11.47 22.92 16.58
C GLY H 136 12.96 22.83 16.89
N TYR H 137 13.36 22.96 18.17
CA TYR H 137 14.78 22.78 18.53
C TYR H 137 14.97 21.36 19.01
N THR H 138 14.82 20.41 18.10
CA THR H 138 14.69 19.02 18.48
C THR H 138 15.85 18.17 17.99
N GLY H 139 16.89 18.85 17.52
CA GLY H 139 18.13 18.22 17.04
C GLY H 139 19.37 19.10 17.19
N GLY H 140 20.23 19.06 16.17
CA GLY H 140 21.45 19.86 16.11
C GLY H 140 22.14 20.23 17.41
N PHE H 141 22.36 21.52 17.63
CA PHE H 141 23.07 21.98 18.82
C PHE H 141 22.31 21.70 20.11
N TYR H 142 20.98 21.75 20.05
CA TYR H 142 20.18 21.59 21.27
C TYR H 142 20.37 20.20 21.87
N VAL H 143 20.33 19.18 21.04
CA VAL H 143 20.50 17.82 21.57
C VAL H 143 21.98 17.52 21.93
N ASP H 144 22.92 18.10 21.20
CA ASP H 144 24.32 18.03 21.62
C ASP H 144 24.43 18.46 23.08
N ALA H 145 23.80 19.59 23.38
CA ALA H 145 23.81 20.13 24.73
C ALA H 145 23.13 19.17 25.71
N LEU H 146 22.00 18.61 25.29
CA LEU H 146 21.30 17.67 26.19
C LEU H 146 22.18 16.47 26.47
N ALA H 147 22.90 16.03 25.45
CA ALA H 147 23.71 14.82 25.54
C ALA H 147 24.79 14.95 26.61
N ALA H 148 25.48 16.08 26.61
CA ALA H 148 26.60 16.28 27.53
C ALA H 148 26.09 16.26 28.95
N ILE H 149 24.93 16.87 29.18
CA ILE H 149 24.31 16.86 30.51
C ILE H 149 23.89 15.43 30.89
N ASP H 150 23.19 14.78 29.95
CA ASP H 150 22.69 13.41 30.15
C ASP H 150 23.84 12.47 30.57
N ILE H 151 24.90 12.43 29.78
CA ILE H 151 26.06 11.60 30.13
C ILE H 151 26.60 11.93 31.51
N ALA H 152 26.75 13.21 31.85
CA ALA H 152 27.20 13.57 33.18
C ALA H 152 26.25 13.04 34.25
N LEU H 153 24.93 13.17 34.04
CA LEU H 153 24.00 12.73 35.08
C LEU H 153 24.08 11.23 35.32
N TRP H 154 24.21 10.49 34.22
CA TRP H 154 24.27 9.04 34.32
C TRP H 154 25.57 8.68 35.01
N ASP H 155 26.63 9.39 34.67
CA ASP H 155 27.91 9.22 35.35
C ASP H 155 27.70 9.35 36.87
N LEU H 156 27.01 10.42 37.30
CA LEU H 156 26.66 10.57 38.72
C LEU H 156 25.79 9.43 39.27
N ALA H 157 24.75 9.03 38.55
CA ALA H 157 23.89 7.94 39.06
C ALA H 157 24.75 6.73 39.43
N GLY H 158 25.69 6.38 38.56
CA GLY H 158 26.53 5.19 38.80
C GLY H 158 27.47 5.37 39.98
N LYS H 159 28.10 6.54 40.10
CA LYS H 159 28.95 6.78 41.26
C LYS H 159 28.13 6.70 42.55
N LEU H 160 27.03 7.43 42.63
CA LEU H 160 26.18 7.36 43.82
C LEU H 160 25.75 5.93 44.18
N ALA H 161 25.49 5.09 43.19
CA ALA H 161 25.09 3.69 43.46
C ALA H 161 26.33 2.80 43.55
N GLY H 162 27.49 3.35 43.21
CA GLY H 162 28.71 2.59 43.17
C GLY H 162 28.65 1.48 42.13
N LEU H 163 28.07 1.77 40.97
CA LEU H 163 27.90 0.78 39.92
C LEU H 163 28.30 1.36 38.58
N PRO H 164 28.85 0.52 37.68
CA PRO H 164 29.02 0.94 36.29
C PRO H 164 27.65 1.28 35.73
N VAL H 165 27.60 2.23 34.78
CA VAL H 165 26.34 2.63 34.18
C VAL H 165 25.56 1.47 33.54
N CYS H 166 26.26 0.48 32.97
CA CYS H 166 25.54 -0.62 32.30
C CYS H 166 24.65 -1.38 33.30
N LYS H 167 25.05 -1.39 34.57
CA LYS H 167 24.28 -2.05 35.61
C LYS H 167 23.10 -1.20 36.06
N LEU H 168 22.99 0.01 35.51
CA LEU H 168 21.81 0.84 35.77
C LEU H 168 20.96 0.87 34.52
N LEU H 169 21.39 0.15 33.49
CA LEU H 169 20.72 0.14 32.18
C LEU H 169 20.15 -1.25 31.86
N GLY H 170 20.05 -2.10 32.87
CA GLY H 170 19.34 -3.38 32.71
C GLY H 170 20.26 -4.57 32.78
N GLY H 171 21.56 -4.31 32.74
CA GLY H 171 22.53 -5.37 32.95
C GLY H 171 23.75 -5.27 32.05
N GLN H 172 24.87 -5.80 32.51
CA GLN H 172 26.02 -5.90 31.64
C GLN H 172 25.91 -7.19 30.85
N ARG H 173 25.84 -7.09 29.52
CA ARG H 173 25.79 -8.27 28.67
C ARG H 173 27.16 -8.69 28.14
N ARG H 174 28.15 -7.79 28.24
CA ARG H 174 29.51 -8.11 27.77
C ARG H 174 30.53 -7.17 28.41
N ASP H 175 31.75 -7.62 28.62
CA ASP H 175 32.79 -6.68 29.10
C ASP H 175 33.82 -6.34 28.04
N ARG H 176 33.68 -6.98 26.88
CA ARG H 176 34.48 -6.65 25.72
C ARG H 176 33.55 -6.37 24.55
N ILE H 177 33.91 -5.40 23.72
CA ILE H 177 33.14 -5.16 22.51
C ILE H 177 34.05 -5.15 21.31
N ALA H 178 33.77 -6.03 20.35
CA ALA H 178 34.59 -6.13 19.15
C ALA H 178 34.68 -4.76 18.48
N ALA H 179 35.87 -4.39 18.00
CA ALA H 179 36.08 -3.10 17.35
C ALA H 179 36.40 -3.24 15.87
N TYR H 180 35.99 -2.27 15.06
CA TYR H 180 36.38 -2.25 13.66
C TYR H 180 37.16 -0.97 13.36
N ILE H 181 38.08 -1.06 12.41
CA ILE H 181 38.96 0.05 12.09
C ILE H 181 38.25 1.08 11.21
N SER H 182 38.09 2.29 11.70
CA SER H 182 37.19 3.26 11.10
C SER H 182 37.52 3.63 9.67
N GLY H 183 38.80 3.80 9.36
CA GLY H 183 39.20 4.25 8.04
C GLY H 183 40.66 3.97 7.77
N LEU H 184 41.09 4.15 6.53
CA LEU H 184 42.48 3.95 6.15
C LEU H 184 43.03 5.20 5.48
N PRO H 185 43.49 6.20 6.34
CA PRO H 185 43.86 7.44 5.64
C PRO H 185 45.27 7.46 5.08
N GLU H 186 45.37 7.09 3.81
CA GLU H 186 46.60 7.04 3.05
C GLU H 186 46.25 7.62 1.69
N ASP H 187 47.25 8.02 0.91
CA ASP H 187 46.95 8.51 -0.43
C ASP H 187 46.87 7.46 -1.54
N THR H 188 47.19 6.20 -1.25
CA THR H 188 47.19 5.20 -2.32
C THR H 188 46.50 3.88 -2.02
N ARG H 189 45.93 3.27 -3.05
CA ARG H 189 45.23 2.01 -2.85
C ARG H 189 46.15 0.99 -2.21
N ALA H 190 47.44 1.03 -2.56
CA ALA H 190 48.41 0.11 -2.02
C ALA H 190 48.84 0.47 -0.60
N LYS H 191 49.08 1.75 -0.34
CA LYS H 191 49.44 2.20 1.01
C LYS H 191 48.31 1.90 1.97
N ARG H 192 47.08 2.18 1.55
CA ARG H 192 45.93 1.89 2.37
C ARG H 192 45.86 0.40 2.70
N ALA H 193 45.99 -0.45 1.69
CA ALA H 193 45.96 -1.90 1.90
C ALA H 193 46.97 -2.34 2.97
N GLU H 194 48.01 -1.52 3.17
CA GLU H 194 49.05 -1.82 4.14
C GLU H 194 48.65 -1.37 5.54
N LEU H 195 48.19 -0.13 5.66
CA LEU H 195 47.85 0.39 6.96
C LEU H 195 46.90 -0.58 7.56
N ALA H 196 46.08 -1.16 6.73
CA ALA H 196 45.14 -2.16 7.17
C ALA H 196 45.78 -3.44 7.62
N ALA H 197 46.73 -3.93 6.86
CA ALA H 197 47.28 -5.25 7.13
C ALA H 197 47.90 -5.20 8.51
N ALA H 198 48.49 -4.06 8.80
CA ALA H 198 49.09 -3.82 10.07
C ALA H 198 48.14 -3.83 11.24
N TRP H 199 47.03 -3.13 11.05
CA TRP H 199 46.02 -3.16 12.09
C TRP H 199 45.54 -4.59 12.28
N GLN H 200 45.50 -5.35 11.21
CA GLN H 200 45.15 -6.76 11.26
C GLN H 200 46.14 -7.66 12.03
N ALA H 201 47.39 -7.31 11.92
CA ALA H 201 48.48 -7.90 12.63
C ALA H 201 48.39 -7.54 14.10
N LYS H 202 47.53 -6.59 14.41
CA LYS H 202 47.29 -6.25 15.82
C LYS H 202 46.03 -6.79 16.53
N GLY H 203 45.35 -7.76 15.94
CA GLY H 203 44.12 -8.38 16.41
C GLY H 203 42.87 -8.00 15.63
N PHE H 204 42.90 -6.85 14.95
CA PHE H 204 41.72 -6.33 14.27
C PHE H 204 41.35 -7.15 13.04
N SER H 205 40.06 -7.46 12.91
CA SER H 205 39.62 -8.24 11.77
C SER H 205 38.36 -7.66 11.13
N SER H 206 38.08 -6.39 11.41
CA SER H 206 37.00 -5.66 10.72
C SER H 206 37.47 -4.26 10.32
N PHE H 207 37.13 -3.86 9.10
CA PHE H 207 37.60 -2.56 8.60
C PHE H 207 36.54 -1.82 7.80
N LYS H 208 36.75 -0.51 7.67
CA LYS H 208 35.87 0.31 6.86
C LYS H 208 36.73 1.31 6.12
N PHE H 209 36.39 1.59 4.87
CA PHE H 209 37.08 2.64 4.15
C PHE H 209 36.08 3.65 3.63
N ALA H 210 36.54 4.88 3.40
CA ALA H 210 35.67 5.93 2.87
C ALA H 210 35.75 5.93 1.34
N SER H 211 34.58 6.00 0.69
CA SER H 211 34.49 5.82 -0.76
C SER H 211 35.14 6.96 -1.55
N PRO H 212 35.09 8.18 -1.01
CA PRO H 212 35.77 9.31 -1.65
C PRO H 212 37.30 9.14 -1.67
N VAL H 213 37.85 8.42 -0.70
CA VAL H 213 39.30 8.22 -0.63
C VAL H 213 39.80 7.26 -1.69
N ALA H 214 38.89 6.47 -2.26
CA ALA H 214 39.27 5.47 -3.25
C ALA H 214 39.46 6.06 -4.66
N ASP H 215 40.65 6.62 -4.89
CA ASP H 215 41.00 7.30 -6.15
C ASP H 215 40.92 6.37 -7.37
N ASP H 216 40.99 5.07 -7.14
CA ASP H 216 40.99 4.11 -8.23
C ASP H 216 39.61 3.51 -8.49
N GLY H 217 38.62 3.90 -7.67
CA GLY H 217 37.29 3.30 -7.77
C GLY H 217 37.10 2.31 -6.65
N VAL H 218 35.85 2.10 -6.25
CA VAL H 218 35.58 1.30 -5.06
C VAL H 218 35.69 -0.19 -5.33
N ALA H 219 35.55 -0.58 -6.59
CA ALA H 219 35.74 -1.98 -6.93
C ALA H 219 37.22 -2.33 -6.74
N LYS H 220 38.08 -1.45 -7.21
CA LYS H 220 39.51 -1.62 -7.04
C LYS H 220 39.81 -1.75 -5.56
N GLU H 221 39.32 -0.78 -4.79
CA GLU H 221 39.51 -0.77 -3.36
C GLU H 221 39.13 -2.11 -2.69
N MET H 222 37.90 -2.55 -2.93
CA MET H 222 37.44 -3.85 -2.43
C MET H 222 38.33 -4.99 -2.89
N GLU H 223 38.40 -5.18 -4.20
CA GLU H 223 39.26 -6.20 -4.82
C GLU H 223 40.62 -6.33 -4.13
N ILE H 224 41.33 -5.20 -4.01
CA ILE H 224 42.65 -5.17 -3.38
C ILE H 224 42.63 -5.61 -1.92
N LEU H 225 41.84 -4.91 -1.12
CA LEU H 225 41.73 -5.21 0.31
C LEU H 225 41.40 -6.68 0.54
N ARG H 226 40.44 -7.21 -0.20
CA ARG H 226 40.02 -8.61 -0.01
C ARG H 226 41.15 -9.61 -0.25
N GLU H 227 41.82 -9.48 -1.40
CA GLU H 227 42.90 -10.41 -1.75
C GLU H 227 44.20 -10.08 -1.02
N ARG H 228 44.13 -9.10 -0.11
CA ARG H 228 45.29 -8.71 0.70
C ARG H 228 45.10 -8.91 2.22
N LEU H 229 43.89 -9.29 2.63
CA LEU H 229 43.59 -9.50 4.05
C LEU H 229 42.91 -10.85 4.22
N GLY H 230 42.58 -11.46 3.10
CA GLY H 230 41.99 -12.78 3.11
C GLY H 230 40.50 -12.72 3.01
N PRO H 231 39.88 -13.88 2.90
CA PRO H 231 38.44 -14.05 2.86
C PRO H 231 37.90 -14.06 4.29
N ALA H 232 38.74 -13.69 5.23
CA ALA H 232 38.37 -13.71 6.64
C ALA H 232 37.68 -12.42 7.06
N VAL H 233 38.44 -11.32 7.04
CA VAL H 233 37.97 -10.04 7.57
C VAL H 233 36.63 -9.53 7.03
N ARG H 234 36.05 -8.59 7.77
CA ARG H 234 34.88 -7.88 7.28
C ARG H 234 35.35 -6.51 6.78
N ILE H 235 34.90 -6.14 5.59
CA ILE H 235 35.25 -4.85 5.01
C ILE H 235 33.98 -4.09 4.64
N ALA H 236 33.83 -2.89 5.19
CA ALA H 236 32.67 -2.07 4.91
C ALA H 236 33.06 -0.77 4.22
N CYS H 237 32.10 -0.14 3.55
CA CYS H 237 32.37 1.13 2.90
C CYS H 237 31.47 2.27 3.42
N ASP H 238 32.08 3.35 3.91
CA ASP H 238 31.32 4.55 4.27
C ASP H 238 31.25 5.45 3.06
N MET H 239 30.05 5.53 2.48
CA MET H 239 29.87 6.21 1.19
C MET H 239 29.65 7.69 1.29
N HIS H 240 29.62 8.23 2.50
CA HIS H 240 29.56 9.69 2.68
C HIS H 240 28.44 10.46 1.97
N TRP H 241 27.22 9.91 1.96
CA TRP H 241 25.99 10.69 1.69
C TRP H 241 25.76 11.18 0.28
N ALA H 242 26.81 11.64 -0.39
CA ALA H 242 26.64 12.39 -1.64
C ALA H 242 26.39 11.53 -2.89
N HIS H 243 25.26 10.84 -2.94
CA HIS H 243 24.87 10.08 -4.11
C HIS H 243 23.35 10.02 -4.20
N THR H 244 22.84 9.90 -5.42
CA THR H 244 21.45 9.54 -5.63
C THR H 244 21.33 8.03 -5.43
N ALA H 245 20.10 7.58 -5.27
CA ALA H 245 19.85 6.16 -5.05
C ALA H 245 20.49 5.30 -6.15
N SER H 246 20.24 5.64 -7.40
CA SER H 246 20.76 4.80 -8.47
C SER H 246 22.30 4.83 -8.49
N GLU H 247 22.90 5.99 -8.28
CA GLU H 247 24.36 6.04 -8.16
C GLU H 247 24.87 5.12 -7.04
N ALA H 248 24.21 5.16 -5.88
CA ALA H 248 24.65 4.34 -4.75
C ALA H 248 24.49 2.84 -5.06
N VAL H 249 23.41 2.47 -5.73
CA VAL H 249 23.17 1.05 -6.05
C VAL H 249 24.30 0.52 -6.95
N ALA H 250 24.67 1.31 -7.96
CA ALA H 250 25.77 0.96 -8.85
C ALA H 250 27.10 0.76 -8.12
N LEU H 251 27.51 1.73 -7.29
CA LEU H 251 28.71 1.53 -6.48
C LEU H 251 28.64 0.26 -5.62
N ILE H 252 27.50 0.02 -4.98
CA ILE H 252 27.37 -1.14 -4.09
C ILE H 252 27.47 -2.47 -4.85
N LYS H 253 26.87 -2.52 -6.04
CA LYS H 253 26.86 -3.77 -6.78
C LYS H 253 28.26 -4.11 -7.28
N ALA H 254 29.06 -3.07 -7.48
CA ALA H 254 30.45 -3.24 -7.93
C ALA H 254 31.34 -3.67 -6.79
N MET H 255 30.86 -3.54 -5.56
CA MET H 255 31.62 -3.97 -4.42
C MET H 255 31.22 -5.36 -3.95
N GLU H 256 29.98 -5.72 -4.18
CA GLU H 256 29.35 -6.90 -3.61
C GLU H 256 30.09 -8.17 -4.00
N PRO H 257 30.68 -8.17 -5.28
CA PRO H 257 31.41 -9.39 -5.60
C PRO H 257 32.57 -9.65 -4.65
N HIS H 258 33.14 -8.61 -4.09
CA HIS H 258 34.27 -8.77 -3.19
C HIS H 258 33.91 -9.00 -1.72
N GLY H 259 32.62 -9.05 -1.40
CA GLY H 259 32.20 -9.34 -0.04
C GLY H 259 32.09 -8.09 0.80
N LEU H 260 30.95 -7.42 0.73
CA LEU H 260 30.80 -6.12 1.38
C LEU H 260 30.07 -6.30 2.70
N TRP H 261 30.73 -5.97 3.81
CA TRP H 261 30.12 -6.14 5.11
C TRP H 261 28.88 -5.27 5.32
N PHE H 262 29.02 -3.97 5.07
CA PHE H 262 27.86 -3.09 5.00
C PHE H 262 28.17 -1.82 4.22
N ALA H 263 27.12 -1.10 3.82
CA ALA H 263 27.28 0.14 3.09
C ALA H 263 26.66 1.27 3.89
N GLU H 264 27.48 2.22 4.30
CA GLU H 264 27.06 3.30 5.19
C GLU H 264 26.80 4.61 4.46
N ALA H 265 25.72 5.28 4.84
CA ALA H 265 25.37 6.60 4.33
C ALA H 265 25.42 6.69 2.80
N PRO H 266 24.67 5.80 2.14
CA PRO H 266 24.72 5.75 0.68
C PRO H 266 24.08 6.96 -0.01
N VAL H 267 23.18 7.66 0.68
CA VAL H 267 22.47 8.81 0.12
C VAL H 267 22.30 9.92 1.17
N ARG H 268 21.78 11.07 0.76
CA ARG H 268 21.53 12.21 1.65
C ARG H 268 20.65 11.79 2.83
N THR H 269 20.84 12.44 3.97
CA THR H 269 20.06 12.16 5.16
C THR H 269 18.57 12.37 4.93
N GLU H 270 18.24 13.41 4.17
CA GLU H 270 16.85 13.76 3.89
C GLU H 270 16.20 12.78 2.90
N ASP H 271 17.03 12.02 2.18
CA ASP H 271 16.53 11.21 1.05
C ASP H 271 16.06 9.83 1.52
N ILE H 272 15.02 9.83 2.34
CA ILE H 272 14.48 8.59 2.89
C ILE H 272 14.02 7.62 1.79
N ASP H 273 13.27 8.11 0.82
CA ASP H 273 12.90 7.30 -0.33
C ASP H 273 14.13 6.72 -0.98
N GLY H 274 15.13 7.57 -1.18
CA GLY H 274 16.39 7.12 -1.76
C GLY H 274 16.95 5.96 -0.98
N LEU H 275 17.07 6.13 0.33
CA LEU H 275 17.64 5.10 1.19
C LEU H 275 16.81 3.80 1.19
N ALA H 276 15.49 3.93 1.07
CA ALA H 276 14.61 2.77 1.08
C ALA H 276 14.81 1.96 -0.21
N ARG H 277 14.93 2.69 -1.32
CA ARG H 277 15.19 2.12 -2.63
C ARG H 277 16.54 1.39 -2.65
N VAL H 278 17.57 2.05 -2.16
CA VAL H 278 18.86 1.39 -2.04
C VAL H 278 18.79 0.12 -1.22
N ALA H 279 18.19 0.21 -0.03
CA ALA H 279 18.12 -0.94 0.87
C ALA H 279 17.46 -2.16 0.20
N ALA H 280 16.41 -1.88 -0.54
CA ALA H 280 15.62 -2.91 -1.22
C ALA H 280 16.29 -3.47 -2.47
N SER H 281 17.16 -2.69 -3.10
CA SER H 281 17.77 -3.07 -4.37
C SER H 281 19.05 -3.88 -4.22
N VAL H 282 19.66 -3.87 -3.05
CA VAL H 282 20.90 -4.61 -2.90
C VAL H 282 20.75 -5.61 -1.76
N SER H 283 21.61 -6.62 -1.76
CA SER H 283 21.55 -7.66 -0.76
C SER H 283 22.52 -7.35 0.37
N THR H 284 23.15 -6.18 0.27
CA THR H 284 24.06 -5.71 1.31
C THR H 284 23.32 -4.95 2.39
N ALA H 285 23.74 -5.17 3.63
CA ALA H 285 23.18 -4.46 4.77
C ALA H 285 23.42 -2.93 4.61
N ILE H 286 22.39 -2.13 4.85
CA ILE H 286 22.56 -0.67 4.81
C ILE H 286 22.68 -0.12 6.23
N ALA H 287 23.67 0.75 6.45
CA ALA H 287 23.94 1.30 7.77
C ALA H 287 23.87 2.83 7.76
N VAL H 288 23.16 3.40 8.74
CA VAL H 288 23.01 4.86 8.84
C VAL H 288 22.89 5.22 10.31
N GLY H 289 23.05 6.50 10.63
CA GLY H 289 22.68 6.96 11.95
C GLY H 289 23.56 7.96 12.67
N GLU H 290 24.82 8.09 12.27
CA GLU H 290 25.76 8.89 13.05
C GLU H 290 25.32 10.36 13.26
N GLU H 291 24.59 10.91 12.29
CA GLU H 291 24.21 12.31 12.32
C GLU H 291 22.82 12.53 12.92
N TRP H 292 22.16 11.47 13.39
CA TRP H 292 20.85 11.64 14.04
C TRP H 292 21.03 12.17 15.46
N ARG H 293 19.91 12.51 16.11
CA ARG H 293 19.96 12.95 17.50
C ARG H 293 19.04 12.16 18.43
N THR H 294 17.88 11.71 17.95
CA THR H 294 16.93 11.03 18.85
C THR H 294 16.33 9.81 18.22
N VAL H 295 15.67 8.99 19.03
CA VAL H 295 14.99 7.83 18.51
C VAL H 295 13.94 8.27 17.49
N HIS H 296 13.43 9.50 17.60
CA HIS H 296 12.46 9.97 16.60
C HIS H 296 13.04 10.00 15.17
N ASP H 297 14.36 10.15 15.05
CA ASP H 297 14.99 10.22 13.74
C ASP H 297 15.00 8.82 13.12
N MET H 298 14.99 7.82 13.97
CA MET H 298 15.10 6.45 13.52
C MET H 298 13.77 5.89 13.00
N VAL H 299 12.67 6.32 13.61
CA VAL H 299 11.33 5.79 13.30
C VAL H 299 10.97 5.77 11.80
N PRO H 300 11.09 6.93 11.12
CA PRO H 300 10.75 6.99 9.69
C PRO H 300 11.59 6.02 8.85
N ARG H 301 12.85 5.82 9.20
CA ARG H 301 13.72 4.93 8.42
C ARG H 301 13.37 3.45 8.62
N VAL H 302 13.09 3.06 9.86
CA VAL H 302 12.65 1.70 10.15
C VAL H 302 11.34 1.41 9.44
N ALA H 303 10.45 2.39 9.41
CA ALA H 303 9.15 2.19 8.78
C ALA H 303 9.29 1.92 7.28
N ARG H 304 10.35 2.41 6.65
CA ARG H 304 10.54 2.11 5.23
C ARG H 304 11.48 0.95 5.01
N ARG H 305 11.80 0.23 6.09
CA ARG H 305 12.70 -0.93 5.99
C ARG H 305 14.00 -0.49 5.31
N ALA H 306 14.44 0.71 5.66
CA ALA H 306 15.51 1.36 4.92
C ALA H 306 16.90 1.21 5.56
N LEU H 307 17.01 0.42 6.62
CA LEU H 307 18.33 0.12 7.17
C LEU H 307 18.38 -1.23 7.81
N ALA H 308 19.58 -1.83 7.82
CA ALA H 308 19.79 -3.08 8.52
C ALA H 308 20.65 -2.84 9.75
N ILE H 309 21.30 -1.68 9.79
CA ILE H 309 22.21 -1.37 10.88
C ILE H 309 22.05 0.11 11.26
N VAL H 310 21.98 0.40 12.55
CA VAL H 310 21.93 1.79 13.01
C VAL H 310 23.24 2.10 13.73
N GLN H 311 23.77 3.28 13.50
CA GLN H 311 25.09 3.61 13.98
C GLN H 311 25.02 4.89 14.82
N PRO H 312 24.50 4.76 16.04
CA PRO H 312 24.37 5.91 16.92
C PRO H 312 25.72 6.52 17.33
N GLU H 313 25.81 7.85 17.37
CA GLU H 313 26.99 8.54 17.90
C GLU H 313 26.69 9.10 19.29
N MET H 314 27.32 8.53 20.31
CA MET H 314 27.01 8.91 21.69
C MET H 314 27.23 10.40 21.96
N GLY H 315 28.21 10.99 21.30
CA GLY H 315 28.52 12.41 21.52
C GLY H 315 27.43 13.31 21.04
N HIS H 316 26.60 12.81 20.11
CA HIS H 316 25.45 13.59 19.62
C HIS H 316 24.15 13.34 20.42
N LYS H 317 24.09 12.21 21.11
CA LYS H 317 22.81 11.66 21.54
C LYS H 317 22.65 11.57 23.06
N GLY H 318 23.69 11.11 23.74
CA GLY H 318 23.59 10.92 25.17
C GLY H 318 23.07 9.52 25.41
N ILE H 319 23.18 9.08 26.64
CA ILE H 319 22.90 7.71 27.01
C ILE H 319 21.41 7.44 26.90
N THR H 320 20.60 8.40 27.34
CA THR H 320 19.15 8.23 27.27
C THR H 320 18.66 7.95 25.85
N GLN H 321 19.01 8.82 24.88
CA GLN H 321 18.66 8.61 23.47
C GLN H 321 19.35 7.40 22.84
N PHE H 322 20.63 7.20 23.16
CA PHE H 322 21.38 6.09 22.62
C PHE H 322 20.65 4.78 22.97
N MET H 323 20.27 4.63 24.24
CA MET H 323 19.64 3.39 24.68
C MET H 323 18.28 3.25 24.05
N ARG H 324 17.56 4.35 23.86
CA ARG H 324 16.25 4.27 23.24
C ARG H 324 16.41 3.81 21.79
N ILE H 325 17.41 4.34 21.10
CA ILE H 325 17.69 3.88 19.76
C ILE H 325 18.05 2.39 19.73
N GLY H 326 18.77 1.93 20.76
CA GLY H 326 19.22 0.55 20.78
C GLY H 326 18.09 -0.41 21.14
N ALA H 327 17.20 0.05 22.00
CA ALA H 327 15.99 -0.69 22.34
C ALA H 327 15.09 -0.78 21.12
N TYR H 328 14.98 0.30 20.37
CA TYR H 328 14.15 0.26 19.18
C TYR H 328 14.71 -0.71 18.15
N ALA H 329 16.05 -0.74 18.02
CA ALA H 329 16.71 -1.63 17.09
C ALA H 329 16.42 -3.07 17.49
N HIS H 330 16.44 -3.33 18.81
CA HIS H 330 16.20 -4.68 19.30
C HIS H 330 14.79 -5.14 18.88
N VAL H 331 13.80 -4.29 19.14
CA VAL H 331 12.43 -4.60 18.79
C VAL H 331 12.23 -4.86 17.28
N HIS H 332 13.01 -4.16 16.46
CA HIS H 332 12.84 -4.22 15.00
C HIS H 332 13.93 -5.01 14.30
N HIS H 333 14.65 -5.83 15.07
CA HIS H 333 15.61 -6.74 14.49
C HIS H 333 16.63 -6.04 13.61
N ILE H 334 17.13 -4.92 14.12
CA ILE H 334 18.16 -4.14 13.48
C ILE H 334 19.44 -4.27 14.31
N LYS H 335 20.59 -4.40 13.64
CA LYS H 335 21.83 -4.52 14.40
C LYS H 335 22.39 -3.12 14.75
N VAL H 336 23.14 -3.04 15.84
CA VAL H 336 23.68 -1.78 16.34
C VAL H 336 25.22 -1.73 16.26
N ILE H 337 25.76 -0.80 15.47
CA ILE H 337 27.21 -0.61 15.36
C ILE H 337 27.57 0.87 15.56
N PRO H 338 27.80 1.24 16.82
CA PRO H 338 27.89 2.64 17.18
C PRO H 338 29.07 3.32 16.49
N HIS H 339 28.87 4.58 16.17
CA HIS H 339 29.86 5.43 15.56
C HIS H 339 30.89 5.75 16.64
N ALA H 340 32.07 6.19 16.23
CA ALA H 340 33.06 6.77 17.15
C ALA H 340 33.69 7.97 16.48
N THR H 341 34.22 8.89 17.28
CA THR H 341 34.72 10.13 16.72
C THR H 341 35.77 10.78 17.61
N ILE H 342 36.28 11.91 17.11
CA ILE H 342 37.18 12.80 17.83
C ILE H 342 36.63 13.18 19.18
N GLY H 343 37.29 12.76 20.26
CA GLY H 343 36.86 13.16 21.60
C GLY H 343 37.86 12.85 22.70
N ALA H 344 37.61 13.40 23.88
CA ALA H 344 38.47 13.19 25.04
C ALA H 344 38.42 11.75 25.50
N GLY H 345 37.32 11.07 25.18
CA GLY H 345 37.10 9.71 25.68
C GLY H 345 35.96 9.63 26.68
N ILE H 346 35.39 10.77 27.05
CA ILE H 346 34.20 10.77 27.93
C ILE H 346 32.93 10.21 27.25
N PHE H 347 32.51 10.75 26.10
CA PHE H 347 31.34 10.17 25.44
C PHE H 347 31.64 8.78 24.86
N LEU H 348 32.91 8.51 24.55
CA LEU H 348 33.34 7.18 24.14
C LEU H 348 33.13 6.18 25.29
N ALA H 349 33.54 6.55 26.48
CA ALA H 349 33.27 5.69 27.63
C ALA H 349 31.75 5.49 27.83
N ALA H 350 30.97 6.54 27.64
CA ALA H 350 29.51 6.43 27.67
C ALA H 350 29.03 5.42 26.63
N SER H 351 29.50 5.58 25.40
CA SER H 351 29.18 4.62 24.34
C SER H 351 29.46 3.18 24.71
N LEU H 352 30.59 2.96 25.37
CA LEU H 352 30.98 1.60 25.72
C LEU H 352 30.06 1.06 26.81
N GLN H 353 29.67 1.91 27.75
CA GLN H 353 28.79 1.50 28.82
C GLN H 353 27.41 1.14 28.29
N ALA H 354 26.88 2.02 27.45
CA ALA H 354 25.59 1.76 26.80
C ALA H 354 25.63 0.49 25.95
N SER H 355 26.71 0.33 25.21
CA SER H 355 26.88 -0.83 24.33
C SER H 355 27.01 -2.14 25.09
N ALA H 356 27.55 -2.10 26.31
CA ALA H 356 27.65 -3.31 27.13
C ALA H 356 26.28 -3.79 27.58
N ALA H 357 25.32 -2.87 27.57
CA ALA H 357 23.97 -3.16 28.04
C ALA H 357 22.97 -3.40 26.93
N LEU H 358 23.40 -3.27 25.68
CA LEU H 358 22.48 -3.43 24.56
C LEU H 358 22.52 -4.86 24.02
N ALA H 359 21.37 -5.43 23.70
CA ALA H 359 21.34 -6.80 23.17
C ALA H 359 21.93 -6.88 21.77
N ASN H 360 21.73 -5.84 20.97
CA ASN H 360 22.05 -5.92 19.54
C ASN H 360 23.35 -5.24 19.14
N VAL H 361 24.19 -4.91 20.11
CA VAL H 361 25.49 -4.38 19.74
C VAL H 361 26.43 -5.50 19.33
N ASP H 362 26.85 -5.46 18.08
CA ASP H 362 27.69 -6.48 17.47
C ASP H 362 29.17 -6.03 17.48
N CYS H 363 29.39 -4.78 17.12
CA CYS H 363 30.72 -4.25 16.89
C CYS H 363 30.64 -2.78 17.23
N HIS H 364 31.79 -2.12 17.34
CA HIS H 364 31.86 -0.68 17.66
C HIS H 364 33.01 -0.05 16.86
N GLU H 365 32.78 1.09 16.25
CA GLU H 365 33.81 1.76 15.47
C GLU H 365 35.01 2.12 16.35
N PHE H 366 36.21 2.11 15.77
CA PHE H 366 37.43 2.43 16.52
C PHE H 366 38.24 3.53 15.85
N GLN H 367 38.29 4.71 16.43
CA GLN H 367 39.09 5.79 15.87
C GLN H 367 40.50 5.64 16.37
N HIS H 368 41.32 4.89 15.67
CA HIS H 368 42.67 4.65 16.12
C HIS H 368 43.46 5.94 16.24
N SER H 369 43.32 6.81 15.25
CA SER H 369 44.07 8.05 15.29
C SER H 369 43.68 8.94 16.44
N ILE H 370 42.41 9.02 16.74
CA ILE H 370 41.95 9.70 17.94
C ILE H 370 42.15 9.03 19.31
N PHE H 371 41.78 7.77 19.40
CA PHE H 371 41.73 7.09 20.67
C PHE H 371 43.10 6.99 21.24
N GLU H 372 44.04 6.93 20.32
CA GLU H 372 45.45 6.65 20.61
C GLU H 372 46.13 7.64 21.57
N PRO H 373 46.26 8.91 21.18
CA PRO H 373 46.93 9.94 21.99
C PRO H 373 46.11 10.46 23.18
N ASN H 374 44.85 10.05 23.29
CA ASN H 374 43.97 10.54 24.37
C ASN H 374 44.03 9.72 25.66
N ARG H 375 44.76 8.62 25.65
CA ARG H 375 44.96 7.82 26.87
C ARG H 375 45.59 8.67 27.98
N ARG H 376 46.22 9.77 27.61
CA ARG H 376 46.87 10.63 28.58
C ARG H 376 45.91 11.64 29.19
N LEU H 377 44.67 11.61 28.73
CA LEU H 377 43.67 12.56 29.18
C LEU H 377 42.66 11.94 30.17
N LEU H 378 42.71 10.62 30.31
CA LEU H 378 41.73 9.93 31.12
C LEU H 378 42.37 9.06 32.16
N VAL H 379 41.79 9.01 33.36
CA VAL H 379 42.13 7.97 34.30
C VAL H 379 41.00 6.95 34.34
N GLY H 380 41.37 5.66 34.33
CA GLY H 380 40.40 4.58 34.33
C GLY H 380 40.94 3.54 33.39
N ASP H 381 40.25 2.41 33.27
CA ASP H 381 40.82 1.30 32.53
C ASP H 381 40.19 1.05 31.15
N MET H 382 39.73 2.11 30.50
CA MET H 382 39.16 1.95 29.16
C MET H 382 40.27 1.68 28.16
N ASP H 383 40.11 0.65 27.34
CA ASP H 383 41.17 0.31 26.42
C ASP H 383 40.62 -0.37 25.16
N CYS H 384 41.48 -0.43 24.13
CA CYS H 384 41.15 -1.15 22.90
C CYS H 384 42.40 -1.84 22.39
N LEU H 385 42.41 -3.16 22.37
CA LEU H 385 43.52 -3.91 21.81
C LEU H 385 43.08 -5.27 21.33
N ASN H 386 43.82 -5.82 20.37
CA ASN H 386 43.51 -7.12 19.82
C ASN H 386 42.13 -7.14 19.23
N GLY H 387 41.71 -5.98 18.72
CA GLY H 387 40.45 -5.87 18.00
C GLY H 387 39.22 -5.81 18.89
N GLU H 388 39.41 -5.42 20.14
CA GLU H 388 38.29 -5.30 21.07
C GLU H 388 38.44 -4.15 22.04
N TYR H 389 37.34 -3.49 22.33
CA TYR H 389 37.30 -2.52 23.42
C TYR H 389 37.15 -3.23 24.75
N VAL H 390 37.82 -2.71 25.78
CA VAL H 390 37.54 -3.14 27.14
C VAL H 390 36.60 -2.13 27.78
N VAL H 391 35.47 -2.60 28.28
CA VAL H 391 34.51 -1.72 28.92
C VAL H 391 35.09 -1.33 30.28
N PRO H 392 35.17 -0.04 30.55
CA PRO H 392 35.71 0.46 31.82
C PRO H 392 34.96 -0.16 33.01
N THR H 393 35.66 -0.45 34.11
CA THR H 393 35.03 -1.17 35.22
C THR H 393 34.50 -0.35 36.39
N GLY H 394 35.11 0.80 36.67
CA GLY H 394 34.74 1.58 37.86
C GLY H 394 33.27 1.99 37.90
N PRO H 395 32.83 2.56 39.03
CA PRO H 395 31.48 3.13 39.12
C PRO H 395 31.29 4.27 38.11
N GLY H 396 30.06 4.52 37.68
CA GLY H 396 29.82 5.56 36.68
C GLY H 396 30.25 5.13 35.28
N LEU H 397 30.80 6.07 34.51
CA LEU H 397 31.33 5.72 33.20
C LEU H 397 32.58 4.86 33.32
N GLY H 398 33.22 4.94 34.48
CA GLY H 398 34.47 4.23 34.71
C GLY H 398 35.73 5.01 34.35
N VAL H 399 35.54 6.24 33.86
CA VAL H 399 36.66 7.09 33.44
C VAL H 399 36.39 8.55 33.83
N GLU H 400 37.47 9.31 33.98
CA GLU H 400 37.38 10.74 34.30
C GLU H 400 38.53 11.41 33.59
N PRO H 401 38.45 12.74 33.39
CA PRO H 401 39.64 13.41 32.89
C PRO H 401 40.74 13.43 33.97
N SER H 402 42.00 13.19 33.58
CA SER H 402 43.12 13.33 34.50
C SER H 402 43.25 14.79 34.92
N LYS H 403 44.06 15.04 35.94
CA LYS H 403 44.36 16.41 36.35
C LYS H 403 44.96 17.21 35.19
N GLU H 404 45.85 16.59 34.45
CA GLU H 404 46.45 17.28 33.32
C GLU H 404 45.41 17.73 32.30
N ALA H 405 44.37 16.93 32.13
CA ALA H 405 43.29 17.29 31.20
C ALA H 405 42.45 18.44 31.72
N GLN H 406 42.11 18.40 33.01
CA GLN H 406 41.29 19.45 33.59
C GLN H 406 42.00 20.79 33.56
N GLY H 407 43.32 20.77 33.55
CA GLY H 407 44.11 21.99 33.47
C GLY H 407 44.08 22.55 32.07
N LEU H 408 43.85 21.70 31.08
CA LEU H 408 43.70 22.18 29.70
C LEU H 408 42.30 22.74 29.38
N LEU H 409 41.35 22.52 30.27
CA LEU H 409 39.95 22.94 30.03
C LEU H 409 39.86 24.44 29.93
N LYS H 410 39.14 24.96 28.96
CA LYS H 410 38.84 26.37 28.97
C LYS H 410 37.37 26.54 29.28
N LYS H 411 37.09 27.20 30.38
CA LYS H 411 35.73 27.49 30.81
C LYS H 411 34.98 28.39 29.83
N HIS H 412 33.67 28.32 29.85
CA HIS H 412 32.84 29.13 28.97
C HIS H 412 32.77 30.58 29.42
MG MG I . 15.34 11.76 -25.91
C FMT J . 17.04 13.10 -27.76
O1 FMT J . 17.61 14.08 -28.22
O2 FMT J . 16.98 12.94 -26.45
MG MG K . -1.53 -22.34 -23.17
CL CL L . -20.90 -22.09 -16.49
CL CL L . -19.98 -23.47 -16.29
C FMT M . -1.95 -23.48 -25.49
O1 FMT M . -1.47 -22.37 -25.27
O2 FMT M . -2.06 -23.91 -26.76
C1 GOL N . -16.29 -5.17 -29.05
O1 GOL N . -16.66 -4.86 -27.72
C2 GOL N . -17.10 -4.24 -29.93
O2 GOL N . -17.89 -3.47 -29.04
C3 GOL N . -16.15 -3.30 -30.63
O3 GOL N . -16.90 -2.29 -31.30
CL CL O . -2.06 21.20 -27.98
CL CL O . -2.54 22.37 -27.08
MG MG P . -18.75 21.33 -15.51
CL CL Q . -1.89 15.18 -6.99
C FMT R . -20.67 22.40 -17.12
O1 FMT R . -21.59 22.65 -17.88
O2 FMT R . -20.36 21.13 -16.87
MG MG S . 0.46 27.59 16.20
CL CL T . 20.55 23.47 15.84
CL CL T . 19.83 23.21 17.18
MG MG U . -10.20 -5.85 30.07
C FMT V . -10.47 -5.81 32.98
O1 FMT V . -10.05 -5.26 31.97
O2 FMT V . -10.43 -5.18 34.15
MG MG W . -29.55 -12.25 -1.86
C FMT X . -31.72 -14.08 -1.32
O1 FMT X . -30.93 -13.36 -0.74
O2 FMT X . -32.82 -14.47 -0.69
CL CL Y . 1.75 -21.35 27.39
CL CL Y . 3.11 -21.32 27.24
MG MG Z . 13.81 -26.33 11.38
C FMT AA . 14.41 -29.17 12.03
O1 FMT AA . 14.50 -30.37 11.81
O2 FMT AA . 13.87 -28.36 11.12
MG MG BA . 30.15 7.57 8.49
C FMT CA . 32.71 7.65 10.17
O1 FMT CA . 33.50 7.39 11.06
O2 FMT CA . 31.73 6.81 9.86
#